data_8I35
#
_entry.id   8I35
#
_cell.length_a   1.00
_cell.length_b   1.00
_cell.length_c   1.00
_cell.angle_alpha   90.00
_cell.angle_beta   90.00
_cell.angle_gamma   90.00
#
_symmetry.space_group_name_H-M   'P 1'
#
loop_
_entity.id
_entity.type
_entity.pdbx_description
1 polymer 'Acyl-acyl carrier protein synthetase'
2 non-polymer 'OLEIC ACID'
#
_entity_poly.entity_id   1
_entity_poly.type   'polypeptide(L)'
_entity_poly.pdbx_seq_one_letter_code
;MNQYVNDPSNYQLLIKNLLFSPVAFNPEQEIVYANHRRHSYKTFHDRVRQFANALTKMGVKKGDTVAVMDYDSHRYLECY
FAIPMIGAKLHMINVRLSPEQILYTIDHAEDDIILIHEEFLPILDQIKGRIDTVTRYVVLRDDEECEYERLLEQESTEYN
FPDFDENTVATTFYTTGTTGFPKGVFFTHRQLVLHTMGILSTIGTNASQGRLHQGDIYMPITPMFHVHAWGLPYMATMLG
VKQVYPGKYVPDVLLNLIEQEKVTFSHCVPTILHLLLSSPKSKAMDFSGWKVVIGGAALPKALCKSALERDIDVFAGYGM
SETGPILSIVQLTPEQLELDVDQQAEYRSKTGKKVALVEAYIVDEDMNKLPHDGETAGEIVVRAPWLTPNYYKDNKNSKA
LWRGGYLHTGDVAHIDDEGFIKITDRVKDMIKISGEWVSSLELEDILHQHQSVSEVAVIGMPHNKWGEVPLALVTLKEDA
QVTEKELLGFAKDFINKGILAREALLLKVKIVDEIAKTSVGKVDKKELRKLHL
;
_entity_poly.pdbx_strand_id   A,F,E,B,C,D
#
loop_
_chem_comp.id
_chem_comp.type
_chem_comp.name
_chem_comp.formula
OLA non-polymer 'OLEIC ACID' 'C18 H34 O2'
#
# COMPACT_ATOMS: atom_id res chain seq x y z
N ASN A 6 -19.41 5.25 -5.99
CA ASN A 6 -20.14 4.12 -6.55
C ASN A 6 -20.17 4.18 -8.08
N ASP A 7 -19.99 3.03 -8.70
CA ASP A 7 -20.06 2.94 -10.16
C ASP A 7 -21.47 2.56 -10.57
N PRO A 8 -22.19 3.41 -11.32
CA PRO A 8 -23.56 3.05 -11.71
C PRO A 8 -23.64 1.78 -12.53
N SER A 9 -22.61 1.45 -13.29
CA SER A 9 -22.58 0.20 -14.05
C SER A 9 -22.34 -1.01 -13.16
N ASN A 10 -21.95 -0.81 -11.90
CA ASN A 10 -21.74 -1.89 -10.95
C ASN A 10 -22.99 -2.03 -10.10
N TYR A 11 -23.73 -3.11 -10.30
CA TYR A 11 -25.00 -3.32 -9.62
C TYR A 11 -24.78 -3.94 -8.25
N GLN A 12 -25.42 -3.37 -7.24
CA GLN A 12 -25.42 -3.92 -5.88
C GLN A 12 -26.80 -4.52 -5.62
N LEU A 13 -26.81 -5.71 -5.02
CA LEU A 13 -28.08 -6.39 -4.70
C LEU A 13 -28.55 -5.91 -3.34
N LEU A 14 -29.51 -4.98 -3.35
CA LEU A 14 -30.00 -4.36 -2.14
C LEU A 14 -31.47 -4.71 -1.93
N ILE A 15 -31.93 -4.54 -0.69
CA ILE A 15 -33.30 -4.85 -0.33
C ILE A 15 -34.27 -3.85 -0.97
N LYS A 16 -33.85 -2.61 -1.19
CA LYS A 16 -34.73 -1.64 -1.81
C LYS A 16 -35.12 -2.04 -3.22
N ASN A 17 -34.31 -2.86 -3.89
CA ASN A 17 -34.65 -3.33 -5.22
C ASN A 17 -35.76 -4.38 -5.20
N LEU A 18 -35.97 -5.06 -4.07
CA LEU A 18 -37.11 -5.97 -3.98
C LEU A 18 -38.41 -5.20 -3.89
N LEU A 19 -38.39 -4.02 -3.27
CA LEU A 19 -39.59 -3.23 -3.08
C LEU A 19 -39.90 -2.33 -4.27
N PHE A 20 -38.87 -1.73 -4.88
CA PHE A 20 -39.09 -0.77 -5.96
C PHE A 20 -38.86 -1.38 -7.34
N SER A 21 -38.26 -2.56 -7.42
CA SER A 21 -38.12 -3.29 -8.69
C SER A 21 -38.63 -4.71 -8.47
N PRO A 22 -39.93 -4.87 -8.20
CA PRO A 22 -40.45 -6.21 -7.91
C PRO A 22 -40.86 -6.96 -9.15
N VAL A 23 -41.29 -8.21 -8.99
CA VAL A 23 -41.80 -8.97 -10.13
C VAL A 23 -43.09 -8.35 -10.64
N ALA A 24 -43.99 -7.99 -9.73
CA ALA A 24 -45.24 -7.34 -10.08
C ALA A 24 -45.57 -6.32 -9.00
N PHE A 25 -46.23 -5.24 -9.40
CA PHE A 25 -46.63 -4.19 -8.48
C PHE A 25 -47.99 -3.64 -8.91
N ASN A 26 -49.01 -3.87 -8.08
CA ASN A 26 -50.31 -3.27 -8.27
C ASN A 26 -50.55 -2.26 -7.17
N PRO A 27 -50.70 -0.96 -7.47
CA PRO A 27 -50.89 0.03 -6.40
C PRO A 27 -52.17 -0.16 -5.61
N GLU A 28 -53.16 -0.89 -6.13
CA GLU A 28 -54.41 -1.10 -5.43
C GLU A 28 -54.51 -2.47 -4.77
N GLN A 29 -53.42 -3.23 -4.76
CA GLN A 29 -53.38 -4.45 -3.96
C GLN A 29 -53.32 -4.09 -2.48
N GLU A 30 -53.87 -4.97 -1.65
CA GLU A 30 -54.16 -4.65 -0.25
C GLU A 30 -53.17 -5.29 0.71
N ILE A 31 -52.90 -4.57 1.80
CA ILE A 31 -52.26 -5.09 2.99
C ILE A 31 -53.28 -5.01 4.12
N VAL A 32 -53.54 -6.15 4.76
CA VAL A 32 -54.58 -6.27 5.77
C VAL A 32 -53.94 -6.66 7.09
N TYR A 33 -54.16 -5.84 8.11
CA TYR A 33 -53.88 -6.20 9.50
C TYR A 33 -55.21 -6.61 10.12
N ALA A 34 -55.28 -7.85 10.59
CA ALA A 34 -56.54 -8.56 10.85
C ALA A 34 -57.51 -7.73 11.67
N ASN A 35 -58.64 -7.38 11.05
CA ASN A 35 -59.76 -6.69 11.69
C ASN A 35 -59.37 -5.36 12.31
N HIS A 36 -58.15 -4.88 12.04
CA HIS A 36 -57.68 -3.61 12.56
C HIS A 36 -57.52 -2.56 11.47
N ARG A 37 -56.84 -2.90 10.39
CA ARG A 37 -56.44 -1.90 9.40
C ARG A 37 -56.34 -2.54 8.03
N ARG A 38 -56.60 -1.74 7.00
CA ARG A 38 -56.33 -2.14 5.62
C ARG A 38 -55.80 -0.93 4.88
N HIS A 39 -54.75 -1.13 4.08
CA HIS A 39 -54.34 -0.08 3.16
C HIS A 39 -53.86 -0.75 1.88
N SER A 40 -53.31 0.03 0.96
CA SER A 40 -52.89 -0.50 -0.33
C SER A 40 -51.36 -0.49 -0.42
N TYR A 41 -50.84 -0.97 -1.55
CA TYR A 41 -49.40 -1.00 -1.73
C TYR A 41 -48.83 0.40 -1.90
N LYS A 42 -49.60 1.32 -2.46
CA LYS A 42 -49.16 2.71 -2.56
C LYS A 42 -49.02 3.34 -1.18
N THR A 43 -50.02 3.11 -0.32
CA THR A 43 -49.93 3.57 1.06
C THR A 43 -48.78 2.90 1.79
N PHE A 44 -48.54 1.61 1.51
CA PHE A 44 -47.45 0.89 2.14
C PHE A 44 -46.09 1.49 1.77
N HIS A 45 -45.90 1.83 0.49
CA HIS A 45 -44.66 2.49 0.09
C HIS A 45 -44.53 3.86 0.76
N ASP A 46 -45.63 4.62 0.80
CA ASP A 46 -45.59 5.92 1.48
C ASP A 46 -45.20 5.78 2.93
N ARG A 47 -45.74 4.76 3.60
CA ARG A 47 -45.44 4.54 5.01
C ARG A 47 -44.01 4.09 5.22
N VAL A 48 -43.45 3.32 4.28
CA VAL A 48 -42.03 2.96 4.38
C VAL A 48 -41.16 4.20 4.29
N ARG A 49 -41.47 5.11 3.36
CA ARG A 49 -40.70 6.34 3.27
C ARG A 49 -40.88 7.22 4.52
N GLN A 50 -42.11 7.28 5.04
CA GLN A 50 -42.35 8.03 6.28
C GLN A 50 -41.55 7.46 7.44
N PHE A 51 -41.48 6.13 7.54
CA PHE A 51 -40.73 5.50 8.62
C PHE A 51 -39.23 5.76 8.45
N ALA A 52 -38.74 5.77 7.21
CA ALA A 52 -37.35 6.14 6.98
C ALA A 52 -37.07 7.56 7.47
N ASN A 53 -37.99 8.49 7.17
CA ASN A 53 -37.83 9.85 7.64
C ASN A 53 -37.84 9.93 9.16
N ALA A 54 -38.77 9.21 9.80
CA ALA A 54 -38.88 9.24 11.25
C ALA A 54 -37.62 8.66 11.91
N LEU A 55 -37.08 7.58 11.35
CA LEU A 55 -35.85 7.01 11.88
C LEU A 55 -34.67 7.97 11.70
N THR A 56 -34.61 8.65 10.56
CA THR A 56 -33.53 9.61 10.34
C THR A 56 -33.60 10.75 11.35
N LYS A 57 -34.80 11.22 11.66
CA LYS A 57 -34.96 12.28 12.65
C LYS A 57 -34.47 11.83 14.03
N MET A 58 -34.73 10.58 14.39
CA MET A 58 -34.33 10.06 15.70
C MET A 58 -32.82 9.91 15.84
N GLY A 59 -32.05 10.05 14.77
CA GLY A 59 -30.62 9.90 14.85
C GLY A 59 -30.10 8.52 14.56
N VAL A 60 -30.85 7.69 13.83
CA VAL A 60 -30.40 6.36 13.46
C VAL A 60 -29.50 6.49 12.24
N LYS A 61 -28.23 6.18 12.40
CA LYS A 61 -27.25 6.30 11.33
C LYS A 61 -27.11 4.96 10.61
N LYS A 62 -26.07 4.83 9.79
CA LYS A 62 -25.88 3.62 8.99
C LYS A 62 -25.55 2.42 9.86
N GLY A 63 -24.69 2.56 10.84
CA GLY A 63 -24.29 1.40 11.60
C GLY A 63 -25.21 0.99 12.73
N ASP A 64 -26.28 1.73 12.98
CA ASP A 64 -27.07 1.53 14.19
C ASP A 64 -27.89 0.25 14.13
N THR A 65 -28.39 -0.15 15.29
CA THR A 65 -29.21 -1.34 15.45
C THR A 65 -30.56 -0.93 16.05
N VAL A 66 -31.64 -1.39 15.44
CA VAL A 66 -32.99 -1.14 15.93
C VAL A 66 -33.62 -2.49 16.25
N ALA A 67 -34.14 -2.62 17.47
CA ALA A 67 -34.69 -3.88 17.96
C ALA A 67 -36.21 -3.81 17.94
N VAL A 68 -36.85 -4.85 17.41
CA VAL A 68 -38.30 -4.88 17.27
C VAL A 68 -38.87 -6.01 18.12
N MET A 69 -39.98 -5.74 18.79
CA MET A 69 -40.62 -6.67 19.71
C MET A 69 -42.15 -6.51 19.61
N ASP A 70 -42.78 -7.29 18.73
CA ASP A 70 -44.24 -7.30 18.63
C ASP A 70 -44.68 -8.56 17.89
N TYR A 71 -45.95 -8.59 17.50
CA TYR A 71 -46.56 -9.71 16.80
C TYR A 71 -46.41 -9.54 15.29
N ASP A 72 -47.13 -10.35 14.53
CA ASP A 72 -47.15 -10.22 13.08
C ASP A 72 -48.15 -9.13 12.69
N SER A 73 -47.67 -8.09 12.04
CA SER A 73 -48.51 -6.95 11.70
C SER A 73 -47.90 -6.23 10.51
N HIS A 74 -48.60 -5.19 10.06
CA HIS A 74 -48.05 -4.31 9.03
C HIS A 74 -46.82 -3.56 9.52
N ARG A 75 -46.75 -3.28 10.82
CA ARG A 75 -45.60 -2.58 11.38
C ARG A 75 -44.34 -3.41 11.24
N TYR A 76 -44.43 -4.72 11.52
CA TYR A 76 -43.27 -5.59 11.33
C TYR A 76 -42.86 -5.68 9.87
N LEU A 77 -43.84 -5.72 8.95
CA LEU A 77 -43.53 -5.72 7.53
C LEU A 77 -42.85 -4.42 7.11
N GLU A 78 -43.25 -3.29 7.68
CA GLU A 78 -42.58 -2.03 7.37
C GLU A 78 -41.18 -1.97 7.98
N CYS A 79 -40.97 -2.60 9.14
CA CYS A 79 -39.63 -2.66 9.71
C CYS A 79 -38.72 -3.58 8.92
N TYR A 80 -39.29 -4.62 8.30
CA TYR A 80 -38.50 -5.53 7.46
C TYR A 80 -37.86 -4.80 6.28
N PHE A 81 -38.37 -3.62 5.94
CA PHE A 81 -37.87 -2.86 4.80
C PHE A 81 -37.20 -1.57 5.21
N ALA A 82 -37.88 -0.71 5.98
CA ALA A 82 -37.37 0.63 6.23
C ALA A 82 -36.01 0.60 6.93
N ILE A 83 -35.86 -0.25 7.94
CA ILE A 83 -34.61 -0.28 8.70
C ILE A 83 -33.43 -0.71 7.85
N PRO A 84 -33.48 -1.84 7.11
CA PRO A 84 -32.32 -2.19 6.26
C PRO A 84 -32.01 -1.17 5.17
N MET A 85 -33.02 -0.55 4.55
CA MET A 85 -32.75 0.39 3.47
C MET A 85 -31.99 1.61 3.96
N ILE A 86 -32.29 2.08 5.17
CA ILE A 86 -31.56 3.20 5.75
C ILE A 86 -30.10 2.83 5.94
N GLY A 87 -29.80 1.55 6.02
CA GLY A 87 -28.47 1.06 6.30
C GLY A 87 -28.32 0.47 7.68
N ALA A 88 -29.30 0.68 8.55
CA ALA A 88 -29.23 0.19 9.92
C ALA A 88 -29.41 -1.33 9.96
N LYS A 89 -29.25 -1.88 11.15
CA LYS A 89 -29.44 -3.29 11.40
C LYS A 89 -30.78 -3.53 12.07
N LEU A 90 -31.46 -4.59 11.67
CA LEU A 90 -32.74 -4.98 12.24
C LEU A 90 -32.53 -6.16 13.15
N HIS A 91 -32.85 -5.99 14.44
CA HIS A 91 -32.68 -7.04 15.43
C HIS A 91 -34.06 -7.51 15.87
N MET A 92 -34.42 -8.72 15.45
CA MET A 92 -35.69 -9.33 15.84
C MET A 92 -35.51 -10.05 17.17
N ILE A 93 -36.37 -9.73 18.12
CA ILE A 93 -36.25 -10.22 19.49
C ILE A 93 -37.23 -11.37 19.68
N ASN A 94 -36.72 -12.53 20.06
CA ASN A 94 -37.55 -13.70 20.35
C ASN A 94 -38.29 -13.44 21.65
N VAL A 95 -39.56 -13.05 21.54
CA VAL A 95 -40.35 -12.68 22.70
C VAL A 95 -40.72 -13.88 23.57
N ARG A 96 -40.33 -15.08 23.17
CA ARG A 96 -40.65 -16.29 23.92
C ARG A 96 -39.49 -16.77 24.80
N LEU A 97 -38.33 -16.14 24.71
CA LEU A 97 -37.23 -16.45 25.60
C LEU A 97 -37.50 -15.89 26.99
N SER A 98 -36.73 -16.37 27.97
CA SER A 98 -36.82 -15.82 29.31
C SER A 98 -36.27 -14.39 29.31
N PRO A 99 -36.76 -13.54 30.21
CA PRO A 99 -36.29 -12.15 30.23
C PRO A 99 -34.79 -12.01 30.45
N GLU A 100 -34.15 -12.97 31.14
CA GLU A 100 -32.70 -12.94 31.26
C GLU A 100 -32.03 -13.08 29.90
N GLN A 101 -32.50 -14.02 29.09
CA GLN A 101 -31.92 -14.21 27.76
C GLN A 101 -32.22 -13.02 26.85
N ILE A 102 -33.41 -12.46 26.98
CA ILE A 102 -33.76 -11.27 26.19
C ILE A 102 -32.83 -10.12 26.57
N LEU A 103 -32.58 -9.93 27.86
CA LEU A 103 -31.64 -8.91 28.30
C LEU A 103 -30.25 -9.17 27.77
N TYR A 104 -29.83 -10.44 27.78
CA TYR A 104 -28.51 -10.76 27.25
C TYR A 104 -28.39 -10.42 25.77
N THR A 105 -29.41 -10.73 24.98
CA THR A 105 -29.35 -10.44 23.55
C THR A 105 -29.41 -8.94 23.30
N ILE A 106 -30.19 -8.20 24.08
CA ILE A 106 -30.24 -6.75 23.93
C ILE A 106 -28.89 -6.14 24.24
N ASP A 107 -28.23 -6.60 25.31
CA ASP A 107 -26.91 -6.10 25.64
C ASP A 107 -25.88 -6.48 24.60
N HIS A 108 -25.92 -7.72 24.12
CA HIS A 108 -24.95 -8.21 23.14
C HIS A 108 -25.07 -7.47 21.82
N ALA A 109 -26.30 -7.24 21.35
CA ALA A 109 -26.51 -6.56 20.07
C ALA A 109 -26.24 -5.06 20.15
N GLU A 110 -26.39 -4.46 21.32
CA GLU A 110 -26.21 -3.02 21.52
C GLU A 110 -27.18 -2.21 20.67
N ASP A 111 -28.46 -2.38 20.97
CA ASP A 111 -29.51 -1.65 20.27
C ASP A 111 -29.54 -0.20 20.70
N ASP A 112 -30.05 0.67 19.84
CA ASP A 112 -30.17 2.09 20.15
C ASP A 112 -31.63 2.44 20.34
N ILE A 113 -32.50 1.98 19.45
CA ILE A 113 -33.93 2.19 19.61
C ILE A 113 -34.57 0.83 19.86
N ILE A 114 -35.71 0.84 20.56
CA ILE A 114 -36.48 -0.37 20.79
C ILE A 114 -37.93 -0.07 20.49
N LEU A 115 -38.53 -0.83 19.58
CA LEU A 115 -39.96 -0.77 19.30
C LEU A 115 -40.60 -1.98 19.97
N ILE A 116 -41.35 -1.75 21.04
CA ILE A 116 -41.89 -2.83 21.85
C ILE A 116 -43.40 -2.67 21.91
N HIS A 117 -44.11 -3.78 21.68
CA HIS A 117 -45.56 -3.76 21.80
C HIS A 117 -45.97 -3.53 23.24
N GLU A 118 -47.19 -3.00 23.40
CA GLU A 118 -47.71 -2.71 24.73
C GLU A 118 -47.80 -3.97 25.57
N GLU A 119 -48.26 -5.08 24.98
CA GLU A 119 -48.46 -6.32 25.72
C GLU A 119 -47.16 -6.90 26.26
N PHE A 120 -46.03 -6.57 25.65
CA PHE A 120 -44.74 -7.03 26.12
C PHE A 120 -44.08 -6.07 27.10
N LEU A 121 -44.80 -5.03 27.52
CA LEU A 121 -44.24 -4.10 28.50
C LEU A 121 -43.91 -4.75 29.84
N PRO A 122 -44.74 -5.64 30.41
CA PRO A 122 -44.34 -6.27 31.68
C PRO A 122 -42.99 -6.97 31.62
N ILE A 123 -42.68 -7.64 30.50
CA ILE A 123 -41.36 -8.26 30.36
C ILE A 123 -40.27 -7.21 30.52
N LEU A 124 -40.41 -6.09 29.79
CA LEU A 124 -39.47 -4.99 29.90
C LEU A 124 -39.36 -4.46 31.33
N ASP A 125 -40.41 -4.62 32.14
CA ASP A 125 -40.35 -4.08 33.49
C ASP A 125 -39.39 -4.85 34.37
N GLN A 126 -39.00 -6.06 33.98
CA GLN A 126 -38.03 -6.81 34.76
C GLN A 126 -36.60 -6.61 34.27
N ILE A 127 -36.42 -5.89 33.16
CA ILE A 127 -35.17 -5.90 32.42
C ILE A 127 -34.65 -4.47 32.26
N LYS A 128 -35.57 -3.50 32.33
CA LYS A 128 -35.24 -2.13 31.92
C LYS A 128 -34.14 -1.51 32.77
N GLY A 129 -34.02 -1.91 34.03
CA GLY A 129 -32.99 -1.33 34.89
C GLY A 129 -31.59 -1.79 34.58
N ARG A 130 -31.42 -2.75 33.67
CA ARG A 130 -30.11 -3.29 33.32
C ARG A 130 -29.78 -3.07 31.85
N ILE A 131 -30.40 -2.07 31.22
CA ILE A 131 -30.16 -1.73 29.82
C ILE A 131 -29.49 -0.36 29.78
N ASP A 132 -28.39 -0.28 29.03
CA ASP A 132 -27.61 0.95 28.93
C ASP A 132 -27.63 1.57 27.55
N THR A 133 -27.65 0.76 26.49
CA THR A 133 -27.48 1.27 25.14
C THR A 133 -28.73 1.94 24.59
N VAL A 134 -29.92 1.51 25.01
CA VAL A 134 -31.15 1.97 24.40
C VAL A 134 -31.48 3.38 24.87
N THR A 135 -31.74 4.28 23.92
CA THR A 135 -32.08 5.66 24.22
C THR A 135 -33.53 6.01 23.98
N ARG A 136 -34.25 5.23 23.18
CA ARG A 136 -35.66 5.47 22.93
C ARG A 136 -36.45 4.17 22.99
N TYR A 137 -37.63 4.23 23.60
CA TYR A 137 -38.59 3.15 23.61
C TYR A 137 -39.84 3.63 22.89
N VAL A 138 -40.24 2.92 21.85
CA VAL A 138 -41.43 3.27 21.06
C VAL A 138 -42.48 2.21 21.33
N VAL A 139 -43.58 2.61 21.96
CA VAL A 139 -44.59 1.67 22.42
C VAL A 139 -45.63 1.48 21.31
N LEU A 140 -45.77 0.26 20.84
CA LEU A 140 -46.70 -0.07 19.77
C LEU A 140 -48.04 -0.49 20.36
N ARG A 141 -49.11 0.09 19.85
CA ARG A 141 -50.47 -0.25 20.24
C ARG A 141 -51.29 -0.50 18.99
N ASP A 142 -52.51 -0.98 19.18
CA ASP A 142 -53.34 -1.39 18.07
C ASP A 142 -54.47 -0.42 17.73
N ASP A 143 -54.91 0.42 18.66
CA ASP A 143 -56.16 1.16 18.43
C ASP A 143 -55.93 2.57 17.87
N GLU A 144 -55.47 3.49 18.71
CA GLU A 144 -55.27 4.88 18.28
C GLU A 144 -54.05 5.56 18.85
N GLU A 145 -53.46 5.05 19.94
CA GLU A 145 -52.42 5.75 20.67
C GLU A 145 -51.03 5.20 20.38
N CYS A 146 -50.88 4.48 19.27
CA CYS A 146 -49.58 3.95 18.90
C CYS A 146 -48.60 5.11 18.69
N GLU A 147 -47.41 4.99 19.29
CA GLU A 147 -46.38 6.00 19.08
C GLU A 147 -45.74 5.86 17.70
N TYR A 148 -45.76 4.65 17.15
CA TYR A 148 -45.29 4.42 15.79
C TYR A 148 -46.15 5.19 14.78
N GLU A 149 -47.48 5.13 14.95
CA GLU A 149 -48.37 5.87 14.06
C GLU A 149 -48.18 7.37 14.22
N ARG A 150 -48.01 7.84 15.44
CA ARG A 150 -47.79 9.27 15.67
C ARG A 150 -46.47 9.73 15.07
N LEU A 151 -45.42 8.91 15.17
CA LEU A 151 -44.15 9.25 14.55
C LEU A 151 -44.27 9.29 13.04
N LEU A 152 -45.03 8.34 12.46
CA LEU A 152 -45.23 8.36 11.01
C LEU A 152 -46.00 9.61 10.57
N GLU A 153 -47.03 9.98 11.32
CA GLU A 153 -47.97 11.00 10.86
C GLU A 153 -47.30 12.34 10.61
N GLN A 154 -46.20 12.63 11.30
CA GLN A 154 -45.55 13.93 11.21
C GLN A 154 -44.34 13.93 10.30
N GLU A 155 -44.25 12.98 9.37
CA GLU A 155 -43.13 12.88 8.46
C GLU A 155 -43.62 12.83 7.02
N SER A 156 -42.77 13.28 6.10
CA SER A 156 -43.14 13.33 4.69
C SER A 156 -42.95 11.97 4.03
N THR A 157 -43.72 11.76 2.96
CA THR A 157 -43.69 10.52 2.22
C THR A 157 -42.66 10.53 1.10
N GLU A 158 -41.62 11.35 1.21
CA GLU A 158 -40.55 11.42 0.23
C GLU A 158 -39.23 11.10 0.91
N TYR A 159 -38.46 10.20 0.31
CA TYR A 159 -37.15 9.84 0.85
C TYR A 159 -36.32 9.23 -0.26
N ASN A 160 -35.05 9.64 -0.32
CA ASN A 160 -34.10 9.11 -1.30
C ASN A 160 -33.23 8.09 -0.57
N PHE A 161 -33.47 6.81 -0.85
CA PHE A 161 -32.78 5.76 -0.12
C PHE A 161 -31.34 5.65 -0.61
N PRO A 162 -30.38 5.54 0.31
CA PRO A 162 -28.97 5.53 -0.10
C PRO A 162 -28.58 4.26 -0.81
N ASP A 163 -27.49 4.36 -1.56
CA ASP A 163 -26.88 3.23 -2.24
C ASP A 163 -25.57 2.90 -1.53
N PHE A 164 -25.50 1.69 -0.96
CA PHE A 164 -24.27 1.27 -0.30
C PHE A 164 -23.84 -0.11 -0.79
N ASP A 165 -22.82 -0.67 -0.16
CA ASP A 165 -22.33 -1.99 -0.54
C ASP A 165 -23.38 -3.05 -0.23
N GLU A 166 -23.49 -4.04 -1.10
CA GLU A 166 -24.44 -5.13 -0.90
C GLU A 166 -24.05 -6.06 0.23
N ASN A 167 -22.85 -5.92 0.78
CA ASN A 167 -22.37 -6.77 1.85
C ASN A 167 -22.58 -6.16 3.23
N THR A 168 -23.32 -5.07 3.33
CA THR A 168 -23.65 -4.51 4.64
C THR A 168 -24.70 -5.36 5.32
N VAL A 169 -24.50 -5.58 6.63
CA VAL A 169 -25.40 -6.44 7.40
C VAL A 169 -26.78 -5.80 7.50
N ALA A 170 -27.82 -6.63 7.43
CA ALA A 170 -29.20 -6.19 7.42
C ALA A 170 -30.01 -6.68 8.62
N THR A 171 -29.80 -7.92 9.07
CA THR A 171 -30.64 -8.50 10.11
C THR A 171 -29.82 -9.40 11.03
N THR A 172 -30.24 -9.48 12.29
CA THR A 172 -29.69 -10.39 13.30
C THR A 172 -30.83 -10.86 14.19
N PHE A 173 -30.79 -12.13 14.63
CA PHE A 173 -31.86 -12.56 15.52
C PHE A 173 -31.53 -13.55 16.64
N TYR A 174 -30.27 -13.95 16.86
CA TYR A 174 -29.90 -14.66 18.09
C TYR A 174 -30.62 -15.98 18.36
N THR A 175 -30.32 -17.01 17.58
CA THR A 175 -30.82 -18.35 17.88
C THR A 175 -30.27 -18.87 19.21
N THR A 176 -31.07 -19.70 19.89
CA THR A 176 -30.67 -20.35 21.14
C THR A 176 -30.64 -21.85 20.92
N GLY A 177 -29.46 -22.45 21.11
CA GLY A 177 -29.29 -23.87 20.89
C GLY A 177 -28.92 -24.66 22.14
N THR A 178 -27.64 -25.00 22.25
CA THR A 178 -27.11 -25.76 23.38
C THR A 178 -25.93 -25.10 24.05
N THR A 179 -25.47 -23.95 23.54
CA THR A 179 -24.22 -23.35 23.99
C THR A 179 -24.27 -22.90 25.43
N GLY A 180 -25.41 -22.44 25.93
CA GLY A 180 -25.48 -21.88 27.26
C GLY A 180 -25.87 -20.43 27.23
N PHE A 181 -25.43 -19.72 26.20
CA PHE A 181 -25.88 -18.38 25.88
C PHE A 181 -26.34 -18.37 24.43
N PRO A 182 -27.32 -17.54 24.09
CA PRO A 182 -27.78 -17.48 22.70
C PRO A 182 -26.70 -16.98 21.77
N LYS A 183 -26.72 -17.49 20.53
CA LYS A 183 -25.72 -17.18 19.52
C LYS A 183 -26.36 -16.30 18.45
N GLY A 184 -25.68 -15.21 18.10
CA GLY A 184 -26.21 -14.28 17.13
C GLY A 184 -25.80 -14.56 15.71
N VAL A 185 -26.78 -14.74 14.83
CA VAL A 185 -26.54 -14.96 13.41
C VAL A 185 -27.03 -13.75 12.64
N PHE A 186 -26.35 -13.46 11.54
CA PHE A 186 -26.62 -12.24 10.78
C PHE A 186 -26.51 -12.50 9.29
N PHE A 187 -27.20 -11.67 8.51
CA PHE A 187 -27.24 -11.80 7.07
C PHE A 187 -27.08 -10.42 6.45
N THR A 188 -26.74 -10.38 5.18
CA THR A 188 -26.54 -9.14 4.45
C THR A 188 -27.64 -8.93 3.42
N HIS A 189 -27.61 -7.76 2.78
CA HIS A 189 -28.59 -7.46 1.74
C HIS A 189 -28.49 -8.44 0.59
N ARG A 190 -27.27 -8.74 0.17
CA ARG A 190 -27.06 -9.65 -0.95
C ARG A 190 -27.63 -11.03 -0.64
N GLN A 191 -27.43 -11.52 0.59
CA GLN A 191 -27.89 -12.84 0.97
C GLN A 191 -29.41 -12.93 0.96
N LEU A 192 -30.09 -11.89 1.49
CA LEU A 192 -31.55 -11.92 1.52
C LEU A 192 -32.13 -11.82 0.11
N VAL A 193 -31.54 -10.96 -0.73
CA VAL A 193 -32.01 -10.86 -2.11
C VAL A 193 -31.82 -12.18 -2.85
N LEU A 194 -30.66 -12.81 -2.65
CA LEU A 194 -30.43 -14.10 -3.31
C LEU A 194 -31.35 -15.17 -2.77
N HIS A 195 -31.67 -15.12 -1.47
CA HIS A 195 -32.58 -16.11 -0.90
C HIS A 195 -33.97 -16.00 -1.51
N THR A 196 -34.44 -14.79 -1.74
CA THR A 196 -35.79 -14.54 -2.27
C THR A 196 -35.96 -14.93 -3.66
N MET A 197 -34.92 -14.83 -4.43
CA MET A 197 -34.94 -15.16 -5.81
C MET A 197 -34.61 -16.58 -6.03
N GLY A 198 -33.71 -17.19 -5.26
CA GLY A 198 -33.52 -18.62 -5.36
C GLY A 198 -34.75 -19.42 -4.97
N ILE A 199 -35.42 -19.07 -3.88
CA ILE A 199 -36.61 -19.83 -3.52
C ILE A 199 -37.75 -19.57 -4.51
N LEU A 200 -37.96 -18.31 -4.93
CA LEU A 200 -39.01 -18.05 -5.91
C LEU A 200 -38.77 -18.84 -7.18
N SER A 201 -37.51 -18.91 -7.64
CA SER A 201 -37.22 -19.69 -8.85
C SER A 201 -37.37 -21.19 -8.62
N THR A 202 -37.04 -21.70 -7.44
CA THR A 202 -37.13 -23.14 -7.24
C THR A 202 -38.54 -23.66 -7.03
N ILE A 203 -39.43 -22.92 -6.35
CA ILE A 203 -40.74 -23.46 -6.04
C ILE A 203 -41.87 -22.70 -6.74
N GLY A 204 -41.61 -21.49 -7.25
CA GLY A 204 -42.57 -20.87 -8.15
C GLY A 204 -42.67 -21.53 -9.51
N THR A 205 -41.62 -22.25 -9.92
CA THR A 205 -41.58 -22.93 -11.21
C THR A 205 -42.08 -24.37 -11.14
N ASN A 206 -42.66 -24.76 -10.02
CA ASN A 206 -43.22 -26.11 -9.91
C ASN A 206 -44.30 -26.31 -10.95
N ALA A 207 -44.47 -27.55 -11.40
CA ALA A 207 -45.43 -27.85 -12.46
C ALA A 207 -46.85 -27.48 -12.03
N SER A 208 -47.39 -28.18 -11.04
CA SER A 208 -48.75 -27.88 -10.61
C SER A 208 -49.00 -27.84 -9.11
N GLN A 209 -48.22 -28.55 -8.28
CA GLN A 209 -48.69 -28.81 -6.93
C GLN A 209 -48.40 -27.70 -5.92
N GLY A 210 -47.13 -27.56 -5.52
CA GLY A 210 -46.80 -26.69 -4.41
C GLY A 210 -46.25 -25.33 -4.78
N ARG A 211 -46.95 -24.55 -5.60
CA ARG A 211 -46.36 -23.37 -6.20
C ARG A 211 -46.97 -22.10 -5.63
N LEU A 212 -46.11 -21.12 -5.35
CA LEU A 212 -46.54 -19.77 -4.98
C LEU A 212 -46.48 -18.90 -6.22
N HIS A 213 -47.62 -18.34 -6.60
CA HIS A 213 -47.69 -17.55 -7.79
C HIS A 213 -48.24 -16.19 -7.49
N GLN A 214 -48.49 -15.38 -8.52
CA GLN A 214 -48.97 -14.06 -8.36
C GLN A 214 -50.45 -13.91 -8.15
N GLY A 215 -51.16 -15.00 -7.95
CA GLY A 215 -52.57 -14.89 -7.65
C GLY A 215 -52.89 -15.44 -6.29
N ASP A 216 -51.89 -15.66 -5.48
CA ASP A 216 -52.08 -16.19 -4.15
C ASP A 216 -52.38 -15.08 -3.15
N ILE A 217 -52.91 -15.47 -1.99
CA ILE A 217 -53.12 -14.57 -0.87
C ILE A 217 -52.36 -15.15 0.31
N TYR A 218 -51.41 -14.38 0.83
CA TYR A 218 -50.44 -14.86 1.80
C TYR A 218 -50.89 -14.50 3.21
N MET A 219 -50.59 -15.38 4.16
CA MET A 219 -50.82 -15.06 5.57
C MET A 219 -49.88 -15.90 6.44
N PRO A 220 -48.94 -15.27 7.13
CA PRO A 220 -47.99 -16.05 7.92
C PRO A 220 -48.63 -16.60 9.18
N ILE A 221 -48.24 -17.82 9.54
CA ILE A 221 -48.51 -18.39 10.85
C ILE A 221 -47.23 -18.80 11.57
N THR A 222 -46.12 -18.15 11.23
CA THR A 222 -44.82 -18.29 11.87
C THR A 222 -44.47 -16.98 12.58
N PRO A 223 -43.86 -17.07 13.76
CA PRO A 223 -43.72 -15.87 14.62
C PRO A 223 -43.10 -14.64 13.97
N MET A 224 -42.40 -14.77 12.84
CA MET A 224 -41.95 -13.63 12.04
C MET A 224 -40.81 -12.88 12.71
N PHE A 225 -40.46 -13.26 13.94
CA PHE A 225 -39.18 -12.87 14.51
C PHE A 225 -38.17 -13.99 14.49
N HIS A 226 -38.59 -15.21 14.14
CA HIS A 226 -37.70 -16.35 14.15
C HIS A 226 -36.60 -16.26 13.09
N VAL A 227 -36.97 -16.41 11.82
CA VAL A 227 -35.99 -16.57 10.75
C VAL A 227 -36.32 -15.70 9.54
N HIS A 228 -36.88 -14.51 9.79
CA HIS A 228 -37.52 -13.67 8.78
C HIS A 228 -38.83 -14.27 8.30
N ALA A 229 -39.50 -15.03 9.16
CA ALA A 229 -40.71 -15.77 8.77
C ALA A 229 -40.44 -16.62 7.54
N TRP A 230 -39.28 -17.29 7.54
CA TRP A 230 -38.83 -18.17 6.46
C TRP A 230 -38.59 -17.41 5.16
N GLY A 231 -38.38 -16.09 5.25
CA GLY A 231 -38.16 -15.27 4.09
C GLY A 231 -39.39 -14.98 3.26
N LEU A 232 -40.57 -15.37 3.76
CA LEU A 232 -41.81 -15.35 3.01
C LEU A 232 -42.41 -13.96 2.82
N PRO A 233 -42.36 -13.07 3.81
CA PRO A 233 -42.82 -11.70 3.54
C PRO A 233 -42.09 -11.02 2.40
N TYR A 234 -40.78 -11.23 2.28
CA TYR A 234 -40.04 -10.66 1.16
C TYR A 234 -40.51 -11.23 -0.17
N MET A 235 -40.71 -12.55 -0.23
CA MET A 235 -41.16 -13.18 -1.46
C MET A 235 -42.56 -12.72 -1.82
N ALA A 236 -43.43 -12.57 -0.82
CA ALA A 236 -44.81 -12.19 -1.07
C ALA A 236 -44.91 -10.74 -1.51
N THR A 237 -44.09 -9.86 -0.94
CA THR A 237 -44.13 -8.47 -1.37
C THR A 237 -43.46 -8.27 -2.72
N MET A 238 -42.54 -9.14 -3.10
CA MET A 238 -41.89 -9.08 -4.41
C MET A 238 -42.90 -9.49 -5.47
N LEU A 239 -43.71 -10.48 -5.18
CA LEU A 239 -44.74 -10.89 -6.12
C LEU A 239 -45.92 -9.94 -6.16
N GLY A 240 -46.03 -9.03 -5.19
CA GLY A 240 -47.12 -8.08 -5.15
C GLY A 240 -48.48 -8.68 -4.88
N VAL A 241 -48.53 -9.70 -4.02
CA VAL A 241 -49.76 -10.38 -3.71
C VAL A 241 -50.42 -9.74 -2.49
N LYS A 242 -51.70 -10.05 -2.29
CA LYS A 242 -52.39 -9.62 -1.07
C LYS A 242 -51.84 -10.37 0.14
N GLN A 243 -51.64 -9.62 1.23
CA GLN A 243 -51.07 -10.16 2.45
C GLN A 243 -51.99 -9.87 3.62
N VAL A 244 -52.18 -10.88 4.47
CA VAL A 244 -53.02 -10.78 5.65
C VAL A 244 -52.15 -11.10 6.86
N TYR A 245 -52.22 -10.25 7.88
CA TYR A 245 -51.44 -10.43 9.09
C TYR A 245 -52.38 -10.62 10.27
N PRO A 246 -52.26 -11.73 11.01
CA PRO A 246 -53.27 -12.05 12.03
C PRO A 246 -52.97 -11.46 13.40
N GLY A 247 -51.73 -11.04 13.65
CA GLY A 247 -51.36 -10.54 14.95
C GLY A 247 -51.04 -11.65 15.94
N LYS A 248 -51.82 -11.74 17.02
CA LYS A 248 -51.65 -12.80 17.99
C LYS A 248 -52.43 -14.04 17.53
N TYR A 249 -51.72 -15.17 17.43
CA TYR A 249 -52.32 -16.38 16.86
C TYR A 249 -53.37 -16.92 17.81
N VAL A 250 -54.61 -17.01 17.30
CA VAL A 250 -55.70 -17.67 18.01
C VAL A 250 -56.33 -18.64 17.02
N PRO A 251 -56.60 -19.91 17.40
CA PRO A 251 -57.11 -20.79 16.35
C PRO A 251 -58.35 -20.44 15.66
N ASP A 252 -59.25 -19.73 16.28
CA ASP A 252 -60.51 -19.45 15.68
C ASP A 252 -60.56 -18.10 15.07
N VAL A 253 -59.51 -17.31 15.18
CA VAL A 253 -59.44 -16.04 14.49
C VAL A 253 -58.71 -16.27 13.21
N LEU A 254 -57.77 -17.19 13.19
CA LEU A 254 -57.09 -17.58 11.96
C LEU A 254 -58.04 -18.25 11.00
N LEU A 255 -58.95 -19.08 11.51
CA LEU A 255 -59.94 -19.72 10.64
C LEU A 255 -60.87 -18.70 10.01
N ASN A 256 -61.29 -17.70 10.79
CA ASN A 256 -62.11 -16.63 10.24
C ASN A 256 -61.36 -15.86 9.16
N LEU A 257 -60.08 -15.58 9.39
CA LEU A 257 -59.29 -14.88 8.39
C LEU A 257 -59.16 -15.71 7.11
N ILE A 258 -58.94 -17.02 7.25
CA ILE A 258 -58.84 -17.88 6.08
C ILE A 258 -60.15 -17.87 5.30
N GLU A 259 -61.27 -18.00 6.00
CA GLU A 259 -62.56 -18.03 5.32
C GLU A 259 -62.89 -16.69 4.65
N GLN A 260 -62.63 -15.58 5.32
CA GLN A 260 -63.04 -14.30 4.79
C GLN A 260 -62.11 -13.60 3.83
N GLU A 261 -60.82 -13.66 4.09
CA GLU A 261 -59.87 -13.06 3.18
C GLU A 261 -59.43 -14.01 2.07
N LYS A 262 -59.89 -15.26 2.10
CA LYS A 262 -59.60 -16.26 1.06
C LYS A 262 -58.10 -16.51 0.93
N VAL A 263 -57.46 -16.79 2.06
CA VAL A 263 -56.04 -17.09 2.07
C VAL A 263 -55.78 -18.41 1.36
N THR A 264 -54.74 -18.45 0.52
CA THR A 264 -54.37 -19.65 -0.19
C THR A 264 -53.00 -20.20 0.17
N PHE A 265 -52.09 -19.37 0.70
CA PHE A 265 -50.73 -19.79 0.99
C PHE A 265 -50.35 -19.34 2.39
N SER A 266 -49.77 -20.24 3.17
CA SER A 266 -49.37 -19.92 4.54
C SER A 266 -48.30 -20.91 4.97
N HIS A 267 -47.83 -20.76 6.21
CA HIS A 267 -46.80 -21.63 6.75
C HIS A 267 -46.85 -21.59 8.26
N CYS A 268 -46.73 -22.77 8.87
CA CYS A 268 -46.76 -22.91 10.31
C CYS A 268 -45.93 -24.05 10.80
N VAL A 269 -46.14 -24.43 12.06
CA VAL A 269 -45.46 -25.57 12.68
C VAL A 269 -46.53 -26.62 13.00
N PRO A 270 -46.17 -27.89 13.21
CA PRO A 270 -47.22 -28.92 13.35
C PRO A 270 -48.22 -28.67 14.47
N THR A 271 -47.80 -28.01 15.54
CA THR A 271 -48.72 -27.78 16.67
C THR A 271 -49.86 -26.86 16.26
N ILE A 272 -49.56 -25.78 15.54
CA ILE A 272 -50.62 -24.86 15.12
C ILE A 272 -51.56 -25.53 14.13
N LEU A 273 -51.00 -26.34 13.22
CA LEU A 273 -51.84 -27.05 12.26
C LEU A 273 -52.77 -28.03 12.96
N HIS A 274 -52.25 -28.75 13.96
CA HIS A 274 -53.10 -29.63 14.76
C HIS A 274 -54.18 -28.85 15.48
N LEU A 275 -53.84 -27.68 16.03
CA LEU A 275 -54.84 -26.88 16.73
C LEU A 275 -55.92 -26.38 15.78
N LEU A 276 -55.54 -26.04 14.55
CA LEU A 276 -56.52 -25.55 13.57
C LEU A 276 -57.44 -26.67 13.10
N LEU A 277 -56.86 -27.82 12.74
CA LEU A 277 -57.68 -28.91 12.21
C LEU A 277 -58.62 -29.50 13.24
N SER A 278 -58.35 -29.32 14.53
CA SER A 278 -59.21 -29.82 15.58
C SER A 278 -60.25 -28.82 16.05
N SER A 279 -60.17 -27.58 15.61
CA SER A 279 -61.09 -26.55 16.08
C SER A 279 -62.50 -26.86 15.61
N PRO A 280 -63.52 -26.57 16.43
CA PRO A 280 -64.90 -26.92 16.04
C PRO A 280 -65.38 -26.24 14.77
N LYS A 281 -64.95 -25.01 14.51
CA LYS A 281 -65.39 -24.30 13.31
C LYS A 281 -64.72 -24.81 12.05
N SER A 282 -63.60 -25.51 12.17
CA SER A 282 -62.88 -25.97 10.99
C SER A 282 -63.68 -27.01 10.22
N LYS A 283 -64.46 -27.82 10.93
CA LYS A 283 -65.21 -28.88 10.27
C LYS A 283 -66.18 -28.41 9.22
N ALA A 284 -66.69 -27.21 9.38
CA ALA A 284 -67.66 -26.64 8.44
C ALA A 284 -67.04 -25.58 7.55
N MET A 285 -65.80 -25.82 7.13
CA MET A 285 -65.08 -24.85 6.32
C MET A 285 -64.51 -25.48 5.08
N ASP A 286 -64.37 -24.69 4.04
CA ASP A 286 -63.78 -25.16 2.78
C ASP A 286 -62.27 -24.93 2.82
N PHE A 287 -61.50 -26.01 2.76
CA PHE A 287 -60.06 -25.94 2.86
C PHE A 287 -59.34 -26.24 1.55
N SER A 288 -60.07 -26.56 0.49
CA SER A 288 -59.45 -27.05 -0.74
C SER A 288 -58.98 -25.93 -1.64
N GLY A 289 -58.29 -24.93 -1.08
CA GLY A 289 -57.59 -23.94 -1.86
C GLY A 289 -56.32 -23.49 -1.16
N TRP A 290 -55.98 -24.18 -0.08
CA TRP A 290 -55.00 -23.75 0.89
C TRP A 290 -53.75 -24.62 0.79
N LYS A 291 -52.59 -23.99 0.91
CA LYS A 291 -51.28 -24.61 0.67
C LYS A 291 -50.32 -24.33 1.81
N VAL A 292 -50.70 -24.70 3.03
CA VAL A 292 -49.82 -24.51 4.18
C VAL A 292 -48.51 -25.28 3.98
N VAL A 293 -47.41 -24.69 4.46
CA VAL A 293 -46.08 -25.29 4.43
C VAL A 293 -45.67 -25.58 5.87
N ILE A 294 -45.46 -26.84 6.20
CA ILE A 294 -45.16 -27.26 7.56
C ILE A 294 -43.65 -27.52 7.64
N GLY A 295 -42.91 -26.48 8.01
CA GLY A 295 -41.46 -26.63 8.08
C GLY A 295 -40.87 -26.35 9.44
N GLY A 296 -41.70 -26.38 10.48
CA GLY A 296 -41.20 -26.12 11.81
C GLY A 296 -40.28 -27.19 12.33
N ALA A 297 -40.81 -28.39 12.58
CA ALA A 297 -39.98 -29.52 12.99
C ALA A 297 -40.74 -30.81 12.74
N ALA A 298 -40.31 -31.58 11.74
CA ALA A 298 -40.65 -32.99 11.60
C ALA A 298 -42.16 -33.23 11.56
N LEU A 299 -42.77 -32.78 10.46
CA LEU A 299 -44.18 -33.04 10.15
C LEU A 299 -44.52 -34.51 10.35
N PRO A 300 -45.37 -34.83 11.32
CA PRO A 300 -45.79 -36.23 11.51
C PRO A 300 -46.64 -36.73 10.35
N LYS A 301 -46.59 -38.05 10.14
CA LYS A 301 -47.32 -38.65 9.04
C LYS A 301 -48.82 -38.74 9.31
N ALA A 302 -49.23 -38.89 10.57
CA ALA A 302 -50.65 -38.98 10.88
C ALA A 302 -51.32 -37.61 10.76
N LEU A 303 -50.64 -36.55 11.21
CA LEU A 303 -51.16 -35.21 10.99
C LEU A 303 -51.23 -34.87 9.51
N CYS A 304 -50.21 -35.28 8.75
CA CYS A 304 -50.25 -35.08 7.30
C CYS A 304 -51.42 -35.81 6.67
N LYS A 305 -51.69 -37.04 7.11
CA LYS A 305 -52.80 -37.80 6.58
C LYS A 305 -54.14 -37.15 6.91
N SER A 306 -54.27 -36.61 8.13
CA SER A 306 -55.51 -35.95 8.52
C SER A 306 -55.70 -34.64 7.75
N ALA A 307 -54.61 -33.94 7.46
CA ALA A 307 -54.71 -32.71 6.69
C ALA A 307 -54.94 -32.99 5.21
N LEU A 308 -54.54 -34.16 4.72
CA LEU A 308 -54.76 -34.49 3.31
C LEU A 308 -56.21 -34.85 3.03
N GLU A 309 -56.93 -35.33 4.03
CA GLU A 309 -58.33 -35.71 3.83
C GLU A 309 -59.25 -34.51 3.71
N ARG A 310 -58.81 -33.34 4.16
CA ARG A 310 -59.53 -32.09 3.97
C ARG A 310 -59.12 -31.39 2.68
N ASP A 311 -58.27 -32.03 1.88
CA ASP A 311 -57.82 -31.50 0.59
C ASP A 311 -56.97 -30.23 0.78
N ILE A 312 -55.97 -30.33 1.64
CA ILE A 312 -55.02 -29.26 1.89
C ILE A 312 -53.68 -29.69 1.31
N ASP A 313 -53.07 -28.80 0.53
CA ASP A 313 -51.74 -29.04 -0.04
C ASP A 313 -50.71 -28.84 1.08
N VAL A 314 -50.37 -29.94 1.75
CA VAL A 314 -49.40 -29.92 2.84
C VAL A 314 -48.07 -30.43 2.30
N PHE A 315 -46.99 -29.74 2.65
CA PHE A 315 -45.66 -30.22 2.35
C PHE A 315 -44.69 -29.63 3.37
N ALA A 316 -43.53 -30.26 3.48
CA ALA A 316 -42.56 -29.94 4.51
C ALA A 316 -41.35 -29.23 3.91
N GLY A 317 -40.64 -28.50 4.76
CA GLY A 317 -39.42 -27.85 4.37
C GLY A 317 -38.41 -27.92 5.50
N TYR A 318 -37.15 -27.63 5.20
CA TYR A 318 -36.11 -27.71 6.18
C TYR A 318 -35.27 -26.46 6.22
N GLY A 319 -35.02 -25.94 7.41
CA GLY A 319 -34.23 -24.75 7.57
C GLY A 319 -33.64 -24.83 8.93
N MET A 320 -32.75 -23.93 9.27
CA MET A 320 -32.05 -24.06 10.53
C MET A 320 -31.75 -22.80 11.30
N SER A 321 -32.04 -21.60 10.81
CA SER A 321 -31.82 -20.30 11.44
C SER A 321 -30.38 -19.83 11.32
N GLU A 322 -29.49 -20.71 10.87
CA GLU A 322 -28.16 -20.31 10.43
C GLU A 322 -28.05 -20.33 8.92
N THR A 323 -29.13 -20.70 8.23
CA THR A 323 -29.06 -21.13 6.84
C THR A 323 -30.01 -20.36 5.93
N GLY A 324 -30.60 -19.27 6.39
CA GLY A 324 -31.40 -18.44 5.51
C GLY A 324 -32.87 -18.25 5.82
N PRO A 325 -33.62 -19.29 6.21
CA PRO A 325 -33.26 -20.67 6.57
C PRO A 325 -33.44 -21.76 5.51
N ILE A 326 -34.17 -21.51 4.42
CA ILE A 326 -34.66 -22.61 3.60
C ILE A 326 -33.51 -23.32 2.92
N LEU A 327 -33.46 -24.65 3.07
CA LEU A 327 -32.47 -25.50 2.43
C LEU A 327 -33.09 -26.57 1.53
N SER A 328 -34.20 -27.15 1.95
CA SER A 328 -34.85 -28.21 1.18
C SER A 328 -36.36 -28.07 1.27
N ILE A 329 -37.05 -28.50 0.21
CA ILE A 329 -38.49 -28.44 0.12
C ILE A 329 -38.99 -29.72 -0.55
N VAL A 330 -40.11 -30.22 -0.05
CA VAL A 330 -40.77 -31.36 -0.67
C VAL A 330 -41.50 -30.89 -1.93
N GLN A 331 -41.17 -31.47 -3.07
CA GLN A 331 -41.81 -31.18 -4.34
C GLN A 331 -42.17 -32.49 -5.01
N LEU A 332 -43.44 -32.66 -5.36
CA LEU A 332 -43.96 -33.92 -5.87
C LEU A 332 -44.08 -33.85 -7.40
N THR A 333 -43.56 -34.88 -8.07
CA THR A 333 -43.75 -35.00 -9.51
C THR A 333 -45.17 -35.48 -9.80
N PRO A 334 -45.68 -35.22 -11.01
CA PRO A 334 -47.04 -35.66 -11.35
C PRO A 334 -47.23 -37.16 -11.27
N GLU A 335 -46.16 -37.94 -11.39
CA GLU A 335 -46.25 -39.38 -11.16
C GLU A 335 -46.59 -39.67 -9.70
N GLN A 336 -46.07 -38.89 -8.77
CA GLN A 336 -46.30 -39.05 -7.35
C GLN A 336 -47.62 -38.43 -6.88
N LEU A 337 -48.21 -37.54 -7.67
CA LEU A 337 -49.48 -36.93 -7.33
C LEU A 337 -50.67 -37.81 -7.68
N GLU A 338 -50.43 -39.09 -7.94
CA GLU A 338 -51.49 -40.04 -8.23
C GLU A 338 -51.65 -41.11 -7.17
N LEU A 339 -50.67 -41.27 -6.27
CA LEU A 339 -50.76 -42.28 -5.23
C LEU A 339 -51.89 -41.93 -4.26
N ASP A 340 -52.27 -42.91 -3.45
CA ASP A 340 -53.31 -42.68 -2.45
C ASP A 340 -52.77 -41.81 -1.32
N VAL A 341 -53.59 -41.61 -0.30
CA VAL A 341 -53.26 -40.71 0.81
C VAL A 341 -52.02 -41.21 1.54
N ASP A 342 -51.95 -42.51 1.82
CA ASP A 342 -50.89 -43.04 2.67
C ASP A 342 -49.51 -42.82 2.04
N GLN A 343 -49.34 -43.21 0.78
CA GLN A 343 -48.06 -43.03 0.11
C GLN A 343 -47.76 -41.54 -0.06
N GLN A 344 -48.78 -40.76 -0.39
CA GLN A 344 -48.61 -39.30 -0.46
C GLN A 344 -48.24 -38.73 0.90
N ALA A 345 -48.86 -39.24 1.98
CA ALA A 345 -48.50 -38.78 3.31
C ALA A 345 -47.04 -39.07 3.62
N GLU A 346 -46.53 -40.21 3.20
CA GLU A 346 -45.15 -40.56 3.44
C GLU A 346 -44.21 -39.72 2.59
N TYR A 347 -44.65 -39.34 1.41
CA TYR A 347 -43.80 -38.49 0.57
C TYR A 347 -43.77 -37.06 1.07
N ARG A 348 -44.92 -36.54 1.50
CA ARG A 348 -45.04 -35.13 1.85
C ARG A 348 -44.41 -34.80 3.20
N SER A 349 -44.20 -35.80 4.05
CA SER A 349 -43.65 -35.59 5.38
C SER A 349 -42.13 -35.77 5.42
N LYS A 350 -41.49 -35.96 4.27
CA LYS A 350 -40.03 -36.06 4.24
C LYS A 350 -39.41 -34.68 4.36
N THR A 351 -38.09 -34.67 4.57
CA THR A 351 -37.37 -33.39 4.63
C THR A 351 -37.32 -32.72 3.26
N GLY A 352 -37.24 -33.50 2.19
CA GLY A 352 -37.37 -33.00 0.84
C GLY A 352 -36.04 -32.88 0.13
N LYS A 353 -36.13 -32.52 -1.14
CA LYS A 353 -34.94 -32.31 -1.97
C LYS A 353 -34.40 -30.90 -1.80
N LYS A 354 -33.10 -30.76 -2.01
CA LYS A 354 -32.46 -29.46 -1.86
C LYS A 354 -32.90 -28.51 -2.96
N VAL A 355 -32.97 -27.22 -2.60
CA VAL A 355 -33.38 -26.14 -3.48
C VAL A 355 -32.22 -25.70 -4.36
N ALA A 356 -32.49 -24.81 -5.31
CA ALA A 356 -31.46 -24.30 -6.20
C ALA A 356 -30.30 -23.68 -5.43
N LEU A 357 -29.09 -24.00 -5.87
CA LEU A 357 -27.82 -23.43 -5.37
C LEU A 357 -27.41 -23.95 -4.00
N VAL A 358 -27.84 -25.16 -3.64
CA VAL A 358 -27.50 -25.78 -2.36
C VAL A 358 -26.79 -27.10 -2.64
N GLU A 359 -25.76 -27.40 -1.84
CA GLU A 359 -24.90 -28.56 -2.11
C GLU A 359 -25.30 -29.80 -1.30
N ALA A 360 -25.38 -29.69 0.03
CA ALA A 360 -26.06 -30.68 0.87
C ALA A 360 -25.45 -32.08 0.74
N TYR A 361 -24.24 -32.22 1.28
CA TYR A 361 -23.64 -33.53 1.47
C TYR A 361 -23.95 -34.08 2.85
N ILE A 362 -23.73 -35.39 3.03
CA ILE A 362 -23.75 -36.01 4.35
C ILE A 362 -22.39 -36.65 4.57
N VAL A 363 -21.77 -36.35 5.71
CA VAL A 363 -20.43 -36.79 6.03
C VAL A 363 -20.46 -37.54 7.35
N ASP A 364 -19.32 -38.12 7.70
CA ASP A 364 -19.10 -38.74 8.98
C ASP A 364 -18.30 -37.79 9.87
N GLU A 365 -17.84 -38.29 11.02
CA GLU A 365 -17.11 -37.45 11.97
C GLU A 365 -15.78 -36.96 11.42
N ASP A 366 -15.29 -37.55 10.33
CA ASP A 366 -14.04 -37.16 9.72
C ASP A 366 -14.23 -36.44 8.39
N MET A 367 -15.47 -36.06 8.06
CA MET A 367 -15.79 -35.35 6.81
C MET A 367 -15.38 -36.16 5.58
N ASN A 368 -16.03 -37.32 5.43
CA ASN A 368 -15.68 -38.27 4.38
C ASN A 368 -16.72 -38.43 3.29
N LYS A 369 -17.86 -37.72 3.37
CA LYS A 369 -18.84 -37.65 2.29
C LYS A 369 -19.36 -39.04 1.90
N LEU A 370 -20.11 -39.61 2.84
CA LEU A 370 -20.79 -40.90 2.73
C LEU A 370 -21.65 -40.99 1.48
N PRO A 371 -21.92 -42.20 0.98
CA PRO A 371 -22.74 -42.33 -0.23
C PRO A 371 -24.21 -42.07 0.03
N HIS A 372 -24.94 -41.82 -1.05
CA HIS A 372 -26.38 -41.59 -1.01
C HIS A 372 -27.08 -42.86 -1.46
N ASP A 373 -27.22 -43.80 -0.53
CA ASP A 373 -27.83 -45.10 -0.81
C ASP A 373 -29.20 -45.26 -0.18
N GLY A 374 -29.65 -44.31 0.64
CA GLY A 374 -30.92 -44.41 1.32
C GLY A 374 -30.89 -45.10 2.66
N GLU A 375 -29.73 -45.59 3.11
CA GLU A 375 -29.64 -46.28 4.39
C GLU A 375 -28.59 -45.65 5.30
N THR A 376 -27.43 -45.30 4.74
CA THR A 376 -26.32 -44.82 5.55
C THR A 376 -26.59 -43.41 6.05
N ALA A 377 -26.45 -43.20 7.35
CA ALA A 377 -26.72 -41.93 7.97
C ALA A 377 -25.43 -41.20 8.32
N GLY A 378 -25.52 -39.87 8.36
CA GLY A 378 -24.40 -39.02 8.67
C GLY A 378 -24.90 -37.61 8.85
N GLU A 379 -23.99 -36.71 9.19
CA GLU A 379 -24.40 -35.33 9.44
C GLU A 379 -24.39 -34.52 8.16
N ILE A 380 -25.40 -33.68 8.00
CA ILE A 380 -25.57 -32.88 6.79
C ILE A 380 -24.67 -31.65 6.88
N VAL A 381 -23.89 -31.42 5.83
CA VAL A 381 -23.06 -30.23 5.68
C VAL A 381 -23.40 -29.59 4.35
N VAL A 382 -23.56 -28.26 4.35
CA VAL A 382 -24.16 -27.55 3.22
C VAL A 382 -23.30 -26.36 2.83
N ARG A 383 -23.46 -25.95 1.57
CA ARG A 383 -22.96 -24.68 1.06
C ARG A 383 -24.08 -24.02 0.29
N ALA A 384 -24.30 -22.74 0.55
CA ALA A 384 -25.42 -22.02 -0.05
C ALA A 384 -25.07 -20.54 -0.10
N PRO A 385 -25.73 -19.77 -0.95
CA PRO A 385 -25.42 -18.33 -1.03
C PRO A 385 -25.92 -17.51 0.16
N TRP A 386 -26.62 -18.11 1.13
CA TRP A 386 -27.29 -17.35 2.18
C TRP A 386 -27.05 -17.96 3.55
N LEU A 387 -25.80 -18.26 3.87
CA LEU A 387 -25.43 -18.81 5.18
C LEU A 387 -24.62 -17.77 5.96
N THR A 388 -24.80 -17.78 7.28
CA THR A 388 -24.03 -16.88 8.13
C THR A 388 -22.56 -17.29 8.11
N PRO A 389 -21.63 -16.35 7.91
CA PRO A 389 -20.21 -16.71 7.93
C PRO A 389 -19.75 -17.20 9.29
N ASN A 390 -20.35 -16.72 10.37
CA ASN A 390 -19.92 -17.08 11.72
C ASN A 390 -21.02 -16.65 12.68
N TYR A 391 -20.76 -16.85 13.97
CA TYR A 391 -21.59 -16.29 15.02
C TYR A 391 -21.04 -14.91 15.38
N TYR A 392 -21.95 -14.02 15.78
CA TYR A 392 -21.54 -12.66 16.11
C TYR A 392 -20.73 -12.65 17.40
N LYS A 393 -19.56 -12.01 17.36
CA LYS A 393 -18.67 -11.88 18.51
C LYS A 393 -18.29 -13.24 19.09
N ASP A 394 -18.08 -14.23 18.22
CA ASP A 394 -17.71 -15.56 18.66
C ASP A 394 -16.58 -16.08 17.79
N ASN A 395 -15.67 -16.84 18.39
CA ASN A 395 -14.52 -17.37 17.68
C ASN A 395 -14.47 -18.89 17.65
N LYS A 396 -14.55 -19.55 18.80
CA LYS A 396 -14.45 -21.01 18.84
C LYS A 396 -15.71 -21.69 18.32
N ASN A 397 -16.88 -21.18 18.69
CA ASN A 397 -18.12 -21.71 18.14
C ASN A 397 -18.22 -21.46 16.64
N SER A 398 -17.72 -20.31 16.19
CA SER A 398 -17.70 -20.00 14.77
C SER A 398 -16.81 -20.99 14.01
N LYS A 399 -15.67 -21.35 14.60
CA LYS A 399 -14.80 -22.33 13.97
C LYS A 399 -15.42 -23.72 13.98
N ALA A 400 -16.14 -24.07 15.05
CA ALA A 400 -16.79 -25.38 15.08
C ALA A 400 -17.95 -25.44 14.10
N LEU A 401 -18.54 -24.29 13.76
CA LEU A 401 -19.66 -24.27 12.83
C LEU A 401 -19.22 -24.53 11.41
N TRP A 402 -18.15 -23.89 10.96
CA TRP A 402 -17.69 -23.97 9.57
C TRP A 402 -16.50 -24.91 9.43
N ARG A 403 -16.44 -25.96 10.23
CA ARG A 403 -15.31 -26.87 10.21
C ARG A 403 -15.23 -27.62 8.89
N GLY A 404 -14.03 -27.68 8.33
CA GLY A 404 -13.82 -28.43 7.11
C GLY A 404 -14.38 -27.79 5.85
N GLY A 405 -14.63 -26.49 5.88
CA GLY A 405 -15.11 -25.80 4.68
C GLY A 405 -16.58 -25.95 4.39
N TYR A 406 -17.35 -26.50 5.32
CA TYR A 406 -18.78 -26.68 5.15
C TYR A 406 -19.48 -26.22 6.41
N LEU A 407 -20.74 -25.80 6.26
CA LEU A 407 -21.54 -25.42 7.42
C LEU A 407 -22.16 -26.67 8.03
N HIS A 408 -21.95 -26.93 9.30
CA HIS A 408 -22.44 -28.12 9.92
C HIS A 408 -23.76 -27.86 10.47
N THR A 409 -24.75 -28.63 10.08
CA THR A 409 -26.09 -28.37 10.51
C THR A 409 -26.40 -28.88 11.85
N GLY A 410 -25.88 -30.04 12.19
CA GLY A 410 -26.19 -30.65 13.46
C GLY A 410 -27.24 -31.73 13.41
N ASP A 411 -27.71 -32.11 12.23
CA ASP A 411 -28.73 -33.13 12.05
C ASP A 411 -28.12 -34.35 11.37
N VAL A 412 -28.62 -35.52 11.72
CA VAL A 412 -28.20 -36.79 11.13
C VAL A 412 -29.35 -37.30 10.27
N ALA A 413 -29.05 -37.55 9.00
CA ALA A 413 -30.04 -37.91 7.99
C ALA A 413 -29.40 -38.87 6.99
N HIS A 414 -30.24 -39.47 6.15
CA HIS A 414 -29.79 -40.23 5.00
C HIS A 414 -30.48 -39.71 3.76
N ILE A 415 -29.82 -39.85 2.62
CA ILE A 415 -30.29 -39.30 1.36
C ILE A 415 -30.49 -40.43 0.36
N ASP A 416 -31.65 -40.44 -0.30
CA ASP A 416 -31.93 -41.43 -1.32
C ASP A 416 -31.15 -41.12 -2.59
N ASP A 417 -31.11 -42.11 -3.49
CA ASP A 417 -30.56 -41.87 -4.82
C ASP A 417 -31.37 -40.83 -5.57
N GLU A 418 -32.69 -40.83 -5.39
CA GLU A 418 -33.54 -39.83 -6.03
C GLU A 418 -33.20 -38.44 -5.57
N GLY A 419 -32.92 -38.26 -4.28
CA GLY A 419 -32.53 -36.97 -3.75
C GLY A 419 -33.29 -36.58 -2.51
N PHE A 420 -34.25 -37.40 -2.11
CA PHE A 420 -35.06 -37.11 -0.94
C PHE A 420 -34.23 -37.30 0.33
N ILE A 421 -34.30 -36.32 1.22
CA ILE A 421 -33.60 -36.35 2.49
C ILE A 421 -34.61 -36.73 3.57
N LYS A 422 -34.15 -37.49 4.56
CA LYS A 422 -34.97 -37.82 5.73
C LYS A 422 -34.08 -37.69 6.96
N ILE A 423 -34.34 -36.68 7.79
CA ILE A 423 -33.58 -36.50 9.00
C ILE A 423 -33.97 -37.54 10.02
N THR A 424 -32.98 -38.27 10.54
CA THR A 424 -33.25 -39.30 11.52
C THR A 424 -33.11 -38.79 12.95
N ASP A 425 -32.10 -38.00 13.25
CA ASP A 425 -31.90 -37.57 14.63
C ASP A 425 -31.02 -36.31 14.65
N ARG A 426 -30.59 -35.93 15.84
CA ARG A 426 -29.60 -34.88 16.04
C ARG A 426 -28.24 -35.49 16.32
N VAL A 427 -27.19 -34.72 16.01
CA VAL A 427 -25.83 -35.22 16.20
C VAL A 427 -25.55 -35.47 17.67
N LYS A 428 -25.98 -34.55 18.54
CA LYS A 428 -25.71 -34.67 19.97
C LYS A 428 -26.58 -35.72 20.66
N ASP A 429 -27.65 -36.19 20.03
CA ASP A 429 -28.55 -37.16 20.63
C ASP A 429 -28.28 -38.58 20.16
N MET A 430 -27.18 -38.81 19.46
CA MET A 430 -26.87 -40.14 18.96
C MET A 430 -26.41 -41.03 20.12
N ILE A 431 -26.89 -42.26 20.19
CA ILE A 431 -26.36 -43.17 21.21
C ILE A 431 -25.09 -43.87 20.70
N LYS A 432 -23.97 -43.61 21.39
CA LYS A 432 -22.64 -44.13 21.05
C LYS A 432 -22.40 -45.51 21.66
N ILE A 433 -23.42 -46.36 21.54
CA ILE A 433 -23.31 -47.72 22.06
C ILE A 433 -22.13 -48.34 21.41
N SER A 434 -21.14 -48.68 22.19
CA SER A 434 -19.94 -49.34 21.69
C SER A 434 -19.39 -48.65 20.45
N GLY A 435 -19.37 -49.37 19.33
CA GLY A 435 -18.80 -48.87 18.09
C GLY A 435 -19.76 -48.48 16.99
N GLU A 436 -21.06 -48.36 17.29
CA GLU A 436 -22.03 -47.95 16.29
C GLU A 436 -22.86 -46.79 16.82
N TRP A 437 -23.49 -46.08 15.90
CA TRP A 437 -24.34 -44.93 16.22
C TRP A 437 -25.79 -45.31 15.98
N VAL A 438 -26.64 -45.06 16.97
CA VAL A 438 -28.06 -45.37 16.90
C VAL A 438 -28.85 -44.11 17.18
N SER A 439 -29.89 -43.88 16.39
CA SER A 439 -30.77 -42.74 16.64
C SER A 439 -31.67 -43.01 17.83
N SER A 440 -31.79 -42.01 18.71
CA SER A 440 -32.70 -42.09 19.84
C SER A 440 -34.12 -41.66 19.49
N LEU A 441 -34.32 -41.06 18.31
CA LEU A 441 -35.66 -40.61 17.94
C LEU A 441 -36.56 -41.78 17.58
N GLU A 442 -36.03 -42.77 16.85
CA GLU A 442 -36.84 -43.91 16.43
C GLU A 442 -37.34 -44.74 17.61
N LEU A 443 -36.65 -44.69 18.75
CA LEU A 443 -37.11 -45.42 19.93
C LEU A 443 -38.28 -44.70 20.61
N GLU A 444 -38.25 -43.37 20.63
CA GLU A 444 -39.25 -42.61 21.39
C GLU A 444 -40.66 -42.86 20.87
N ASP A 445 -40.84 -42.85 19.54
CA ASP A 445 -42.17 -43.01 18.98
C ASP A 445 -42.71 -44.42 19.20
N ILE A 446 -41.83 -45.41 19.28
CA ILE A 446 -42.26 -46.78 19.56
C ILE A 446 -42.90 -46.85 20.95
N LEU A 447 -42.25 -46.23 21.94
CA LEU A 447 -42.84 -46.14 23.26
C LEU A 447 -44.09 -45.26 23.24
N HIS A 448 -44.10 -44.23 22.39
CA HIS A 448 -45.28 -43.36 22.29
C HIS A 448 -46.50 -44.12 21.81
N GLN A 449 -46.30 -45.21 21.07
CA GLN A 449 -47.42 -46.00 20.56
C GLN A 449 -48.19 -46.70 21.67
N HIS A 450 -47.63 -46.78 22.87
CA HIS A 450 -48.33 -47.40 23.99
C HIS A 450 -49.55 -46.57 24.38
N GLN A 451 -50.54 -47.25 24.95
CA GLN A 451 -51.81 -46.62 25.31
C GLN A 451 -51.74 -45.90 26.66
N SER A 452 -50.68 -46.08 27.44
CA SER A 452 -50.59 -45.51 28.78
C SER A 452 -49.37 -44.62 28.97
N VAL A 453 -48.84 -44.05 27.88
CA VAL A 453 -47.69 -43.16 27.94
C VAL A 453 -48.07 -41.84 27.29
N SER A 454 -47.66 -40.74 27.91
CA SER A 454 -47.97 -39.40 27.42
C SER A 454 -46.81 -38.75 26.68
N GLU A 455 -45.58 -38.93 27.15
CA GLU A 455 -44.41 -38.34 26.51
C GLU A 455 -43.18 -39.14 26.90
N VAL A 456 -42.29 -39.36 25.93
CA VAL A 456 -41.09 -40.15 26.11
C VAL A 456 -39.88 -39.32 25.74
N ALA A 457 -38.87 -39.32 26.61
CA ALA A 457 -37.57 -38.72 26.32
C ALA A 457 -36.50 -39.78 26.54
N VAL A 458 -35.62 -39.94 25.57
CA VAL A 458 -34.59 -40.98 25.60
C VAL A 458 -33.22 -40.30 25.61
N ILE A 459 -32.42 -40.63 26.61
CA ILE A 459 -31.05 -40.14 26.74
C ILE A 459 -30.13 -41.34 26.90
N GLY A 460 -28.84 -41.08 27.04
CA GLY A 460 -27.86 -42.14 27.12
C GLY A 460 -26.96 -42.10 28.33
N MET A 461 -26.93 -43.19 29.09
CA MET A 461 -26.06 -43.29 30.26
C MET A 461 -24.78 -44.05 29.92
N PRO A 462 -23.64 -43.59 30.40
CA PRO A 462 -22.38 -44.31 30.14
C PRO A 462 -22.40 -45.70 30.75
N HIS A 463 -21.77 -46.63 30.04
CA HIS A 463 -21.70 -48.02 30.45
C HIS A 463 -20.39 -48.59 29.90
N ASN A 464 -19.61 -49.23 30.77
CA ASN A 464 -18.19 -49.46 30.52
C ASN A 464 -17.88 -50.16 29.19
N LYS A 465 -18.61 -51.23 28.85
CA LYS A 465 -18.18 -52.04 27.72
C LYS A 465 -18.85 -51.61 26.41
N TRP A 466 -20.15 -51.28 26.44
CA TRP A 466 -20.77 -50.76 25.22
C TRP A 466 -20.91 -49.24 25.23
N GLY A 467 -20.10 -48.51 26.00
CA GLY A 467 -20.22 -47.06 25.98
C GLY A 467 -21.58 -46.60 26.48
N GLU A 468 -22.02 -45.45 26.00
CA GLU A 468 -23.32 -44.90 26.38
C GLU A 468 -24.44 -45.75 25.79
N VAL A 469 -25.43 -46.08 26.61
CA VAL A 469 -26.49 -47.01 26.23
C VAL A 469 -27.85 -46.33 26.32
N PRO A 470 -28.90 -46.94 25.78
CA PRO A 470 -30.21 -46.28 25.80
C PRO A 470 -30.81 -46.20 27.20
N LEU A 471 -31.67 -45.20 27.39
CA LEU A 471 -32.40 -45.00 28.63
C LEU A 471 -33.62 -44.15 28.33
N ALA A 472 -34.80 -44.66 28.68
CA ALA A 472 -36.06 -44.02 28.32
C ALA A 472 -36.76 -43.49 29.57
N LEU A 473 -37.16 -42.21 29.51
CA LEU A 473 -37.93 -41.58 30.58
C LEU A 473 -39.33 -41.30 30.06
N VAL A 474 -40.33 -41.84 30.75
CA VAL A 474 -41.71 -41.80 30.26
C VAL A 474 -42.60 -41.21 31.35
N THR A 475 -43.61 -40.45 30.92
CA THR A 475 -44.64 -39.93 31.79
C THR A 475 -45.96 -40.58 31.41
N LEU A 476 -46.64 -41.18 32.38
CA LEU A 476 -47.86 -41.93 32.11
C LEU A 476 -49.06 -40.99 32.01
N LYS A 477 -50.16 -41.52 31.50
CA LYS A 477 -51.37 -40.75 31.26
C LYS A 477 -52.17 -40.61 32.55
N GLU A 478 -53.35 -39.99 32.45
CA GLU A 478 -54.24 -39.86 33.60
C GLU A 478 -54.90 -41.20 33.91
N ASP A 479 -54.87 -41.59 35.19
CA ASP A 479 -55.49 -42.81 35.66
C ASP A 479 -54.94 -44.05 34.96
N ALA A 480 -53.67 -44.02 34.59
CA ALA A 480 -52.99 -45.17 34.00
C ALA A 480 -51.73 -45.45 34.83
N GLN A 481 -51.57 -46.71 35.24
CA GLN A 481 -50.46 -47.10 36.09
C GLN A 481 -49.96 -48.47 35.66
N VAL A 482 -48.93 -48.49 34.84
CA VAL A 482 -48.25 -49.71 34.43
C VAL A 482 -46.79 -49.60 34.83
N THR A 483 -46.27 -50.65 35.47
CA THR A 483 -44.90 -50.63 35.95
C THR A 483 -43.93 -50.66 34.76
N GLU A 484 -42.66 -50.33 35.06
CA GLU A 484 -41.64 -50.31 34.02
C GLU A 484 -41.42 -51.67 33.39
N LYS A 485 -41.75 -52.76 34.10
CA LYS A 485 -41.59 -54.09 33.52
C LYS A 485 -42.48 -54.28 32.30
N GLU A 486 -43.73 -53.83 32.37
CA GLU A 486 -44.62 -53.94 31.22
C GLU A 486 -44.12 -53.10 30.05
N LEU A 487 -43.66 -51.88 30.33
CA LEU A 487 -43.16 -51.01 29.26
C LEU A 487 -41.94 -51.62 28.58
N LEU A 488 -41.06 -52.26 29.35
CA LEU A 488 -39.91 -52.94 28.77
C LEU A 488 -40.34 -54.01 27.79
N GLY A 489 -41.39 -54.76 28.12
CA GLY A 489 -41.89 -55.79 27.22
C GLY A 489 -42.70 -55.26 26.06
N PHE A 490 -43.22 -54.03 26.17
CA PHE A 490 -43.99 -53.45 25.07
C PHE A 490 -43.10 -53.19 23.85
N ALA A 491 -41.91 -52.65 24.08
CA ALA A 491 -40.99 -52.38 22.97
C ALA A 491 -40.29 -53.65 22.49
N LYS A 492 -40.13 -54.64 23.37
CA LYS A 492 -39.49 -55.89 22.97
C LYS A 492 -40.29 -56.65 21.93
N ASP A 493 -41.57 -56.32 21.75
CA ASP A 493 -42.40 -57.03 20.79
C ASP A 493 -41.95 -56.80 19.36
N PHE A 494 -41.31 -55.66 19.08
CA PHE A 494 -40.84 -55.38 17.73
C PHE A 494 -39.57 -56.17 17.43
N ILE A 495 -39.11 -56.06 16.19
CA ILE A 495 -37.95 -56.78 15.69
C ILE A 495 -37.09 -55.86 14.84
N ASN A 496 -36.06 -56.43 14.21
CA ASN A 496 -35.25 -55.75 13.20
C ASN A 496 -34.50 -54.57 13.80
N LYS A 497 -33.62 -54.88 14.74
CA LYS A 497 -32.66 -53.92 15.28
C LYS A 497 -31.30 -54.58 15.39
N GLY A 498 -30.26 -53.76 15.44
CA GLY A 498 -28.90 -54.26 15.48
C GLY A 498 -28.47 -54.69 16.86
N ILE A 499 -27.15 -54.73 17.06
CA ILE A 499 -26.47 -55.07 18.31
C ILE A 499 -27.09 -56.33 18.94
N LEU A 500 -27.36 -56.30 20.25
CA LEU A 500 -27.77 -57.49 20.99
C LEU A 500 -29.24 -57.77 20.69
N ALA A 501 -29.49 -58.76 19.84
CA ALA A 501 -30.83 -59.15 19.42
C ALA A 501 -31.58 -57.95 18.85
N ARG A 502 -32.42 -57.33 19.67
CA ARG A 502 -33.15 -56.12 19.30
C ARG A 502 -32.88 -54.98 20.27
N GLU A 503 -31.74 -55.00 20.97
CA GLU A 503 -31.44 -53.98 22.01
C GLU A 503 -32.47 -54.11 23.13
N ALA A 504 -32.45 -55.20 23.89
CA ALA A 504 -33.49 -55.41 24.92
C ALA A 504 -33.09 -55.16 26.38
N LEU A 505 -32.02 -55.80 26.85
CA LEU A 505 -31.59 -55.68 28.25
C LEU A 505 -30.99 -54.35 28.73
N LEU A 506 -30.89 -53.36 27.87
CA LEU A 506 -30.24 -52.09 28.26
C LEU A 506 -31.17 -50.87 28.32
N LEU A 507 -32.44 -51.03 28.01
CA LEU A 507 -33.46 -49.98 28.02
C LEU A 507 -33.53 -49.28 29.37
N LYS A 508 -33.76 -50.05 30.45
CA LYS A 508 -33.80 -49.51 31.81
C LYS A 508 -34.79 -48.36 31.94
N VAL A 509 -35.99 -48.55 31.39
CA VAL A 509 -36.97 -47.47 31.34
C VAL A 509 -37.32 -47.03 32.76
N LYS A 510 -37.53 -45.71 32.91
CA LYS A 510 -37.89 -45.11 34.19
C LYS A 510 -39.12 -44.24 34.01
N ILE A 511 -39.89 -44.11 35.08
CA ILE A 511 -41.12 -43.32 35.08
C ILE A 511 -40.84 -41.99 35.77
N VAL A 512 -41.19 -40.89 35.09
CA VAL A 512 -40.90 -39.55 35.57
C VAL A 512 -42.22 -38.80 35.72
N ASP A 513 -42.38 -38.11 36.86
CA ASP A 513 -43.59 -37.32 37.09
C ASP A 513 -43.67 -36.12 36.14
N GLU A 514 -42.56 -35.40 35.96
CA GLU A 514 -42.54 -34.25 35.09
C GLU A 514 -41.18 -34.16 34.41
N ILE A 515 -41.18 -33.76 33.14
CA ILE A 515 -39.99 -33.72 32.32
C ILE A 515 -39.61 -32.26 32.10
N ALA A 516 -38.32 -31.96 32.28
CA ALA A 516 -37.84 -30.59 32.10
C ALA A 516 -37.96 -30.16 30.66
N LYS A 517 -38.49 -28.95 30.44
CA LYS A 517 -38.65 -28.38 29.12
C LYS A 517 -37.95 -27.03 29.06
N THR A 518 -37.53 -26.65 27.85
CA THR A 518 -36.87 -25.37 27.66
C THR A 518 -37.90 -24.24 27.71
N SER A 519 -37.42 -23.01 27.49
CA SER A 519 -38.33 -21.85 27.53
C SER A 519 -39.38 -21.91 26.45
N VAL A 520 -38.98 -22.26 25.22
CA VAL A 520 -39.94 -22.30 24.11
C VAL A 520 -40.91 -23.47 24.27
N GLY A 521 -40.44 -24.62 24.76
CA GLY A 521 -41.29 -25.77 24.93
C GLY A 521 -40.68 -27.05 24.38
N LYS A 522 -39.42 -26.97 24.01
CA LYS A 522 -38.67 -28.11 23.49
C LYS A 522 -38.04 -28.87 24.64
N VAL A 523 -38.12 -30.21 24.57
CA VAL A 523 -37.64 -31.04 25.67
C VAL A 523 -36.14 -30.81 25.86
N ASP A 524 -35.73 -30.64 27.12
CA ASP A 524 -34.36 -30.26 27.44
C ASP A 524 -33.59 -31.52 27.79
N LYS A 525 -32.95 -32.12 26.79
CA LYS A 525 -32.22 -33.36 27.00
C LYS A 525 -30.86 -33.17 27.65
N LYS A 526 -30.41 -31.92 27.83
CA LYS A 526 -29.14 -31.68 28.50
C LYS A 526 -29.29 -31.72 30.01
N GLU A 527 -30.26 -30.97 30.56
CA GLU A 527 -30.50 -31.02 32.00
C GLU A 527 -31.13 -32.34 32.42
N LEU A 528 -31.82 -33.02 31.50
CA LEU A 528 -32.30 -34.38 31.79
C LEU A 528 -31.13 -35.30 32.08
N ARG A 529 -30.03 -35.15 31.33
CA ARG A 529 -28.81 -35.90 31.62
C ARG A 529 -28.24 -35.48 32.97
N LYS A 530 -28.29 -34.19 33.29
CA LYS A 530 -27.72 -33.70 34.53
C LYS A 530 -28.41 -34.30 35.76
N LEU A 531 -29.75 -34.34 35.73
CA LEU A 531 -30.48 -34.82 36.90
C LEU A 531 -30.62 -36.34 36.94
N HIS A 532 -30.26 -37.03 35.88
CA HIS A 532 -30.40 -38.49 35.87
C HIS A 532 -29.05 -39.19 35.98
N LEU A 533 -28.05 -38.66 35.30
CA LEU A 533 -26.67 -38.84 35.72
C LEU A 533 -26.40 -37.96 36.94
N ASN B 6 12.43 -8.89 14.38
CA ASN B 6 12.69 -8.01 15.51
C ASN B 6 14.07 -7.37 15.41
N ASP B 7 14.13 -6.09 15.74
CA ASP B 7 15.40 -5.37 15.76
C ASP B 7 15.98 -5.43 17.16
N PRO B 8 17.16 -6.02 17.35
CA PRO B 8 17.73 -6.09 18.71
C PRO B 8 18.00 -4.73 19.32
N SER B 9 18.27 -3.71 18.50
CA SER B 9 18.44 -2.36 19.02
C SER B 9 17.13 -1.72 19.42
N ASN B 10 16.00 -2.31 19.06
CA ASN B 10 14.68 -1.80 19.43
C ASN B 10 14.19 -2.57 20.65
N TYR B 11 14.16 -1.90 21.79
CA TYR B 11 13.81 -2.54 23.06
C TYR B 11 12.29 -2.59 23.23
N GLN B 12 11.78 -3.75 23.60
CA GLN B 12 10.38 -3.94 23.95
C GLN B 12 10.27 -4.12 25.45
N LEU B 13 9.29 -3.46 26.05
CA LEU B 13 9.07 -3.54 27.50
C LEU B 13 8.19 -4.75 27.78
N LEU B 14 8.82 -5.85 28.19
CA LEU B 14 8.11 -7.10 28.42
C LEU B 14 8.18 -7.49 29.89
N ILE B 15 7.26 -8.38 30.29
CA ILE B 15 7.19 -8.81 31.68
C ILE B 15 8.39 -9.68 32.04
N LYS B 16 8.95 -10.43 31.07
CA LYS B 16 10.11 -11.25 31.36
C LYS B 16 11.31 -10.43 31.80
N ASN B 17 11.36 -9.15 31.43
CA ASN B 17 12.46 -8.29 31.87
C ASN B 17 12.32 -7.89 33.34
N LEU B 18 11.11 -7.95 33.90
CA LEU B 18 10.98 -7.70 35.34
C LEU B 18 11.55 -8.87 36.14
N LEU B 19 11.45 -10.08 35.61
CA LEU B 19 11.90 -11.27 36.31
C LEU B 19 13.39 -11.54 36.10
N PHE B 20 13.88 -11.36 34.88
CA PHE B 20 15.26 -11.69 34.57
C PHE B 20 16.19 -10.49 34.56
N SER B 21 15.66 -9.27 34.56
CA SER B 21 16.45 -8.06 34.70
C SER B 21 15.84 -7.21 35.83
N PRO B 22 15.89 -7.71 37.07
CA PRO B 22 15.24 -6.99 38.16
C PRO B 22 16.17 -5.96 38.80
N VAL B 23 15.65 -5.20 39.76
CA VAL B 23 16.49 -4.27 40.49
C VAL B 23 17.53 -5.03 41.32
N ALA B 24 17.10 -6.07 42.01
CA ALA B 24 17.99 -6.93 42.78
C ALA B 24 17.52 -8.36 42.68
N PHE B 25 18.47 -9.29 42.73
CA PHE B 25 18.15 -10.72 42.65
C PHE B 25 19.10 -11.47 43.57
N ASN B 26 18.56 -12.06 44.63
CA ASN B 26 19.30 -12.97 45.50
C ASN B 26 18.77 -14.38 45.30
N PRO B 27 19.58 -15.32 44.83
CA PRO B 27 19.06 -16.68 44.60
C PRO B 27 18.63 -17.40 45.87
N GLU B 28 19.07 -16.95 47.04
CA GLU B 28 18.71 -17.60 48.29
C GLU B 28 17.62 -16.85 49.05
N GLN B 29 17.02 -15.82 48.44
CA GLN B 29 15.83 -15.20 49.02
C GLN B 29 14.65 -16.15 48.89
N GLU B 30 13.71 -16.05 49.83
CA GLU B 30 12.69 -17.06 50.03
C GLU B 30 11.33 -16.61 49.50
N ILE B 31 10.58 -17.59 49.00
CA ILE B 31 9.15 -17.48 48.75
C ILE B 31 8.46 -18.45 49.69
N VAL B 32 7.52 -17.95 50.48
CA VAL B 32 6.85 -18.72 51.52
C VAL B 32 5.36 -18.77 51.22
N TYR B 33 4.83 -19.99 51.09
CA TYR B 33 3.40 -20.23 51.10
C TYR B 33 3.04 -20.72 52.50
N ALA B 34 2.16 -19.97 53.17
CA ALA B 34 1.99 -20.01 54.61
C ALA B 34 1.84 -21.42 55.15
N ASN B 35 2.82 -21.85 55.94
CA ASN B 35 2.82 -23.12 56.66
C ASN B 35 2.68 -24.33 55.73
N HIS B 36 2.78 -24.12 54.42
CA HIS B 36 2.69 -25.19 53.44
C HIS B 36 4.02 -25.45 52.76
N ARG B 37 4.67 -24.41 52.24
CA ARG B 37 5.81 -24.61 51.37
C ARG B 37 6.75 -23.42 51.49
N ARG B 38 8.04 -23.68 51.27
CA ARG B 38 9.04 -22.63 51.15
C ARG B 38 10.02 -23.04 50.08
N HIS B 39 10.37 -22.11 49.19
CA HIS B 39 11.48 -22.35 48.28
C HIS B 39 12.23 -21.04 48.09
N SER B 40 13.20 -21.03 47.18
CA SER B 40 14.02 -19.85 46.97
C SER B 40 13.70 -19.23 45.62
N TYR B 41 14.37 -18.12 45.31
CA TYR B 41 14.15 -17.46 44.04
C TYR B 41 14.68 -18.28 42.88
N LYS B 42 15.75 -19.04 43.10
CA LYS B 42 16.25 -19.94 42.05
C LYS B 42 15.23 -21.02 41.73
N THR B 43 14.66 -21.63 42.77
CA THR B 43 13.59 -22.60 42.56
C THR B 43 12.37 -21.94 41.91
N PHE B 44 12.07 -20.71 42.28
CA PHE B 44 10.94 -20.00 41.67
C PHE B 44 11.15 -19.78 40.18
N HIS B 45 12.35 -19.39 39.77
CA HIS B 45 12.65 -19.25 38.35
C HIS B 45 12.54 -20.60 37.64
N ASP B 46 13.08 -21.66 38.26
CA ASP B 46 12.98 -22.98 37.67
C ASP B 46 11.53 -23.39 37.48
N ARG B 47 10.69 -23.11 38.46
CA ARG B 47 9.28 -23.47 38.38
C ARG B 47 8.55 -22.65 37.34
N VAL B 48 8.93 -21.39 37.15
CA VAL B 48 8.34 -20.60 36.08
C VAL B 48 8.66 -21.21 34.71
N ARG B 49 9.92 -21.63 34.52
CA ARG B 49 10.28 -22.27 33.26
C ARG B 49 9.55 -23.61 33.08
N GLN B 50 9.44 -24.38 34.17
CA GLN B 50 8.71 -25.64 34.12
C GLN B 50 7.25 -25.42 33.75
N PHE B 51 6.62 -24.39 34.30
CA PHE B 51 5.23 -24.09 33.99
C PHE B 51 5.08 -23.64 32.55
N ALA B 52 6.05 -22.89 32.03
CA ALA B 52 6.02 -22.54 30.62
C ALA B 52 6.08 -23.79 29.74
N ASN B 53 6.94 -24.73 30.11
CA ASN B 53 7.01 -25.99 29.36
C ASN B 53 5.69 -26.76 29.43
N ALA B 54 5.09 -26.84 30.62
CA ALA B 54 3.85 -27.58 30.79
C ALA B 54 2.73 -26.93 29.98
N LEU B 55 2.66 -25.60 29.97
CA LEU B 55 1.64 -24.91 29.18
C LEU B 55 1.86 -25.15 27.69
N THR B 56 3.11 -25.14 27.24
CA THR B 56 3.39 -25.38 25.83
C THR B 56 2.95 -26.79 25.42
N LYS B 57 3.19 -27.77 26.30
CA LYS B 57 2.76 -29.13 26.00
C LYS B 57 1.24 -29.22 25.86
N MET B 58 0.50 -28.50 26.70
CA MET B 58 -0.96 -28.54 26.66
C MET B 58 -1.55 -27.90 25.41
N GLY B 59 -0.74 -27.22 24.60
CA GLY B 59 -1.25 -26.58 23.41
C GLY B 59 -1.67 -25.15 23.56
N VAL B 60 -1.14 -24.44 24.56
CA VAL B 60 -1.44 -23.03 24.76
C VAL B 60 -0.55 -22.23 23.83
N LYS B 61 -1.15 -21.56 22.85
CA LYS B 61 -0.41 -20.77 21.87
C LYS B 61 -0.33 -19.31 22.33
N LYS B 62 0.07 -18.43 21.41
CA LYS B 62 0.27 -17.03 21.76
C LYS B 62 -1.05 -16.34 22.09
N GLY B 63 -2.10 -16.58 21.31
CA GLY B 63 -3.32 -15.85 21.54
C GLY B 63 -4.24 -16.41 22.61
N ASP B 64 -3.89 -17.53 23.24
CA ASP B 64 -4.83 -18.23 24.09
C ASP B 64 -5.05 -17.50 25.42
N THR B 65 -6.10 -17.90 26.11
CA THR B 65 -6.48 -17.36 27.40
C THR B 65 -6.51 -18.47 28.43
N VAL B 66 -5.86 -18.24 29.57
CA VAL B 66 -5.84 -19.19 30.68
C VAL B 66 -6.48 -18.51 31.89
N ALA B 67 -7.47 -19.16 32.47
CA ALA B 67 -8.23 -18.60 33.57
C ALA B 67 -7.80 -19.24 34.88
N VAL B 68 -7.57 -18.41 35.90
CA VAL B 68 -7.07 -18.87 37.18
C VAL B 68 -8.10 -18.58 38.26
N MET B 69 -8.29 -19.55 39.16
CA MET B 69 -9.31 -19.47 40.23
C MET B 69 -8.76 -20.13 41.48
N ASP B 70 -8.11 -19.35 42.35
CA ASP B 70 -7.65 -19.86 43.65
C ASP B 70 -7.36 -18.68 44.57
N TYR B 71 -6.69 -18.97 45.68
CA TYR B 71 -6.35 -17.99 46.69
C TYR B 71 -4.98 -17.37 46.39
N ASP B 72 -4.43 -16.64 47.36
CA ASP B 72 -3.09 -16.08 47.23
C ASP B 72 -2.07 -17.16 47.59
N SER B 73 -1.22 -17.50 46.63
CA SER B 73 -0.25 -18.58 46.84
C SER B 73 0.92 -18.37 45.88
N HIS B 74 1.90 -19.26 45.99
CA HIS B 74 3.01 -19.27 45.04
C HIS B 74 2.53 -19.62 43.63
N ARG B 75 1.47 -20.43 43.52
CA ARG B 75 0.95 -20.79 42.22
C ARG B 75 0.42 -19.58 41.47
N TYR B 76 -0.31 -18.70 42.18
CA TYR B 76 -0.79 -17.47 41.55
C TYR B 76 0.37 -16.57 41.14
N LEU B 77 1.41 -16.49 41.96
CA LEU B 77 2.60 -15.71 41.60
C LEU B 77 3.29 -16.29 40.38
N GLU B 78 3.32 -17.61 40.24
CA GLU B 78 3.91 -18.22 39.05
C GLU B 78 3.03 -18.00 37.82
N CYS B 79 1.71 -17.95 37.99
CA CYS B 79 0.82 -17.66 36.88
C CYS B 79 0.93 -16.21 36.45
N TYR B 80 1.22 -15.31 37.38
CA TYR B 80 1.40 -13.90 37.06
C TYR B 80 2.56 -13.68 36.09
N PHE B 81 3.45 -14.65 35.97
CA PHE B 81 4.62 -14.55 35.11
C PHE B 81 4.59 -15.51 33.94
N ALA B 82 4.41 -16.81 34.20
CA ALA B 82 4.58 -17.80 33.13
C ALA B 82 3.59 -17.58 32.00
N ILE B 83 2.32 -17.31 32.32
CA ILE B 83 1.31 -17.15 31.27
C ILE B 83 1.58 -15.96 30.37
N PRO B 84 1.81 -14.73 30.89
CA PRO B 84 2.13 -13.62 29.98
C PRO B 84 3.40 -13.80 29.16
N MET B 85 4.45 -14.40 29.73
CA MET B 85 5.70 -14.55 28.99
C MET B 85 5.53 -15.45 27.78
N ILE B 86 4.74 -16.51 27.92
CA ILE B 86 4.45 -17.39 26.79
C ILE B 86 3.77 -16.62 25.67
N GLY B 87 3.13 -15.51 26.01
CA GLY B 87 2.33 -14.75 25.07
C GLY B 87 0.85 -14.86 25.29
N ALA B 88 0.41 -15.81 26.12
CA ALA B 88 -1.00 -16.01 26.37
C ALA B 88 -1.58 -14.89 27.23
N LYS B 89 -2.88 -14.95 27.42
CA LYS B 89 -3.60 -14.00 28.26
C LYS B 89 -3.93 -14.64 29.60
N LEU B 90 -3.81 -13.87 30.66
CA LEU B 90 -4.12 -14.32 32.01
C LEU B 90 -5.44 -13.72 32.43
N HIS B 91 -6.43 -14.57 32.70
CA HIS B 91 -7.76 -14.13 33.10
C HIS B 91 -7.96 -14.49 34.57
N MET B 92 -7.96 -13.47 35.42
CA MET B 92 -8.21 -13.66 36.85
C MET B 92 -9.71 -13.63 37.10
N ILE B 93 -10.21 -14.66 37.78
CA ILE B 93 -11.64 -14.85 37.99
C ILE B 93 -11.98 -14.40 39.40
N ASN B 94 -12.91 -13.45 39.49
CA ASN B 94 -13.39 -12.97 40.79
C ASN B 94 -14.25 -14.07 41.41
N VAL B 95 -13.66 -14.82 42.34
CA VAL B 95 -14.34 -15.95 42.94
C VAL B 95 -15.48 -15.54 43.87
N ARG B 96 -15.69 -14.26 44.07
CA ARG B 96 -16.73 -13.75 44.95
C ARG B 96 -18.00 -13.33 44.21
N LEU B 97 -17.97 -13.35 42.88
CA LEU B 97 -19.18 -13.09 42.11
C LEU B 97 -20.13 -14.28 42.18
N SER B 98 -21.37 -14.06 41.77
CA SER B 98 -22.32 -15.15 41.67
C SER B 98 -21.92 -16.07 40.53
N PRO B 99 -22.26 -17.37 40.63
CA PRO B 99 -21.86 -18.31 39.56
C PRO B 99 -22.40 -17.94 38.19
N GLU B 100 -23.54 -17.25 38.11
CA GLU B 100 -24.03 -16.77 36.82
C GLU B 100 -23.06 -15.76 36.21
N GLN B 101 -22.58 -14.82 37.02
CA GLN B 101 -21.63 -13.82 36.50
C GLN B 101 -20.29 -14.46 36.17
N ILE B 102 -19.86 -15.45 36.97
CA ILE B 102 -18.62 -16.16 36.67
C ILE B 102 -18.75 -16.89 35.34
N LEU B 103 -19.89 -17.54 35.12
CA LEU B 103 -20.13 -18.21 33.84
C LEU B 103 -20.12 -17.21 32.70
N TYR B 104 -20.73 -16.03 32.90
CA TYR B 104 -20.74 -15.02 31.86
C TYR B 104 -19.33 -14.58 31.50
N THR B 105 -18.49 -14.36 32.51
CA THR B 105 -17.13 -13.89 32.23
C THR B 105 -16.30 -14.99 31.57
N ILE B 106 -16.51 -16.25 31.97
CA ILE B 106 -15.81 -17.35 31.34
C ILE B 106 -16.20 -17.47 29.87
N ASP B 107 -17.49 -17.34 29.57
CA ASP B 107 -17.94 -17.40 28.19
C ASP B 107 -17.42 -16.20 27.39
N HIS B 108 -17.48 -15.00 27.98
CA HIS B 108 -17.06 -13.79 27.28
C HIS B 108 -15.56 -13.81 26.97
N ALA B 109 -14.74 -14.24 27.92
CA ALA B 109 -13.30 -14.28 27.71
C ALA B 109 -12.86 -15.41 26.78
N GLU B 110 -13.62 -16.49 26.70
CA GLU B 110 -13.30 -17.66 25.88
C GLU B 110 -11.97 -18.28 26.32
N ASP B 111 -11.96 -18.78 27.55
CA ASP B 111 -10.79 -19.45 28.09
C ASP B 111 -10.60 -20.82 27.48
N ASP B 112 -9.37 -21.31 27.47
CA ASP B 112 -9.07 -22.63 26.95
C ASP B 112 -8.73 -23.56 28.09
N ILE B 113 -7.87 -23.12 29.01
CA ILE B 113 -7.56 -23.91 30.19
C ILE B 113 -8.14 -23.19 31.41
N ILE B 114 -8.44 -23.95 32.45
CA ILE B 114 -8.92 -23.40 33.70
C ILE B 114 -8.16 -24.07 34.83
N LEU B 115 -7.49 -23.26 35.66
CA LEU B 115 -6.84 -23.73 36.87
C LEU B 115 -7.73 -23.32 38.05
N ILE B 116 -8.40 -24.30 38.66
CA ILE B 116 -9.38 -24.02 39.69
C ILE B 116 -8.98 -24.75 40.96
N HIS B 117 -9.02 -24.04 42.09
CA HIS B 117 -8.73 -24.66 43.36
C HIS B 117 -9.81 -25.68 43.71
N GLU B 118 -9.43 -26.64 44.55
CA GLU B 118 -10.36 -27.69 44.96
C GLU B 118 -11.56 -27.11 45.68
N GLU B 119 -11.34 -26.13 46.55
CA GLU B 119 -12.42 -25.56 47.35
C GLU B 119 -13.47 -24.84 46.51
N PHE B 120 -13.10 -24.39 45.32
CA PHE B 120 -14.03 -23.74 44.41
C PHE B 120 -14.69 -24.72 43.45
N LEU B 121 -14.47 -26.01 43.64
CA LEU B 121 -15.13 -26.99 42.77
C LEU B 121 -16.65 -26.96 42.86
N PRO B 122 -17.28 -26.84 44.03
CA PRO B 122 -18.76 -26.76 44.05
C PRO B 122 -19.32 -25.66 43.18
N ILE B 123 -18.68 -24.49 43.15
CA ILE B 123 -19.14 -23.42 42.26
C ILE B 123 -19.16 -23.92 40.82
N LEU B 124 -18.07 -24.52 40.38
CA LEU B 124 -17.98 -25.08 39.04
C LEU B 124 -19.05 -26.13 38.79
N ASP B 125 -19.56 -26.78 39.84
CA ASP B 125 -20.56 -27.82 39.62
C ASP B 125 -21.90 -27.23 39.17
N GLN B 126 -22.12 -25.94 39.38
CA GLN B 126 -23.35 -25.32 38.90
C GLN B 126 -23.22 -24.71 37.52
N ILE B 127 -22.01 -24.70 36.97
CA ILE B 127 -21.68 -23.87 35.82
C ILE B 127 -21.13 -24.73 34.69
N LYS B 128 -20.57 -25.90 35.05
CA LYS B 128 -19.78 -26.67 34.11
C LYS B 128 -20.56 -27.12 32.90
N GLY B 129 -21.87 -27.36 33.05
CA GLY B 129 -22.68 -27.81 31.92
C GLY B 129 -22.94 -26.77 30.87
N ARG B 130 -22.56 -25.51 31.12
CA ARG B 130 -22.80 -24.41 30.19
C ARG B 130 -21.50 -23.79 29.70
N ILE B 131 -20.40 -24.53 29.75
CA ILE B 131 -19.10 -24.06 29.30
C ILE B 131 -18.71 -24.87 28.07
N ASP B 132 -18.30 -24.17 27.01
CA ASP B 132 -17.94 -24.79 25.74
C ASP B 132 -16.47 -24.67 25.40
N THR B 133 -15.85 -23.54 25.73
CA THR B 133 -14.50 -23.25 25.25
C THR B 133 -13.42 -24.01 26.02
N VAL B 134 -13.66 -24.33 27.29
CA VAL B 134 -12.60 -24.89 28.12
C VAL B 134 -12.40 -26.35 27.78
N THR B 135 -11.14 -26.73 27.55
CA THR B 135 -10.79 -28.10 27.22
C THR B 135 -10.05 -28.83 28.34
N ARG B 136 -9.45 -28.11 29.29
CA ARG B 136 -8.76 -28.75 30.41
C ARG B 136 -9.12 -28.03 31.70
N TYR B 137 -9.34 -28.83 32.76
CA TYR B 137 -9.49 -28.32 34.11
C TYR B 137 -8.35 -28.87 34.95
N VAL B 138 -7.60 -27.97 35.57
CA VAL B 138 -6.45 -28.34 36.40
C VAL B 138 -6.82 -28.03 37.85
N VAL B 139 -6.94 -29.05 38.67
CA VAL B 139 -7.43 -28.91 40.03
C VAL B 139 -6.25 -28.66 40.96
N LEU B 140 -6.28 -27.50 41.63
CA LEU B 140 -5.21 -27.11 42.54
C LEU B 140 -5.55 -27.57 43.95
N ARG B 141 -4.58 -28.20 44.60
CA ARG B 141 -4.70 -28.64 45.98
C ARG B 141 -3.48 -28.18 46.74
N ASP B 142 -3.52 -28.35 48.06
CA ASP B 142 -2.47 -27.83 48.92
C ASP B 142 -1.50 -28.88 49.45
N ASP B 143 -1.89 -30.16 49.50
CA ASP B 143 -1.06 -31.12 50.25
C ASP B 143 -0.09 -31.90 49.37
N GLU B 144 -0.60 -32.84 48.58
CA GLU B 144 0.28 -33.67 47.74
C GLU B 144 -0.30 -34.02 46.38
N GLU B 145 -1.61 -33.88 46.16
CA GLU B 145 -2.25 -34.38 44.95
C GLU B 145 -2.57 -33.27 43.96
N CYS B 146 -1.91 -32.12 44.10
CA CYS B 146 -2.13 -31.04 43.16
C CYS B 146 -1.75 -31.48 41.76
N GLU B 147 -2.64 -31.20 40.80
CA GLU B 147 -2.33 -31.51 39.41
C GLU B 147 -1.34 -30.52 38.83
N TYR B 148 -1.33 -29.30 39.36
CA TYR B 148 -0.32 -28.32 38.96
C TYR B 148 1.08 -28.79 39.31
N GLU B 149 1.25 -29.33 40.52
CA GLU B 149 2.56 -29.85 40.91
C GLU B 149 2.96 -31.04 40.06
N ARG B 150 2.00 -31.93 39.76
CA ARG B 150 2.31 -33.08 38.93
C ARG B 150 2.67 -32.66 37.51
N LEU B 151 1.99 -31.66 36.97
CA LEU B 151 2.33 -31.15 35.65
C LEU B 151 3.71 -30.52 35.65
N LEU B 152 4.06 -29.79 36.71
CA LEU B 152 5.40 -29.21 36.81
C LEU B 152 6.47 -30.30 36.88
N GLU B 153 6.21 -31.35 37.65
CA GLU B 153 7.27 -32.31 37.99
C GLU B 153 7.82 -33.01 36.77
N GLN B 154 7.05 -33.13 35.69
CA GLN B 154 7.45 -33.88 34.51
C GLN B 154 7.94 -32.98 33.38
N GLU B 155 8.38 -31.76 33.70
CA GLU B 155 8.84 -30.83 32.69
C GLU B 155 10.23 -30.31 33.06
N SER B 156 10.99 -29.92 32.05
CA SER B 156 12.35 -29.45 32.25
C SER B 156 12.37 -27.98 32.68
N THR B 157 13.43 -27.61 33.39
CA THR B 157 13.60 -26.26 33.90
C THR B 157 14.32 -25.36 32.92
N GLU B 158 14.27 -25.67 31.63
CA GLU B 158 14.88 -24.85 30.58
C GLU B 158 13.80 -24.41 29.60
N TYR B 159 13.78 -23.11 29.30
CA TYR B 159 12.83 -22.58 28.35
C TYR B 159 13.35 -21.25 27.82
N ASN B 160 13.24 -21.06 26.51
CA ASN B 160 13.64 -19.81 25.86
C ASN B 160 12.38 -19.01 25.60
N PHE B 161 12.19 -17.95 26.39
CA PHE B 161 10.96 -17.18 26.30
C PHE B 161 10.96 -16.30 25.05
N PRO B 162 9.87 -16.28 24.32
CA PRO B 162 9.84 -15.55 23.05
C PRO B 162 9.89 -14.04 23.25
N ASP B 163 10.30 -13.35 22.20
CA ASP B 163 10.30 -11.90 22.14
C ASP B 163 9.20 -11.46 21.19
N PHE B 164 8.22 -10.74 21.71
CA PHE B 164 7.14 -10.23 20.86
C PHE B 164 6.94 -8.74 21.08
N ASP B 165 5.90 -8.19 20.49
CA ASP B 165 5.59 -6.78 20.64
C ASP B 165 5.18 -6.47 22.08
N GLU B 166 5.59 -5.32 22.58
CA GLU B 166 5.26 -4.92 23.94
C GLU B 166 3.80 -4.55 24.10
N ASN B 167 3.04 -4.46 22.99
CA ASN B 167 1.64 -4.08 23.03
C ASN B 167 0.71 -5.28 23.02
N THR B 168 1.24 -6.49 23.18
CA THR B 168 0.39 -7.67 23.28
C THR B 168 -0.27 -7.71 24.66
N VAL B 169 -1.57 -8.06 24.66
CA VAL B 169 -2.33 -8.07 25.90
C VAL B 169 -1.82 -9.17 26.83
N ALA B 170 -1.81 -8.88 28.13
CA ALA B 170 -1.26 -9.75 29.15
C ALA B 170 -2.30 -10.23 30.15
N THR B 171 -3.23 -9.37 30.57
CA THR B 171 -4.16 -9.71 31.65
C THR B 171 -5.53 -9.11 31.39
N THR B 172 -6.56 -9.79 31.89
CA THR B 172 -7.95 -9.32 31.87
C THR B 172 -8.62 -9.79 33.16
N PHE B 173 -9.51 -8.97 33.74
CA PHE B 173 -10.18 -9.46 34.95
C PHE B 173 -11.64 -9.06 35.17
N TYR B 174 -12.32 -8.35 34.26
CA TYR B 174 -13.78 -8.22 34.34
C TYR B 174 -14.33 -7.57 35.60
N THR B 175 -14.13 -6.25 35.77
CA THR B 175 -14.78 -5.52 36.85
C THR B 175 -16.29 -5.52 36.69
N THR B 176 -17.00 -5.47 37.82
CA THR B 176 -18.46 -5.39 37.84
C THR B 176 -18.87 -4.07 38.50
N GLY B 177 -19.57 -3.22 37.74
CA GLY B 177 -19.98 -1.93 38.24
C GLY B 177 -21.47 -1.73 38.35
N THR B 178 -22.04 -1.01 37.39
CA THR B 178 -23.47 -0.73 37.34
C THR B 178 -24.12 -1.11 36.02
N THR B 179 -23.34 -1.62 35.06
CA THR B 179 -23.83 -1.82 33.70
C THR B 179 -24.94 -2.87 33.62
N GLY B 180 -24.89 -3.90 34.45
CA GLY B 180 -25.85 -4.99 34.34
C GLY B 180 -25.15 -6.29 34.00
N PHE B 181 -24.08 -6.20 33.22
CA PHE B 181 -23.16 -7.29 32.98
C PHE B 181 -21.75 -6.81 33.29
N PRO B 182 -20.87 -7.70 33.76
CA PRO B 182 -19.50 -7.28 34.05
C PRO B 182 -18.77 -6.82 32.80
N LYS B 183 -17.87 -5.86 32.99
CA LYS B 183 -17.12 -5.25 31.90
C LYS B 183 -15.67 -5.70 31.99
N GLY B 184 -15.11 -6.14 30.86
CA GLY B 184 -13.76 -6.65 30.84
C GLY B 184 -12.71 -5.60 30.52
N VAL B 185 -11.75 -5.43 31.42
CA VAL B 185 -10.65 -4.51 31.22
C VAL B 185 -9.37 -5.31 31.04
N PHE B 186 -8.45 -4.76 30.24
CA PHE B 186 -7.25 -5.49 29.87
C PHE B 186 -6.06 -4.55 29.80
N PHE B 187 -4.87 -5.12 29.98
CA PHE B 187 -3.63 -4.36 29.99
C PHE B 187 -2.60 -5.11 29.16
N THR B 188 -1.54 -4.42 28.78
CA THR B 188 -0.48 -5.01 27.97
C THR B 188 0.81 -5.12 28.79
N HIS B 189 1.81 -5.75 28.18
CA HIS B 189 3.11 -5.88 28.84
C HIS B 189 3.73 -4.52 29.14
N ARG B 190 3.67 -3.62 28.17
CA ARG B 190 4.23 -2.29 28.35
C ARG B 190 3.58 -1.57 29.50
N GLN B 191 2.26 -1.66 29.62
CA GLN B 191 1.54 -0.96 30.67
C GLN B 191 1.91 -1.48 32.05
N LEU B 192 2.01 -2.80 32.21
CA LEU B 192 2.36 -3.35 33.51
C LEU B 192 3.80 -3.01 33.89
N VAL B 193 4.72 -3.08 32.93
CA VAL B 193 6.11 -2.70 33.19
C VAL B 193 6.19 -1.23 33.60
N LEU B 194 5.48 -0.36 32.89
CA LEU B 194 5.49 1.05 33.23
C LEU B 194 4.85 1.30 34.58
N HIS B 195 3.80 0.54 34.92
CA HIS B 195 3.16 0.71 36.22
C HIS B 195 4.10 0.38 37.35
N THR B 196 4.89 -0.68 37.21
CA THR B 196 5.82 -1.15 38.23
C THR B 196 6.93 -0.25 38.49
N MET B 197 7.39 0.41 37.47
CA MET B 197 8.48 1.31 37.56
C MET B 197 8.05 2.67 37.91
N GLY B 198 6.89 3.15 37.45
CA GLY B 198 6.38 4.41 37.94
C GLY B 198 6.06 4.40 39.42
N ILE B 199 5.40 3.35 39.91
CA ILE B 199 5.10 3.34 41.33
C ILE B 199 6.38 3.14 42.17
N LEU B 200 7.29 2.25 41.75
CA LEU B 200 8.53 2.11 42.49
C LEU B 200 9.29 3.41 42.57
N SER B 201 9.34 4.16 41.47
CA SER B 201 10.02 5.44 41.49
C SER B 201 9.29 6.48 42.33
N THR B 202 7.95 6.47 42.35
CA THR B 202 7.25 7.51 43.11
C THR B 202 7.24 7.27 44.62
N ILE B 203 7.15 6.02 45.09
CA ILE B 203 7.01 5.80 46.51
C ILE B 203 8.22 5.08 47.12
N GLY B 204 9.07 4.47 46.30
CA GLY B 204 10.36 4.01 46.82
C GLY B 204 11.33 5.13 47.12
N THR B 205 11.14 6.30 46.51
CA THR B 205 12.00 7.45 46.70
C THR B 205 11.53 8.37 47.81
N ASN B 206 10.54 7.95 48.58
CA ASN B 206 10.07 8.76 49.71
C ASN B 206 11.19 8.98 50.70
N ALA B 207 11.15 10.12 51.39
CA ALA B 207 12.23 10.47 52.30
C ALA B 207 12.37 9.43 53.41
N SER B 208 11.36 9.31 54.28
CA SER B 208 11.46 8.36 55.37
C SER B 208 10.21 7.54 55.67
N GLN B 209 9.00 8.01 55.36
CA GLN B 209 7.82 7.41 55.97
C GLN B 209 7.29 6.18 55.26
N GLY B 210 6.65 6.37 54.10
CA GLY B 210 5.92 5.29 53.47
C GLY B 210 6.64 4.59 52.34
N ARG B 211 7.84 4.08 52.55
CA ARG B 211 8.67 3.64 51.44
C ARG B 211 8.82 2.13 51.42
N LEU B 212 8.72 1.55 50.24
CA LEU B 212 9.02 0.14 50.01
C LEU B 212 10.44 0.04 49.48
N HIS B 213 11.29 -0.67 50.20
CA HIS B 213 12.67 -0.79 49.83
C HIS B 213 13.08 -2.22 49.70
N GLN B 214 14.36 -2.47 49.48
CA GLN B 214 14.85 -3.79 49.30
C GLN B 214 15.11 -4.59 50.56
N GLY B 215 14.71 -4.09 51.71
CA GLY B 215 14.87 -4.85 52.91
C GLY B 215 13.54 -5.17 53.54
N ASP B 216 12.46 -4.98 52.80
CA ASP B 216 11.12 -5.25 53.29
C ASP B 216 10.75 -6.72 53.11
N ILE B 217 9.72 -7.14 53.83
CA ILE B 217 9.13 -8.46 53.67
C ILE B 217 7.66 -8.25 53.33
N TYR B 218 7.25 -8.74 52.17
CA TYR B 218 5.95 -8.43 51.60
C TYR B 218 4.96 -9.55 51.90
N MET B 219 3.71 -9.17 52.12
CA MET B 219 2.64 -10.16 52.26
C MET B 219 1.31 -9.54 51.87
N PRO B 220 0.69 -9.99 50.79
CA PRO B 220 -0.57 -9.38 50.35
C PRO B 220 -1.72 -9.76 51.25
N ILE B 221 -2.61 -8.80 51.49
CA ILE B 221 -3.92 -9.06 52.08
C ILE B 221 -5.04 -8.57 51.18
N THR B 222 -4.79 -8.51 49.88
CA THR B 222 -5.75 -8.19 48.84
C THR B 222 -5.96 -9.42 47.95
N PRO B 223 -7.21 -9.68 47.53
CA PRO B 223 -7.54 -10.97 46.90
C PRO B 223 -6.66 -11.41 45.75
N MET B 224 -5.88 -10.52 45.12
CA MET B 224 -4.86 -10.89 44.15
C MET B 224 -5.47 -11.34 42.82
N PHE B 225 -6.79 -11.47 42.77
CA PHE B 225 -7.48 -11.57 41.49
C PHE B 225 -8.16 -10.26 41.12
N HIS B 226 -8.22 -9.30 42.04
CA HIS B 226 -8.90 -8.04 41.78
C HIS B 226 -8.22 -7.20 40.70
N VAL B 227 -7.05 -6.63 41.01
CA VAL B 227 -6.42 -5.63 40.16
C VAL B 227 -4.94 -5.90 39.98
N HIS B 228 -4.55 -7.18 39.92
CA HIS B 228 -3.15 -7.63 40.05
C HIS B 228 -2.62 -7.43 41.46
N ALA B 229 -3.50 -7.48 42.46
CA ALA B 229 -3.13 -7.17 43.83
C ALA B 229 -2.43 -5.82 43.92
N TRP B 230 -2.99 -4.84 43.20
CA TRP B 230 -2.49 -3.47 43.15
C TRP B 230 -1.12 -3.38 42.50
N GLY B 231 -0.75 -4.39 41.72
CA GLY B 231 0.55 -4.43 41.07
C GLY B 231 1.71 -4.75 41.98
N LEU B 232 1.43 -5.13 43.21
CA LEU B 232 2.42 -5.26 44.27
C LEU B 232 3.28 -6.51 44.15
N PRO B 233 2.74 -7.68 43.74
CA PRO B 233 3.62 -8.82 43.50
C PRO B 233 4.71 -8.55 42.47
N TYR B 234 4.38 -7.82 41.40
CA TYR B 234 5.40 -7.47 40.41
C TYR B 234 6.47 -6.59 41.02
N MET B 235 6.08 -5.59 41.79
CA MET B 235 7.05 -4.68 42.41
C MET B 235 7.90 -5.42 43.42
N ALA B 236 7.31 -6.34 44.17
CA ALA B 236 8.04 -7.06 45.20
C ALA B 236 9.02 -8.05 44.59
N THR B 237 8.64 -8.70 43.50
CA THR B 237 9.56 -9.63 42.87
C THR B 237 10.66 -8.91 42.09
N MET B 238 10.42 -7.68 41.66
CA MET B 238 11.42 -6.86 40.98
C MET B 238 12.46 -6.44 41.99
N LEU B 239 12.04 -6.10 43.19
CA LEU B 239 12.99 -5.73 44.23
C LEU B 239 13.69 -6.93 44.83
N GLY B 240 13.22 -8.14 44.57
CA GLY B 240 13.85 -9.34 45.10
C GLY B 240 13.73 -9.51 46.60
N VAL B 241 12.59 -9.11 47.15
CA VAL B 241 12.37 -9.19 48.59
C VAL B 241 11.70 -10.52 48.94
N LYS B 242 11.75 -10.86 50.22
CA LYS B 242 11.03 -12.02 50.72
C LYS B 242 9.53 -11.78 50.65
N GLN B 243 8.80 -12.81 50.19
CA GLN B 243 7.36 -12.72 50.01
C GLN B 243 6.68 -13.85 50.77
N VAL B 244 5.59 -13.51 51.45
CA VAL B 244 4.80 -14.46 52.22
C VAL B 244 3.38 -14.44 51.68
N TYR B 245 2.83 -15.62 51.41
CA TYR B 245 1.48 -15.72 50.87
C TYR B 245 0.61 -16.48 51.87
N PRO B 246 -0.50 -15.90 52.31
CA PRO B 246 -1.26 -16.50 53.42
C PRO B 246 -2.33 -17.49 52.97
N GLY B 247 -2.70 -17.47 51.70
CA GLY B 247 -3.76 -18.33 51.22
C GLY B 247 -5.15 -17.78 51.50
N LYS B 248 -5.93 -18.49 52.30
CA LYS B 248 -7.25 -18.03 52.71
C LYS B 248 -7.11 -17.14 53.94
N TYR B 249 -7.64 -15.92 53.83
CA TYR B 249 -7.45 -14.93 54.88
C TYR B 249 -8.22 -15.33 56.12
N VAL B 250 -7.49 -15.50 57.22
CA VAL B 250 -8.07 -15.73 58.55
C VAL B 250 -7.40 -14.74 59.49
N PRO B 251 -8.17 -14.01 60.34
CA PRO B 251 -7.45 -13.00 61.13
C PRO B 251 -6.38 -13.46 62.03
N ASP B 252 -6.41 -14.65 62.52
CA ASP B 252 -5.44 -15.08 63.48
C ASP B 252 -4.36 -15.89 62.85
N VAL B 253 -4.43 -16.17 61.56
CA VAL B 253 -3.35 -16.85 60.88
C VAL B 253 -2.50 -15.78 60.27
N LEU B 254 -3.08 -14.68 59.85
CA LEU B 254 -2.33 -13.54 59.35
C LEU B 254 -1.48 -12.92 60.44
N LEU B 255 -2.01 -12.84 61.66
CA LEU B 255 -1.24 -12.31 62.78
C LEU B 255 -0.04 -13.20 63.10
N ASN B 256 -0.23 -14.51 63.05
CA ASN B 256 0.88 -15.43 63.25
C ASN B 256 1.93 -15.26 62.17
N LEU B 257 1.50 -15.09 60.92
CA LEU B 257 2.45 -14.87 59.83
C LEU B 257 3.22 -13.59 60.02
N ILE B 258 2.54 -12.52 60.45
CA ILE B 258 3.23 -11.25 60.68
C ILE B 258 4.26 -11.39 61.79
N GLU B 259 3.88 -12.05 62.88
CA GLU B 259 4.81 -12.21 64.00
C GLU B 259 6.00 -13.09 63.62
N GLN B 260 5.77 -14.18 62.93
CA GLN B 260 6.84 -15.14 62.67
C GLN B 260 7.71 -14.87 61.45
N GLU B 261 7.12 -14.45 60.36
CA GLU B 261 7.91 -14.14 59.19
C GLU B 261 8.41 -12.70 59.17
N LYS B 262 8.02 -11.89 60.16
CA LYS B 262 8.47 -10.52 60.30
C LYS B 262 8.10 -9.66 59.08
N VAL B 263 6.82 -9.72 58.71
CA VAL B 263 6.33 -8.93 57.59
C VAL B 263 6.38 -7.45 57.93
N THR B 264 6.83 -6.64 56.98
CA THR B 264 6.89 -5.20 57.17
C THR B 264 6.00 -4.41 56.23
N PHE B 265 5.63 -4.95 55.07
CA PHE B 265 4.84 -4.24 54.09
C PHE B 265 3.68 -5.10 53.63
N SER B 266 2.49 -4.52 53.58
CA SER B 266 1.29 -5.25 53.16
C SER B 266 0.25 -4.24 52.70
N HIS B 267 -0.91 -4.76 52.29
CA HIS B 267 -1.99 -3.91 51.82
C HIS B 267 -3.30 -4.66 51.93
N CYS B 268 -4.33 -3.96 52.42
CA CYS B 268 -5.64 -4.53 52.59
C CYS B 268 -6.74 -3.53 52.42
N VAL B 269 -7.94 -3.88 52.86
CA VAL B 269 -9.10 -3.00 52.82
C VAL B 269 -9.51 -2.73 54.27
N PRO B 270 -10.28 -1.67 54.56
CA PRO B 270 -10.53 -1.32 55.96
C PRO B 270 -11.16 -2.42 56.80
N THR B 271 -11.97 -3.29 56.19
CA THR B 271 -12.63 -4.35 56.96
C THR B 271 -11.62 -5.34 57.53
N ILE B 272 -10.64 -5.75 56.71
CA ILE B 272 -9.64 -6.70 57.20
C ILE B 272 -8.78 -6.06 58.27
N LEU B 273 -8.42 -4.78 58.11
CA LEU B 273 -7.63 -4.08 59.12
C LEU B 273 -8.39 -3.99 60.43
N HIS B 274 -9.68 -3.68 60.37
CA HIS B 274 -10.51 -3.67 61.57
C HIS B 274 -10.56 -5.05 62.23
N LEU B 275 -10.68 -6.10 61.42
CA LEU B 275 -10.73 -7.46 61.97
C LEU B 275 -9.41 -7.83 62.63
N LEU B 276 -8.28 -7.38 62.06
CA LEU B 276 -6.98 -7.70 62.64
C LEU B 276 -6.75 -6.94 63.94
N LEU B 277 -7.04 -5.63 63.94
CA LEU B 277 -6.77 -4.83 65.14
C LEU B 277 -7.66 -5.20 66.31
N SER B 278 -8.80 -5.85 66.05
CA SER B 278 -9.71 -6.25 67.13
C SER B 278 -9.45 -7.67 67.62
N SER B 279 -8.60 -8.43 66.94
CA SER B 279 -8.38 -9.82 67.30
C SER B 279 -7.71 -9.91 68.66
N PRO B 280 -8.05 -10.91 69.48
CA PRO B 280 -7.48 -10.99 70.84
C PRO B 280 -5.97 -11.13 70.86
N LYS B 281 -5.38 -11.82 69.89
CA LYS B 281 -3.93 -12.00 69.88
C LYS B 281 -3.18 -10.75 69.46
N SER B 282 -3.86 -9.81 68.79
CA SER B 282 -3.18 -8.62 68.30
C SER B 282 -2.68 -7.75 69.45
N LYS B 283 -3.42 -7.73 70.55
CA LYS B 283 -3.07 -6.86 71.67
C LYS B 283 -1.69 -7.13 72.24
N ALA B 284 -1.24 -8.36 72.15
CA ALA B 284 0.07 -8.75 72.68
C ALA B 284 1.10 -8.94 71.59
N MET B 285 1.05 -8.09 70.57
CA MET B 285 1.96 -8.20 69.44
C MET B 285 2.66 -6.91 69.15
N ASP B 286 3.85 -6.99 68.60
CA ASP B 286 4.63 -5.82 68.21
C ASP B 286 4.29 -5.44 66.78
N PHE B 287 3.72 -4.25 66.61
CA PHE B 287 3.28 -3.80 65.30
C PHE B 287 4.14 -2.67 64.72
N SER B 288 5.14 -2.21 65.45
CA SER B 288 5.87 -1.00 65.04
C SER B 288 6.98 -1.31 64.05
N GLY B 289 6.68 -2.09 63.03
CA GLY B 289 7.57 -2.24 61.89
C GLY B 289 6.79 -2.44 60.61
N TRP B 290 5.48 -2.26 60.70
CA TRP B 290 4.52 -2.68 59.69
C TRP B 290 3.95 -1.46 58.97
N LYS B 291 3.78 -1.56 57.66
CA LYS B 291 3.41 -0.45 56.78
C LYS B 291 2.26 -0.83 55.88
N VAL B 292 1.14 -1.26 56.46
CA VAL B 292 -0.04 -1.59 55.66
C VAL B 292 -0.51 -0.38 54.84
N VAL B 293 -0.99 -0.65 53.64
CA VAL B 293 -1.54 0.35 52.73
C VAL B 293 -3.03 0.08 52.59
N ILE B 294 -3.87 1.02 53.01
CA ILE B 294 -5.31 0.83 53.02
C ILE B 294 -5.88 1.57 51.81
N GLY B 295 -6.00 0.88 50.70
CA GLY B 295 -6.50 1.52 49.49
C GLY B 295 -7.75 0.89 48.93
N GLY B 296 -8.47 0.11 49.73
CA GLY B 296 -9.67 -0.53 49.26
C GLY B 296 -10.79 0.46 48.96
N ALA B 297 -11.33 1.08 50.00
CA ALA B 297 -12.36 2.11 49.82
C ALA B 297 -12.44 2.97 51.07
N ALA B 298 -11.95 4.21 50.99
CA ALA B 298 -12.29 5.27 51.94
C ALA B 298 -11.94 4.89 53.38
N LEU B 299 -10.63 4.82 53.63
CA LEU B 299 -10.10 4.63 54.98
C LEU B 299 -10.74 5.57 55.98
N PRO B 300 -11.51 5.04 56.95
CA PRO B 300 -12.10 5.92 57.97
C PRO B 300 -11.05 6.53 58.88
N LYS B 301 -11.39 7.69 59.44
CA LYS B 301 -10.45 8.41 60.30
C LYS B 301 -10.32 7.76 61.68
N ALA B 302 -11.39 7.15 62.19
CA ALA B 302 -11.32 6.52 63.51
C ALA B 302 -10.51 5.23 63.45
N LEU B 303 -10.67 4.44 62.39
CA LEU B 303 -9.84 3.26 62.21
C LEU B 303 -8.38 3.66 62.04
N CYS B 304 -8.13 4.74 61.28
CA CYS B 304 -6.77 5.23 61.12
C CYS B 304 -6.18 5.66 62.46
N LYS B 305 -6.98 6.33 63.29
CA LYS B 305 -6.50 6.75 64.61
C LYS B 305 -6.20 5.55 65.50
N SER B 306 -7.04 4.51 65.44
CA SER B 306 -6.79 3.33 66.26
C SER B 306 -5.55 2.57 65.77
N ALA B 307 -5.31 2.56 64.46
CA ALA B 307 -4.13 1.90 63.94
C ALA B 307 -2.86 2.71 64.19
N LEU B 308 -3.00 4.03 64.34
CA LEU B 308 -1.82 4.86 64.60
C LEU B 308 -1.33 4.72 66.02
N GLU B 309 -2.21 4.37 66.95
CA GLU B 309 -1.80 4.23 68.35
C GLU B 309 -1.00 2.96 68.60
N ARG B 310 -1.06 1.99 67.70
CA ARG B 310 -0.22 0.81 67.75
C ARG B 310 1.08 1.00 66.97
N ASP B 311 1.32 2.20 66.47
CA ASP B 311 2.55 2.56 65.74
C ASP B 311 2.65 1.79 64.43
N ILE B 312 1.57 1.85 63.65
CA ILE B 312 1.52 1.25 62.31
C ILE B 312 1.53 2.38 61.29
N ASP B 313 2.40 2.27 60.29
CA ASP B 313 2.44 3.23 59.20
C ASP B 313 1.27 2.95 58.27
N VAL B 314 0.17 3.64 58.51
CA VAL B 314 -1.05 3.51 57.72
C VAL B 314 -1.13 4.67 56.74
N PHE B 315 -1.44 4.37 55.49
CA PHE B 315 -1.72 5.42 54.52
C PHE B 315 -2.65 4.85 53.45
N ALA B 316 -3.29 5.75 52.73
CA ALA B 316 -4.34 5.39 51.78
C ALA B 316 -3.85 5.57 50.34
N GLY B 317 -4.51 4.86 49.43
CA GLY B 317 -4.24 5.00 48.01
C GLY B 317 -5.53 4.92 47.22
N TYR B 318 -5.48 5.31 45.97
CA TYR B 318 -6.65 5.32 45.13
C TYR B 318 -6.42 4.63 43.82
N GLY B 319 -7.34 3.77 43.44
CA GLY B 319 -7.23 3.05 42.20
C GLY B 319 -8.62 2.71 41.80
N MET B 320 -8.81 2.17 40.60
CA MET B 320 -10.16 1.96 40.12
C MET B 320 -10.44 0.72 39.32
N SER B 321 -9.47 -0.12 38.99
CA SER B 321 -9.56 -1.37 38.24
C SER B 321 -9.67 -1.14 36.74
N GLU B 322 -9.84 0.12 36.33
CA GLU B 322 -9.65 0.51 34.95
C GLU B 322 -8.35 1.28 34.77
N THR B 323 -7.59 1.48 35.85
CA THR B 323 -6.55 2.49 35.90
C THR B 323 -5.19 1.93 36.33
N GLY B 324 -5.03 0.61 36.38
CA GLY B 324 -3.72 0.05 36.64
C GLY B 324 -3.53 -0.81 37.87
N PRO B 325 -4.08 -0.44 39.04
CA PRO B 325 -5.03 0.62 39.39
C PRO B 325 -4.46 1.91 39.98
N ILE B 326 -3.21 1.94 40.45
CA ILE B 326 -2.78 3.01 41.35
C ILE B 326 -2.76 4.34 40.60
N LEU B 327 -3.41 5.34 41.19
CA LEU B 327 -3.45 6.70 40.67
C LEU B 327 -2.90 7.72 41.66
N SER B 328 -3.19 7.57 42.95
CA SER B 328 -2.75 8.52 43.95
C SER B 328 -2.38 7.78 45.23
N ILE B 329 -1.43 8.36 45.97
CA ILE B 329 -0.95 7.79 47.22
C ILE B 329 -0.72 8.93 48.21
N VAL B 330 -1.06 8.67 49.46
CA VAL B 330 -0.77 9.61 50.54
C VAL B 330 0.71 9.53 50.88
N GLN B 331 1.41 10.66 50.79
CA GLN B 331 2.81 10.76 51.15
C GLN B 331 3.00 11.98 52.03
N LEU B 332 3.58 11.78 53.21
CA LEU B 332 3.69 12.83 54.23
C LEU B 332 5.09 13.44 54.20
N THR B 333 5.15 14.76 54.18
CA THR B 333 6.41 15.45 54.32
C THR B 333 6.87 15.43 55.77
N PRO B 334 8.18 15.58 56.03
CA PRO B 334 8.66 15.56 57.42
C PRO B 334 8.06 16.65 58.28
N GLU B 335 7.59 17.74 57.69
CA GLU B 335 6.85 18.75 58.45
C GLU B 335 5.54 18.18 58.98
N GLN B 336 4.88 17.33 58.21
CA GLN B 336 3.62 16.71 58.59
C GLN B 336 3.79 15.48 59.48
N LEU B 337 4.99 14.91 59.54
CA LEU B 337 5.26 13.78 60.41
C LEU B 337 5.54 14.18 61.84
N GLU B 338 5.21 15.42 62.21
CA GLU B 338 5.38 15.90 63.57
C GLU B 338 4.06 16.20 64.27
N LEU B 339 2.96 16.29 63.53
CA LEU B 339 1.67 16.57 64.15
C LEU B 339 1.24 15.42 65.04
N ASP B 340 0.25 15.68 65.88
CA ASP B 340 -0.27 14.63 66.75
C ASP B 340 -1.07 13.62 65.94
N VAL B 341 -1.68 12.66 66.64
CA VAL B 341 -2.41 11.57 66.00
C VAL B 341 -3.57 12.10 65.17
N ASP B 342 -4.34 13.03 65.74
CA ASP B 342 -5.57 13.47 65.09
C ASP B 342 -5.30 14.12 63.73
N GLN B 343 -4.38 15.09 63.69
CA GLN B 343 -4.05 15.74 62.43
C GLN B 343 -3.40 14.76 61.47
N GLN B 344 -2.54 13.89 61.98
CA GLN B 344 -1.97 12.83 61.16
C GLN B 344 -3.04 11.88 60.64
N ALA B 345 -4.02 11.55 61.50
CA ALA B 345 -5.13 10.70 61.04
C ALA B 345 -5.89 11.36 59.91
N GLU B 346 -6.09 12.65 59.96
CA GLU B 346 -6.81 13.36 58.91
C GLU B 346 -5.99 13.44 57.65
N TYR B 347 -4.67 13.52 57.79
CA TYR B 347 -3.83 13.56 56.59
C TYR B 347 -3.71 12.19 55.93
N ARG B 348 -3.59 11.13 56.73
CA ARG B 348 -3.34 9.79 56.21
C ARG B 348 -4.57 9.16 55.59
N SER B 349 -5.76 9.64 55.91
CA SER B 349 -7.00 9.07 55.40
C SER B 349 -7.51 9.78 54.15
N LYS B 350 -6.73 10.71 53.61
CA LYS B 350 -7.12 11.37 52.36
C LYS B 350 -6.86 10.46 51.17
N THR B 351 -7.38 10.85 50.02
CA THR B 351 -7.14 10.09 48.80
C THR B 351 -5.68 10.20 48.36
N GLY B 352 -5.06 11.35 48.58
CA GLY B 352 -3.64 11.53 48.37
C GLY B 352 -3.32 12.27 47.10
N LYS B 353 -2.03 12.54 46.93
CA LYS B 353 -1.52 13.21 45.75
C LYS B 353 -1.28 12.22 44.62
N LYS B 354 -1.38 12.70 43.39
CA LYS B 354 -1.18 11.84 42.23
C LYS B 354 0.28 11.43 42.11
N VAL B 355 0.47 10.21 41.60
CA VAL B 355 1.78 9.60 41.42
C VAL B 355 2.42 10.10 40.12
N ALA B 356 3.67 9.72 39.90
CA ALA B 356 4.39 10.13 38.70
C ALA B 356 3.64 9.73 37.44
N LEU B 357 3.58 10.64 36.48
CA LEU B 357 3.03 10.45 35.13
C LEU B 357 1.51 10.39 35.09
N VAL B 358 0.84 11.02 36.05
CA VAL B 358 -0.62 11.05 36.12
C VAL B 358 -1.07 12.51 36.08
N GLU B 359 -2.17 12.78 35.36
CA GLU B 359 -2.61 14.15 35.12
C GLU B 359 -3.68 14.62 36.10
N ALA B 360 -4.80 13.90 36.20
CA ALA B 360 -5.74 14.02 37.31
C ALA B 360 -6.34 15.44 37.41
N TYR B 361 -7.19 15.76 36.44
CA TYR B 361 -8.01 16.96 36.53
C TYR B 361 -9.38 16.64 37.13
N ILE B 362 -10.08 17.68 37.56
CA ILE B 362 -11.49 17.56 37.95
C ILE B 362 -12.29 18.50 37.06
N VAL B 363 -13.34 17.96 36.44
CA VAL B 363 -14.15 18.69 35.47
C VAL B 363 -15.60 18.66 35.93
N ASP B 364 -16.43 19.40 35.20
CA ASP B 364 -17.87 19.38 35.38
C ASP B 364 -18.49 18.51 34.29
N GLU B 365 -19.82 18.57 34.19
CA GLU B 365 -20.53 17.74 33.22
C GLU B 365 -20.20 18.12 31.78
N ASP B 366 -19.60 19.28 31.55
CA ASP B 366 -19.24 19.74 30.22
C ASP B 366 -17.73 19.70 29.98
N MET B 367 -16.97 19.08 30.87
CA MET B 367 -15.51 18.97 30.75
C MET B 367 -14.85 20.35 30.69
N ASN B 368 -14.98 21.09 31.80
CA ASN B 368 -14.52 22.47 31.86
C ASN B 368 -13.33 22.70 32.79
N LYS B 369 -12.84 21.65 33.47
CA LYS B 369 -11.60 21.72 34.24
C LYS B 369 -11.65 22.81 35.32
N LEU B 370 -12.51 22.54 36.31
CA LEU B 370 -12.73 23.35 37.49
C LEU B 370 -11.43 23.68 38.22
N PRO B 371 -11.38 24.76 38.99
CA PRO B 371 -10.15 25.12 39.69
C PRO B 371 -9.89 24.22 40.90
N HIS B 372 -8.64 24.25 41.35
CA HIS B 372 -8.21 23.48 42.53
C HIS B 372 -8.11 24.43 43.71
N ASP B 373 -9.27 24.70 44.32
CA ASP B 373 -9.35 25.63 45.44
C ASP B 373 -9.61 24.94 46.78
N GLY B 374 -9.86 23.64 46.78
CA GLY B 374 -10.16 22.91 47.99
C GLY B 374 -11.62 22.85 48.36
N GLU B 375 -12.51 23.48 47.59
CA GLU B 375 -13.94 23.45 47.91
C GLU B 375 -14.77 22.95 46.75
N THR B 376 -14.45 23.37 45.53
CA THR B 376 -15.28 23.04 44.38
C THR B 376 -15.10 21.59 43.98
N ALA B 377 -16.21 20.87 43.84
CA ALA B 377 -16.19 19.45 43.54
C ALA B 377 -16.55 19.22 42.07
N GLY B 378 -16.05 18.10 41.55
CA GLY B 378 -16.30 17.72 40.17
C GLY B 378 -15.78 16.31 39.99
N GLU B 379 -15.98 15.78 38.78
CA GLU B 379 -15.57 14.41 38.52
C GLU B 379 -14.12 14.36 38.06
N ILE B 380 -13.38 13.37 38.55
CA ILE B 380 -11.96 13.23 38.25
C ILE B 380 -11.80 12.55 36.90
N VAL B 381 -10.99 13.17 36.03
CA VAL B 381 -10.62 12.59 34.74
C VAL B 381 -9.11 12.57 34.67
N VAL B 382 -8.55 11.45 34.19
CA VAL B 382 -7.13 11.18 34.31
C VAL B 382 -6.54 10.74 32.98
N ARG B 383 -5.23 10.93 32.86
CA ARG B 383 -4.42 10.36 31.80
C ARG B 383 -3.18 9.75 32.43
N ALA B 384 -2.86 8.52 32.06
CA ALA B 384 -1.76 7.80 32.67
C ALA B 384 -1.24 6.77 31.67
N PRO B 385 -0.02 6.29 31.85
CA PRO B 385 0.52 5.29 30.91
C PRO B 385 -0.07 3.90 31.04
N TRP B 386 -0.98 3.66 31.99
CA TRP B 386 -1.43 2.31 32.30
C TRP B 386 -2.95 2.25 32.46
N LEU B 387 -3.67 2.83 31.51
CA LEU B 387 -5.14 2.80 31.51
C LEU B 387 -5.65 1.94 30.37
N THR B 388 -6.76 1.26 30.61
CA THR B 388 -7.38 0.44 29.57
C THR B 388 -7.91 1.33 28.45
N PRO B 389 -7.59 1.04 27.19
CA PRO B 389 -8.15 1.86 26.10
C PRO B 389 -9.65 1.81 26.00
N ASN B 390 -10.27 0.69 26.37
CA ASN B 390 -11.71 0.52 26.24
C ASN B 390 -12.10 -0.69 27.07
N TYR B 391 -13.39 -1.03 27.03
CA TYR B 391 -13.88 -2.29 27.54
C TYR B 391 -13.82 -3.34 26.45
N TYR B 392 -13.58 -4.59 26.87
CA TYR B 392 -13.46 -5.67 25.90
C TYR B 392 -14.81 -5.96 25.26
N LYS B 393 -14.83 -6.00 23.92
CA LYS B 393 -16.04 -6.29 23.15
C LYS B 393 -17.18 -5.33 23.47
N ASP B 394 -16.84 -4.05 23.70
CA ASP B 394 -17.84 -3.05 24.01
C ASP B 394 -17.57 -1.80 23.19
N ASN B 395 -18.63 -1.13 22.78
CA ASN B 395 -18.52 0.08 21.97
C ASN B 395 -19.08 1.33 22.63
N LYS B 396 -20.34 1.28 23.08
CA LYS B 396 -20.96 2.47 23.66
C LYS B 396 -20.44 2.77 25.06
N ASN B 397 -20.26 1.74 25.88
CA ASN B 397 -19.64 1.94 27.19
C ASN B 397 -18.20 2.39 27.06
N SER B 398 -17.48 1.86 26.07
CA SER B 398 -16.11 2.30 25.82
C SER B 398 -16.06 3.78 25.45
N LYS B 399 -17.02 4.23 24.65
CA LYS B 399 -17.07 5.64 24.29
C LYS B 399 -17.46 6.51 25.48
N ALA B 400 -18.35 6.02 26.34
CA ALA B 400 -18.71 6.79 27.52
C ALA B 400 -17.55 6.85 28.52
N LEU B 401 -16.67 5.86 28.48
CA LEU B 401 -15.54 5.84 29.41
C LEU B 401 -14.49 6.89 29.06
N TRP B 402 -14.13 6.99 27.78
CA TRP B 402 -13.07 7.88 27.34
C TRP B 402 -13.60 9.16 26.70
N ARG B 403 -14.74 9.64 27.19
CA ARG B 403 -15.38 10.81 26.62
C ARG B 403 -14.51 12.05 26.81
N GLY B 404 -14.34 12.82 25.73
CA GLY B 404 -13.61 14.06 25.84
C GLY B 404 -12.11 13.93 25.94
N GLY B 405 -11.56 12.77 25.57
CA GLY B 405 -10.12 12.60 25.59
C GLY B 405 -9.54 12.28 26.95
N TYR B 406 -10.37 12.00 27.94
CA TYR B 406 -9.90 11.67 29.28
C TYR B 406 -10.66 10.44 29.76
N LEU B 407 -10.04 9.70 30.67
CA LEU B 407 -10.70 8.55 31.28
C LEU B 407 -11.56 9.01 32.44
N HIS B 408 -12.83 8.72 32.45
CA HIS B 408 -13.71 9.20 33.47
C HIS B 408 -13.76 8.22 34.56
N THR B 409 -13.44 8.63 35.76
CA THR B 409 -13.37 7.72 36.86
C THR B 409 -14.68 7.38 37.45
N GLY B 410 -15.56 8.35 37.55
CA GLY B 410 -16.84 8.12 38.18
C GLY B 410 -16.93 8.60 39.61
N ASP B 411 -15.91 9.27 40.12
CA ASP B 411 -15.88 9.78 41.49
C ASP B 411 -15.90 11.30 41.46
N VAL B 412 -16.54 11.88 42.48
CA VAL B 412 -16.62 13.32 42.66
C VAL B 412 -15.76 13.69 43.86
N ALA B 413 -14.80 14.59 43.64
CA ALA B 413 -13.79 14.97 44.61
C ALA B 413 -13.44 16.43 44.42
N HIS B 414 -12.71 16.99 45.39
CA HIS B 414 -12.11 18.30 45.28
C HIS B 414 -10.63 18.19 45.58
N ILE B 415 -9.84 19.10 44.99
CA ILE B 415 -8.39 19.05 45.08
C ILE B 415 -7.89 20.33 45.71
N ASP B 416 -7.01 20.20 46.70
CA ASP B 416 -6.41 21.36 47.34
C ASP B 416 -5.38 22.00 46.43
N ASP B 417 -4.97 23.22 46.79
CA ASP B 417 -3.85 23.86 46.12
C ASP B 417 -2.56 23.07 46.31
N GLU B 418 -2.39 22.48 47.49
CA GLU B 418 -1.20 21.65 47.74
C GLU B 418 -1.17 20.45 46.81
N GLY B 419 -2.31 19.82 46.58
CA GLY B 419 -2.38 18.70 45.66
C GLY B 419 -3.14 17.52 46.23
N PHE B 420 -3.55 17.63 47.49
CA PHE B 420 -4.26 16.53 48.13
C PHE B 420 -5.67 16.41 47.56
N ILE B 421 -6.06 15.19 47.22
CA ILE B 421 -7.38 14.90 46.70
C ILE B 421 -8.22 14.31 47.83
N LYS B 422 -9.51 14.64 47.84
CA LYS B 422 -10.45 14.04 48.78
C LYS B 422 -11.73 13.71 48.02
N ILE B 423 -12.00 12.42 47.84
CA ILE B 423 -13.20 12.01 47.14
C ILE B 423 -14.40 12.21 48.05
N THR B 424 -15.40 12.93 47.53
CA THR B 424 -16.60 13.20 48.32
C THR B 424 -17.70 12.18 48.05
N ASP B 425 -17.92 11.80 46.79
CA ASP B 425 -19.04 10.90 46.50
C ASP B 425 -18.80 10.23 45.15
N ARG B 426 -19.83 9.54 44.66
CA ARG B 426 -19.86 8.98 43.32
C ARG B 426 -20.69 9.87 42.41
N VAL B 427 -20.39 9.80 41.11
CA VAL B 427 -21.10 10.63 40.14
C VAL B 427 -22.59 10.27 40.10
N LYS B 428 -22.89 8.97 40.11
CA LYS B 428 -24.27 8.50 40.02
C LYS B 428 -25.05 8.69 41.31
N ASP B 429 -24.39 8.93 42.44
CA ASP B 429 -25.06 9.08 43.71
C ASP B 429 -25.27 10.55 44.11
N MET B 430 -25.02 11.47 43.19
CA MET B 430 -25.19 12.89 43.51
C MET B 430 -26.67 13.24 43.58
N ILE B 431 -27.08 14.00 44.59
CA ILE B 431 -28.48 14.46 44.60
C ILE B 431 -28.63 15.73 43.77
N LYS B 432 -29.43 15.65 42.71
CA LYS B 432 -29.68 16.74 41.75
C LYS B 432 -30.82 17.64 42.21
N ILE B 433 -30.77 17.99 43.50
CA ILE B 433 -31.79 18.87 44.06
C ILE B 433 -31.75 20.13 43.27
N SER B 434 -32.84 20.42 42.60
CA SER B 434 -32.97 21.64 41.81
C SER B 434 -31.75 21.88 40.93
N GLY B 435 -31.04 22.97 41.18
CA GLY B 435 -29.91 23.37 40.36
C GLY B 435 -28.54 23.20 40.97
N GLU B 436 -28.40 22.46 42.07
CA GLU B 436 -27.11 22.22 42.68
C GLU B 436 -26.91 20.73 42.92
N TRP B 437 -25.66 20.34 43.08
CA TRP B 437 -25.28 18.96 43.32
C TRP B 437 -24.82 18.81 44.76
N VAL B 438 -25.39 17.82 45.47
CA VAL B 438 -25.07 17.56 46.86
C VAL B 438 -24.62 16.12 47.00
N SER B 439 -23.56 15.89 47.76
CA SER B 439 -23.10 14.53 48.02
C SER B 439 -24.02 13.84 49.01
N SER B 440 -24.38 12.60 48.72
CA SER B 440 -25.18 11.79 49.63
C SER B 440 -24.33 11.06 50.65
N LEU B 441 -23.00 11.04 50.49
CA LEU B 441 -22.14 10.34 51.44
C LEU B 441 -22.05 11.10 52.76
N GLU B 442 -21.92 12.43 52.71
CA GLU B 442 -21.78 13.22 53.92
C GLU B 442 -23.00 13.14 54.82
N LEU B 443 -24.17 12.84 54.25
CA LEU B 443 -25.37 12.70 55.06
C LEU B 443 -25.40 11.37 55.81
N GLU B 444 -24.91 10.30 55.18
CA GLU B 444 -25.02 8.97 55.75
C GLU B 444 -24.28 8.85 57.08
N ASP B 445 -23.06 9.39 57.15
CA ASP B 445 -22.27 9.27 58.37
C ASP B 445 -22.87 10.08 59.52
N ILE B 446 -23.56 11.18 59.20
CA ILE B 446 -24.22 11.97 60.23
C ILE B 446 -25.31 11.15 60.91
N LEU B 447 -26.11 10.43 60.11
CA LEU B 447 -27.09 9.51 60.68
C LEU B 447 -26.41 8.34 61.37
N HIS B 448 -25.26 7.91 60.86
CA HIS B 448 -24.52 6.82 61.48
C HIS B 448 -24.07 7.17 62.89
N GLN B 449 -23.88 8.46 63.17
CA GLN B 449 -23.45 8.88 64.50
C GLN B 449 -24.49 8.63 65.56
N HIS B 450 -25.73 8.36 65.19
CA HIS B 450 -26.78 8.07 66.16
C HIS B 450 -26.49 6.75 66.87
N GLN B 451 -26.99 6.66 68.10
CA GLN B 451 -26.74 5.49 68.95
C GLN B 451 -27.66 4.32 68.65
N SER B 452 -28.70 4.52 67.83
CA SER B 452 -29.69 3.47 67.58
C SER B 452 -29.83 3.15 66.09
N VAL B 453 -28.80 3.40 65.30
CA VAL B 453 -28.80 3.11 63.86
C VAL B 453 -27.61 2.21 63.55
N SER B 454 -27.85 1.19 62.72
CA SER B 454 -26.82 0.24 62.34
C SER B 454 -26.22 0.51 60.97
N GLU B 455 -27.03 0.91 60.00
CA GLU B 455 -26.55 1.18 58.66
C GLU B 455 -27.52 2.12 57.95
N VAL B 456 -26.97 3.08 57.21
CA VAL B 456 -27.77 4.09 56.53
C VAL B 456 -27.43 4.07 55.04
N ALA B 457 -28.47 4.06 54.21
CA ALA B 457 -28.32 4.22 52.77
C ALA B 457 -29.21 5.37 52.32
N VAL B 458 -28.64 6.30 51.56
CA VAL B 458 -29.34 7.50 51.13
C VAL B 458 -29.44 7.49 49.62
N ILE B 459 -30.68 7.59 49.11
CA ILE B 459 -30.96 7.67 47.69
C ILE B 459 -31.81 8.92 47.44
N GLY B 460 -32.17 9.13 46.18
CA GLY B 460 -32.90 10.32 45.81
C GLY B 460 -34.19 10.09 45.06
N MET B 461 -35.30 10.60 45.59
CA MET B 461 -36.59 10.48 44.95
C MET B 461 -36.92 11.74 44.15
N PRO B 462 -37.48 11.58 42.96
CA PRO B 462 -37.86 12.76 42.16
C PRO B 462 -38.93 13.59 42.85
N HIS B 463 -38.82 14.90 42.68
CA HIS B 463 -39.74 15.86 43.29
C HIS B 463 -39.81 17.05 42.36
N ASN B 464 -41.04 17.48 42.03
CA ASN B 464 -41.28 18.32 40.86
C ASN B 464 -40.46 19.61 40.83
N LYS B 465 -40.38 20.34 41.95
CA LYS B 465 -39.81 21.68 41.87
C LYS B 465 -38.31 21.68 42.19
N TRP B 466 -37.87 20.91 43.18
CA TRP B 466 -36.41 20.81 43.42
C TRP B 466 -35.80 19.54 42.83
N GLY B 467 -36.42 18.91 41.83
CA GLY B 467 -35.80 17.72 41.27
C GLY B 467 -35.72 16.60 42.28
N GLU B 468 -34.73 15.73 42.11
CA GLU B 468 -34.52 14.62 43.04
C GLU B 468 -34.02 15.14 44.37
N VAL B 469 -34.61 14.64 45.46
CA VAL B 469 -34.36 15.15 46.80
C VAL B 469 -33.82 14.04 47.69
N PRO B 470 -33.31 14.36 48.87
CA PRO B 470 -32.71 13.33 49.74
C PRO B 470 -33.77 12.38 50.30
N LEU B 471 -33.32 11.18 50.61
CA LEU B 471 -34.16 10.15 51.25
C LEU B 471 -33.24 9.14 51.91
N ALA B 472 -33.43 8.93 53.21
CA ALA B 472 -32.54 8.10 54.01
C ALA B 472 -33.25 6.82 54.45
N LEU B 473 -32.61 5.69 54.22
CA LEU B 473 -33.10 4.38 54.66
C LEU B 473 -32.16 3.86 55.75
N VAL B 474 -32.71 3.59 56.93
CA VAL B 474 -31.91 3.26 58.10
C VAL B 474 -32.41 1.94 58.68
N THR B 475 -31.47 1.13 59.18
CA THR B 475 -31.77 -0.08 59.92
C THR B 475 -31.32 0.10 61.37
N LEU B 476 -32.24 -0.13 62.30
CA LEU B 476 -31.96 0.12 63.70
C LEU B 476 -31.20 -1.05 64.32
N LYS B 477 -30.67 -0.80 65.52
CA LYS B 477 -29.84 -1.77 66.21
C LYS B 477 -30.71 -2.80 66.93
N GLU B 478 -30.08 -3.70 67.68
CA GLU B 478 -30.80 -4.67 68.48
C GLU B 478 -31.42 -4.00 69.70
N ASP B 479 -32.71 -4.28 69.93
CA ASP B 479 -33.45 -3.76 71.09
C ASP B 479 -33.44 -2.24 71.13
N ALA B 480 -33.44 -1.59 69.96
CA ALA B 480 -33.55 -0.14 69.86
C ALA B 480 -34.71 0.19 68.93
N GLN B 481 -35.60 1.06 69.39
CA GLN B 481 -36.80 1.40 68.64
C GLN B 481 -37.07 2.90 68.81
N VAL B 482 -36.63 3.69 67.85
CA VAL B 482 -36.92 5.12 67.80
C VAL B 482 -37.63 5.39 66.47
N THR B 483 -38.72 6.14 66.54
CA THR B 483 -39.50 6.43 65.35
C THR B 483 -38.72 7.37 64.43
N GLU B 484 -39.19 7.47 63.18
CA GLU B 484 -38.53 8.32 62.20
C GLU B 484 -38.56 9.79 62.59
N LYS B 485 -39.51 10.19 63.44
CA LYS B 485 -39.57 11.59 63.87
C LYS B 485 -38.32 11.97 64.68
N GLU B 486 -37.88 11.08 65.59
CA GLU B 486 -36.67 11.37 66.35
C GLU B 486 -35.45 11.43 65.44
N LEU B 487 -35.34 10.51 64.48
CA LEU B 487 -34.20 10.50 63.59
C LEU B 487 -34.15 11.78 62.74
N LEU B 488 -35.32 12.27 62.31
CA LEU B 488 -35.36 13.53 61.57
C LEU B 488 -34.79 14.67 62.39
N GLY B 489 -35.10 14.70 63.68
CA GLY B 489 -34.57 15.75 64.54
C GLY B 489 -33.12 15.55 64.94
N PHE B 490 -32.61 14.32 64.84
CA PHE B 490 -31.21 14.07 65.18
C PHE B 490 -30.27 14.77 64.20
N ALA B 491 -30.57 14.69 62.91
CA ALA B 491 -29.73 15.34 61.91
C ALA B 491 -29.98 16.85 61.85
N LYS B 492 -31.18 17.30 62.22
CA LYS B 492 -31.49 18.72 62.20
C LYS B 492 -30.64 19.51 63.20
N ASP B 493 -30.03 18.83 64.17
CA ASP B 493 -29.23 19.52 65.18
C ASP B 493 -28.00 20.17 64.58
N PHE B 494 -27.48 19.65 63.47
CA PHE B 494 -26.30 20.23 62.85
C PHE B 494 -26.67 21.49 62.07
N ILE B 495 -25.65 22.14 61.54
CA ILE B 495 -25.80 23.40 60.82
C ILE B 495 -24.92 23.39 59.57
N ASN B 496 -24.84 24.54 58.89
CA ASN B 496 -23.91 24.78 57.79
C ASN B 496 -24.17 23.85 56.61
N LYS B 497 -25.37 24.00 56.05
CA LYS B 497 -25.72 23.34 54.79
C LYS B 497 -26.43 24.36 53.91
N GLY B 498 -26.43 24.07 52.61
CA GLY B 498 -27.01 24.98 51.63
C GLY B 498 -28.52 24.84 51.54
N ILE B 499 -29.06 25.30 50.40
CA ILE B 499 -30.47 25.25 50.04
C ILE B 499 -31.35 25.72 51.20
N LEU B 500 -32.43 25.00 51.51
CA LEU B 500 -33.43 25.44 52.47
C LEU B 500 -32.90 25.24 53.88
N ALA B 501 -32.45 26.33 54.50
CA ALA B 501 -31.88 26.31 55.84
C ALA B 501 -30.72 25.33 55.93
N ARG B 502 -30.98 24.13 56.42
CA ARG B 502 -29.99 23.05 56.48
C ARG B 502 -30.48 21.79 55.78
N GLU B 503 -31.41 21.93 54.82
CA GLU B 503 -32.02 20.76 54.14
C GLU B 503 -32.79 19.93 55.18
N ALA B 504 -33.89 20.46 55.71
CA ALA B 504 -34.60 19.76 56.80
C ALA B 504 -35.90 19.03 56.42
N LEU B 505 -36.84 19.74 55.80
CA LEU B 505 -38.15 19.16 55.46
C LEU B 505 -38.22 18.10 54.34
N LEU B 506 -37.10 17.76 53.73
CA LEU B 506 -37.12 16.81 52.59
C LEU B 506 -36.47 15.45 52.85
N LEU B 507 -35.91 15.23 54.03
CA LEU B 507 -35.25 14.00 54.45
C LEU B 507 -36.16 12.78 54.28
N LYS B 508 -37.35 12.81 54.89
CA LYS B 508 -38.33 11.74 54.76
C LYS B 508 -37.74 10.38 55.11
N VAL B 509 -37.01 10.33 56.24
CA VAL B 509 -36.30 9.10 56.59
C VAL B 509 -37.28 7.96 56.78
N LYS B 510 -36.85 6.76 56.37
CA LYS B 510 -37.66 5.55 56.49
C LYS B 510 -36.84 4.46 57.16
N ILE B 511 -37.54 3.56 57.85
CA ILE B 511 -36.91 2.46 58.57
C ILE B 511 -37.08 1.19 57.75
N VAL B 512 -35.96 0.49 57.51
CA VAL B 512 -35.95 -0.69 56.66
C VAL B 512 -35.44 -1.87 57.49
N ASP B 513 -36.14 -3.01 57.38
CA ASP B 513 -35.72 -4.21 58.09
C ASP B 513 -34.40 -4.76 57.56
N GLU B 514 -34.26 -4.83 56.23
CA GLU B 514 -33.04 -5.33 55.63
C GLU B 514 -32.76 -4.56 54.34
N ILE B 515 -31.49 -4.30 54.08
CA ILE B 515 -31.06 -3.48 52.95
C ILE B 515 -30.40 -4.39 51.92
N ALA B 516 -30.78 -4.23 50.67
CA ALA B 516 -30.23 -5.06 49.60
C ALA B 516 -28.74 -4.77 49.41
N LYS B 517 -27.96 -5.84 49.29
CA LYS B 517 -26.52 -5.75 49.11
C LYS B 517 -26.13 -6.53 47.86
N THR B 518 -25.03 -6.11 47.23
CA THR B 518 -24.53 -6.78 46.04
C THR B 518 -23.87 -8.11 46.43
N SER B 519 -23.34 -8.80 45.44
CA SER B 519 -22.69 -10.09 45.69
C SER B 519 -21.47 -9.96 46.58
N VAL B 520 -20.62 -8.96 46.32
CA VAL B 520 -19.41 -8.79 47.13
C VAL B 520 -19.75 -8.30 48.54
N GLY B 521 -20.74 -7.41 48.67
CA GLY B 521 -21.12 -6.91 49.98
C GLY B 521 -21.29 -5.41 49.99
N LYS B 522 -21.26 -4.79 48.81
CA LYS B 522 -21.43 -3.36 48.65
C LYS B 522 -22.92 -3.04 48.52
N VAL B 523 -23.35 -1.98 49.20
CA VAL B 523 -24.76 -1.64 49.23
C VAL B 523 -25.24 -1.34 47.81
N ASP B 524 -26.38 -1.90 47.45
CA ASP B 524 -26.89 -1.82 46.08
C ASP B 524 -27.90 -0.67 46.00
N LYS B 525 -27.41 0.52 45.66
CA LYS B 525 -28.27 1.70 45.60
C LYS B 525 -29.12 1.76 44.34
N LYS B 526 -28.92 0.85 43.39
CA LYS B 526 -29.75 0.84 42.18
C LYS B 526 -31.07 0.11 42.42
N GLU B 527 -31.00 -1.11 42.97
CA GLU B 527 -32.23 -1.83 43.30
C GLU B 527 -32.95 -1.21 44.49
N LEU B 528 -32.21 -0.50 45.35
CA LEU B 528 -32.88 0.25 46.42
C LEU B 528 -33.79 1.31 45.84
N ARG B 529 -33.36 1.95 44.75
CA ARG B 529 -34.22 2.88 44.05
C ARG B 529 -35.41 2.16 43.42
N LYS B 530 -35.17 0.95 42.89
CA LYS B 530 -36.24 0.21 42.23
C LYS B 530 -37.37 -0.14 43.19
N LEU B 531 -37.02 -0.61 44.39
CA LEU B 531 -38.03 -1.06 45.35
C LEU B 531 -38.62 0.08 46.17
N HIS B 532 -38.05 1.27 46.10
CA HIS B 532 -38.56 2.38 46.90
C HIS B 532 -39.30 3.40 46.04
N LEU B 533 -38.75 3.68 44.87
CA LEU B 533 -39.55 4.16 43.76
C LEU B 533 -40.36 3.00 43.18
N ASN C 6 -3.49 12.04 16.85
CA ASN C 6 -3.06 11.38 18.09
C ASN C 6 -4.25 10.81 18.85
N ASP C 7 -4.07 9.61 19.39
CA ASP C 7 -5.09 8.98 20.21
C ASP C 7 -4.86 9.32 21.67
N PRO C 8 -5.79 10.01 22.34
CA PRO C 8 -5.57 10.35 23.75
C PRO C 8 -5.39 9.14 24.65
N SER C 9 -6.00 8.00 24.30
CA SER C 9 -5.81 6.78 25.07
C SER C 9 -4.45 6.16 24.84
N ASN C 10 -3.70 6.60 23.83
CA ASN C 10 -2.37 6.11 23.53
C ASN C 10 -1.35 7.06 24.16
N TYR C 11 -0.68 6.61 25.21
CA TYR C 11 0.24 7.45 25.95
C TYR C 11 1.61 7.45 25.30
N GLN C 12 2.18 8.64 25.12
CA GLN C 12 3.54 8.81 24.63
C GLN C 12 4.41 9.26 25.79
N LEU C 13 5.60 8.68 25.91
CA LEU C 13 6.54 9.01 26.97
C LEU C 13 7.38 10.20 26.53
N LEU C 14 7.01 11.38 26.99
CA LEU C 14 7.66 12.62 26.57
C LEU C 14 8.35 13.27 27.76
N ILE C 15 9.29 14.17 27.45
CA ILE C 15 10.05 14.85 28.49
C ILE C 15 9.18 15.83 29.26
N LYS C 16 8.16 16.40 28.61
CA LYS C 16 7.28 17.33 29.31
C LYS C 16 6.54 16.67 30.46
N ASN C 17 6.36 15.35 30.42
CA ASN C 17 5.72 14.64 31.51
C ASN C 17 6.62 14.51 32.73
N LEU C 18 7.94 14.61 32.56
CA LEU C 18 8.81 14.63 33.73
C LEU C 18 8.70 15.95 34.47
N LEU C 19 8.45 17.04 33.76
CA LEU C 19 8.36 18.35 34.36
C LEU C 19 6.98 18.67 34.92
N PHE C 20 5.93 18.28 34.19
CA PHE C 20 4.57 18.63 34.60
C PHE C 20 3.84 17.49 35.30
N SER C 21 4.37 16.27 35.25
CA SER C 21 3.84 15.14 36.01
C SER C 21 4.97 14.50 36.78
N PRO C 22 5.57 15.21 37.74
CA PRO C 22 6.72 14.66 38.45
C PRO C 22 6.33 13.83 39.65
N VAL C 23 7.31 13.23 40.32
CA VAL C 23 7.03 12.49 41.54
C VAL C 23 6.54 13.44 42.63
N ALA C 24 7.22 14.57 42.79
CA ALA C 24 6.83 15.60 43.74
C ALA C 24 7.09 16.96 43.13
N PHE C 25 6.27 17.94 43.51
CA PHE C 25 6.42 19.30 43.03
C PHE C 25 6.05 20.27 44.15
N ASN C 26 7.04 21.01 44.64
CA ASN C 26 6.82 22.10 45.58
C ASN C 26 7.10 23.42 44.87
N PRO C 27 6.10 24.29 44.72
CA PRO C 27 6.35 25.56 44.02
C PRO C 27 7.35 26.48 44.72
N GLU C 28 7.62 26.28 46.01
CA GLU C 28 8.55 27.12 46.74
C GLU C 28 9.92 26.46 46.92
N GLN C 29 10.15 25.32 46.30
CA GLN C 29 11.50 24.76 46.27
C GLN C 29 12.39 25.60 45.36
N GLU C 30 13.67 25.62 45.68
CA GLU C 30 14.60 26.59 45.12
C GLU C 30 15.51 25.99 44.05
N ILE C 31 15.82 26.81 43.06
CA ILE C 31 16.91 26.58 42.11
C ILE C 31 17.94 27.68 42.35
N VAL C 32 19.18 27.27 42.61
CA VAL C 32 20.25 28.20 42.98
C VAL C 32 21.35 28.11 41.93
N TYR C 33 21.68 29.25 41.32
CA TYR C 33 22.89 29.42 40.54
C TYR C 33 23.90 30.12 41.43
N ALA C 34 25.04 29.46 41.67
CA ALA C 34 25.94 29.76 42.77
C ALA C 34 26.27 31.25 42.86
N ASN C 35 25.84 31.86 43.96
CA ASN C 35 26.15 33.24 44.33
C ASN C 35 25.70 34.25 43.26
N HIS C 36 24.96 33.80 42.26
CA HIS C 36 24.46 34.67 41.20
C HIS C 36 22.95 34.87 41.28
N ARG C 37 22.19 33.80 41.39
CA ARG C 37 20.75 33.89 41.23
C ARG C 37 20.07 32.79 42.04
N ARG C 38 18.86 33.08 42.50
CA ARG C 38 18.00 32.07 43.11
C ARG C 38 16.57 32.34 42.65
N HIS C 39 15.86 31.28 42.27
CA HIS C 39 14.42 31.41 42.06
C HIS C 39 13.76 30.13 42.53
N SER C 40 12.46 29.99 42.29
CA SER C 40 11.72 28.84 42.76
C SER C 40 11.31 27.97 41.59
N TYR C 41 10.64 26.86 41.88
CA TYR C 41 10.18 25.96 40.83
C TYR C 41 9.08 26.58 40.00
N LYS C 42 8.25 27.43 40.59
CA LYS C 42 7.23 28.14 39.83
C LYS C 42 7.87 29.10 38.83
N THR C 43 8.87 29.85 39.28
CA THR C 43 9.63 30.71 38.37
C THR C 43 10.34 29.89 37.30
N PHE C 44 10.85 28.72 37.68
CA PHE C 44 11.54 27.86 36.72
C PHE C 44 10.59 27.38 35.62
N HIS C 45 9.37 26.98 35.99
CA HIS C 45 8.38 26.60 34.98
C HIS C 45 8.02 27.79 34.09
N ASP C 46 7.84 28.97 34.69
CA ASP C 46 7.53 30.16 33.91
C ASP C 46 8.65 30.46 32.92
N ARG C 47 9.90 30.31 33.34
CA ARG C 47 11.04 30.57 32.47
C ARG C 47 11.15 29.54 31.37
N VAL C 48 10.79 28.29 31.65
CA VAL C 48 10.78 27.28 30.58
C VAL C 48 9.75 27.65 29.51
N ARG C 49 8.56 28.09 29.93
CA ARG C 49 7.56 28.51 28.96
C ARG C 49 8.01 29.76 28.19
N GLN C 50 8.65 30.70 28.88
CA GLN C 50 9.17 31.89 28.23
C GLN C 50 10.22 31.53 27.19
N PHE C 51 11.11 30.58 27.52
CA PHE C 51 12.13 30.16 26.58
C PHE C 51 11.53 29.45 25.38
N ALA C 52 10.48 28.66 25.60
CA ALA C 52 9.77 28.06 24.48
C ALA C 52 9.20 29.13 23.55
N ASN C 53 8.61 30.17 24.13
CA ASN C 53 8.10 31.28 23.32
C ASN C 53 9.20 31.96 22.54
N ALA C 54 10.33 32.24 23.21
CA ALA C 54 11.44 32.92 22.55
C ALA C 54 12.01 32.09 21.41
N LEU C 55 12.13 30.78 21.62
CA LEU C 55 12.61 29.91 20.55
C LEU C 55 11.64 29.87 19.38
N THR C 56 10.33 29.84 19.67
CA THR C 56 9.35 29.84 18.60
C THR C 56 9.42 31.12 17.78
N LYS C 57 9.64 32.25 18.44
CA LYS C 57 9.78 33.52 17.72
C LYS C 57 10.99 33.51 16.80
N MET C 58 12.09 32.90 17.23
CA MET C 58 13.31 32.86 16.42
C MET C 58 13.18 31.97 15.19
N GLY C 59 12.11 31.20 15.07
CA GLY C 59 11.94 30.33 13.92
C GLY C 59 12.46 28.93 14.11
N VAL C 60 12.57 28.45 15.34
CA VAL C 60 13.01 27.08 15.61
C VAL C 60 11.80 26.17 15.45
N LYS C 61 11.83 25.30 14.44
CA LYS C 61 10.74 24.39 14.16
C LYS C 61 10.98 23.05 14.84
N LYS C 62 10.21 22.03 14.45
CA LYS C 62 10.30 20.73 15.10
C LYS C 62 11.63 20.04 14.81
N GLY C 63 12.09 20.08 13.57
CA GLY C 63 13.29 19.34 13.26
C GLY C 63 14.60 20.03 13.56
N ASP C 64 14.57 21.27 14.06
CA ASP C 64 15.78 22.07 14.15
C ASP C 64 16.70 21.58 15.26
N THR C 65 17.95 22.04 15.21
CA THR C 65 18.97 21.72 16.19
C THR C 65 19.47 23.01 16.83
N VAL C 66 19.54 23.03 18.15
CA VAL C 66 20.06 24.16 18.91
C VAL C 66 21.26 23.68 19.71
N ALA C 67 22.38 24.38 19.55
CA ALA C 67 23.64 23.98 20.17
C ALA C 67 23.93 24.88 21.37
N VAL C 68 24.30 24.26 22.48
CA VAL C 68 24.53 24.97 23.73
C VAL C 68 25.99 24.83 24.13
N MET C 69 26.58 25.94 24.60
CA MET C 69 28.01 26.00 24.97
C MET C 69 28.16 26.91 26.18
N ASP C 70 28.10 26.34 27.38
CA ASP C 70 28.37 27.10 28.60
C ASP C 70 28.67 26.13 29.75
N TYR C 71 28.66 26.66 30.96
CA TYR C 71 28.96 25.89 32.17
C TYR C 71 27.68 25.30 32.75
N ASP C 72 27.76 24.79 33.97
CA ASP C 72 26.59 24.29 34.68
C ASP C 72 25.85 25.47 35.32
N SER C 73 24.60 25.67 34.90
CA SER C 73 23.83 26.82 35.38
C SER C 73 22.35 26.50 35.24
N HIS C 74 21.52 27.44 35.68
CA HIS C 74 20.08 27.34 35.48
C HIS C 74 19.73 27.40 34.00
N ARG C 75 20.53 28.12 33.20
CA ARG C 75 20.27 28.21 31.77
C ARG C 75 20.39 26.85 31.09
N TYR C 76 21.42 26.08 31.46
CA TYR C 76 21.56 24.74 30.91
C TYR C 76 20.41 23.84 31.35
N LEU C 77 19.96 23.96 32.59
CA LEU C 77 18.82 23.19 33.06
C LEU C 77 17.55 23.57 32.30
N GLU C 78 17.38 24.84 31.95
CA GLU C 78 16.22 25.25 31.16
C GLU C 78 16.33 24.78 29.72
N CYS C 79 17.55 24.70 29.18
CA CYS C 79 17.74 24.15 27.84
C CYS C 79 17.49 22.64 27.80
N TYR C 80 17.79 21.95 28.91
CA TYR C 80 17.54 20.51 28.99
C TYR C 80 16.06 20.19 28.83
N PHE C 81 15.18 21.17 29.02
CA PHE C 81 13.75 20.96 28.94
C PHE C 81 13.11 21.70 27.78
N ALA C 82 13.32 23.00 27.65
CA ALA C 82 12.58 23.79 26.68
C ALA C 82 12.83 23.32 25.25
N ILE C 83 14.08 23.04 24.91
CA ILE C 83 14.39 22.65 23.53
C ILE C 83 13.76 21.32 23.15
N PRO C 84 13.89 20.23 23.93
CA PRO C 84 13.22 18.99 23.55
C PRO C 84 11.70 19.09 23.50
N MET C 85 11.07 19.83 24.41
CA MET C 85 9.61 19.90 24.42
C MET C 85 9.07 20.56 23.17
N ILE C 86 9.76 21.58 22.66
CA ILE C 86 9.36 22.23 21.42
C ILE C 86 9.40 21.23 20.27
N GLY C 87 10.18 20.17 20.41
CA GLY C 87 10.40 19.20 19.36
C GLY C 87 11.77 19.28 18.75
N ALA C 88 12.53 20.33 19.03
CA ALA C 88 13.84 20.51 18.45
C ALA C 88 14.84 19.54 19.08
N LYS C 89 16.06 19.55 18.54
CA LYS C 89 17.16 18.74 19.03
C LYS C 89 18.10 19.60 19.85
N LEU C 90 18.60 19.04 20.95
CA LEU C 90 19.54 19.72 21.82
C LEU C 90 20.92 19.13 21.58
N HIS C 91 21.86 19.97 21.14
CA HIS C 91 23.22 19.54 20.84
C HIS C 91 24.14 20.15 21.90
N MET C 92 24.66 19.31 22.78
CA MET C 92 25.60 19.73 23.81
C MET C 92 27.01 19.67 23.23
N ILE C 93 27.73 20.78 23.35
CA ILE C 93 29.05 20.93 22.73
C ILE C 93 30.11 20.74 23.80
N ASN C 94 30.99 19.77 23.58
CA ASN C 94 32.10 19.51 24.49
C ASN C 94 33.10 20.65 24.35
N VAL C 95 33.05 21.59 25.30
CA VAL C 95 33.89 22.79 25.23
C VAL C 95 35.36 22.49 25.48
N ARG C 96 35.71 21.25 25.76
CA ARG C 96 37.09 20.87 26.04
C ARG C 96 37.79 20.25 24.84
N LEU C 97 37.08 20.03 23.75
CA LEU C 97 37.71 19.57 22.51
C LEU C 97 38.48 20.70 21.86
N SER C 98 39.34 20.34 20.91
CA SER C 98 40.03 21.34 20.12
C SER C 98 39.05 22.07 19.21
N PRO C 99 39.32 23.33 18.89
CA PRO C 99 38.37 24.08 18.04
C PRO C 99 38.13 23.43 16.67
N GLU C 100 39.10 22.69 16.14
CA GLU C 100 38.86 21.95 14.90
C GLU C 100 37.76 20.90 15.08
N GLN C 101 37.81 20.15 16.19
CA GLN C 101 36.81 19.14 16.44
C GLN C 101 35.46 19.76 16.75
N ILE C 102 35.46 20.89 17.46
CA ILE C 102 34.22 21.61 17.73
C ILE C 102 33.58 22.08 16.42
N LEU C 103 34.40 22.62 15.52
CA LEU C 103 33.90 23.02 14.21
C LEU C 103 33.35 21.83 13.44
N TYR C 104 34.03 20.69 13.51
CA TYR C 104 33.56 19.50 12.83
C TYR C 104 32.19 19.07 13.35
N THR C 105 32.01 19.08 14.68
CA THR C 105 30.74 18.66 15.24
C THR C 105 29.62 19.66 14.93
N ILE C 106 29.95 20.96 14.92
CA ILE C 106 28.96 21.96 14.56
C ILE C 106 28.51 21.78 13.12
N ASP C 107 29.47 21.54 12.21
CA ASP C 107 29.12 21.30 10.81
C ASP C 107 28.32 20.01 10.64
N HIS C 108 28.74 18.94 11.32
CA HIS C 108 28.08 17.65 11.18
C HIS C 108 26.64 17.68 11.70
N ALA C 109 26.42 18.33 12.85
CA ALA C 109 25.08 18.39 13.41
C ALA C 109 24.16 19.36 12.68
N GLU C 110 24.72 20.37 12.01
CA GLU C 110 23.94 21.39 11.29
C GLU C 110 23.02 22.15 12.24
N ASP C 111 23.64 22.87 13.17
CA ASP C 111 22.90 23.68 14.12
C ASP C 111 22.33 24.93 13.46
N ASP C 112 21.26 25.47 14.00
CA ASP C 112 20.66 26.68 13.48
C ASP C 112 20.91 27.82 14.45
N ILE C 113 20.70 27.61 15.74
CA ILE C 113 21.01 28.62 16.74
C ILE C 113 22.17 28.10 17.57
N ILE C 114 22.95 29.02 18.13
CA ILE C 114 24.04 28.68 19.03
C ILE C 114 23.95 29.59 20.25
N LEU C 115 23.87 28.98 21.43
CA LEU C 115 23.93 29.70 22.70
C LEU C 115 25.32 29.47 23.27
N ILE C 116 26.14 30.50 23.26
CA ILE C 116 27.54 30.37 23.65
C ILE C 116 27.83 31.34 24.79
N HIS C 117 28.48 30.84 25.83
CA HIS C 117 28.88 31.70 26.92
C HIS C 117 29.93 32.71 26.46
N GLU C 118 30.00 33.83 27.19
CA GLU C 118 30.94 34.88 26.84
C GLU C 118 32.38 34.39 26.92
N GLU C 119 32.70 33.60 27.94
CA GLU C 119 34.07 33.12 28.15
C GLU C 119 34.55 32.21 27.02
N PHE C 120 33.62 31.57 26.30
CA PHE C 120 33.99 30.71 25.18
C PHE C 120 33.99 31.46 23.86
N LEU C 121 33.84 32.77 23.88
CA LEU C 121 33.89 33.54 22.64
C LEU C 121 35.23 33.45 21.92
N PRO C 122 36.39 33.52 22.59
CA PRO C 122 37.66 33.37 21.84
C PRO C 122 37.74 32.09 21.03
N ILE C 123 37.24 30.97 21.55
CA ILE C 123 37.21 29.74 20.77
C ILE C 123 36.45 29.96 19.47
N LEU C 124 35.25 30.52 19.58
CA LEU C 124 34.44 30.85 18.40
C LEU C 124 35.17 31.76 17.43
N ASP C 125 36.12 32.57 17.92
CA ASP C 125 36.80 33.49 17.03
C ASP C 125 37.73 32.77 16.06
N GLN C 126 38.10 31.53 16.34
CA GLN C 126 38.93 30.77 15.42
C GLN C 126 38.11 29.92 14.46
N ILE C 127 36.80 29.87 14.63
CA ILE C 127 35.95 28.86 14.00
C ILE C 127 34.85 29.54 13.19
N LYS C 128 34.51 30.77 13.57
CA LYS C 128 33.30 31.40 13.07
C LYS C 128 33.31 31.59 11.55
N GLY C 129 34.49 31.76 10.97
CA GLY C 129 34.55 31.97 9.53
C GLY C 129 34.29 30.73 8.70
N ARG C 130 34.16 29.57 9.33
CA ARG C 130 33.92 28.31 8.63
C ARG C 130 32.60 27.67 9.03
N ILE C 131 31.66 28.47 9.51
CA ILE C 131 30.34 28.00 9.91
C ILE C 131 29.31 28.58 8.95
N ASP C 132 28.45 27.72 8.41
CA ASP C 132 27.45 28.12 7.42
C ASP C 132 26.02 28.01 7.93
N THR C 133 25.72 26.99 8.73
CA THR C 133 24.35 26.70 9.10
C THR C 133 23.80 27.64 10.16
N VAL C 134 24.65 28.17 11.04
CA VAL C 134 24.16 28.92 12.19
C VAL C 134 23.73 30.32 11.75
N THR C 135 22.51 30.71 12.14
CA THR C 135 21.98 32.02 11.81
C THR C 135 21.90 32.98 12.99
N ARG C 136 21.93 32.48 14.22
CA ARG C 136 21.90 33.34 15.40
C ARG C 136 22.91 32.86 16.42
N TYR C 137 23.60 33.81 17.03
CA TYR C 137 24.48 33.56 18.17
C TYR C 137 23.92 34.31 19.36
N VAL C 138 23.65 33.59 20.45
CA VAL C 138 23.11 34.16 21.67
C VAL C 138 24.20 34.10 22.73
N VAL C 139 24.67 35.26 23.17
CA VAL C 139 25.81 35.33 24.06
C VAL C 139 25.32 35.32 25.50
N LEU C 140 25.74 34.30 26.25
CA LEU C 140 25.34 34.14 27.65
C LEU C 140 26.35 34.83 28.55
N ARG C 141 25.83 35.63 29.49
CA ARG C 141 26.64 36.31 30.49
C ARG C 141 26.02 36.05 31.85
N ASP C 142 26.74 36.47 32.89
CA ASP C 142 26.32 36.16 34.26
C ASP C 142 25.72 37.34 35.01
N ASP C 143 26.01 38.58 34.62
CA ASP C 143 25.65 39.71 35.49
C ASP C 143 24.33 40.37 35.13
N GLU C 144 24.29 41.12 34.03
CA GLU C 144 23.06 41.82 33.64
C GLU C 144 22.81 41.88 32.14
N GLU C 145 23.82 41.64 31.30
CA GLU C 145 23.71 41.87 29.87
C GLU C 145 23.52 40.59 29.08
N CYS C 146 23.10 39.52 29.75
CA CYS C 146 22.84 38.27 29.06
C CYS C 146 21.76 38.47 28.00
N GLU C 147 22.02 37.98 26.80
CA GLU C 147 21.02 38.04 25.74
C GLU C 147 19.93 37.01 25.96
N TYR C 148 20.25 35.91 26.65
CA TYR C 148 19.24 34.93 27.02
C TYR C 148 18.22 35.53 27.96
N GLU C 149 18.67 36.29 28.97
CA GLU C 149 17.74 36.94 29.88
C GLU C 149 16.89 37.98 29.16
N ARG C 150 17.50 38.75 28.25
CA ARG C 150 16.74 39.75 27.50
C ARG C 150 15.71 39.10 26.58
N LEU C 151 16.06 37.97 25.97
CA LEU C 151 15.11 37.24 25.14
C LEU C 151 13.96 36.71 25.98
N LEU C 152 14.26 36.20 27.18
CA LEU C 152 13.20 35.72 28.07
C LEU C 152 12.28 36.85 28.49
N GLU C 153 12.84 38.02 28.81
CA GLU C 153 12.07 39.07 29.47
C GLU C 153 10.91 39.56 28.62
N GLN C 154 11.02 39.44 27.29
CA GLN C 154 10.01 39.98 26.40
C GLN C 154 9.05 38.92 25.87
N GLU C 155 8.90 37.81 26.58
CA GLU C 155 8.03 36.72 26.16
C GLU C 155 7.08 36.36 27.29
N SER C 156 5.92 35.83 26.92
CA SER C 156 4.89 35.48 27.90
C SER C 156 5.18 34.13 28.53
N THR C 157 4.68 33.95 29.75
CA THR C 157 4.86 32.72 30.51
C THR C 157 3.79 31.69 30.23
N GLU C 158 3.14 31.75 29.07
CA GLU C 158 2.11 30.80 28.67
C GLU C 158 2.54 30.12 27.38
N TYR C 159 2.46 28.80 27.36
CA TYR C 159 2.81 28.04 26.16
C TYR C 159 2.15 26.67 26.25
N ASN C 160 1.57 26.24 25.13
CA ASN C 160 0.95 24.92 25.03
C ASN C 160 1.93 24.01 24.30
N PHE C 161 2.55 23.11 25.05
CA PHE C 161 3.59 22.28 24.47
C PHE C 161 2.98 21.18 23.60
N PRO C 162 3.53 20.96 22.41
CA PRO C 162 2.92 20.02 21.47
C PRO C 162 3.06 18.58 21.95
N ASP C 163 2.20 17.73 21.41
CA ASP C 163 2.25 16.29 21.63
C ASP C 163 2.70 15.63 20.34
N PHE C 164 3.85 14.97 20.39
CA PHE C 164 4.34 14.25 19.22
C PHE C 164 4.70 12.82 19.57
N ASP C 165 5.31 12.11 18.62
CA ASP C 165 5.72 10.74 18.85
C ASP C 165 6.85 10.69 19.88
N GLU C 166 6.82 9.66 20.74
CA GLU C 166 7.83 9.49 21.76
C GLU C 166 9.18 9.09 21.19
N ASN C 167 9.25 8.76 19.90
CA ASN C 167 10.48 8.32 19.26
C ASN C 167 11.21 9.45 18.54
N THR C 168 10.77 10.69 18.73
CA THR C 168 11.49 11.82 18.15
C THR C 168 12.76 12.09 18.93
N VAL C 169 13.84 12.36 18.20
CA VAL C 169 15.15 12.56 18.82
C VAL C 169 15.14 13.83 19.66
N ALA C 170 15.83 13.78 20.80
CA ALA C 170 15.86 14.85 21.78
C ALA C 170 17.24 15.45 21.98
N THR C 171 18.30 14.64 22.00
CA THR C 171 19.63 15.13 22.34
C THR C 171 20.69 14.40 21.52
N THR C 172 21.80 15.11 21.26
CA THR C 172 23.00 14.59 20.60
C THR C 172 24.22 15.25 21.24
N PHE C 173 25.32 14.49 21.40
CA PHE C 173 26.50 15.16 21.96
C PHE C 173 27.88 14.73 21.45
N TYR C 174 28.00 13.84 20.47
CA TYR C 174 29.29 13.64 19.80
C TYR C 174 30.46 13.20 20.67
N THR C 175 30.45 11.97 21.15
CA THR C 175 31.60 11.41 21.85
C THR C 175 32.81 11.29 20.92
N THR C 176 34.00 11.42 21.49
CA THR C 176 35.26 11.26 20.76
C THR C 176 36.02 10.06 21.33
N GLY C 177 36.26 9.06 20.49
CA GLY C 177 36.93 7.85 20.93
C GLY C 177 38.28 7.61 20.27
N THR C 178 38.29 6.68 19.30
CA THR C 178 39.50 6.33 18.57
C THR C 178 39.33 6.42 17.06
N THR C 179 38.14 6.79 16.58
CA THR C 179 37.84 6.71 15.16
C THR C 179 38.67 7.67 14.32
N GLY C 180 39.02 8.84 14.83
CA GLY C 180 39.71 9.83 14.04
C GLY C 180 38.88 11.09 13.90
N PHE C 181 37.57 10.91 13.82
CA PHE C 181 36.59 11.99 13.91
C PHE C 181 35.59 11.65 14.99
N PRO C 182 35.04 12.65 15.68
CA PRO C 182 34.05 12.37 16.72
C PRO C 182 32.80 11.73 16.15
N LYS C 183 32.19 10.86 16.95
CA LYS C 183 31.01 10.11 16.56
C LYS C 183 29.79 10.64 17.31
N GLY C 184 28.71 10.90 16.58
CA GLY C 184 27.52 11.46 17.19
C GLY C 184 26.52 10.43 17.65
N VAL C 185 26.18 10.48 18.94
CA VAL C 185 25.19 9.59 19.53
C VAL C 185 23.97 10.42 19.90
N PHE C 186 22.80 9.79 19.82
CA PHE C 186 21.55 10.50 20.00
C PHE C 186 20.55 9.62 20.75
N PHE C 187 19.61 10.27 21.42
CA PHE C 187 18.59 9.60 22.22
C PHE C 187 17.24 10.24 21.93
N THR C 188 16.18 9.54 22.30
CA THR C 188 14.82 10.03 22.08
C THR C 188 14.16 10.35 23.41
N HIS C 189 12.94 10.91 23.32
CA HIS C 189 12.18 11.24 24.53
C HIS C 189 11.90 9.99 25.35
N ARG C 190 11.49 8.92 24.67
CA ARG C 190 11.16 7.67 25.36
C ARG C 190 12.37 7.14 26.11
N GLN C 191 13.54 7.19 25.50
CA GLN C 191 14.74 6.65 26.12
C GLN C 191 15.13 7.44 27.37
N LEU C 192 15.05 8.77 27.31
CA LEU C 192 15.41 9.57 28.47
C LEU C 192 14.40 9.38 29.62
N VAL C 193 13.12 9.31 29.28
CA VAL C 193 12.10 9.06 30.30
C VAL C 193 12.32 7.70 30.96
N LEU C 194 12.59 6.69 30.14
CA LEU C 194 12.83 5.36 30.70
C LEU C 194 14.11 5.33 31.52
N HIS C 195 15.13 6.08 31.11
CA HIS C 195 16.37 6.11 31.89
C HIS C 195 16.14 6.71 33.27
N THR C 196 15.34 7.75 33.37
CA THR C 196 15.07 8.45 34.62
C THR C 196 14.30 7.68 35.58
N MET C 197 13.42 6.85 35.10
CA MET C 197 12.58 6.04 35.92
C MET C 197 13.21 4.76 36.23
N GLY C 198 13.98 4.14 35.32
CA GLY C 198 14.74 2.97 35.69
C GLY C 198 15.78 3.23 36.75
N ILE C 199 16.54 4.31 36.63
CA ILE C 199 17.54 4.57 37.65
C ILE C 199 16.89 4.99 38.96
N LEU C 200 15.85 5.84 38.93
CA LEU C 200 15.17 6.19 40.18
C LEU C 200 14.64 4.95 40.88
N SER C 201 14.06 4.01 40.13
CA SER C 201 13.56 2.79 40.74
C SER C 201 14.68 1.89 41.25
N THR C 202 15.81 1.83 40.57
CA THR C 202 16.87 0.93 41.01
C THR C 202 17.66 1.43 42.21
N ILE C 203 17.92 2.74 42.34
CA ILE C 203 18.78 3.21 43.41
C ILE C 203 18.02 4.09 44.41
N GLY C 204 16.84 4.59 44.07
CA GLY C 204 15.99 5.20 45.07
C GLY C 204 15.39 4.21 46.05
N THR C 205 15.29 2.93 45.66
CA THR C 205 14.71 1.89 46.49
C THR C 205 15.75 1.16 47.32
N ASN C 206 16.98 1.67 47.37
CA ASN C 206 18.01 1.06 48.20
C ASN C 206 17.58 1.07 49.65
N ALA C 207 18.05 0.08 50.42
CA ALA C 207 17.63 -0.04 51.81
C ALA C 207 18.04 1.19 52.62
N SER C 208 19.35 1.41 52.78
CA SER C 208 19.78 2.56 53.56
C SER C 208 20.96 3.34 53.00
N GLN C 209 21.85 2.76 52.20
CA GLN C 209 23.14 3.40 51.98
C GLN C 209 23.15 4.46 50.88
N GLY C 210 23.09 4.03 49.62
CA GLY C 210 23.33 4.93 48.52
C GLY C 210 22.09 5.44 47.82
N ARG C 211 21.15 6.05 48.54
CA ARG C 211 19.83 6.32 47.96
C ARG C 211 19.63 7.82 47.76
N LEU C 212 19.05 8.16 46.61
CA LEU C 212 18.60 9.51 46.32
C LEU C 212 17.11 9.59 46.60
N HIS C 213 16.73 10.46 47.53
CA HIS C 213 15.36 10.58 47.92
C HIS C 213 14.88 11.99 47.76
N GLN C 214 13.66 12.26 48.20
CA GLN C 214 13.07 13.55 48.08
C GLN C 214 13.47 14.58 49.12
N GLY C 215 14.44 14.27 49.94
CA GLY C 215 14.91 15.25 50.89
C GLY C 215 16.35 15.61 50.66
N ASP C 216 16.88 15.23 49.51
CA ASP C 216 18.26 15.52 49.17
C ASP C 216 18.39 16.90 48.55
N ILE C 217 19.63 17.40 48.53
CA ILE C 217 19.99 18.63 47.85
C ILE C 217 21.07 18.29 46.83
N TYR C 218 20.77 18.53 45.56
CA TYR C 218 21.59 18.05 44.46
C TYR C 218 22.53 19.15 43.99
N MET C 219 23.73 18.76 43.58
CA MET C 219 24.67 19.70 42.95
C MET C 219 25.63 18.95 42.04
N PRO C 220 25.56 19.16 40.73
CA PRO C 220 26.43 18.41 39.83
C PRO C 220 27.87 18.90 39.90
N ILE C 221 28.80 17.95 39.80
CA ILE C 221 30.20 18.24 39.55
C ILE C 221 30.70 17.53 38.31
N THR C 222 29.81 17.25 37.37
CA THR C 222 30.10 16.69 36.06
C THR C 222 29.75 17.73 34.99
N PRO C 223 30.57 17.84 33.93
CA PRO C 223 30.46 18.97 33.01
C PRO C 223 29.07 19.24 32.43
N MET C 224 28.14 18.30 32.48
CA MET C 224 26.73 18.53 32.15
C MET C 224 26.53 18.70 30.64
N PHE C 225 27.62 18.75 29.87
CA PHE C 225 27.52 18.57 28.43
C PHE C 225 27.99 17.19 28.00
N HIS C 226 28.56 16.41 28.92
CA HIS C 226 29.07 15.09 28.57
C HIS C 226 27.97 14.10 28.19
N VAL C 227 27.18 13.67 29.17
CA VAL C 227 26.24 12.57 28.96
C VAL C 227 24.87 12.87 29.54
N HIS C 228 24.45 14.13 29.48
CA HIS C 228 23.30 14.68 30.22
C HIS C 228 23.60 14.76 31.72
N ALA C 229 24.87 14.95 32.08
CA ALA C 229 25.29 14.93 33.47
C ALA C 229 24.82 13.65 34.16
N TRP C 230 24.97 12.53 33.44
CA TRP C 230 24.59 11.20 33.91
C TRP C 230 23.09 11.05 34.11
N GLY C 231 22.31 11.93 33.47
CA GLY C 231 20.86 11.92 33.60
C GLY C 231 20.34 12.45 34.91
N LEU C 232 21.21 13.05 35.73
CA LEU C 232 20.91 13.42 37.09
C LEU C 232 20.05 14.68 37.21
N PRO C 233 20.24 15.71 36.38
CA PRO C 233 19.31 16.83 36.44
C PRO C 233 17.85 16.44 36.20
N TYR C 234 17.61 15.51 35.28
CA TYR C 234 16.24 15.03 35.05
C TYR C 234 15.69 14.33 36.28
N MET C 235 16.49 13.47 36.90
CA MET C 235 16.04 12.75 38.09
C MET C 235 15.79 13.71 39.24
N ALA C 236 16.65 14.71 39.39
CA ALA C 236 16.54 15.65 40.49
C ALA C 236 15.34 16.57 40.32
N THR C 237 15.05 16.97 39.09
CA THR C 237 13.89 17.82 38.88
C THR C 237 12.58 17.03 38.95
N MET C 238 12.63 15.73 38.68
CA MET C 238 11.46 14.85 38.80
C MET C 238 11.12 14.68 40.26
N LEU C 239 12.13 14.55 41.10
CA LEU C 239 11.89 14.42 42.53
C LEU C 239 11.55 15.75 43.18
N GLY C 240 11.75 16.87 42.49
CA GLY C 240 11.43 18.18 43.03
C GLY C 240 12.31 18.61 44.19
N VAL C 241 13.59 18.26 44.13
CA VAL C 241 14.53 18.59 45.19
C VAL C 241 15.21 19.93 44.89
N LYS C 242 15.82 20.49 45.92
CA LYS C 242 16.64 21.69 45.74
C LYS C 242 17.89 21.37 44.94
N GLN C 243 18.21 22.24 43.98
CA GLN C 243 19.34 22.04 43.10
C GLN C 243 20.25 23.26 43.15
N VAL C 244 21.56 23.00 43.21
CA VAL C 244 22.59 24.03 43.26
C VAL C 244 23.51 23.83 42.08
N TYR C 245 23.78 24.91 41.34
CA TYR C 245 24.63 24.85 40.17
C TYR C 245 25.85 25.72 40.40
N PRO C 246 27.06 25.18 40.29
CA PRO C 246 28.25 25.93 40.70
C PRO C 246 28.87 26.77 39.58
N GLY C 247 28.52 26.49 38.33
CA GLY C 247 29.13 27.19 37.22
C GLY C 247 30.49 26.63 36.84
N LYS C 248 31.53 27.44 36.96
CA LYS C 248 32.88 26.99 36.68
C LYS C 248 33.46 26.34 37.93
N TYR C 249 33.92 25.10 37.80
CA TYR C 249 34.37 24.32 38.95
C TYR C 249 35.65 24.91 39.51
N VAL C 250 35.60 25.32 40.78
CA VAL C 250 36.78 25.75 41.52
C VAL C 250 36.76 24.99 42.85
N PRO C 251 37.89 24.38 43.29
CA PRO C 251 37.74 23.59 44.50
C PRO C 251 37.28 24.25 45.73
N ASP C 252 37.50 25.51 45.91
CA ASP C 252 37.16 26.17 47.12
C ASP C 252 35.88 26.90 47.02
N VAL C 253 35.24 26.94 45.87
CA VAL C 253 33.93 27.52 45.75
C VAL C 253 32.95 26.41 45.87
N LEU C 254 33.28 25.22 45.43
CA LEU C 254 32.44 24.05 45.61
C LEU C 254 32.32 23.69 47.08
N LEU C 255 33.42 23.82 47.83
CA LEU C 255 33.39 23.53 49.27
C LEU C 255 32.47 24.52 49.99
N ASN C 256 32.55 25.80 49.61
CA ASN C 256 31.66 26.80 50.20
C ASN C 256 30.21 26.48 49.88
N LEU C 257 29.93 26.07 48.64
CA LEU C 257 28.56 25.71 48.28
C LEU C 257 28.07 24.51 49.09
N ILE C 258 28.93 23.51 49.27
CA ILE C 258 28.54 22.34 50.05
C ILE C 258 28.23 22.74 51.49
N GLU C 259 29.10 23.57 52.08
CA GLU C 259 28.88 23.98 53.47
C GLU C 259 27.63 24.83 53.62
N GLN C 260 27.40 25.77 52.73
CA GLN C 260 26.30 26.71 52.89
C GLN C 260 24.94 26.29 52.39
N GLU C 261 24.89 25.64 51.25
CA GLU C 261 23.62 25.16 50.75
C GLU C 261 23.26 23.77 51.26
N LYS C 262 24.16 23.14 52.02
CA LYS C 262 23.92 21.83 52.63
C LYS C 262 23.64 20.76 51.58
N VAL C 263 24.52 20.67 50.59
CA VAL C 263 24.39 19.67 49.54
C VAL C 263 24.61 18.28 50.13
N THR C 264 23.78 17.33 49.73
CA THR C 264 23.88 15.96 50.17
C THR C 264 24.20 14.96 49.07
N PHE C 265 23.88 15.26 47.81
CA PHE C 265 24.06 14.34 46.72
C PHE C 265 24.76 15.04 45.56
N SER C 266 25.78 14.39 45.00
CA SER C 266 26.54 14.97 43.90
C SER C 266 27.23 13.85 43.15
N HIS C 267 27.99 14.21 42.10
CA HIS C 267 28.69 13.24 41.30
C HIS C 267 29.83 13.93 40.57
N CYS C 268 30.99 13.28 40.56
CA CYS C 268 32.17 13.79 39.90
C CYS C 268 33.07 12.72 39.37
N VAL C 269 34.30 13.09 39.05
CA VAL C 269 35.32 12.15 38.56
C VAL C 269 36.43 12.13 39.60
N PRO C 270 37.29 11.11 39.62
CA PRO C 270 38.27 11.00 40.73
C PRO C 270 39.18 12.21 40.89
N THR C 271 39.50 12.90 39.80
CA THR C 271 40.41 14.05 39.91
C THR C 271 39.79 15.17 40.72
N ILE C 272 38.52 15.48 40.49
CA ILE C 272 37.87 16.55 41.23
C ILE C 272 37.73 16.18 42.70
N LEU C 273 37.42 14.90 42.98
CA LEU C 273 37.31 14.46 44.36
C LEU C 273 38.65 14.56 45.08
N HIS C 274 39.73 14.19 44.41
CA HIS C 274 41.07 14.35 44.98
C HIS C 274 41.38 15.82 45.23
N LEU C 275 41.00 16.69 44.31
CA LEU C 275 41.26 18.12 44.49
C LEU C 275 40.47 18.67 45.67
N LEU C 276 39.25 18.19 45.86
CA LEU C 276 38.43 18.68 46.97
C LEU C 276 38.95 18.19 48.31
N LEU C 277 39.26 16.90 48.41
CA LEU C 277 39.70 16.34 49.69
C LEU C 277 41.06 16.87 50.13
N SER C 278 41.86 17.39 49.19
CA SER C 278 43.17 17.95 49.53
C SER C 278 43.13 19.44 49.82
N SER C 279 42.01 20.10 49.55
CA SER C 279 41.95 21.55 49.72
C SER C 279 42.09 21.92 51.19
N PRO C 280 42.77 23.03 51.50
CA PRO C 280 42.98 23.38 52.92
C PRO C 280 41.71 23.61 53.71
N LYS C 281 40.66 24.13 53.09
CA LYS C 281 39.41 24.39 53.80
C LYS C 281 38.62 23.12 54.08
N SER C 282 38.89 22.05 53.34
CA SER C 282 38.12 20.82 53.50
C SER C 282 38.35 20.20 54.87
N LYS C 283 39.55 20.35 55.42
CA LYS C 283 39.88 19.71 56.68
C LYS C 283 39.00 20.16 57.83
N ALA C 284 38.50 21.38 57.77
CA ALA C 284 37.66 21.93 58.83
C ALA C 284 36.19 21.96 58.42
N MET C 285 35.75 20.94 57.71
CA MET C 285 34.38 20.89 57.23
C MET C 285 33.70 19.60 57.60
N ASP C 286 32.38 19.66 57.75
CA ASP C 286 31.59 18.47 58.05
C ASP C 286 31.15 17.81 56.74
N PHE C 287 31.60 16.59 56.52
CA PHE C 287 31.31 15.87 55.29
C PHE C 287 30.34 14.71 55.47
N SER C 288 29.89 14.44 56.69
CA SER C 288 29.13 13.23 56.95
C SER C 288 27.65 13.40 56.66
N GLY C 289 27.31 13.96 55.50
CA GLY C 289 25.95 13.96 55.00
C GLY C 289 25.93 13.87 53.49
N TRP C 290 27.11 13.65 52.91
CA TRP C 290 27.35 13.82 51.48
C TRP C 290 27.54 12.46 50.82
N LYS C 291 26.99 12.31 49.62
CA LYS C 291 26.90 11.04 48.90
C LYS C 291 27.38 11.19 47.46
N VAL C 292 28.62 11.65 47.28
CA VAL C 292 29.18 11.77 45.94
C VAL C 292 29.22 10.41 45.24
N VAL C 293 28.97 10.42 43.93
CA VAL C 293 29.02 9.25 43.07
C VAL C 293 30.20 9.42 42.12
N ILE C 294 31.17 8.53 42.21
CA ILE C 294 32.40 8.63 41.42
C ILE C 294 32.28 7.65 40.26
N GLY C 295 31.76 8.12 39.14
CA GLY C 295 31.58 7.25 37.99
C GLY C 295 32.32 7.69 36.74
N GLY C 296 33.30 8.57 36.90
CA GLY C 296 34.05 9.05 35.75
C GLY C 296 34.90 7.97 35.11
N ALA C 297 35.94 7.51 35.80
CA ALA C 297 36.77 6.41 35.29
C ALA C 297 37.54 5.80 36.46
N ALA C 298 37.15 4.60 36.87
CA ALA C 298 37.99 3.71 37.67
C ALA C 298 38.43 4.37 38.98
N LEU C 299 37.45 4.55 39.87
CA LEU C 299 37.69 5.02 41.23
C LEU C 299 38.83 4.24 41.90
N PRO C 300 39.94 4.88 42.20
CA PRO C 300 41.03 4.19 42.89
C PRO C 300 40.65 3.81 44.32
N LYS C 301 41.28 2.75 44.82
CA LYS C 301 40.99 2.26 46.16
C LYS C 301 41.57 3.14 47.25
N ALA C 302 42.71 3.79 47.01
CA ALA C 302 43.31 4.65 48.02
C ALA C 302 42.53 5.94 48.17
N LEU C 303 42.07 6.52 47.05
CA LEU C 303 41.20 7.69 47.13
C LEU C 303 39.89 7.34 47.81
N CYS C 304 39.33 6.17 47.53
CA CYS C 304 38.12 5.72 48.20
C CYS C 304 38.35 5.58 49.70
N LYS C 305 39.50 5.03 50.09
CA LYS C 305 39.81 4.88 51.51
C LYS C 305 39.95 6.24 52.19
N SER C 306 40.58 7.20 51.52
CA SER C 306 40.73 8.53 52.11
C SER C 306 39.39 9.25 52.21
N ALA C 307 38.50 9.03 51.24
CA ALA C 307 37.18 9.65 51.31
C ALA C 307 36.29 8.96 52.33
N LEU C 308 36.55 7.68 52.63
CA LEU C 308 35.73 6.98 53.61
C LEU C 308 36.06 7.40 55.04
N GLU C 309 37.27 7.88 55.28
CA GLU C 309 37.66 8.29 56.62
C GLU C 309 37.03 9.62 57.02
N ARG C 310 36.56 10.40 56.06
CA ARG C 310 35.81 11.62 56.32
C ARG C 310 34.31 11.36 56.41
N ASP C 311 33.90 10.10 56.33
CA ASP C 311 32.50 9.68 56.43
C ASP C 311 31.68 10.20 55.25
N ILE C 312 32.18 9.94 54.05
CA ILE C 312 31.50 10.27 52.81
C ILE C 312 31.02 8.98 52.18
N ASP C 313 29.75 8.95 51.78
CA ASP C 313 29.17 7.82 51.07
C ASP C 313 29.68 7.85 49.63
N VAL C 314 30.78 7.16 49.38
CA VAL C 314 31.39 7.09 48.05
C VAL C 314 31.00 5.77 47.42
N PHE C 315 30.60 5.81 46.16
CA PHE C 315 30.37 4.59 45.39
C PHE C 315 30.57 4.91 43.91
N ALA C 316 30.78 3.86 43.14
CA ALA C 316 31.15 3.99 41.74
C ALA C 316 30.00 3.57 40.83
N GLY C 317 30.04 4.06 39.60
CA GLY C 317 29.07 3.68 38.60
C GLY C 317 29.75 3.54 37.25
N TYR C 318 29.06 2.94 36.30
CA TYR C 318 29.62 2.70 34.99
C TYR C 318 28.71 3.16 33.89
N GLY C 319 29.24 3.88 32.93
CA GLY C 319 28.45 4.38 31.83
C GLY C 319 29.41 4.56 30.70
N MET C 320 28.91 4.85 29.51
CA MET C 320 29.80 4.91 28.37
C MET C 320 29.54 5.97 27.34
N SER C 321 28.51 6.78 27.41
CA SER C 321 28.12 7.86 26.50
C SER C 321 27.44 7.35 25.24
N GLU C 322 27.43 6.04 25.05
CA GLU C 322 26.56 5.40 24.07
C GLU C 322 25.40 4.69 24.75
N THR C 323 25.34 4.73 26.08
CA THR C 323 24.54 3.80 26.85
C THR C 323 23.59 4.49 27.82
N GLY C 324 23.40 5.81 27.70
CA GLY C 324 22.40 6.47 28.50
C GLY C 324 22.84 7.57 29.47
N PRO C 325 23.94 7.38 30.23
CA PRO C 325 24.98 6.35 30.21
C PRO C 325 24.88 5.22 31.23
N ILE C 326 24.07 5.35 32.29
CA ILE C 326 24.23 4.48 33.45
C ILE C 326 23.89 3.04 33.09
N LEU C 327 24.80 2.14 33.42
CA LEU C 327 24.64 0.70 33.22
C LEU C 327 24.74 -0.08 34.51
N SER C 328 25.65 0.28 35.40
CA SER C 328 25.86 -0.45 36.64
C SER C 328 26.18 0.53 37.76
N ILE C 329 25.79 0.15 38.98
CA ILE C 329 26.01 0.97 40.17
C ILE C 329 26.39 0.04 41.32
N VAL C 330 27.33 0.51 42.14
CA VAL C 330 27.70 -0.20 43.35
C VAL C 330 26.62 0.02 44.40
N GLN C 331 26.04 -1.08 44.89
CA GLN C 331 25.04 -1.03 45.96
C GLN C 331 25.40 -2.06 47.01
N LEU C 332 25.53 -1.62 48.26
CA LEU C 332 26.03 -2.46 49.34
C LEU C 332 24.85 -2.98 50.17
N THR C 333 24.85 -4.28 50.43
CA THR C 333 23.88 -4.87 51.34
C THR C 333 24.26 -4.55 52.79
N PRO C 334 23.30 -4.59 53.72
CA PRO C 334 23.62 -4.29 55.11
C PRO C 334 24.64 -5.23 55.73
N GLU C 335 24.78 -6.44 55.17
CA GLU C 335 25.86 -7.32 55.61
C GLU C 335 27.23 -6.74 55.26
N GLN C 336 27.34 -6.07 54.11
CA GLN C 336 28.57 -5.46 53.64
C GLN C 336 28.83 -4.09 54.26
N LEU C 337 27.82 -3.46 54.84
CA LEU C 337 27.98 -2.16 55.48
C LEU C 337 28.51 -2.28 56.90
N GLU C 338 29.06 -3.45 57.26
CA GLU C 338 29.65 -3.67 58.56
C GLU C 338 31.16 -3.90 58.51
N LEU C 339 31.70 -4.17 57.33
CA LEU C 339 33.14 -4.41 57.22
C LEU C 339 33.91 -3.13 57.52
N ASP C 340 35.21 -3.29 57.75
CA ASP C 340 36.05 -2.14 58.02
C ASP C 340 36.25 -1.33 56.73
N VAL C 341 37.09 -0.30 56.82
CA VAL C 341 37.31 0.61 55.70
C VAL C 341 37.90 -0.12 54.50
N ASP C 342 38.89 -0.97 54.74
CA ASP C 342 39.62 -1.59 53.63
C ASP C 342 38.71 -2.45 52.77
N GLN C 343 37.96 -3.36 53.39
CA GLN C 343 37.06 -4.21 52.64
C GLN C 343 35.94 -3.39 52.00
N GLN C 344 35.43 -2.39 52.72
CA GLN C 344 34.47 -1.48 52.14
C GLN C 344 35.05 -0.69 50.98
N ALA C 345 36.32 -0.28 51.11
CA ALA C 345 36.97 0.42 50.00
C ALA C 345 37.06 -0.47 48.77
N GLU C 346 37.33 -1.74 48.95
CA GLU C 346 37.42 -2.66 47.84
C GLU C 346 36.06 -2.93 47.22
N TYR C 347 35.02 -2.92 48.05
CA TYR C 347 33.68 -3.13 47.50
C TYR C 347 33.16 -1.91 46.76
N ARG C 348 33.43 -0.71 47.29
CA ARG C 348 32.87 0.52 46.75
C ARG C 348 33.55 0.97 45.46
N SER C 349 34.76 0.49 45.21
CA SER C 349 35.51 0.88 44.03
C SER C 349 35.32 -0.06 42.85
N LYS C 350 34.43 -1.04 42.97
CA LYS C 350 34.14 -1.93 41.86
C LYS C 350 33.25 -1.24 40.84
N THR C 351 33.11 -1.87 39.68
CA THR C 351 32.21 -1.33 38.65
C THR C 351 30.75 -1.44 39.07
N GLY C 352 30.40 -2.50 39.80
CA GLY C 352 29.10 -2.63 40.40
C GLY C 352 28.19 -3.58 39.65
N LYS C 353 27.02 -3.81 40.24
CA LYS C 353 26.01 -4.66 39.64
C LYS C 353 25.15 -3.88 38.66
N LYS C 354 24.62 -4.58 37.67
CA LYS C 354 23.80 -3.94 36.66
C LYS C 354 22.47 -3.48 37.23
N VAL C 355 21.98 -2.36 36.69
CA VAL C 355 20.74 -1.73 37.11
C VAL C 355 19.54 -2.42 36.47
N ALA C 356 18.34 -2.03 36.88
CA ALA C 356 17.12 -2.61 36.32
C ALA C 356 17.07 -2.48 34.81
N LEU C 357 16.67 -3.57 34.14
CA LEU C 357 16.41 -3.66 32.71
C LEU C 357 17.68 -3.69 31.86
N VAL C 358 18.80 -4.16 32.42
CA VAL C 358 20.07 -4.26 31.71
C VAL C 358 20.51 -5.72 31.72
N GLU C 359 21.09 -6.17 30.59
CA GLU C 359 21.39 -7.58 30.42
C GLU C 359 22.85 -7.93 30.74
N ALA C 360 23.80 -7.25 30.12
CA ALA C 360 25.20 -7.23 30.56
C ALA C 360 25.83 -8.62 30.59
N TYR C 361 26.06 -9.17 29.40
CA TYR C 361 26.87 -10.37 29.26
C TYR C 361 28.33 -10.02 28.99
N ILE C 362 29.22 -11.00 29.16
CA ILE C 362 30.60 -10.88 28.72
C ILE C 362 30.87 -12.01 27.73
N VAL C 363 31.41 -11.65 26.58
CA VAL C 363 31.61 -12.58 25.48
C VAL C 363 33.09 -12.55 25.08
N ASP C 364 33.45 -13.46 24.18
CA ASP C 364 34.77 -13.48 23.57
C ASP C 364 34.67 -12.86 22.18
N GLU C 365 35.75 -12.99 21.40
CA GLU C 365 35.81 -12.41 20.07
C GLU C 365 34.78 -13.02 19.12
N ASP C 366 34.22 -14.18 19.46
CA ASP C 366 33.23 -14.85 18.62
C ASP C 366 31.83 -14.77 19.21
N MET C 367 31.61 -13.96 20.24
CA MET C 367 30.31 -13.79 20.89
C MET C 367 29.79 -15.12 21.44
N ASN C 368 30.53 -15.66 22.42
CA ASN C 368 30.23 -16.97 22.97
C ASN C 368 29.73 -16.96 24.40
N LYS C 369 29.61 -15.79 25.04
CA LYS C 369 28.96 -15.64 26.35
C LYS C 369 29.64 -16.52 27.41
N LEU C 370 30.87 -16.12 27.73
CA LEU C 370 31.72 -16.72 28.75
C LEU C 370 31.02 -16.83 30.10
N PRO C 371 31.43 -17.76 30.96
CA PRO C 371 30.77 -17.91 32.27
C PRO C 371 31.14 -16.79 33.23
N HIS C 372 30.32 -16.66 34.27
CA HIS C 372 30.54 -15.67 35.33
C HIS C 372 31.13 -16.39 36.54
N ASP C 373 32.44 -16.60 36.50
CA ASP C 373 33.15 -17.31 37.55
C ASP C 373 34.04 -16.41 38.39
N GLY C 374 34.18 -15.13 38.03
CA GLY C 374 35.04 -14.21 38.74
C GLY C 374 36.47 -14.17 38.27
N GLU C 375 36.85 -14.98 37.28
CA GLU C 375 38.22 -14.97 36.80
C GLU C 375 38.30 -14.73 35.29
N THR C 376 37.40 -15.35 34.53
CA THR C 376 37.48 -15.29 33.07
C THR C 376 37.05 -13.91 32.58
N ALA C 377 37.88 -13.30 31.75
CA ALA C 377 37.63 -11.96 31.24
C ALA C 377 37.15 -12.01 29.79
N GLY C 378 36.40 -11.00 29.41
CA GLY C 378 35.86 -10.87 28.07
C GLY C 378 35.26 -9.50 27.93
N GLU C 379 34.75 -9.22 26.72
CA GLU C 379 34.20 -7.89 26.47
C GLU C 379 32.72 -7.86 26.84
N ILE C 380 32.31 -6.76 27.46
CA ILE C 380 30.94 -6.60 27.93
C ILE C 380 30.05 -6.17 26.76
N VAL C 381 28.94 -6.89 26.58
CA VAL C 381 27.92 -6.55 25.60
C VAL C 381 26.59 -6.46 26.33
N VAL C 382 25.81 -5.41 26.02
CA VAL C 382 24.65 -5.06 26.83
C VAL C 382 23.43 -4.83 25.94
N ARG C 383 22.26 -4.98 26.56
CA ARG C 383 20.99 -4.56 26.00
C ARG C 383 20.24 -3.78 27.07
N ALA C 384 19.70 -2.63 26.71
CA ALA C 384 19.06 -1.75 27.66
C ALA C 384 18.04 -0.90 26.91
N PRO C 385 17.06 -0.32 27.62
CA PRO C 385 16.06 0.50 26.93
C PRO C 385 16.56 1.86 26.47
N TRP C 386 17.81 2.22 26.75
CA TRP C 386 18.29 3.58 26.52
C TRP C 386 19.65 3.59 25.84
N LEU C 387 19.81 2.81 24.77
CA LEU C 387 21.05 2.77 24.00
C LEU C 387 20.84 3.39 22.63
N THR C 388 21.88 4.02 22.11
CA THR C 388 21.81 4.60 20.78
C THR C 388 21.72 3.49 19.74
N PRO C 389 20.77 3.57 18.79
CA PRO C 389 20.70 2.53 17.75
C PRO C 389 21.94 2.48 16.88
N ASN C 390 22.60 3.62 16.65
CA ASN C 390 23.74 3.70 15.76
C ASN C 390 24.45 5.01 16.01
N TYR C 391 25.50 5.26 15.23
CA TYR C 391 26.12 6.57 15.19
C TYR C 391 25.44 7.41 14.11
N TYR C 392 25.40 8.71 14.35
CA TYR C 392 24.73 9.60 13.42
C TYR C 392 25.52 9.71 12.12
N LYS C 393 24.84 9.49 10.99
CA LYS C 393 25.44 9.58 9.66
C LYS C 393 26.63 8.63 9.51
N ASP C 394 26.52 7.44 10.11
CA ASP C 394 27.59 6.46 10.03
C ASP C 394 26.99 5.10 9.73
N ASN C 395 27.73 4.30 8.95
CA ASN C 395 27.26 2.99 8.55
C ASN C 395 28.15 1.85 9.03
N LYS C 396 29.45 1.90 8.73
CA LYS C 396 30.34 0.81 9.11
C LYS C 396 30.65 0.81 10.60
N ASN C 397 30.88 1.98 11.19
CA ASN C 397 31.06 2.06 12.64
C ASN C 397 29.79 1.65 13.37
N SER C 398 28.63 2.03 12.82
CA SER C 398 27.36 1.63 13.41
C SER C 398 27.19 0.12 13.40
N LYS C 399 27.61 -0.52 12.32
CA LYS C 399 27.54 -1.98 12.25
C LYS C 399 28.54 -2.63 13.20
N ALA C 400 29.72 -2.05 13.35
CA ALA C 400 30.68 -2.61 14.29
C ALA C 400 30.24 -2.42 15.73
N LEU C 401 29.41 -1.40 15.99
CA LEU C 401 28.94 -1.15 17.35
C LEU C 401 27.92 -2.19 17.80
N TRP C 402 26.94 -2.51 16.95
CA TRP C 402 25.85 -3.40 17.31
C TRP C 402 26.04 -4.80 16.73
N ARG C 403 27.29 -5.24 16.62
CA ARG C 403 27.60 -6.54 16.03
C ARG C 403 27.02 -7.66 16.87
N GLY C 404 26.36 -8.62 16.21
CA GLY C 404 25.85 -9.78 16.90
C GLY C 404 24.63 -9.54 17.75
N GLY C 405 23.90 -8.45 17.52
CA GLY C 405 22.69 -8.19 18.27
C GLY C 405 22.89 -7.61 19.64
N TYR C 406 24.10 -7.19 19.98
CA TYR C 406 24.40 -6.60 21.27
C TYR C 406 25.22 -5.34 21.06
N LEU C 407 25.13 -4.41 21.99
CA LEU C 407 25.95 -3.22 21.93
C LEU C 407 27.31 -3.51 22.54
N HIS C 408 28.39 -3.28 21.82
CA HIS C 408 29.69 -3.61 22.30
C HIS C 408 30.26 -2.46 23.00
N THR C 409 30.64 -2.61 24.23
CA THR C 409 31.11 -1.51 25.03
C THR C 409 32.52 -1.14 24.77
N GLY C 410 33.36 -2.12 24.56
CA GLY C 410 34.77 -1.86 24.37
C GLY C 410 35.63 -2.07 25.60
N ASP C 411 35.05 -2.58 26.68
CA ASP C 411 35.78 -2.83 27.92
C ASP C 411 35.87 -4.32 28.17
N VAL C 412 36.97 -4.74 28.79
CA VAL C 412 37.21 -6.13 29.17
C VAL C 412 37.13 -6.22 30.68
N ALA C 413 36.25 -7.09 31.16
CA ALA C 413 35.92 -7.24 32.57
C ALA C 413 35.60 -8.69 32.87
N HIS C 414 35.52 -9.02 34.16
CA HIS C 414 35.03 -10.29 34.62
C HIS C 414 33.90 -10.05 35.62
N ILE C 415 32.99 -11.00 35.72
CA ILE C 415 31.79 -10.87 36.54
C ILE C 415 31.77 -11.99 37.57
N ASP C 416 31.54 -11.63 38.82
CA ASP C 416 31.42 -12.61 39.90
C ASP C 416 30.10 -13.36 39.78
N ASP C 417 30.02 -14.46 40.54
CA ASP C 417 28.74 -15.16 40.68
C ASP C 417 27.71 -14.28 41.37
N GLU C 418 28.15 -13.48 42.33
CA GLU C 418 27.22 -12.57 43.01
C GLU C 418 26.64 -11.54 42.04
N GLY C 419 27.47 -11.03 41.13
CA GLY C 419 26.98 -10.10 40.12
C GLY C 419 27.86 -8.88 39.98
N PHE C 420 28.87 -8.77 40.82
CA PHE C 420 29.77 -7.63 40.79
C PHE C 420 30.65 -7.68 39.55
N ILE C 421 30.73 -6.57 38.84
CA ILE C 421 31.58 -6.44 37.67
C ILE C 421 32.85 -5.71 38.05
N LYS C 422 33.97 -6.09 37.44
CA LYS C 422 35.22 -5.38 37.62
C LYS C 422 35.90 -5.27 36.26
N ILE C 423 35.96 -4.05 35.73
CA ILE C 423 36.59 -3.83 34.43
C ILE C 423 38.09 -3.93 34.60
N THR C 424 38.72 -4.79 33.78
CA THR C 424 40.16 -4.97 33.85
C THR C 424 40.90 -4.07 32.86
N ASP C 425 40.41 -3.94 31.63
CA ASP C 425 41.15 -3.18 30.64
C ASP C 425 40.20 -2.74 29.52
N ARG C 426 40.79 -2.21 28.45
CA ARG C 426 40.07 -1.92 27.21
C ARG C 426 40.36 -3.00 26.18
N VAL C 427 39.42 -3.15 25.24
CA VAL C 427 39.56 -4.18 24.22
C VAL C 427 40.76 -3.91 23.34
N LYS C 428 40.96 -2.64 22.95
CA LYS C 428 42.06 -2.28 22.07
C LYS C 428 43.42 -2.27 22.76
N ASP C 429 43.46 -2.27 24.09
CA ASP C 429 44.71 -2.22 24.82
C ASP C 429 45.17 -3.59 25.31
N MET C 430 44.53 -4.66 24.86
CA MET C 430 44.91 -6.00 25.29
C MET C 430 46.22 -6.40 24.64
N ILE C 431 47.14 -6.99 25.39
CA ILE C 431 48.35 -7.51 24.75
C ILE C 431 48.12 -8.93 24.22
N LYS C 432 48.24 -9.08 22.90
CA LYS C 432 48.01 -10.33 22.16
C LYS C 432 49.26 -11.20 22.12
N ILE C 433 49.92 -11.30 23.29
CA ILE C 433 51.12 -12.12 23.37
C ILE C 433 50.74 -13.50 22.96
N SER C 434 51.33 -13.96 21.89
CA SER C 434 51.09 -15.31 21.40
C SER C 434 49.60 -15.64 21.35
N GLY C 435 49.18 -16.63 22.13
CA GLY C 435 47.81 -17.12 22.12
C GLY C 435 46.96 -16.76 23.31
N GLU C 436 47.39 -15.82 24.16
CA GLU C 436 46.60 -15.41 25.31
C GLU C 436 46.48 -13.89 25.33
N TRP C 437 45.47 -13.41 26.06
CA TRP C 437 45.20 -12.00 26.20
C TRP C 437 45.57 -11.56 27.61
N VAL C 438 46.36 -10.50 27.72
CA VAL C 438 46.81 -9.96 29.00
C VAL C 438 46.44 -8.49 29.06
N SER C 439 45.91 -8.08 30.23
CA SER C 439 45.60 -6.67 30.44
C SER C 439 46.87 -5.86 30.65
N SER C 440 46.94 -4.71 29.98
CA SER C 440 48.06 -3.80 30.18
C SER C 440 47.85 -2.84 31.34
N LEU C 441 46.63 -2.78 31.90
CA LEU C 441 46.37 -1.88 33.01
C LEU C 441 47.02 -2.37 34.30
N GLU C 442 46.94 -3.68 34.55
CA GLU C 442 47.50 -4.23 35.80
C GLU C 442 49.00 -4.07 35.88
N LEU C 443 49.68 -3.92 34.74
CA LEU C 443 51.13 -3.70 34.76
C LEU C 443 51.47 -2.26 35.11
N GLU C 444 50.66 -1.30 34.66
CA GLU C 444 51.00 0.11 34.83
C GLU C 444 51.06 0.51 36.30
N ASP C 445 50.09 0.05 37.10
CA ASP C 445 50.06 0.43 38.50
C ASP C 445 51.21 -0.18 39.29
N ILE C 446 51.68 -1.35 38.87
CA ILE C 446 52.83 -1.98 39.52
C ILE C 446 54.06 -1.10 39.36
N LEU C 447 54.28 -0.59 38.15
CA LEU C 447 55.37 0.36 37.93
C LEU C 447 55.10 1.68 38.65
N HIS C 448 53.82 2.06 38.75
CA HIS C 448 53.47 3.30 39.45
C HIS C 448 53.83 3.23 40.93
N GLN C 449 53.90 2.02 41.50
CA GLN C 449 54.25 1.87 42.90
C GLN C 449 55.69 2.26 43.20
N HIS C 450 56.53 2.39 42.18
CA HIS C 450 57.91 2.80 42.38
C HIS C 450 57.97 4.24 42.89
N GLN C 451 59.03 4.54 43.63
CA GLN C 451 59.21 5.85 44.25
C GLN C 451 59.77 6.89 43.30
N SER C 452 60.23 6.50 42.11
CA SER C 452 60.88 7.43 41.19
C SER C 452 60.21 7.46 39.82
N VAL C 453 58.93 7.12 39.75
CA VAL C 453 58.16 7.14 38.51
C VAL C 453 56.94 8.03 38.71
N SER C 454 56.65 8.87 37.70
CA SER C 454 55.52 9.79 37.76
C SER C 454 54.31 9.30 36.99
N GLU C 455 54.51 8.68 35.83
CA GLU C 455 53.41 8.20 35.01
C GLU C 455 53.91 7.10 34.09
N VAL C 456 53.12 6.04 33.94
CA VAL C 456 53.48 4.88 33.14
C VAL C 456 52.41 4.66 32.08
N ALA C 457 52.85 4.47 30.83
CA ALA C 457 51.98 4.04 29.74
C ALA C 457 52.56 2.78 29.13
N VAL C 458 51.73 1.77 28.95
CA VAL C 458 52.16 0.47 28.45
C VAL C 458 51.45 0.21 27.13
N ILE C 459 52.23 -0.06 26.09
CA ILE C 459 51.73 -0.42 24.77
C ILE C 459 52.39 -1.73 24.35
N GLY C 460 52.04 -2.18 23.15
CA GLY C 460 52.54 -3.46 22.68
C GLY C 460 53.23 -3.43 21.34
N MET C 461 54.48 -3.90 21.29
CA MET C 461 55.23 -3.97 20.05
C MET C 461 55.15 -5.37 19.45
N PRO C 462 54.99 -5.47 18.13
CA PRO C 462 54.96 -6.79 17.48
C PRO C 462 56.27 -7.53 17.66
N HIS C 463 56.16 -8.84 17.80
CA HIS C 463 57.31 -9.72 18.00
C HIS C 463 56.96 -11.06 17.41
N ASN C 464 57.84 -11.61 16.58
CA ASN C 464 57.47 -12.66 15.63
C ASN C 464 56.82 -13.89 16.27
N LYS C 465 57.38 -14.40 17.37
CA LYS C 465 56.93 -15.70 17.86
C LYS C 465 55.82 -15.56 18.91
N TRP C 466 55.92 -14.59 19.82
CA TRP C 466 54.81 -14.38 20.76
C TRP C 466 53.92 -13.21 20.36
N GLY C 467 53.88 -12.81 19.10
CA GLY C 467 53.00 -11.71 18.73
C GLY C 467 53.41 -10.42 19.42
N GLU C 468 52.43 -9.54 19.64
CA GLU C 468 52.68 -8.27 20.30
C GLU C 468 52.99 -8.51 21.78
N VAL C 469 54.03 -7.85 22.27
CA VAL C 469 54.55 -8.10 23.61
C VAL C 469 54.50 -6.81 24.44
N PRO C 470 54.70 -6.89 25.76
CA PRO C 470 54.60 -5.68 26.58
C PRO C 470 55.74 -4.71 26.33
N LEU C 471 55.46 -3.44 26.60
CA LEU C 471 56.45 -2.37 26.50
C LEU C 471 55.97 -1.20 27.35
N ALA C 472 56.80 -0.76 28.29
CA ALA C 472 56.42 0.24 29.27
C ALA C 472 57.19 1.54 29.03
N LEU C 473 56.46 2.64 28.97
CA LEU C 473 57.04 3.98 28.84
C LEU C 473 56.79 4.73 30.13
N VAL C 474 57.86 5.19 30.78
CA VAL C 474 57.78 5.78 32.11
C VAL C 474 58.43 7.16 32.09
N THR C 475 57.86 8.08 32.85
CA THR C 475 58.44 9.40 33.08
C THR C 475 58.83 9.50 34.55
N LEU C 476 60.10 9.85 34.80
CA LEU C 476 60.61 9.88 36.16
C LEU C 476 60.22 11.18 36.87
N LYS C 477 60.41 11.18 38.18
CA LYS C 477 60.02 12.32 39.01
C LYS C 477 61.10 13.40 38.97
N GLU C 478 60.90 14.45 39.76
CA GLU C 478 61.87 15.53 39.87
C GLU C 478 63.08 15.06 40.67
N ASP C 479 64.28 15.31 40.14
CA ASP C 479 65.54 14.96 40.80
C ASP C 479 65.64 13.48 41.13
N ALA C 480 65.06 12.63 40.28
CA ALA C 480 65.17 11.19 40.40
C ALA C 480 65.69 10.63 39.08
N GLN C 481 66.74 9.82 39.15
CA GLN C 481 67.37 9.27 37.95
C GLN C 481 67.78 7.83 38.23
N VAL C 482 66.94 6.89 37.82
CA VAL C 482 67.23 5.46 37.88
C VAL C 482 67.15 4.91 36.46
N THR C 483 68.16 4.13 36.08
CA THR C 483 68.20 3.58 34.73
C THR C 483 67.11 2.54 34.55
N GLU C 484 66.85 2.19 33.29
CA GLU C 484 65.82 1.21 32.97
C GLU C 484 66.13 -0.16 33.55
N LYS C 485 67.40 -0.46 33.83
CA LYS C 485 67.75 -1.75 34.41
C LYS C 485 67.14 -1.90 35.81
N GLU C 486 67.20 -0.85 36.62
CA GLU C 486 66.59 -0.93 37.95
C GLU C 486 65.08 -1.09 37.86
N LEU C 487 64.43 -0.35 36.94
CA LEU C 487 62.99 -0.45 36.80
C LEU C 487 62.56 -1.85 36.36
N LEU C 488 63.36 -2.48 35.48
CA LEU C 488 63.07 -3.84 35.07
C LEU C 488 63.08 -4.80 36.26
N GLY C 489 64.02 -4.61 37.18
CA GLY C 489 64.08 -5.45 38.36
C GLY C 489 63.05 -5.10 39.42
N PHE C 490 62.50 -3.89 39.38
CA PHE C 490 61.48 -3.50 40.35
C PHE C 490 60.21 -4.32 40.16
N ALA C 491 59.76 -4.49 38.91
CA ALA C 491 58.57 -5.28 38.63
C ALA C 491 58.83 -6.78 38.73
N LYS C 492 60.07 -7.22 38.50
CA LYS C 492 60.38 -8.63 38.58
C LYS C 492 60.24 -9.18 39.99
N ASP C 493 60.19 -8.30 41.00
CA ASP C 493 60.08 -8.75 42.38
C ASP C 493 58.74 -9.44 42.65
N PHE C 494 57.70 -9.09 41.91
CA PHE C 494 56.40 -9.71 42.11
C PHE C 494 56.37 -11.11 41.50
N ILE C 495 55.26 -11.80 41.73
CA ILE C 495 55.08 -13.17 41.27
C ILE C 495 53.67 -13.35 40.71
N ASN C 496 53.31 -14.60 40.39
CA ASN C 496 51.95 -14.98 40.02
C ASN C 496 51.51 -14.30 38.72
N LYS C 497 52.23 -14.61 37.64
CA LYS C 497 51.84 -14.23 36.30
C LYS C 497 52.03 -15.41 35.37
N GLY C 498 51.33 -15.38 34.24
CA GLY C 498 51.36 -16.46 33.29
C GLY C 498 52.59 -16.43 32.40
N ILE C 499 52.47 -17.12 31.26
CA ILE C 499 53.48 -17.22 30.20
C ILE C 499 54.86 -17.50 30.79
N LEU C 500 55.90 -16.80 30.34
CA LEU C 500 57.29 -17.11 30.70
C LEU C 500 57.55 -16.63 32.11
N ALA C 501 57.56 -17.56 33.07
CA ALA C 501 57.78 -17.26 34.48
C ALA C 501 56.78 -16.23 34.98
N ARG C 502 57.21 -14.96 35.02
CA ARG C 502 56.34 -13.86 35.40
C ARG C 502 56.31 -12.77 34.33
N GLU C 503 56.61 -13.12 33.07
CA GLU C 503 56.71 -12.13 31.98
C GLU C 503 57.86 -11.17 32.28
N ALA C 504 59.11 -11.66 32.25
CA ALA C 504 60.24 -10.80 32.64
C ALA C 504 61.12 -10.23 31.52
N LEU C 505 61.63 -11.08 30.63
CA LEU C 505 62.52 -10.65 29.55
C LEU C 505 61.94 -9.83 28.39
N LEU C 506 60.65 -9.53 28.41
CA LEU C 506 60.02 -8.81 27.28
C LEU C 506 59.53 -7.39 27.60
N LEU C 507 59.67 -6.93 28.83
CA LEU C 507 59.26 -5.61 29.29
C LEU C 507 59.89 -4.49 28.45
N LYS C 508 61.21 -4.48 28.35
CA LYS C 508 61.93 -3.49 27.52
C LYS C 508 61.54 -2.06 27.87
N VAL C 509 61.50 -1.77 29.18
CA VAL C 509 61.02 -0.47 29.63
C VAL C 509 61.89 0.64 29.05
N LYS C 510 61.26 1.76 28.71
CA LYS C 510 61.94 2.92 28.17
C LYS C 510 61.53 4.17 28.96
N ILE C 511 62.44 5.14 29.00
CA ILE C 511 62.23 6.38 29.73
C ILE C 511 61.88 7.48 28.72
N VAL C 512 60.77 8.17 28.98
CA VAL C 512 60.24 9.18 28.07
C VAL C 512 60.18 10.51 28.80
N ASP C 513 60.66 11.58 28.14
CA ASP C 513 60.62 12.90 28.74
C ASP C 513 59.19 13.41 28.88
N GLU C 514 58.37 13.24 27.85
CA GLU C 514 56.99 13.70 27.89
C GLU C 514 56.12 12.73 27.11
N ILE C 515 54.92 12.48 27.61
CA ILE C 515 53.99 11.50 27.05
C ILE C 515 52.85 12.24 26.37
N ALA C 516 52.52 11.83 25.15
CA ALA C 516 51.44 12.47 24.40
C ALA C 516 50.10 12.24 25.09
N LYS C 517 49.32 13.30 25.21
CA LYS C 517 48.00 13.26 25.82
C LYS C 517 46.98 13.81 24.84
N THR C 518 45.73 13.34 24.97
CA THR C 518 44.65 13.81 24.13
C THR C 518 44.23 15.22 24.56
N SER C 519 43.20 15.76 23.89
CA SER C 519 42.73 17.09 24.20
C SER C 519 42.17 17.18 25.61
N VAL C 520 41.36 16.20 26.02
CA VAL C 520 40.77 16.24 27.35
C VAL C 520 41.82 16.01 28.43
N GLY C 521 42.78 15.12 28.19
CA GLY C 521 43.81 14.84 29.17
C GLY C 521 44.04 13.36 29.37
N LYS C 522 43.43 12.54 28.52
CA LYS C 522 43.57 11.10 28.56
C LYS C 522 44.78 10.67 27.72
N VAL C 523 45.56 9.74 28.26
CA VAL C 523 46.80 9.34 27.60
C VAL C 523 46.47 8.76 26.23
N ASP C 524 47.22 9.18 25.21
CA ASP C 524 46.93 8.82 23.84
C ASP C 524 47.81 7.64 23.45
N LYS C 525 47.28 6.42 23.63
CA LYS C 525 48.04 5.21 23.35
C LYS C 525 48.11 4.88 21.87
N LYS C 526 47.38 5.61 21.01
CA LYS C 526 47.46 5.35 19.58
C LYS C 526 48.67 6.04 18.96
N GLU C 527 48.83 7.34 19.21
CA GLU C 527 50.00 8.04 18.71
C GLU C 527 51.27 7.62 19.44
N LEU C 528 51.15 7.12 20.67
CA LEU C 528 52.30 6.54 21.35
C LEU C 528 52.83 5.34 20.57
N ARG C 529 51.92 4.53 20.02
CA ARG C 529 52.34 3.45 19.15
C ARG C 529 52.99 3.98 17.88
N LYS C 530 52.44 5.08 17.34
CA LYS C 530 52.96 5.63 16.08
C LYS C 530 54.41 6.10 16.24
N LEU C 531 54.72 6.79 17.32
CA LEU C 531 56.05 7.36 17.50
C LEU C 531 57.05 6.36 18.09
N HIS C 532 56.58 5.21 18.55
CA HIS C 532 57.50 4.24 19.15
C HIS C 532 57.72 3.04 18.25
N LEU C 533 56.66 2.57 17.60
CA LEU C 533 56.77 1.86 16.35
C LEU C 533 57.11 2.85 15.23
N ASN D 6 -9.33 -18.73 -1.46
CA ASN D 6 -10.78 -18.62 -1.46
C ASN D 6 -11.37 -18.98 -0.10
N ASP D 7 -12.36 -18.20 0.33
CA ASP D 7 -13.05 -18.47 1.58
C ASP D 7 -14.28 -19.33 1.31
N PRO D 8 -14.36 -20.55 1.85
CA PRO D 8 -15.54 -21.39 1.58
C PRO D 8 -16.84 -20.78 2.04
N SER D 9 -16.81 -19.94 3.08
CA SER D 9 -18.01 -19.25 3.53
C SER D 9 -18.41 -18.11 2.61
N ASN D 10 -17.53 -17.72 1.68
CA ASN D 10 -17.82 -16.67 0.70
C ASN D 10 -18.28 -17.33 -0.59
N TYR D 11 -19.56 -17.20 -0.91
CA TYR D 11 -20.13 -17.86 -2.07
C TYR D 11 -19.91 -17.02 -3.32
N GLN D 12 -19.44 -17.68 -4.39
CA GLN D 12 -19.31 -17.07 -5.70
C GLN D 12 -20.39 -17.62 -6.61
N LEU D 13 -21.03 -16.75 -7.38
CA LEU D 13 -22.10 -17.14 -8.30
C LEU D 13 -21.46 -17.56 -9.62
N LEU D 14 -21.31 -18.87 -9.81
CA LEU D 14 -20.64 -19.41 -10.99
C LEU D 14 -21.62 -20.21 -11.83
N ILE D 15 -21.26 -20.42 -13.09
CA ILE D 15 -22.10 -21.15 -14.02
C ILE D 15 -22.17 -22.63 -13.65
N LYS D 16 -21.11 -23.19 -13.06
CA LYS D 16 -21.15 -24.59 -12.67
C LYS D 16 -22.22 -24.88 -11.64
N ASN D 17 -22.64 -23.87 -10.87
CA ASN D 17 -23.71 -24.06 -9.90
C ASN D 17 -25.09 -24.17 -10.57
N LEU D 18 -25.24 -23.66 -11.78
CA LEU D 18 -26.49 -23.87 -12.50
C LEU D 18 -26.61 -25.32 -12.96
N LEU D 19 -25.49 -25.96 -13.28
CA LEU D 19 -25.51 -27.32 -13.79
C LEU D 19 -25.51 -28.35 -12.67
N PHE D 20 -24.74 -28.13 -11.61
CA PHE D 20 -24.60 -29.11 -10.55
C PHE D 20 -25.46 -28.81 -9.33
N SER D 21 -26.03 -27.61 -9.23
CA SER D 21 -27.00 -27.27 -8.19
C SER D 21 -28.23 -26.67 -8.86
N PRO D 22 -28.96 -27.46 -9.65
CA PRO D 22 -30.10 -26.90 -10.37
C PRO D 22 -31.38 -26.94 -9.56
N VAL D 23 -32.46 -26.40 -10.12
CA VAL D 23 -33.75 -26.49 -9.45
C VAL D 23 -34.22 -27.93 -9.39
N ALA D 24 -34.10 -28.65 -10.50
CA ALA D 24 -34.45 -30.06 -10.57
C ALA D 24 -33.45 -30.77 -11.47
N PHE D 25 -33.20 -32.04 -11.18
CA PHE D 25 -32.28 -32.85 -11.97
C PHE D 25 -32.80 -34.28 -12.02
N ASN D 26 -33.20 -34.72 -13.22
CA ASN D 26 -33.56 -36.10 -13.46
C ASN D 26 -32.50 -36.72 -14.35
N PRO D 27 -31.77 -37.74 -13.90
CA PRO D 27 -30.72 -38.33 -14.75
C PRO D 27 -31.25 -38.99 -16.01
N GLU D 28 -32.53 -39.33 -16.08
CA GLU D 28 -33.10 -39.98 -17.25
C GLU D 28 -33.88 -39.02 -18.14
N GLN D 29 -33.84 -37.72 -17.86
CA GLN D 29 -34.38 -36.75 -18.79
C GLN D 29 -33.49 -36.65 -20.03
N GLU D 30 -34.11 -36.32 -21.15
CA GLU D 30 -33.46 -36.48 -22.45
C GLU D 30 -32.99 -35.16 -23.04
N ILE D 31 -31.89 -35.22 -23.77
CA ILE D 31 -31.42 -34.19 -24.68
C ILE D 31 -31.48 -34.78 -26.08
N VAL D 32 -32.19 -34.10 -26.98
CA VAL D 32 -32.44 -34.59 -28.33
C VAL D 32 -31.85 -33.61 -29.32
N TYR D 33 -30.96 -34.11 -30.17
CA TYR D 33 -30.52 -33.41 -31.37
C TYR D 33 -31.30 -34.01 -32.54
N ALA D 34 -32.06 -33.15 -33.22
CA ALA D 34 -33.15 -33.55 -34.09
C ALA D 34 -32.76 -34.65 -35.06
N ASN D 35 -33.38 -35.81 -34.90
CA ASN D 35 -33.24 -36.96 -35.79
C ASN D 35 -31.80 -37.44 -35.93
N HIS D 36 -30.88 -36.92 -35.13
CA HIS D 36 -29.49 -37.31 -35.15
C HIS D 36 -29.08 -38.09 -33.91
N ARG D 37 -29.39 -37.57 -32.73
CA ARG D 37 -28.84 -38.13 -31.50
C ARG D 37 -29.80 -37.88 -30.35
N ARG D 38 -29.77 -38.79 -29.38
CA ARG D 38 -30.47 -38.61 -28.11
C ARG D 38 -29.59 -39.15 -27.01
N HIS D 39 -29.47 -38.41 -25.91
CA HIS D 39 -28.85 -38.96 -24.72
C HIS D 39 -29.59 -38.42 -23.51
N SER D 40 -29.09 -38.71 -22.32
CA SER D 40 -29.76 -38.29 -21.09
C SER D 40 -28.95 -37.20 -20.39
N TYR D 41 -29.47 -36.72 -19.27
CA TYR D 41 -28.76 -35.69 -18.52
C TYR D 41 -27.49 -36.22 -17.88
N LYS D 42 -27.47 -37.49 -17.51
CA LYS D 42 -26.26 -38.11 -16.98
C LYS D 42 -25.17 -38.16 -18.05
N THR D 43 -25.54 -38.58 -19.25
CA THR D 43 -24.60 -38.55 -20.37
C THR D 43 -24.16 -37.13 -20.69
N PHE D 44 -25.09 -36.17 -20.59
CA PHE D 44 -24.75 -34.78 -20.85
C PHE D 44 -23.71 -34.25 -19.86
N HIS D 45 -23.87 -34.57 -18.57
CA HIS D 45 -22.87 -34.19 -17.58
C HIS D 45 -21.52 -34.86 -17.87
N ASP D 46 -21.56 -36.15 -18.21
CA ASP D 46 -20.32 -36.85 -18.55
C ASP D 46 -19.62 -36.20 -19.73
N ARG D 47 -20.40 -35.80 -20.74
CA ARG D 47 -19.82 -35.17 -21.92
C ARG D 47 -19.27 -33.79 -21.61
N VAL D 48 -19.90 -33.06 -20.69
CA VAL D 48 -19.35 -31.77 -20.28
C VAL D 48 -17.99 -31.96 -19.62
N ARG D 49 -17.88 -32.96 -18.74
CA ARG D 49 -16.58 -33.23 -18.11
C ARG D 49 -15.55 -33.70 -19.13
N GLN D 50 -15.96 -34.54 -20.08
CA GLN D 50 -15.06 -34.97 -21.14
C GLN D 50 -14.56 -33.79 -21.97
N PHE D 51 -15.45 -32.86 -22.30
CA PHE D 51 -15.06 -31.68 -23.06
C PHE D 51 -14.11 -30.79 -22.28
N ALA D 52 -14.33 -30.68 -20.97
CA ALA D 52 -13.38 -29.95 -20.13
C ALA D 52 -12.01 -30.58 -20.18
N ASN D 53 -11.96 -31.92 -20.11
CA ASN D 53 -10.68 -32.62 -20.20
C ASN D 53 -10.01 -32.38 -21.56
N ALA D 54 -10.80 -32.48 -22.64
CA ALA D 54 -10.24 -32.29 -23.98
C ALA D 54 -9.71 -30.88 -24.16
N LEU D 55 -10.43 -29.88 -23.65
CA LEU D 55 -9.94 -28.50 -23.74
C LEU D 55 -8.67 -28.31 -22.93
N THR D 56 -8.59 -28.92 -21.75
CA THR D 56 -7.38 -28.80 -20.94
C THR D 56 -6.19 -29.42 -21.66
N LYS D 57 -6.39 -30.55 -22.33
CA LYS D 57 -5.30 -31.17 -23.08
C LYS D 57 -4.81 -30.26 -24.20
N MET D 58 -5.72 -29.55 -24.88
CA MET D 58 -5.34 -28.67 -25.98
C MET D 58 -4.57 -27.45 -25.53
N GLY D 59 -4.47 -27.19 -24.24
CA GLY D 59 -3.75 -26.03 -23.76
C GLY D 59 -4.59 -24.79 -23.55
N VAL D 60 -5.89 -24.94 -23.36
CA VAL D 60 -6.77 -23.81 -23.09
C VAL D 60 -6.67 -23.47 -21.60
N LYS D 61 -6.12 -22.30 -21.30
CA LYS D 61 -5.93 -21.86 -19.93
C LYS D 61 -7.13 -21.02 -19.48
N LYS D 62 -6.96 -20.33 -18.35
CA LYS D 62 -8.07 -19.56 -17.78
C LYS D 62 -8.42 -18.35 -18.65
N GLY D 63 -7.43 -17.64 -19.16
CA GLY D 63 -7.76 -16.43 -19.90
C GLY D 63 -8.10 -16.62 -21.36
N ASP D 64 -8.06 -17.84 -21.87
CA ASP D 64 -8.15 -18.06 -23.31
C ASP D 64 -9.57 -17.83 -23.82
N THR D 65 -9.66 -17.70 -25.15
CA THR D 65 -10.93 -17.50 -25.85
C THR D 65 -11.12 -18.63 -26.85
N VAL D 66 -12.31 -19.23 -26.83
CA VAL D 66 -12.68 -20.29 -27.76
C VAL D 66 -13.88 -19.81 -28.55
N ALA D 67 -13.77 -19.87 -29.89
CA ALA D 67 -14.81 -19.35 -30.77
C ALA D 67 -15.60 -20.51 -31.37
N VAL D 68 -16.92 -20.39 -31.35
CA VAL D 68 -17.81 -21.45 -31.81
C VAL D 68 -18.60 -20.96 -33.01
N MET D 69 -18.75 -21.83 -34.00
CA MET D 69 -19.42 -21.50 -35.26
C MET D 69 -20.18 -22.74 -35.75
N ASP D 70 -21.45 -22.85 -35.37
CA ASP D 70 -22.31 -23.93 -35.88
C ASP D 70 -23.76 -23.56 -35.62
N TYR D 71 -24.65 -24.54 -35.79
CA TYR D 71 -26.08 -24.38 -35.62
C TYR D 71 -26.48 -24.67 -34.18
N ASP D 72 -27.79 -24.81 -33.94
CA ASP D 72 -28.29 -25.18 -32.63
C ASP D 72 -28.20 -26.70 -32.48
N SER D 73 -27.43 -27.16 -31.50
CA SER D 73 -27.21 -28.59 -31.32
C SER D 73 -26.81 -28.84 -29.87
N HIS D 74 -26.63 -30.12 -29.55
CA HIS D 74 -26.11 -30.49 -28.24
C HIS D 74 -24.68 -29.99 -28.05
N ARG D 75 -23.90 -29.88 -29.13
CA ARG D 75 -22.53 -29.40 -29.04
C ARG D 75 -22.50 -27.95 -28.56
N TYR D 76 -23.39 -27.11 -29.09
CA TYR D 76 -23.47 -25.73 -28.62
C TYR D 76 -23.89 -25.65 -27.17
N LEU D 77 -24.83 -26.51 -26.75
CA LEU D 77 -25.23 -26.55 -25.35
C LEU D 77 -24.08 -26.99 -24.45
N GLU D 78 -23.24 -27.91 -24.91
CA GLU D 78 -22.08 -28.32 -24.13
C GLU D 78 -21.02 -27.22 -24.09
N CYS D 79 -20.90 -26.44 -25.16
CA CYS D 79 -19.96 -25.31 -25.16
C CYS D 79 -20.45 -24.19 -24.25
N TYR D 80 -21.77 -24.03 -24.12
CA TYR D 80 -22.32 -23.02 -23.22
C TYR D 80 -21.93 -23.26 -21.78
N PHE D 81 -21.49 -24.46 -21.45
CA PHE D 81 -21.11 -24.82 -20.09
C PHE D 81 -19.63 -25.11 -19.93
N ALA D 82 -19.08 -26.02 -20.74
CA ALA D 82 -17.72 -26.48 -20.50
C ALA D 82 -16.71 -25.34 -20.59
N ILE D 83 -16.84 -24.48 -21.59
CA ILE D 83 -15.86 -23.41 -21.77
C ILE D 83 -15.86 -22.41 -20.62
N PRO D 84 -17.01 -21.85 -20.19
CA PRO D 84 -16.96 -20.94 -19.03
C PRO D 84 -16.49 -21.58 -17.73
N MET D 85 -16.85 -22.85 -17.47
CA MET D 85 -16.45 -23.48 -16.21
C MET D 85 -14.93 -23.62 -16.12
N ILE D 86 -14.28 -23.94 -17.23
CA ILE D 86 -12.82 -24.03 -17.26
C ILE D 86 -12.20 -22.69 -16.91
N GLY D 87 -12.95 -21.61 -17.09
CA GLY D 87 -12.44 -20.26 -16.90
C GLY D 87 -12.24 -19.51 -18.19
N ALA D 88 -12.28 -20.19 -19.33
CA ALA D 88 -12.05 -19.56 -20.62
C ALA D 88 -13.24 -18.68 -21.00
N LYS D 89 -13.07 -17.99 -22.12
CA LYS D 89 -14.11 -17.13 -22.69
C LYS D 89 -14.75 -17.84 -23.87
N LEU D 90 -16.07 -17.71 -23.98
CA LEU D 90 -16.83 -18.29 -25.08
C LEU D 90 -17.21 -17.18 -26.04
N HIS D 91 -16.74 -17.28 -27.28
CA HIS D 91 -17.01 -16.28 -28.31
C HIS D 91 -17.94 -16.90 -29.33
N MET D 92 -19.19 -16.44 -29.34
CA MET D 92 -20.18 -16.88 -30.32
C MET D 92 -20.07 -16.04 -31.57
N ILE D 93 -19.93 -16.69 -32.71
CA ILE D 93 -19.68 -16.03 -33.98
C ILE D 93 -20.98 -15.95 -34.76
N ASN D 94 -21.38 -14.74 -35.11
CA ASN D 94 -22.58 -14.52 -35.93
C ASN D 94 -22.28 -14.99 -37.35
N VAL D 95 -22.74 -16.19 -37.68
CA VAL D 95 -22.44 -16.79 -38.97
C VAL D 95 -23.16 -16.11 -40.12
N ARG D 96 -23.99 -15.10 -39.84
CA ARG D 96 -24.75 -14.41 -40.87
C ARG D 96 -24.10 -13.08 -41.28
N LEU D 97 -23.03 -12.66 -40.61
CA LEU D 97 -22.30 -11.49 -41.02
C LEU D 97 -21.48 -11.79 -42.28
N SER D 98 -21.00 -10.73 -42.93
CA SER D 98 -20.11 -10.90 -44.06
C SER D 98 -18.76 -11.44 -43.57
N PRO D 99 -18.06 -12.19 -44.41
CA PRO D 99 -16.76 -12.75 -43.97
C PRO D 99 -15.75 -11.71 -43.55
N GLU D 100 -15.82 -10.49 -44.09
CA GLU D 100 -14.95 -9.42 -43.60
C GLU D 100 -15.22 -9.09 -42.15
N GLN D 101 -16.50 -8.98 -41.78
CA GLN D 101 -16.85 -8.68 -40.40
C GLN D 101 -16.52 -9.84 -39.48
N ILE D 102 -16.72 -11.07 -39.97
CA ILE D 102 -16.35 -12.24 -39.18
C ILE D 102 -14.86 -12.26 -38.91
N LEU D 103 -14.06 -11.96 -39.95
CA LEU D 103 -12.62 -11.87 -39.77
C LEU D 103 -12.25 -10.78 -38.77
N TYR D 104 -12.93 -9.63 -38.86
CA TYR D 104 -12.65 -8.54 -37.92
C TYR D 104 -12.93 -8.98 -36.48
N THR D 105 -14.04 -9.66 -36.24
CA THR D 105 -14.38 -10.08 -34.88
C THR D 105 -13.42 -11.16 -34.40
N ILE D 106 -12.99 -12.07 -35.27
CA ILE D 106 -12.03 -13.09 -34.89
C ILE D 106 -10.71 -12.44 -34.49
N ASP D 107 -10.25 -11.46 -35.28
CA ASP D 107 -9.01 -10.76 -34.95
C ASP D 107 -9.15 -9.96 -33.66
N HIS D 108 -10.27 -9.26 -33.49
CA HIS D 108 -10.48 -8.42 -32.32
C HIS D 108 -10.54 -9.24 -31.04
N ALA D 109 -11.25 -10.38 -31.07
CA ALA D 109 -11.37 -11.21 -29.88
C ALA D 109 -10.10 -11.98 -29.56
N GLU D 110 -9.28 -12.27 -30.56
CA GLU D 110 -8.04 -13.04 -30.39
C GLU D 110 -8.34 -14.46 -29.86
N ASP D 111 -9.04 -15.22 -30.68
CA ASP D 111 -9.38 -16.59 -30.35
C ASP D 111 -8.15 -17.50 -30.47
N ASP D 112 -8.15 -18.60 -29.74
CA ASP D 112 -7.07 -19.55 -29.80
C ASP D 112 -7.55 -20.81 -30.49
N ILE D 113 -8.71 -21.33 -30.13
CA ILE D 113 -9.29 -22.48 -30.80
C ILE D 113 -10.53 -22.00 -31.54
N ILE D 114 -10.87 -22.70 -32.62
CA ILE D 114 -12.09 -22.42 -33.36
C ILE D 114 -12.80 -23.74 -33.64
N LEU D 115 -14.05 -23.85 -33.21
CA LEU D 115 -14.91 -24.98 -33.52
C LEU D 115 -15.88 -24.52 -34.60
N ILE D 116 -15.68 -25.02 -35.81
CA ILE D 116 -16.44 -24.55 -36.97
C ILE D 116 -17.15 -25.75 -37.60
N HIS D 117 -18.44 -25.57 -37.89
CA HIS D 117 -19.18 -26.62 -38.56
C HIS D 117 -18.65 -26.81 -39.99
N GLU D 118 -18.88 -28.01 -40.52
CA GLU D 118 -18.42 -28.32 -41.87
C GLU D 118 -19.06 -27.41 -42.90
N GLU D 119 -20.36 -27.13 -42.76
CA GLU D 119 -21.07 -26.32 -43.74
C GLU D 119 -20.56 -24.89 -43.81
N PHE D 120 -19.94 -24.39 -42.74
CA PHE D 120 -19.36 -23.05 -42.73
C PHE D 120 -17.91 -23.03 -43.16
N LEU D 121 -17.39 -24.16 -43.63
CA LEU D 121 -16.01 -24.18 -44.10
C LEU D 121 -15.76 -23.25 -45.30
N PRO D 122 -16.63 -23.16 -46.31
CA PRO D 122 -16.36 -22.22 -47.41
C PRO D 122 -16.15 -20.78 -46.94
N ILE D 123 -16.91 -20.33 -45.94
CA ILE D 123 -16.69 -18.99 -45.40
C ILE D 123 -15.26 -18.85 -44.91
N LEU D 124 -14.81 -19.82 -44.10
CA LEU D 124 -13.44 -19.84 -43.61
C LEU D 124 -12.43 -19.85 -44.74
N ASP D 125 -12.79 -20.35 -45.92
CA ASP D 125 -11.83 -20.41 -47.00
C ASP D 125 -11.49 -19.03 -47.56
N GLN D 126 -12.33 -18.03 -47.28
CA GLN D 126 -12.01 -16.67 -47.72
C GLN D 126 -11.28 -15.86 -46.67
N ILE D 127 -11.11 -16.41 -45.47
CA ILE D 127 -10.72 -15.64 -44.31
C ILE D 127 -9.45 -16.23 -43.69
N LYS D 128 -9.22 -17.52 -43.93
CA LYS D 128 -8.21 -18.26 -43.18
C LYS D 128 -6.81 -17.69 -43.37
N GLY D 129 -6.52 -17.11 -44.53
CA GLY D 129 -5.19 -16.59 -44.78
C GLY D 129 -4.86 -15.32 -44.01
N ARG D 130 -5.84 -14.73 -43.33
CA ARG D 130 -5.65 -13.49 -42.58
C ARG D 130 -5.89 -13.68 -41.09
N ILE D 131 -5.76 -14.90 -40.59
CA ILE D 131 -5.95 -15.22 -39.18
C ILE D 131 -4.60 -15.64 -38.61
N ASP D 132 -4.23 -15.03 -37.48
CA ASP D 132 -2.94 -15.28 -36.85
C ASP D 132 -3.06 -15.98 -35.50
N THR D 133 -4.08 -15.65 -34.72
CA THR D 133 -4.15 -16.12 -33.33
C THR D 133 -4.59 -17.57 -33.22
N VAL D 134 -5.38 -18.07 -34.16
CA VAL D 134 -5.98 -19.40 -34.01
C VAL D 134 -4.93 -20.47 -34.31
N THR D 135 -4.82 -21.44 -33.39
CA THR D 135 -3.87 -22.53 -33.54
C THR D 135 -4.52 -23.88 -33.84
N ARG D 136 -5.81 -24.04 -33.56
CA ARG D 136 -6.52 -25.27 -33.85
C ARG D 136 -7.87 -24.98 -34.47
N TYR D 137 -8.23 -25.76 -35.49
CA TYR D 137 -9.56 -25.75 -36.08
C TYR D 137 -10.19 -27.11 -35.86
N VAL D 138 -11.35 -27.14 -35.22
CA VAL D 138 -12.06 -28.37 -34.92
C VAL D 138 -13.31 -28.39 -35.79
N VAL D 139 -13.38 -29.34 -36.72
CA VAL D 139 -14.44 -29.38 -37.71
C VAL D 139 -15.59 -30.22 -37.18
N LEU D 140 -16.75 -29.60 -37.04
CA LEU D 140 -17.94 -30.27 -36.52
C LEU D 140 -18.74 -30.85 -37.67
N ARG D 141 -19.12 -32.12 -37.53
CA ARG D 141 -19.96 -32.81 -38.49
C ARG D 141 -21.11 -33.48 -37.75
N ASP D 142 -22.05 -34.02 -38.50
CA ASP D 142 -23.27 -34.56 -37.92
C ASP D 142 -23.31 -36.08 -37.88
N ASP D 143 -22.57 -36.78 -38.74
CA ASP D 143 -22.81 -38.23 -38.90
C ASP D 143 -21.89 -39.09 -38.04
N GLU D 144 -20.62 -39.20 -38.43
CA GLU D 144 -19.68 -40.05 -37.70
C GLU D 144 -18.26 -39.50 -37.59
N GLU D 145 -17.87 -38.53 -38.42
CA GLU D 145 -16.49 -38.10 -38.53
C GLU D 145 -16.24 -36.78 -37.81
N CYS D 146 -17.13 -36.40 -36.90
CA CYS D 146 -16.94 -35.18 -36.13
C CYS D 146 -15.64 -35.26 -35.33
N GLU D 147 -14.83 -34.21 -35.42
CA GLU D 147 -13.61 -34.16 -34.62
C GLU D 147 -13.91 -33.86 -33.16
N TYR D 148 -15.03 -33.18 -32.90
CA TYR D 148 -15.48 -32.95 -31.53
C TYR D 148 -15.81 -34.26 -30.84
N GLU D 149 -16.51 -35.16 -31.54
CA GLU D 149 -16.83 -36.47 -30.96
C GLU D 149 -15.57 -37.29 -30.73
N ARG D 150 -14.63 -37.24 -31.67
CA ARG D 150 -13.38 -37.98 -31.53
C ARG D 150 -12.55 -37.44 -30.36
N LEU D 151 -12.54 -36.11 -30.19
CA LEU D 151 -11.84 -35.52 -29.06
C LEU D 151 -12.49 -35.93 -27.74
N LEU D 152 -13.82 -35.96 -27.71
CA LEU D 152 -14.51 -36.40 -26.49
C LEU D 152 -14.19 -37.85 -26.17
N GLU D 153 -14.18 -38.71 -27.19
CA GLU D 153 -14.15 -40.16 -26.96
C GLU D 153 -12.90 -40.60 -26.22
N GLN D 154 -11.80 -39.86 -26.32
CA GLN D 154 -10.53 -40.25 -25.74
C GLN D 154 -10.23 -39.54 -24.43
N GLU D 155 -11.26 -39.04 -23.74
CA GLU D 155 -11.07 -38.31 -22.50
C GLU D 155 -11.96 -38.92 -21.42
N SER D 156 -11.53 -38.76 -20.17
CA SER D 156 -12.26 -39.33 -19.05
C SER D 156 -13.41 -38.43 -18.63
N THR D 157 -14.43 -39.04 -18.03
CA THR D 157 -15.63 -38.35 -17.59
C THR D 157 -15.50 -37.82 -16.17
N GLU D 158 -14.28 -37.58 -15.69
CA GLU D 158 -14.02 -37.02 -14.37
C GLU D 158 -13.25 -35.73 -14.51
N TYR D 159 -13.72 -34.68 -13.83
CA TYR D 159 -13.04 -33.40 -13.86
C TYR D 159 -13.47 -32.60 -12.64
N ASN D 160 -12.51 -31.96 -12.00
CA ASN D 160 -12.76 -31.09 -10.85
C ASN D 160 -12.73 -29.66 -11.33
N PHE D 161 -13.90 -29.04 -11.43
CA PHE D 161 -13.98 -27.71 -11.99
C PHE D 161 -13.48 -26.67 -11.00
N PRO D 162 -12.64 -25.73 -11.45
CA PRO D 162 -12.04 -24.78 -10.53
C PRO D 162 -13.04 -23.79 -9.96
N ASP D 163 -12.67 -23.20 -8.83
CA ASP D 163 -13.43 -22.13 -8.20
C ASP D 163 -12.66 -20.83 -8.38
N PHE D 164 -13.27 -19.88 -9.08
CA PHE D 164 -12.63 -18.58 -9.27
C PHE D 164 -13.60 -17.47 -8.90
N ASP D 165 -13.19 -16.23 -9.17
CA ASP D 165 -14.03 -15.08 -8.88
C ASP D 165 -15.26 -15.08 -9.79
N GLU D 166 -16.40 -14.67 -9.24
CA GLU D 166 -17.63 -14.62 -10.00
C GLU D 166 -17.65 -13.51 -11.04
N ASN D 167 -16.65 -12.62 -11.02
CA ASN D 167 -16.58 -11.50 -11.94
C ASN D 167 -15.70 -11.79 -13.15
N THR D 168 -15.27 -13.05 -13.32
CA THR D 168 -14.51 -13.40 -14.52
C THR D 168 -15.44 -13.48 -15.73
N VAL D 169 -14.98 -12.94 -16.85
CA VAL D 169 -15.78 -12.88 -18.06
C VAL D 169 -16.04 -14.29 -18.59
N ALA D 170 -17.24 -14.51 -19.11
CA ALA D 170 -17.69 -15.81 -19.57
C ALA D 170 -18.01 -15.85 -21.06
N THR D 171 -18.62 -14.81 -21.62
CA THR D 171 -19.09 -14.83 -23.00
C THR D 171 -18.92 -13.48 -23.66
N THR D 172 -18.71 -13.49 -24.97
CA THR D 172 -18.65 -12.30 -25.82
C THR D 172 -19.27 -12.65 -27.17
N PHE D 173 -20.00 -11.71 -27.79
CA PHE D 173 -20.55 -12.03 -29.10
C PHE D 173 -20.63 -10.94 -30.16
N TYR D 174 -20.14 -9.71 -29.92
CA TYR D 174 -19.95 -8.74 -31.01
C TYR D 174 -21.21 -8.34 -31.79
N THR D 175 -22.11 -7.59 -31.17
CA THR D 175 -23.24 -7.02 -31.89
C THR D 175 -22.78 -6.03 -32.96
N THR D 176 -23.56 -5.94 -34.04
CA THR D 176 -23.30 -4.99 -35.12
C THR D 176 -24.46 -4.01 -35.21
N GLY D 177 -24.18 -2.73 -35.01
CA GLY D 177 -25.21 -1.71 -35.01
C GLY D 177 -25.08 -0.69 -36.13
N THR D 178 -24.58 0.49 -35.78
CA THR D 178 -24.39 1.59 -36.72
C THR D 178 -22.97 2.15 -36.72
N THR D 179 -22.09 1.62 -35.86
CA THR D 179 -20.78 2.23 -35.65
C THR D 179 -19.89 2.17 -36.88
N GLY D 180 -19.99 1.13 -37.69
CA GLY D 180 -19.09 0.97 -38.81
C GLY D 180 -18.25 -0.28 -38.66
N PHE D 181 -17.90 -0.62 -37.43
CA PHE D 181 -17.31 -1.89 -37.07
C PHE D 181 -18.14 -2.50 -35.95
N PRO D 182 -18.21 -3.83 -35.89
CA PRO D 182 -18.98 -4.47 -34.82
C PRO D 182 -18.40 -4.18 -33.45
N LYS D 183 -19.28 -4.09 -32.45
CA LYS D 183 -18.91 -3.76 -31.08
C LYS D 183 -19.05 -5.01 -30.22
N GLY D 184 -18.02 -5.29 -29.42
CA GLY D 184 -18.02 -6.47 -28.59
C GLY D 184 -18.58 -6.26 -27.19
N VAL D 185 -19.60 -7.03 -26.85
CA VAL D 185 -20.20 -6.98 -25.52
C VAL D 185 -19.90 -8.28 -24.80
N PHE D 186 -19.75 -8.18 -23.47
CA PHE D 186 -19.32 -9.32 -22.69
C PHE D 186 -20.05 -9.35 -21.35
N PHE D 187 -20.15 -10.54 -20.78
CA PHE D 187 -20.84 -10.77 -19.53
C PHE D 187 -19.99 -11.67 -18.65
N THR D 188 -20.29 -11.69 -17.35
CA THR D 188 -19.56 -12.50 -16.40
C THR D 188 -20.43 -13.63 -15.88
N HIS D 189 -19.82 -14.50 -15.07
CA HIS D 189 -20.57 -15.61 -14.48
C HIS D 189 -21.69 -15.11 -13.60
N ARG D 190 -21.40 -14.10 -12.78
CA ARG D 190 -22.40 -13.56 -11.87
C ARG D 190 -23.59 -13.02 -12.64
N GLN D 191 -23.34 -12.31 -13.74
CA GLN D 191 -24.41 -11.71 -14.52
C GLN D 191 -25.32 -12.76 -15.14
N LEU D 192 -24.73 -13.83 -15.69
CA LEU D 192 -25.55 -14.87 -16.31
C LEU D 192 -26.36 -15.63 -15.27
N VAL D 193 -25.75 -15.92 -14.11
CA VAL D 193 -26.48 -16.59 -13.04
C VAL D 193 -27.64 -15.72 -12.56
N LEU D 194 -27.39 -14.42 -12.39
CA LEU D 194 -28.45 -13.53 -11.95
C LEU D 194 -29.53 -13.41 -13.01
N HIS D 195 -29.15 -13.42 -14.29
CA HIS D 195 -30.14 -13.32 -15.35
C HIS D 195 -31.08 -14.52 -15.34
N THR D 196 -30.56 -15.72 -15.11
CA THR D 196 -31.32 -16.96 -15.11
C THR D 196 -32.26 -17.08 -14.02
N MET D 197 -31.92 -16.54 -12.89
CA MET D 197 -32.73 -16.60 -11.73
C MET D 197 -33.67 -15.47 -11.66
N GLY D 198 -33.31 -14.26 -12.11
CA GLY D 198 -34.29 -13.21 -12.23
C GLY D 198 -35.40 -13.50 -13.20
N ILE D 199 -35.07 -14.01 -14.39
CA ILE D 199 -36.14 -14.31 -15.33
C ILE D 199 -36.97 -15.50 -14.86
N LEU D 200 -36.35 -16.57 -14.33
CA LEU D 200 -37.14 -17.68 -13.82
C LEU D 200 -38.10 -17.23 -12.74
N SER D 201 -37.64 -16.36 -11.83
CA SER D 201 -38.52 -15.86 -10.79
C SER D 201 -39.60 -14.94 -11.32
N THR D 202 -39.32 -14.14 -12.34
CA THR D 202 -40.34 -13.22 -12.84
C THR D 202 -41.42 -13.88 -13.69
N ILE D 203 -41.09 -14.87 -14.52
CA ILE D 203 -42.08 -15.42 -15.43
C ILE D 203 -42.44 -16.87 -15.11
N GLY D 204 -41.62 -17.57 -14.32
CA GLY D 204 -42.07 -18.85 -13.78
C GLY D 204 -43.14 -18.74 -12.73
N THR D 205 -43.26 -17.59 -12.08
CA THR D 205 -44.24 -17.35 -11.04
C THR D 205 -45.54 -16.77 -11.56
N ASN D 206 -45.71 -16.71 -12.89
CA ASN D 206 -46.95 -16.22 -13.46
C ASN D 206 -48.12 -17.07 -13.00
N ALA D 207 -49.30 -16.45 -12.91
CA ALA D 207 -50.47 -17.16 -12.40
C ALA D 207 -50.81 -18.35 -13.27
N SER D 208 -51.22 -18.10 -14.52
CA SER D 208 -51.58 -19.22 -15.39
C SER D 208 -51.10 -19.13 -16.84
N GLN D 209 -50.85 -17.95 -17.39
CA GLN D 209 -50.74 -17.87 -18.85
C GLN D 209 -49.36 -18.18 -19.41
N GLY D 210 -48.40 -17.29 -19.24
CA GLY D 210 -47.14 -17.41 -19.93
C GLY D 210 -45.99 -17.97 -19.12
N ARG D 211 -46.15 -19.14 -18.52
CA ARG D 211 -45.19 -19.61 -17.52
C ARG D 211 -44.38 -20.79 -18.04
N LEU D 212 -43.07 -20.75 -17.77
CA LEU D 212 -42.19 -21.87 -18.02
C LEU D 212 -42.01 -22.63 -16.72
N HIS D 213 -42.39 -23.90 -16.72
CA HIS D 213 -42.32 -24.71 -15.55
C HIS D 213 -41.52 -25.95 -15.77
N GLN D 214 -41.48 -26.84 -14.79
CA GLN D 214 -40.72 -28.04 -14.88
C GLN D 214 -41.35 -29.17 -15.65
N GLY D 215 -42.45 -28.94 -16.32
CA GLY D 215 -43.03 -29.98 -17.13
C GLY D 215 -43.06 -29.61 -18.58
N ASP D 216 -42.34 -28.57 -18.94
CA ASP D 216 -42.30 -28.10 -20.32
C ASP D 216 -41.25 -28.88 -21.12
N ILE D 217 -41.36 -28.77 -22.43
CA ILE D 217 -40.37 -29.31 -23.36
C ILE D 217 -39.90 -28.16 -24.22
N TYR D 218 -38.60 -27.88 -24.16
CA TYR D 218 -38.03 -26.67 -24.73
C TYR D 218 -37.44 -26.96 -26.10
N MET D 219 -37.54 -25.99 -27.01
CA MET D 219 -36.87 -26.09 -28.30
C MET D 219 -36.61 -24.70 -28.85
N PRO D 220 -35.35 -24.29 -28.97
CA PRO D 220 -35.07 -22.94 -29.45
C PRO D 220 -35.32 -22.80 -30.95
N ILE D 221 -35.86 -21.65 -31.33
CA ILE D 221 -35.89 -21.22 -32.72
C ILE D 221 -35.19 -19.88 -32.92
N THR D 222 -34.24 -19.57 -32.06
CA THR D 222 -33.36 -18.41 -32.13
C THR D 222 -31.93 -18.87 -32.37
N PRO D 223 -31.18 -18.16 -33.21
CA PRO D 223 -29.89 -18.68 -33.69
C PRO D 223 -28.91 -19.16 -32.63
N MET D 224 -29.07 -18.78 -31.36
CA MET D 224 -28.30 -19.36 -30.25
C MET D 224 -26.86 -18.87 -30.24
N PHE D 225 -26.45 -18.14 -31.28
CA PHE D 225 -25.23 -17.36 -31.19
C PHE D 225 -25.50 -15.89 -30.99
N HIS D 226 -26.75 -15.46 -31.08
CA HIS D 226 -27.10 -14.06 -30.94
C HIS D 226 -26.84 -13.51 -29.53
N VAL D 227 -27.67 -13.92 -28.57
CA VAL D 227 -27.68 -13.31 -27.25
C VAL D 227 -27.70 -14.35 -26.13
N HIS D 228 -27.05 -15.49 -26.36
CA HIS D 228 -27.20 -16.71 -25.55
C HIS D 228 -28.56 -17.36 -25.76
N ALA D 229 -29.15 -17.19 -26.95
CA ALA D 229 -30.50 -17.65 -27.22
C ALA D 229 -31.46 -17.13 -26.17
N TRP D 230 -31.31 -15.85 -25.83
CA TRP D 230 -32.13 -15.14 -24.85
C TRP D 230 -31.97 -15.71 -23.44
N GLY D 231 -30.87 -16.41 -23.20
CA GLY D 231 -30.61 -17.02 -21.91
C GLY D 231 -31.42 -18.25 -21.62
N LEU D 232 -32.14 -18.77 -22.61
CA LEU D 232 -33.13 -19.82 -22.43
C LEU D 232 -32.52 -21.21 -22.24
N PRO D 233 -31.44 -21.57 -22.94
CA PRO D 233 -30.80 -22.86 -22.63
C PRO D 233 -30.36 -22.99 -21.18
N TYR D 234 -29.84 -21.91 -20.58
CA TYR D 234 -29.47 -21.96 -19.17
C TYR D 234 -30.68 -22.18 -18.28
N MET D 235 -31.77 -21.47 -18.55
CA MET D 235 -32.98 -21.62 -17.75
C MET D 235 -33.57 -23.01 -17.91
N ALA D 236 -33.53 -23.55 -19.12
CA ALA D 236 -34.12 -24.85 -19.38
C ALA D 236 -33.30 -25.97 -18.76
N THR D 237 -31.97 -25.84 -18.77
CA THR D 237 -31.15 -26.86 -18.14
C THR D 237 -31.17 -26.76 -16.62
N MET D 238 -31.46 -25.59 -16.07
CA MET D 238 -31.58 -25.40 -14.63
C MET D 238 -32.86 -26.06 -14.17
N LEU D 239 -33.92 -25.95 -14.94
CA LEU D 239 -35.17 -26.61 -14.58
C LEU D 239 -35.14 -28.11 -14.86
N GLY D 240 -34.15 -28.60 -15.59
CA GLY D 240 -34.04 -30.03 -15.88
C GLY D 240 -35.13 -30.56 -16.79
N VAL D 241 -35.55 -29.77 -17.77
CA VAL D 241 -36.60 -30.16 -18.68
C VAL D 241 -36.01 -30.82 -19.92
N LYS D 242 -36.85 -31.51 -20.66
CA LYS D 242 -36.44 -32.07 -21.95
C LYS D 242 -36.19 -30.96 -22.95
N GLN D 243 -35.10 -31.09 -23.70
CA GLN D 243 -34.69 -30.09 -24.67
C GLN D 243 -34.51 -30.73 -26.04
N VAL D 244 -35.01 -30.05 -27.06
CA VAL D 244 -34.92 -30.50 -28.44
C VAL D 244 -34.19 -29.44 -29.25
N TYR D 245 -33.20 -29.85 -30.02
CA TYR D 245 -32.41 -28.93 -30.82
C TYR D 245 -32.60 -29.26 -32.29
N PRO D 246 -33.04 -28.31 -33.11
CA PRO D 246 -33.41 -28.63 -34.50
C PRO D 246 -32.28 -28.55 -35.49
N GLY D 247 -31.18 -27.89 -35.14
CA GLY D 247 -30.09 -27.69 -36.07
C GLY D 247 -30.32 -26.55 -37.02
N LYS D 248 -30.39 -26.85 -38.32
CA LYS D 248 -30.68 -25.84 -39.32
C LYS D 248 -32.19 -25.68 -39.46
N TYR D 249 -32.66 -24.45 -39.29
CA TYR D 249 -34.09 -24.19 -39.27
C TYR D 249 -34.71 -24.42 -40.63
N VAL D 250 -35.66 -25.35 -40.69
CA VAL D 250 -36.46 -25.59 -41.89
C VAL D 250 -37.91 -25.61 -41.44
N PRO D 251 -38.84 -24.89 -42.14
CA PRO D 251 -40.18 -24.87 -41.56
C PRO D 251 -40.89 -26.14 -41.39
N ASP D 252 -40.62 -27.15 -42.16
CA ASP D 252 -41.36 -28.36 -42.08
C ASP D 252 -40.64 -29.40 -41.29
N VAL D 253 -39.44 -29.13 -40.82
CA VAL D 253 -38.76 -30.06 -39.94
C VAL D 253 -39.04 -29.62 -38.54
N LEU D 254 -39.19 -28.33 -38.32
CA LEU D 254 -39.58 -27.80 -37.02
C LEU D 254 -41.00 -28.24 -36.66
N LEU D 255 -41.90 -28.26 -37.64
CA LEU D 255 -43.27 -28.72 -37.39
C LEU D 255 -43.29 -30.20 -37.01
N ASN D 256 -42.48 -31.02 -37.68
CA ASN D 256 -42.38 -32.42 -37.32
C ASN D 256 -41.84 -32.58 -35.91
N LEU D 257 -40.83 -31.78 -35.54
CA LEU D 257 -40.29 -31.85 -34.20
C LEU D 257 -41.33 -31.46 -33.16
N ILE D 258 -42.11 -30.42 -33.43
CA ILE D 258 -43.15 -30.00 -32.51
C ILE D 258 -44.19 -31.10 -32.33
N GLU D 259 -44.61 -31.71 -33.44
CA GLU D 259 -45.63 -32.75 -33.36
C GLU D 259 -45.11 -33.99 -32.64
N GLN D 260 -43.89 -34.41 -32.92
CA GLN D 260 -43.38 -35.66 -32.38
C GLN D 260 -42.75 -35.61 -31.01
N GLU D 261 -41.97 -34.59 -30.73
CA GLU D 261 -41.38 -34.47 -29.41
C GLU D 261 -42.27 -33.72 -28.43
N LYS D 262 -43.43 -33.24 -28.88
CA LYS D 262 -44.41 -32.57 -28.03
C LYS D 262 -43.82 -31.33 -27.34
N VAL D 263 -43.21 -30.46 -28.16
CA VAL D 263 -42.64 -29.23 -27.64
C VAL D 263 -43.75 -28.31 -27.15
N THR D 264 -43.54 -27.69 -26.00
CA THR D 264 -44.50 -26.75 -25.43
C THR D 264 -43.98 -25.33 -25.30
N PHE D 265 -42.67 -25.11 -25.25
CA PHE D 265 -42.11 -23.79 -25.05
C PHE D 265 -41.00 -23.55 -26.06
N SER D 266 -41.02 -22.38 -26.70
CA SER D 266 -40.02 -22.03 -27.70
C SER D 266 -39.98 -20.52 -27.85
N HIS D 267 -39.11 -20.05 -28.74
CA HIS D 267 -38.97 -18.62 -28.97
C HIS D 267 -38.35 -18.39 -30.34
N CYS D 268 -38.90 -17.42 -31.07
CA CYS D 268 -38.43 -17.08 -32.39
C CYS D 268 -38.60 -15.63 -32.72
N VAL D 269 -38.50 -15.29 -33.99
CA VAL D 269 -38.70 -13.94 -34.49
C VAL D 269 -39.92 -13.97 -35.41
N PRO D 270 -40.57 -12.83 -35.69
CA PRO D 270 -41.85 -12.89 -36.43
C PRO D 270 -41.77 -13.56 -37.79
N THR D 271 -40.61 -13.50 -38.47
CA THR D 271 -40.51 -14.11 -39.79
C THR D 271 -40.63 -15.62 -39.71
N ILE D 272 -39.97 -16.25 -38.74
CA ILE D 272 -40.05 -17.70 -38.62
C ILE D 272 -41.46 -18.13 -38.24
N LEU D 273 -42.10 -17.37 -37.35
CA LEU D 273 -43.48 -17.69 -36.96
C LEU D 273 -44.43 -17.59 -38.15
N HIS D 274 -44.25 -16.55 -38.98
CA HIS D 274 -45.05 -16.43 -40.20
C HIS D 274 -44.80 -17.61 -41.14
N LEU D 275 -43.53 -18.02 -41.27
CA LEU D 275 -43.21 -19.15 -42.15
C LEU D 275 -43.83 -20.44 -41.63
N LEU D 276 -43.87 -20.62 -40.31
CA LEU D 276 -44.44 -21.84 -39.74
C LEU D 276 -45.96 -21.86 -39.90
N LEU D 277 -46.62 -20.75 -39.57
CA LEU D 277 -48.08 -20.74 -39.62
C LEU D 277 -48.63 -20.84 -41.04
N SER D 278 -47.82 -20.52 -42.04
CA SER D 278 -48.24 -20.61 -43.44
C SER D 278 -47.90 -21.94 -44.08
N SER D 279 -47.12 -22.79 -43.42
CA SER D 279 -46.69 -24.05 -44.01
C SER D 279 -47.89 -24.97 -44.22
N PRO D 280 -47.91 -25.74 -45.31
CA PRO D 280 -49.09 -26.59 -45.58
C PRO D 280 -49.37 -27.63 -44.51
N LYS D 281 -48.33 -28.16 -43.86
CA LYS D 281 -48.55 -29.18 -42.84
C LYS D 281 -49.06 -28.60 -41.53
N SER D 282 -48.90 -27.30 -41.32
CA SER D 282 -49.31 -26.69 -40.06
C SER D 282 -50.82 -26.74 -39.90
N LYS D 283 -51.56 -26.64 -40.99
CA LYS D 283 -53.01 -26.61 -40.91
C LYS D 283 -53.63 -27.83 -40.28
N ALA D 284 -52.97 -28.96 -40.39
CA ALA D 284 -53.47 -30.22 -39.84
C ALA D 284 -52.71 -30.64 -38.59
N MET D 285 -52.37 -29.65 -37.75
CA MET D 285 -51.59 -29.92 -36.56
C MET D 285 -52.23 -29.32 -35.34
N ASP D 286 -52.00 -29.94 -34.19
CA ASP D 286 -52.52 -29.43 -32.92
C ASP D 286 -51.50 -28.48 -32.31
N PHE D 287 -51.89 -27.22 -32.15
CA PHE D 287 -51.00 -26.19 -31.64
C PHE D 287 -51.35 -25.72 -30.23
N SER D 288 -52.42 -26.25 -29.64
CA SER D 288 -52.92 -25.70 -28.39
C SER D 288 -52.20 -26.27 -27.17
N GLY D 289 -50.87 -26.31 -27.21
CA GLY D 289 -50.07 -26.60 -26.04
C GLY D 289 -48.77 -25.83 -26.07
N TRP D 290 -48.65 -24.94 -27.04
CA TRP D 290 -47.40 -24.31 -27.43
C TRP D 290 -47.38 -22.85 -26.99
N LYS D 291 -46.23 -22.40 -26.52
CA LYS D 291 -46.06 -21.07 -25.89
C LYS D 291 -44.87 -20.34 -26.47
N VAL D 292 -44.85 -20.16 -27.80
CA VAL D 292 -43.77 -19.41 -28.43
C VAL D 292 -43.68 -17.99 -27.87
N VAL D 293 -42.45 -17.49 -27.75
CA VAL D 293 -42.16 -16.13 -27.30
C VAL D 293 -41.56 -15.38 -28.48
N ILE D 294 -42.23 -14.32 -28.92
CA ILE D 294 -41.83 -13.57 -30.11
C ILE D 294 -41.14 -12.29 -29.61
N GLY D 295 -39.84 -12.35 -29.45
CA GLY D 295 -39.11 -11.19 -28.95
C GLY D 295 -38.04 -10.69 -29.89
N GLY D 296 -38.10 -11.08 -31.15
CA GLY D 296 -37.09 -10.64 -32.11
C GLY D 296 -37.16 -9.15 -32.39
N ALA D 297 -38.22 -8.71 -33.06
CA ALA D 297 -38.42 -7.28 -33.32
C ALA D 297 -39.88 -7.03 -33.65
N ALA D 298 -40.61 -6.41 -32.71
CA ALA D 298 -41.89 -5.75 -33.00
C ALA D 298 -42.91 -6.71 -33.62
N LEU D 299 -43.36 -7.65 -32.78
CA LEU D 299 -44.45 -8.56 -33.12
C LEU D 299 -45.63 -7.81 -33.72
N PRO D 300 -45.96 -8.04 -35.00
CA PRO D 300 -47.12 -7.38 -35.59
C PRO D 300 -48.42 -7.89 -34.99
N LYS D 301 -49.45 -7.03 -35.04
CA LYS D 301 -50.73 -7.38 -34.46
C LYS D 301 -51.52 -8.36 -35.32
N ALA D 302 -51.35 -8.31 -36.63
CA ALA D 302 -52.07 -9.25 -37.51
C ALA D 302 -51.49 -10.65 -37.40
N LEU D 303 -50.17 -10.77 -37.33
CA LEU D 303 -49.56 -12.07 -37.09
C LEU D 303 -49.95 -12.62 -35.73
N CYS D 304 -50.00 -11.76 -34.71
CA CYS D 304 -50.45 -12.18 -33.40
C CYS D 304 -51.89 -12.67 -33.44
N LYS D 305 -52.75 -11.98 -34.19
CA LYS D 305 -54.14 -12.40 -34.30
C LYS D 305 -54.26 -13.74 -35.01
N SER D 306 -53.46 -13.96 -36.06
CA SER D 306 -53.50 -15.23 -36.77
C SER D 306 -52.97 -16.37 -35.91
N ALA D 307 -51.96 -16.09 -35.08
CA ALA D 307 -51.43 -17.12 -34.19
C ALA D 307 -52.37 -17.39 -33.02
N LEU D 308 -53.19 -16.41 -32.64
CA LEU D 308 -54.12 -16.62 -31.53
C LEU D 308 -55.30 -17.49 -31.93
N GLU D 309 -55.65 -17.51 -33.21
CA GLU D 309 -56.79 -18.32 -33.66
C GLU D 309 -56.46 -19.81 -33.70
N ARG D 310 -55.18 -20.16 -33.71
CA ARG D 310 -54.75 -21.55 -33.59
C ARG D 310 -54.52 -21.96 -32.14
N ASP D 311 -54.84 -21.07 -31.19
CA ASP D 311 -54.72 -21.33 -29.76
C ASP D 311 -53.26 -21.51 -29.34
N ILE D 312 -52.43 -20.56 -29.74
CA ILE D 312 -51.03 -20.51 -29.37
C ILE D 312 -50.83 -19.36 -28.39
N ASP D 313 -50.16 -19.65 -27.27
CA ASP D 313 -49.83 -18.63 -26.28
C ASP D 313 -48.66 -17.81 -26.83
N VAL D 314 -49.00 -16.71 -27.50
CA VAL D 314 -48.02 -15.81 -28.08
C VAL D 314 -47.86 -14.60 -27.17
N PHE D 315 -46.62 -14.21 -26.91
CA PHE D 315 -46.36 -12.97 -26.20
C PHE D 315 -44.99 -12.46 -26.60
N ALA D 316 -44.76 -11.17 -26.36
CA ALA D 316 -43.58 -10.49 -26.83
C ALA D 316 -42.63 -10.19 -25.67
N GLY D 317 -41.36 -9.99 -26.01
CA GLY D 317 -40.36 -9.59 -25.05
C GLY D 317 -39.40 -8.60 -25.66
N TYR D 318 -38.62 -7.94 -24.83
CA TYR D 318 -37.70 -6.93 -25.31
C TYR D 318 -36.31 -7.14 -24.78
N GLY D 319 -35.32 -7.07 -25.64
CA GLY D 319 -33.96 -7.25 -25.24
C GLY D 319 -33.13 -6.51 -26.23
N MET D 320 -31.84 -6.39 -26.00
CA MET D 320 -31.04 -5.55 -26.88
C MET D 320 -29.65 -6.01 -27.21
N SER D 321 -29.13 -7.10 -26.66
CA SER D 321 -27.81 -7.69 -26.89
C SER D 321 -26.72 -6.97 -26.12
N GLU D 322 -27.04 -5.83 -25.52
CA GLU D 322 -26.20 -5.20 -24.52
C GLU D 322 -26.77 -5.39 -23.12
N THR D 323 -27.91 -6.07 -23.01
CA THR D 323 -28.74 -6.00 -21.82
C THR D 323 -29.07 -7.37 -21.24
N GLY D 324 -28.41 -8.43 -21.68
CA GLY D 324 -28.60 -9.72 -21.06
C GLY D 324 -29.16 -10.87 -21.89
N PRO D 325 -30.18 -10.65 -22.74
CA PRO D 325 -30.84 -9.42 -23.18
C PRO D 325 -32.15 -9.03 -22.51
N ILE D 326 -32.82 -9.93 -21.78
CA ILE D 326 -34.22 -9.73 -21.45
C ILE D 326 -34.38 -8.54 -20.51
N LEU D 327 -35.26 -7.60 -20.88
CA LEU D 327 -35.60 -6.44 -20.07
C LEU D 327 -37.06 -6.37 -19.72
N SER D 328 -37.95 -6.72 -20.64
CA SER D 328 -39.38 -6.63 -20.41
C SER D 328 -40.08 -7.81 -21.09
N ILE D 329 -41.20 -8.22 -20.49
CA ILE D 329 -42.00 -9.34 -20.98
C ILE D 329 -43.46 -8.99 -20.82
N VAL D 330 -44.26 -9.37 -21.82
CA VAL D 330 -45.71 -9.23 -21.74
C VAL D 330 -46.26 -10.31 -20.82
N GLN D 331 -46.97 -9.89 -19.77
CA GLN D 331 -47.63 -10.81 -18.85
C GLN D 331 -49.06 -10.32 -18.63
N LEU D 332 -50.02 -11.21 -18.87
CA LEU D 332 -51.43 -10.85 -18.84
C LEU D 332 -52.06 -11.27 -17.52
N THR D 333 -52.79 -10.36 -16.90
CA THR D 333 -53.56 -10.68 -15.72
C THR D 333 -54.82 -11.46 -16.11
N PRO D 334 -55.40 -12.23 -15.18
CA PRO D 334 -56.61 -12.99 -15.52
C PRO D 334 -57.78 -12.13 -15.95
N GLU D 335 -57.80 -10.85 -15.55
CA GLU D 335 -58.81 -9.94 -16.07
C GLU D 335 -58.63 -9.71 -17.57
N GLN D 336 -57.38 -9.67 -18.04
CA GLN D 336 -57.07 -9.47 -19.45
C GLN D 336 -57.14 -10.74 -20.27
N LEU D 337 -57.14 -11.91 -19.64
CA LEU D 337 -57.26 -13.18 -20.33
C LEU D 337 -58.70 -13.53 -20.66
N GLU D 338 -59.61 -12.56 -20.58
CA GLU D 338 -61.01 -12.76 -20.92
C GLU D 338 -61.44 -11.97 -22.15
N LEU D 339 -60.65 -10.99 -22.58
CA LEU D 339 -61.03 -10.20 -23.75
C LEU D 339 -61.00 -11.06 -25.01
N ASP D 340 -61.61 -10.54 -26.07
CA ASP D 340 -61.62 -11.26 -27.33
C ASP D 340 -60.23 -11.23 -27.96
N VAL D 341 -60.12 -11.77 -29.17
CA VAL D 341 -58.84 -11.90 -29.86
C VAL D 341 -58.22 -10.53 -30.11
N ASP D 342 -59.02 -9.58 -30.58
CA ASP D 342 -58.47 -8.29 -31.02
C ASP D 342 -57.80 -7.56 -29.86
N GLN D 343 -58.51 -7.41 -28.74
CA GLN D 343 -57.92 -6.73 -27.59
C GLN D 343 -56.76 -7.51 -27.02
N GLN D 344 -56.87 -8.84 -26.99
CA GLN D 344 -55.74 -9.67 -26.59
C GLN D 344 -54.58 -9.53 -27.56
N ALA D 345 -54.86 -9.44 -28.85
CA ALA D 345 -53.79 -9.24 -29.83
C ALA D 345 -53.07 -7.91 -29.56
N GLU D 346 -53.79 -6.88 -29.20
CA GLU D 346 -53.18 -5.59 -28.93
C GLU D 346 -52.38 -5.61 -27.63
N TYR D 347 -52.83 -6.41 -26.66
CA TYR D 347 -52.08 -6.51 -25.42
C TYR D 347 -50.81 -7.34 -25.58
N ARG D 348 -50.90 -8.44 -26.32
CA ARG D 348 -49.79 -9.39 -26.44
C ARG D 348 -48.67 -8.88 -27.32
N SER D 349 -48.94 -7.91 -28.19
CA SER D 349 -47.94 -7.40 -29.12
C SER D 349 -47.21 -6.18 -28.58
N LYS D 350 -47.47 -5.79 -27.33
CA LYS D 350 -46.75 -4.68 -26.73
C LYS D 350 -45.35 -5.11 -26.32
N THR D 351 -44.52 -4.12 -25.98
CA THR D 351 -43.18 -4.41 -25.50
C THR D 351 -43.21 -5.08 -24.13
N GLY D 352 -44.16 -4.71 -23.29
CA GLY D 352 -44.41 -5.40 -22.03
C GLY D 352 -43.86 -4.63 -20.84
N LYS D 353 -44.16 -5.17 -19.66
CA LYS D 353 -43.70 -4.60 -18.41
C LYS D 353 -42.30 -5.10 -18.07
N LYS D 354 -41.56 -4.29 -17.34
CA LYS D 354 -40.19 -4.64 -16.97
C LYS D 354 -40.18 -5.80 -15.98
N VAL D 355 -39.14 -6.62 -16.09
CA VAL D 355 -38.95 -7.80 -15.26
C VAL D 355 -38.32 -7.41 -13.92
N ALA D 356 -38.22 -8.38 -13.01
CA ALA D 356 -37.63 -8.13 -11.70
C ALA D 356 -36.23 -7.54 -11.82
N LEU D 357 -35.96 -6.53 -10.99
CA LEU D 357 -34.66 -5.89 -10.82
C LEU D 357 -34.26 -4.99 -11.98
N VAL D 358 -35.22 -4.44 -12.70
CA VAL D 358 -34.98 -3.55 -13.83
C VAL D 358 -35.66 -2.21 -13.54
N GLU D 359 -34.99 -1.11 -13.92
CA GLU D 359 -35.46 0.23 -13.54
C GLU D 359 -36.26 0.90 -14.65
N ALA D 360 -35.69 1.02 -15.85
CA ALA D 360 -36.45 1.34 -17.07
C ALA D 360 -37.18 2.68 -16.98
N TYR D 361 -36.40 3.75 -17.00
CA TYR D 361 -36.95 5.09 -17.17
C TYR D 361 -36.97 5.50 -18.64
N ILE D 362 -37.72 6.54 -18.96
CA ILE D 362 -37.66 7.19 -20.27
C ILE D 362 -37.29 8.65 -20.03
N VAL D 363 -36.26 9.11 -20.75
CA VAL D 363 -35.71 10.44 -20.57
C VAL D 363 -35.74 11.16 -21.92
N ASP D 364 -35.39 12.44 -21.87
CA ASP D 364 -35.20 13.25 -23.05
C ASP D 364 -33.71 13.38 -23.35
N GLU D 365 -33.36 14.26 -24.29
CA GLU D 365 -31.97 14.42 -24.70
C GLU D 365 -31.10 14.96 -23.57
N ASP D 366 -31.70 15.51 -22.51
CA ASP D 366 -30.96 16.04 -21.38
C ASP D 366 -31.08 15.17 -20.13
N MET D 367 -31.62 13.96 -20.26
CA MET D 367 -31.78 13.03 -19.14
C MET D 367 -32.65 13.63 -18.03
N ASN D 368 -33.91 13.88 -18.37
CA ASN D 368 -34.82 14.58 -17.47
C ASN D 368 -35.96 13.70 -16.94
N LYS D 369 -36.04 12.43 -17.35
CA LYS D 369 -36.96 11.46 -16.75
C LYS D 369 -38.43 11.92 -16.89
N LEU D 370 -38.87 11.93 -18.13
CA LEU D 370 -40.23 12.26 -18.55
C LEU D 370 -41.29 11.46 -17.79
N PRO D 371 -42.51 11.96 -17.68
CA PRO D 371 -43.55 11.22 -16.94
C PRO D 371 -44.07 10.03 -17.74
N HIS D 372 -44.72 9.13 -17.00
CA HIS D 372 -45.33 7.93 -17.58
C HIS D 372 -46.84 8.17 -17.69
N ASP D 373 -47.23 8.86 -18.77
CA ASP D 373 -48.62 9.20 -19.00
C ASP D 373 -49.24 8.44 -20.15
N GLY D 374 -48.47 7.65 -20.88
CA GLY D 374 -48.97 6.92 -22.02
C GLY D 374 -48.92 7.65 -23.34
N GLU D 375 -48.46 8.90 -23.37
CA GLU D 375 -48.38 9.65 -24.61
C GLU D 375 -46.98 10.18 -24.89
N THR D 376 -46.31 10.69 -23.86
CA THR D 376 -45.02 11.34 -24.04
C THR D 376 -43.94 10.31 -24.32
N ALA D 377 -43.19 10.52 -25.40
CA ALA D 377 -42.15 9.59 -25.82
C ALA D 377 -40.77 10.13 -25.47
N GLY D 378 -39.84 9.20 -25.29
CA GLY D 378 -38.46 9.52 -24.96
C GLY D 378 -37.65 8.25 -25.07
N GLU D 379 -36.35 8.38 -24.83
CA GLU D 379 -35.46 7.24 -24.96
C GLU D 379 -35.39 6.46 -23.65
N ILE D 380 -35.40 5.14 -23.76
CA ILE D 380 -35.40 4.27 -22.59
C ILE D 380 -33.97 4.13 -22.08
N VAL D 381 -33.80 4.35 -20.77
CA VAL D 381 -32.52 4.15 -20.08
C VAL D 381 -32.77 3.22 -18.91
N VAL D 382 -31.90 2.23 -18.73
CA VAL D 382 -32.16 1.12 -17.81
C VAL D 382 -30.99 0.89 -16.89
N ARG D 383 -31.27 0.26 -15.76
CA ARG D 383 -30.28 -0.29 -14.85
C ARG D 383 -30.73 -1.70 -14.49
N ALA D 384 -29.82 -2.66 -14.57
CA ALA D 384 -30.15 -4.05 -14.34
C ALA D 384 -28.89 -4.78 -13.88
N PRO D 385 -29.04 -5.94 -13.24
CA PRO D 385 -27.85 -6.68 -12.79
C PRO D 385 -27.05 -7.35 -13.89
N TRP D 386 -27.48 -7.28 -15.15
CA TRP D 386 -26.88 -8.08 -16.21
C TRP D 386 -26.64 -7.24 -17.46
N LEU D 387 -26.04 -6.07 -17.30
CA LEU D 387 -25.70 -5.19 -18.43
C LEU D 387 -24.20 -5.13 -18.61
N THR D 388 -23.76 -5.01 -19.86
CA THR D 388 -22.34 -4.87 -20.15
C THR D 388 -21.82 -3.55 -19.61
N PRO D 389 -20.72 -3.53 -18.87
CA PRO D 389 -20.17 -2.25 -18.40
C PRO D 389 -19.74 -1.32 -19.52
N ASN D 390 -19.28 -1.87 -20.64
CA ASN D 390 -18.76 -1.08 -21.74
C ASN D 390 -18.66 -1.97 -22.97
N TYR D 391 -18.16 -1.40 -24.06
CA TYR D 391 -17.78 -2.19 -25.21
C TYR D 391 -16.33 -2.63 -25.07
N TYR D 392 -16.02 -3.79 -25.61
CA TYR D 392 -14.67 -4.33 -25.49
C TYR D 392 -13.69 -3.51 -26.32
N LYS D 393 -12.61 -3.08 -25.69
CA LYS D 393 -11.55 -2.29 -26.34
C LYS D 393 -12.10 -1.01 -26.96
N ASP D 394 -13.05 -0.38 -26.28
CA ASP D 394 -13.64 0.85 -26.78
C ASP D 394 -13.74 1.86 -25.64
N ASN D 395 -13.55 3.13 -25.96
CA ASN D 395 -13.59 4.19 -24.97
C ASN D 395 -14.68 5.21 -25.20
N LYS D 396 -14.76 5.81 -26.39
CA LYS D 396 -15.73 6.85 -26.66
C LYS D 396 -17.13 6.28 -26.83
N ASN D 397 -17.26 5.16 -27.54
CA ASN D 397 -18.57 4.49 -27.65
C ASN D 397 -19.04 3.98 -26.28
N SER D 398 -18.10 3.49 -25.47
CA SER D 398 -18.44 3.05 -24.13
C SER D 398 -18.97 4.19 -23.28
N LYS D 399 -18.37 5.37 -23.42
CA LYS D 399 -18.86 6.53 -22.69
C LYS D 399 -20.21 7.00 -23.21
N ALA D 400 -20.43 6.92 -24.53
CA ALA D 400 -21.73 7.31 -25.06
C ALA D 400 -22.81 6.31 -24.66
N LEU D 401 -22.43 5.06 -24.38
CA LEU D 401 -23.42 4.05 -23.99
C LEU D 401 -23.94 4.28 -22.59
N TRP D 402 -23.05 4.56 -21.64
CA TRP D 402 -23.43 4.68 -20.22
C TRP D 402 -23.51 6.14 -19.79
N ARG D 403 -23.92 7.02 -20.69
CA ARG D 403 -23.97 8.45 -20.39
C ARG D 403 -25.00 8.73 -19.31
N GLY D 404 -24.60 9.54 -18.34
CA GLY D 404 -25.53 9.96 -17.30
C GLY D 404 -25.87 8.91 -16.28
N GLY D 405 -25.05 7.86 -16.16
CA GLY D 405 -25.29 6.84 -15.15
C GLY D 405 -26.34 5.81 -15.51
N TYR D 406 -26.80 5.79 -16.76
CA TYR D 406 -27.78 4.83 -17.21
C TYR D 406 -27.33 4.25 -18.54
N LEU D 407 -27.77 3.04 -18.83
CA LEU D 407 -27.48 2.43 -20.12
C LEU D 407 -28.48 2.91 -21.16
N HIS D 408 -28.04 3.47 -22.25
CA HIS D 408 -28.94 4.01 -23.23
C HIS D 408 -29.26 2.98 -24.21
N THR D 409 -30.51 2.69 -24.40
CA THR D 409 -30.91 1.62 -25.28
C THR D 409 -30.91 1.98 -26.70
N GLY D 410 -31.32 3.20 -27.01
CA GLY D 410 -31.43 3.61 -28.39
C GLY D 410 -32.82 3.54 -28.98
N ASP D 411 -33.83 3.23 -28.17
CA ASP D 411 -35.21 3.13 -28.62
C ASP D 411 -36.04 4.24 -27.99
N VAL D 412 -37.03 4.71 -28.74
CA VAL D 412 -37.96 5.73 -28.28
C VAL D 412 -39.31 5.08 -28.08
N ALA D 413 -39.84 5.21 -26.86
CA ALA D 413 -41.06 4.55 -26.42
C ALA D 413 -41.80 5.44 -25.45
N HIS D 414 -43.04 5.08 -25.14
CA HIS D 414 -43.81 5.69 -24.08
C HIS D 414 -44.31 4.60 -23.15
N ILE D 415 -44.52 4.96 -21.88
CA ILE D 415 -44.88 4.02 -20.84
C ILE D 415 -46.21 4.42 -20.24
N ASP D 416 -47.13 3.47 -20.12
CA ASP D 416 -48.42 3.71 -19.50
C ASP D 416 -48.27 3.84 -17.99
N ASP D 417 -49.33 4.35 -17.36
CA ASP D 417 -49.39 4.35 -15.91
C ASP D 417 -49.39 2.93 -15.35
N GLU D 418 -50.04 2.00 -16.06
CA GLU D 418 -50.04 0.61 -15.62
C GLU D 418 -48.64 0.02 -15.64
N GLY D 419 -47.85 0.35 -16.65
CA GLY D 419 -46.48 -0.11 -16.72
C GLY D 419 -46.11 -0.68 -18.07
N PHE D 420 -47.09 -0.77 -18.96
CA PHE D 420 -46.85 -1.33 -20.29
C PHE D 420 -46.01 -0.36 -21.12
N ILE D 421 -44.97 -0.88 -21.76
CA ILE D 421 -44.11 -0.12 -22.64
C ILE D 421 -44.50 -0.39 -24.08
N LYS D 422 -44.41 0.62 -24.92
CA LYS D 422 -44.62 0.46 -26.35
C LYS D 422 -43.55 1.26 -27.08
N ILE D 423 -42.63 0.56 -27.73
CA ILE D 423 -41.57 1.23 -28.47
C ILE D 423 -42.15 1.81 -29.75
N THR D 424 -41.92 3.11 -29.95
CA THR D 424 -42.43 3.78 -31.14
C THR D 424 -41.40 3.81 -32.26
N ASP D 425 -40.14 4.08 -31.97
CA ASP D 425 -39.16 4.22 -33.04
C ASP D 425 -37.75 4.04 -32.48
N ARG D 426 -36.75 4.33 -33.30
CA ARG D 426 -35.36 4.39 -32.89
C ARG D 426 -34.93 5.84 -32.69
N VAL D 427 -33.93 6.03 -31.85
CA VAL D 427 -33.46 7.39 -31.56
C VAL D 427 -32.89 8.04 -32.81
N LYS D 428 -32.12 7.29 -33.59
CA LYS D 428 -31.48 7.83 -34.79
C LYS D 428 -32.44 8.02 -35.95
N ASP D 429 -33.63 7.42 -35.91
CA ASP D 429 -34.59 7.53 -36.99
C ASP D 429 -35.67 8.57 -36.73
N MET D 430 -35.51 9.39 -35.70
CA MET D 430 -36.50 10.40 -35.39
C MET D 430 -36.44 11.53 -36.40
N ILE D 431 -37.57 12.01 -36.89
CA ILE D 431 -37.53 13.18 -37.77
C ILE D 431 -37.55 14.47 -36.94
N LYS D 432 -36.46 15.24 -37.06
CA LYS D 432 -36.24 16.50 -36.32
C LYS D 432 -36.87 17.69 -37.02
N ILE D 433 -38.11 17.49 -37.48
CA ILE D 433 -38.82 18.56 -38.17
C ILE D 433 -38.88 19.70 -37.22
N SER D 434 -38.27 20.80 -37.59
CA SER D 434 -38.29 22.01 -36.79
C SER D 434 -37.98 21.73 -35.31
N GLY D 435 -38.95 22.00 -34.44
CA GLY D 435 -38.76 21.85 -33.00
C GLY D 435 -39.46 20.69 -32.34
N GLU D 436 -39.96 19.72 -33.10
CA GLU D 436 -40.60 18.55 -32.53
C GLU D 436 -40.00 17.28 -33.12
N TRP D 437 -40.19 16.18 -32.41
CA TRP D 437 -39.71 14.87 -32.82
C TRP D 437 -40.89 14.01 -33.25
N VAL D 438 -40.78 13.42 -34.44
CA VAL D 438 -41.81 12.58 -35.01
C VAL D 438 -41.21 11.23 -35.35
N SER D 439 -41.94 10.16 -35.01
CA SER D 439 -41.51 8.81 -35.37
C SER D 439 -41.71 8.57 -36.85
N SER D 440 -40.70 7.99 -37.49
CA SER D 440 -40.81 7.59 -38.89
C SER D 440 -41.42 6.21 -39.06
N LEU D 441 -41.56 5.43 -37.99
CA LEU D 441 -42.13 4.10 -38.10
C LEU D 441 -43.63 4.15 -38.37
N GLU D 442 -44.34 5.04 -37.69
CA GLU D 442 -45.79 5.12 -37.85
C GLU D 442 -46.20 5.52 -39.25
N LEU D 443 -45.32 6.20 -39.99
CA LEU D 443 -45.64 6.57 -41.37
C LEU D 443 -45.48 5.39 -42.32
N GLU D 444 -44.49 4.52 -42.07
CA GLU D 444 -44.19 3.45 -43.01
C GLU D 444 -45.35 2.48 -43.16
N ASP D 445 -45.97 2.10 -42.04
CA ASP D 445 -47.06 1.12 -42.10
C ASP D 445 -48.29 1.70 -42.79
N ILE D 446 -48.50 3.02 -42.69
CA ILE D 446 -49.62 3.65 -43.38
C ILE D 446 -49.47 3.50 -44.88
N LEU D 447 -48.26 3.74 -45.39
CA LEU D 447 -47.98 3.50 -46.80
C LEU D 447 -48.04 2.01 -47.12
N HIS D 448 -47.65 1.16 -46.18
CA HIS D 448 -47.70 -0.28 -46.39
C HIS D 448 -49.13 -0.77 -46.59
N GLN D 449 -50.11 -0.05 -46.05
CA GLN D 449 -51.51 -0.44 -46.20
C GLN D 449 -52.00 -0.34 -47.64
N HIS D 450 -51.27 0.37 -48.51
CA HIS D 450 -51.66 0.47 -49.91
C HIS D 450 -51.56 -0.89 -50.59
N GLN D 451 -52.39 -1.06 -51.63
CA GLN D 451 -52.47 -2.33 -52.35
C GLN D 451 -51.38 -2.51 -53.39
N SER D 452 -50.60 -1.46 -53.68
CA SER D 452 -49.60 -1.52 -54.75
C SER D 452 -48.20 -1.17 -54.25
N VAL D 453 -47.93 -1.37 -52.96
CA VAL D 453 -46.61 -1.11 -52.38
C VAL D 453 -46.12 -2.38 -51.70
N SER D 454 -44.84 -2.69 -51.89
CA SER D 454 -44.24 -3.89 -51.32
C SER D 454 -43.42 -3.61 -50.06
N GLU D 455 -42.69 -2.49 -50.03
CA GLU D 455 -41.86 -2.16 -48.87
C GLU D 455 -41.60 -0.66 -48.87
N VAL D 456 -41.67 -0.05 -47.69
CA VAL D 456 -41.51 1.39 -47.53
C VAL D 456 -40.37 1.64 -46.54
N ALA D 457 -39.47 2.54 -46.91
CA ALA D 457 -38.43 3.05 -46.02
C ALA D 457 -38.53 4.57 -45.99
N VAL D 458 -38.55 5.13 -44.78
CA VAL D 458 -38.72 6.57 -44.60
C VAL D 458 -37.47 7.12 -43.93
N ILE D 459 -36.85 8.11 -44.56
CA ILE D 459 -35.70 8.81 -44.03
C ILE D 459 -36.00 10.31 -44.04
N GLY D 460 -35.02 11.10 -43.59
CA GLY D 460 -35.24 12.53 -43.47
C GLY D 460 -34.22 13.39 -44.18
N MET D 461 -34.69 14.27 -45.06
CA MET D 461 -33.81 15.19 -45.77
C MET D 461 -33.80 16.56 -45.10
N PRO D 462 -32.64 17.18 -44.99
CA PRO D 462 -32.57 18.52 -44.39
C PRO D 462 -33.35 19.54 -45.20
N HIS D 463 -33.95 20.48 -44.48
CA HIS D 463 -34.77 21.52 -45.08
C HIS D 463 -34.68 22.74 -44.18
N ASN D 464 -34.37 23.90 -44.76
CA ASN D 464 -33.85 25.04 -44.00
C ASN D 464 -34.73 25.47 -42.83
N LYS D 465 -36.04 25.58 -43.01
CA LYS D 465 -36.86 26.21 -41.98
C LYS D 465 -37.44 25.19 -41.00
N TRP D 466 -37.90 24.04 -41.48
CA TRP D 466 -38.36 23.00 -40.54
C TRP D 466 -37.32 21.91 -40.33
N GLY D 467 -36.03 22.16 -40.55
CA GLY D 467 -35.05 21.12 -40.30
C GLY D 467 -35.26 19.92 -41.22
N GLU D 468 -34.87 18.75 -40.74
CA GLU D 468 -35.03 17.51 -41.50
C GLU D 468 -36.51 17.14 -41.59
N VAL D 469 -36.97 16.80 -42.78
CA VAL D 469 -38.39 16.56 -43.04
C VAL D 469 -38.60 15.15 -43.55
N PRO D 470 -39.85 14.67 -43.60
CA PRO D 470 -40.09 13.29 -44.02
C PRO D 470 -39.80 13.06 -45.50
N LEU D 471 -39.46 11.81 -45.82
CA LEU D 471 -39.23 11.39 -47.20
C LEU D 471 -39.40 9.88 -47.26
N ALA D 472 -40.28 9.42 -48.14
CA ALA D 472 -40.66 8.01 -48.21
C ALA D 472 -40.14 7.38 -49.50
N LEU D 473 -39.47 6.25 -49.38
CA LEU D 473 -39.00 5.47 -50.51
C LEU D 473 -39.78 4.17 -50.56
N VAL D 474 -40.45 3.91 -51.68
CA VAL D 474 -41.38 2.81 -51.81
C VAL D 474 -41.01 1.96 -53.01
N THR D 475 -41.18 0.66 -52.89
CA THR D 475 -41.02 -0.28 -54.00
C THR D 475 -42.39 -0.89 -54.31
N LEU D 476 -42.80 -0.81 -55.56
CA LEU D 476 -44.13 -1.25 -55.95
C LEU D 476 -44.15 -2.76 -56.17
N LYS D 477 -45.37 -3.31 -56.25
CA LYS D 477 -45.56 -4.75 -56.38
C LYS D 477 -45.38 -5.17 -57.84
N GLU D 478 -45.62 -6.46 -58.11
CA GLU D 478 -45.56 -6.99 -59.46
C GLU D 478 -46.77 -6.52 -60.25
N ASP D 479 -46.52 -6.01 -61.46
CA ASP D 479 -47.58 -5.57 -62.38
C ASP D 479 -48.46 -4.49 -61.76
N ALA D 480 -47.88 -3.65 -60.91
CA ALA D 480 -48.57 -2.51 -60.33
C ALA D 480 -47.76 -1.25 -60.62
N GLN D 481 -48.42 -0.23 -61.16
CA GLN D 481 -47.74 1.01 -61.55
C GLN D 481 -48.65 2.18 -61.21
N VAL D 482 -48.41 2.80 -60.06
CA VAL D 482 -49.10 4.02 -59.65
C VAL D 482 -48.04 5.09 -59.42
N THR D 483 -48.26 6.27 -59.97
CA THR D 483 -47.30 7.36 -59.84
C THR D 483 -47.25 7.86 -58.40
N GLU D 484 -46.20 8.62 -58.10
CA GLU D 484 -46.03 9.15 -56.75
C GLU D 484 -47.15 10.09 -56.34
N LYS D 485 -47.85 10.69 -57.32
CA LYS D 485 -48.96 11.58 -57.00
C LYS D 485 -50.09 10.83 -56.30
N GLU D 486 -50.42 9.63 -56.78
CA GLU D 486 -51.45 8.84 -56.12
C GLU D 486 -51.04 8.44 -54.72
N LEU D 487 -49.78 8.03 -54.54
CA LEU D 487 -49.31 7.62 -53.23
C LEU D 487 -49.34 8.77 -52.24
N LEU D 488 -49.02 9.98 -52.71
CA LEU D 488 -49.11 11.15 -51.85
C LEU D 488 -50.53 11.36 -51.34
N GLY D 489 -51.53 11.15 -52.20
CA GLY D 489 -52.91 11.29 -51.79
C GLY D 489 -53.43 10.13 -50.97
N PHE D 490 -52.78 8.97 -51.06
CA PHE D 490 -53.23 7.82 -50.27
C PHE D 490 -53.04 8.07 -48.78
N ALA D 491 -51.89 8.62 -48.39
CA ALA D 491 -51.63 8.91 -46.98
C ALA D 491 -52.36 10.15 -46.51
N LYS D 492 -52.65 11.09 -47.41
CA LYS D 492 -53.36 12.31 -47.04
C LYS D 492 -54.78 12.02 -46.57
N ASP D 493 -55.31 10.84 -46.87
CA ASP D 493 -56.68 10.51 -46.47
C ASP D 493 -56.84 10.42 -44.96
N PHE D 494 -55.77 10.10 -44.25
CA PHE D 494 -55.85 10.00 -42.80
C PHE D 494 -55.84 11.39 -42.16
N ILE D 495 -56.01 11.40 -40.84
CA ILE D 495 -56.09 12.64 -40.07
C ILE D 495 -55.28 12.50 -38.79
N ASN D 496 -55.39 13.51 -37.91
CA ASN D 496 -54.85 13.46 -36.55
C ASN D 496 -53.33 13.35 -36.56
N LYS D 497 -52.69 14.37 -37.12
CA LYS D 497 -51.24 14.53 -37.04
C LYS D 497 -50.93 15.99 -36.71
N GLY D 498 -49.74 16.21 -36.17
CA GLY D 498 -49.33 17.53 -35.75
C GLY D 498 -48.85 18.39 -36.90
N ILE D 499 -48.07 19.43 -36.56
CA ILE D 499 -47.44 20.38 -37.47
C ILE D 499 -48.44 20.87 -38.53
N LEU D 500 -48.04 20.91 -39.79
CA LEU D 500 -48.84 21.53 -40.85
C LEU D 500 -49.98 20.59 -41.23
N ALA D 501 -51.18 20.90 -40.74
CA ALA D 501 -52.38 20.09 -40.99
C ALA D 501 -52.16 18.65 -40.55
N ARG D 502 -51.82 17.78 -41.51
CA ARG D 502 -51.49 16.39 -41.24
C ARG D 502 -50.13 16.01 -41.78
N GLU D 503 -49.23 16.99 -41.96
CA GLU D 503 -47.90 16.75 -42.57
C GLU D 503 -48.11 16.28 -44.02
N ALA D 504 -48.59 17.17 -44.89
CA ALA D 504 -48.91 16.73 -46.28
C ALA D 504 -47.92 17.14 -47.37
N LEU D 505 -47.60 18.42 -47.49
CA LEU D 505 -46.71 18.92 -48.55
C LEU D 505 -45.22 18.58 -48.49
N LEU D 506 -44.79 17.83 -47.48
CA LEU D 506 -43.35 17.55 -47.32
C LEU D 506 -42.95 16.09 -47.53
N LEU D 507 -43.89 15.19 -47.79
CA LEU D 507 -43.68 13.77 -48.02
C LEU D 507 -42.67 13.50 -49.13
N LYS D 508 -42.92 14.05 -50.32
CA LYS D 508 -42.00 13.94 -51.46
C LYS D 508 -41.67 12.47 -51.75
N VAL D 509 -42.69 11.62 -51.78
CA VAL D 509 -42.46 10.18 -51.93
C VAL D 509 -41.75 9.90 -53.25
N LYS D 510 -40.85 8.92 -53.23
CA LYS D 510 -40.10 8.51 -54.40
C LYS D 510 -40.21 6.99 -54.57
N ILE D 511 -40.12 6.54 -55.82
CA ILE D 511 -40.22 5.14 -56.16
C ILE D 511 -38.83 4.60 -56.42
N VAL D 512 -38.48 3.50 -55.75
CA VAL D 512 -37.15 2.91 -55.81
C VAL D 512 -37.27 1.48 -56.33
N ASP D 513 -36.41 1.13 -57.27
CA ASP D 513 -36.40 -0.22 -57.82
C ASP D 513 -35.96 -1.25 -56.78
N GLU D 514 -34.89 -0.95 -56.04
CA GLU D 514 -34.38 -1.87 -55.03
C GLU D 514 -33.84 -1.05 -53.86
N ILE D 515 -34.06 -1.57 -52.64
CA ILE D 515 -33.71 -0.88 -51.41
C ILE D 515 -32.52 -1.60 -50.79
N ALA D 516 -31.51 -0.83 -50.38
CA ALA D 516 -30.32 -1.40 -49.78
C ALA D 516 -30.67 -2.05 -48.44
N LYS D 517 -30.15 -3.27 -48.23
CA LYS D 517 -30.36 -4.01 -47.00
C LYS D 517 -29.02 -4.40 -46.41
N THR D 518 -28.99 -4.57 -45.09
CA THR D 518 -27.77 -4.97 -44.41
C THR D 518 -27.50 -6.45 -44.65
N SER D 519 -26.42 -6.96 -44.03
CA SER D 519 -26.06 -8.37 -44.22
C SER D 519 -27.13 -9.31 -43.68
N VAL D 520 -27.65 -9.02 -42.48
CA VAL D 520 -28.66 -9.90 -41.89
C VAL D 520 -29.98 -9.80 -42.65
N GLY D 521 -30.37 -8.62 -43.11
CA GLY D 521 -31.61 -8.44 -43.82
C GLY D 521 -32.42 -7.26 -43.33
N LYS D 522 -31.82 -6.46 -42.46
CA LYS D 522 -32.45 -5.28 -41.92
C LYS D 522 -32.20 -4.09 -42.84
N VAL D 523 -33.23 -3.28 -43.06
CA VAL D 523 -33.13 -2.18 -44.01
C VAL D 523 -32.06 -1.20 -43.54
N ASP D 524 -31.21 -0.78 -44.46
CA ASP D 524 -30.04 0.03 -44.13
C ASP D 524 -30.39 1.49 -44.37
N LYS D 525 -30.87 2.16 -43.33
CA LYS D 525 -31.29 3.56 -43.47
C LYS D 525 -30.13 4.53 -43.46
N LYS D 526 -28.90 4.07 -43.21
CA LYS D 526 -27.76 4.98 -43.25
C LYS D 526 -27.25 5.18 -44.68
N GLU D 527 -27.03 4.08 -45.40
CA GLU D 527 -26.62 4.21 -46.80
C GLU D 527 -27.76 4.70 -47.68
N LEU D 528 -29.01 4.47 -47.26
CA LEU D 528 -30.14 5.06 -47.97
C LEU D 528 -30.06 6.59 -47.93
N ARG D 529 -29.65 7.14 -46.79
CA ARG D 529 -29.40 8.58 -46.71
C ARG D 529 -28.23 8.98 -47.61
N LYS D 530 -27.19 8.15 -47.66
CA LYS D 530 -26.01 8.49 -48.46
C LYS D 530 -26.34 8.60 -49.94
N LEU D 531 -27.12 7.66 -50.47
CA LEU D 531 -27.41 7.65 -51.91
C LEU D 531 -28.58 8.55 -52.28
N HIS D 532 -29.32 9.08 -51.31
CA HIS D 532 -30.45 9.93 -51.64
C HIS D 532 -30.17 11.40 -51.34
N LEU D 533 -29.50 11.65 -50.22
CA LEU D 533 -28.71 12.85 -50.07
C LEU D 533 -27.42 12.70 -50.88
N ASN E 6 6.18 17.64 -9.55
CA ASN E 6 7.42 17.46 -10.30
C ASN E 6 8.61 18.02 -9.53
N ASP E 7 9.71 17.29 -9.56
CA ASP E 7 10.95 17.75 -8.94
C ASP E 7 11.80 18.48 -9.96
N PRO E 8 12.09 19.76 -9.77
CA PRO E 8 12.91 20.48 -10.77
C PRO E 8 14.29 19.89 -10.95
N SER E 9 14.85 19.26 -9.92
CA SER E 9 16.14 18.60 -10.06
C SER E 9 16.05 17.30 -10.82
N ASN E 10 14.84 16.79 -11.07
CA ASN E 10 14.63 15.57 -11.84
C ASN E 10 14.30 15.95 -13.27
N TYR E 11 15.22 15.69 -14.18
CA TYR E 11 15.08 16.10 -15.57
C TYR E 11 14.28 15.07 -16.35
N GLN E 12 13.29 15.53 -17.10
CA GLN E 12 12.51 14.69 -18.01
C GLN E 12 12.92 15.02 -19.44
N LEU E 13 13.10 13.98 -20.25
CA LEU E 13 13.50 14.15 -21.65
C LEU E 13 12.25 14.36 -22.49
N LEU E 14 11.96 15.61 -22.81
CA LEU E 14 10.75 15.96 -23.54
C LEU E 14 11.10 16.55 -24.89
N ILE E 15 10.11 16.54 -25.79
CA ILE E 15 10.30 17.04 -27.14
C ILE E 15 10.48 18.55 -27.14
N LYS E 16 9.86 19.25 -26.20
CA LYS E 16 10.02 20.70 -26.14
C LYS E 16 11.46 21.12 -25.90
N ASN E 17 12.28 20.25 -25.30
CA ASN E 17 13.68 20.55 -25.10
C ASN E 17 14.48 20.48 -26.39
N LEU E 18 14.00 19.74 -27.39
CA LEU E 18 14.68 19.76 -28.69
C LEU E 18 14.47 21.08 -29.40
N LEU E 19 13.32 21.71 -29.19
CA LEU E 19 12.99 22.95 -29.86
C LEU E 19 13.52 24.18 -29.12
N PHE E 20 13.44 24.19 -27.80
CA PHE E 20 13.83 25.36 -27.03
C PHE E 20 15.22 25.23 -26.42
N SER E 21 15.81 24.05 -26.41
CA SER E 21 17.20 23.85 -25.99
C SER E 21 17.93 23.07 -27.07
N PRO E 22 18.09 23.66 -28.27
CA PRO E 22 18.71 22.92 -29.37
C PRO E 22 20.21 23.04 -29.37
N VAL E 23 20.88 22.35 -30.30
CA VAL E 23 22.32 22.49 -30.45
C VAL E 23 22.67 23.90 -30.90
N ALA E 24 21.94 24.41 -31.89
CA ALA E 24 22.13 25.76 -32.40
C ALA E 24 20.77 26.34 -32.75
N PHE E 25 20.65 27.65 -32.60
CA PHE E 25 19.40 28.35 -32.93
C PHE E 25 19.74 29.71 -33.51
N ASN E 26 19.44 29.91 -34.80
CA ASN E 26 19.55 31.20 -35.44
C ASN E 26 18.14 31.70 -35.74
N PRO E 27 17.70 32.83 -35.17
CA PRO E 27 16.34 33.30 -35.42
C PRO E 27 16.09 33.69 -36.88
N GLU E 28 17.13 33.94 -37.67
CA GLU E 28 16.96 34.33 -39.06
C GLU E 28 17.21 33.19 -40.04
N GLN E 29 17.39 31.97 -39.53
CA GLN E 29 17.41 30.82 -40.41
C GLN E 29 16.01 30.54 -40.95
N GLU E 30 15.95 29.97 -42.16
CA GLU E 30 14.72 29.93 -42.93
C GLU E 30 14.08 28.55 -42.93
N ILE E 31 12.76 28.54 -42.95
CA ILE E 31 11.94 27.37 -43.29
C ILE E 31 11.23 27.70 -44.59
N VAL E 32 11.39 26.82 -45.58
CA VAL E 32 10.87 27.04 -46.93
C VAL E 32 9.89 25.93 -47.27
N TYR E 33 8.66 26.32 -47.59
CA TYR E 33 7.70 25.43 -48.23
C TYR E 33 7.71 25.76 -49.71
N ALA E 34 8.04 24.75 -50.53
CA ALA E 34 8.50 24.93 -51.91
C ALA E 34 7.59 25.85 -52.70
N ASN E 35 8.15 27.00 -53.10
CA ASN E 35 7.50 27.96 -53.99
C ASN E 35 6.18 28.49 -53.44
N HIS E 36 5.85 28.17 -52.19
CA HIS E 36 4.63 28.63 -51.55
C HIS E 36 4.89 29.63 -50.45
N ARG E 37 5.81 29.33 -49.54
CA ARG E 37 5.95 30.13 -48.32
C ARG E 37 7.39 30.05 -47.82
N ARG E 38 7.83 31.13 -47.17
CA ARG E 38 9.09 31.14 -46.45
C ARG E 38 8.90 31.92 -45.17
N HIS E 39 9.42 31.40 -44.06
CA HIS E 39 9.49 32.20 -42.84
C HIS E 39 10.78 31.84 -42.13
N SER E 40 10.97 32.37 -40.92
CA SER E 40 12.20 32.15 -40.19
C SER E 40 11.93 31.26 -38.98
N TYR E 41 12.99 30.96 -38.23
CA TYR E 41 12.83 30.12 -37.05
C TYR E 41 12.06 30.83 -35.95
N LYS E 42 12.17 32.16 -35.86
CA LYS E 42 11.39 32.91 -34.90
C LYS E 42 9.90 32.82 -35.23
N THR E 43 9.55 32.99 -36.50
CA THR E 43 8.18 32.81 -36.92
C THR E 43 7.71 31.38 -36.70
N PHE E 44 8.60 30.41 -36.92
CA PHE E 44 8.24 29.01 -36.71
C PHE E 44 7.92 28.73 -35.24
N HIS E 45 8.71 29.28 -34.31
CA HIS E 45 8.40 29.13 -32.89
C HIS E 45 7.07 29.81 -32.55
N ASP E 46 6.85 31.01 -33.10
CA ASP E 46 5.59 31.71 -32.85
C ASP E 46 4.41 30.89 -33.35
N ARG E 47 4.55 30.27 -34.52
CA ARG E 47 3.48 29.46 -35.08
C ARG E 47 3.24 28.19 -34.28
N VAL E 48 4.30 27.61 -33.72
CA VAL E 48 4.11 26.45 -32.85
C VAL E 48 3.30 26.83 -31.61
N ARG E 49 3.61 27.99 -31.01
CA ARG E 49 2.84 28.43 -29.86
C ARG E 49 1.39 28.76 -30.26
N GLN E 50 1.20 29.38 -31.41
CA GLN E 50 -0.15 29.66 -31.90
C GLN E 50 -0.94 28.39 -32.11
N PHE E 51 -0.31 27.35 -32.68
CA PHE E 51 -0.99 26.09 -32.90
C PHE E 51 -1.33 25.41 -31.57
N ALA E 52 -0.44 25.52 -30.58
CA ALA E 52 -0.77 25.00 -29.26
C ALA E 52 -2.01 25.70 -28.69
N ASN E 53 -2.08 27.02 -28.85
CA ASN E 53 -3.26 27.76 -28.39
C ASN E 53 -4.51 27.31 -29.12
N ALA E 54 -4.43 27.16 -30.44
CA ALA E 54 -5.58 26.77 -31.24
C ALA E 54 -6.06 25.37 -30.85
N LEU E 55 -5.13 24.45 -30.61
CA LEU E 55 -5.52 23.11 -30.19
C LEU E 55 -6.16 23.13 -28.81
N THR E 56 -5.64 23.95 -27.90
CA THR E 56 -6.24 24.05 -26.58
C THR E 56 -7.66 24.59 -26.65
N LYS E 57 -7.90 25.56 -27.53
CA LYS E 57 -9.25 26.09 -27.68
C LYS E 57 -10.21 25.02 -28.20
N MET E 58 -9.75 24.16 -29.10
CA MET E 58 -10.61 23.11 -29.66
C MET E 58 -10.97 22.02 -28.65
N GLY E 59 -10.36 22.02 -27.47
CA GLY E 59 -10.66 21.01 -26.49
C GLY E 59 -9.77 19.78 -26.54
N VAL E 60 -8.57 19.90 -27.08
CA VAL E 60 -7.62 18.78 -27.11
C VAL E 60 -6.92 18.73 -25.76
N LYS E 61 -7.15 17.67 -25.00
CA LYS E 61 -6.57 17.50 -23.68
C LYS E 61 -5.28 16.69 -23.78
N LYS E 62 -4.78 16.23 -22.63
CA LYS E 62 -3.52 15.52 -22.60
C LYS E 62 -3.61 14.16 -23.29
N GLY E 63 -4.67 13.41 -23.06
CA GLY E 63 -4.72 12.08 -23.63
C GLY E 63 -5.21 11.97 -25.05
N ASP E 64 -5.58 13.08 -25.69
CA ASP E 64 -6.27 13.03 -26.96
C ASP E 64 -5.32 12.64 -28.10
N THR E 65 -5.92 12.26 -29.23
CA THR E 65 -5.21 11.87 -30.43
C THR E 65 -5.62 12.78 -31.58
N VAL E 66 -4.65 13.32 -32.29
CA VAL E 66 -4.88 14.16 -33.46
C VAL E 66 -4.25 13.49 -34.65
N ALA E 67 -5.03 13.29 -35.71
CA ALA E 67 -4.60 12.58 -36.90
C ALA E 67 -4.31 13.56 -38.02
N VAL E 68 -3.17 13.38 -38.68
CA VAL E 68 -2.70 14.28 -39.71
C VAL E 68 -2.63 13.54 -41.04
N MET E 69 -3.08 14.21 -42.11
CA MET E 69 -3.15 13.62 -43.45
C MET E 69 -2.83 14.70 -44.48
N ASP E 70 -1.56 14.81 -44.85
CA ASP E 70 -1.15 15.73 -45.92
C ASP E 70 0.24 15.34 -46.41
N TYR E 71 0.86 16.23 -47.19
CA TYR E 71 2.17 16.02 -47.77
C TYR E 71 3.25 16.55 -46.84
N ASP E 72 4.47 16.66 -47.35
CA ASP E 72 5.58 17.25 -46.59
C ASP E 72 5.50 18.77 -46.70
N SER E 73 5.34 19.44 -45.57
CA SER E 73 5.17 20.89 -45.56
C SER E 73 5.58 21.42 -44.20
N HIS E 74 5.52 22.74 -44.07
CA HIS E 74 5.74 23.37 -42.77
C HIS E 74 4.66 23.00 -41.78
N ARG E 75 3.44 22.73 -42.25
CA ARG E 75 2.35 22.34 -41.36
C ARG E 75 2.65 21.02 -40.68
N TYR E 76 3.17 20.05 -41.43
CA TYR E 76 3.55 18.78 -40.84
C TYR E 76 4.68 18.95 -39.83
N LEU E 77 5.65 19.81 -40.13
CA LEU E 77 6.73 20.09 -39.18
C LEU E 77 6.20 20.74 -37.92
N GLU E 78 5.19 21.61 -38.03
CA GLU E 78 4.60 22.21 -36.85
C GLU E 78 3.77 21.20 -36.05
N CYS E 79 3.15 20.24 -36.73
CA CYS E 79 2.42 19.18 -36.04
C CYS E 79 3.37 18.22 -35.33
N TYR E 80 4.56 18.02 -35.88
CA TYR E 80 5.56 17.16 -35.26
C TYR E 80 5.97 17.69 -33.88
N PHE E 81 5.71 18.96 -33.59
CA PHE E 81 6.08 19.57 -32.34
C PHE E 81 4.89 19.96 -31.48
N ALA E 82 3.96 20.73 -32.03
CA ALA E 82 2.90 21.31 -31.21
C ALA E 82 2.05 20.23 -30.54
N ILE E 83 1.68 19.18 -31.28
CA ILE E 83 0.80 18.15 -30.72
C ILE E 83 1.47 17.39 -29.58
N PRO E 84 2.69 16.86 -29.72
CA PRO E 84 3.31 16.18 -28.57
C PRO E 84 3.56 17.07 -27.36
N MET E 85 3.93 18.34 -27.56
CA MET E 85 4.22 19.21 -26.42
C MET E 85 2.98 19.45 -25.58
N ILE E 86 1.83 19.60 -26.22
CA ILE E 86 0.57 19.76 -25.49
C ILE E 86 0.30 18.54 -24.61
N GLY E 87 0.89 17.40 -24.96
CA GLY E 87 0.62 16.14 -24.30
C GLY E 87 -0.18 15.18 -25.12
N ALA E 88 -0.78 15.63 -26.22
CA ALA E 88 -1.61 14.79 -27.05
C ALA E 88 -0.77 13.80 -27.84
N LYS E 89 -1.45 12.91 -28.55
CA LYS E 89 -0.83 11.92 -29.41
C LYS E 89 -0.94 12.36 -30.86
N LEU E 90 0.12 12.14 -31.62
CA LEU E 90 0.17 12.47 -33.03
C LEU E 90 0.04 11.18 -33.82
N HIS E 91 -1.02 11.08 -34.63
CA HIS E 91 -1.27 9.90 -35.44
C HIS E 91 -1.05 10.26 -36.90
N MET E 92 0.03 9.75 -37.48
CA MET E 92 0.33 9.96 -38.88
C MET E 92 -0.37 8.89 -39.72
N ILE E 93 -1.13 9.34 -40.72
CA ILE E 93 -1.98 8.46 -41.51
C ILE E 93 -1.28 8.18 -42.82
N ASN E 94 -1.05 6.90 -43.11
CA ASN E 94 -0.45 6.48 -44.37
C ASN E 94 -1.47 6.69 -45.48
N VAL E 95 -1.32 7.78 -46.22
CA VAL E 95 -2.28 8.15 -47.25
C VAL E 95 -2.24 7.23 -48.46
N ARG E 96 -1.34 6.26 -48.47
CA ARG E 96 -1.20 5.34 -49.60
C ARG E 96 -1.89 4.00 -49.35
N LEU E 97 -2.43 3.77 -48.16
CA LEU E 97 -3.21 2.58 -47.90
C LEU E 97 -4.57 2.69 -48.57
N SER E 98 -5.26 1.55 -48.67
CA SER E 98 -6.63 1.57 -49.17
C SER E 98 -7.54 2.25 -48.16
N PRO E 99 -8.63 2.87 -48.62
CA PRO E 99 -9.52 3.58 -47.69
C PRO E 99 -10.11 2.68 -46.61
N GLU E 100 -10.27 1.38 -46.87
CA GLU E 100 -10.70 0.47 -45.81
C GLU E 100 -9.68 0.40 -44.68
N GLN E 101 -8.40 0.28 -45.03
CA GLN E 101 -7.35 0.22 -44.01
C GLN E 101 -7.21 1.56 -43.29
N ILE E 102 -7.37 2.66 -44.02
CA ILE E 102 -7.33 3.98 -43.39
C ILE E 102 -8.47 4.12 -42.39
N LEU E 103 -9.66 3.68 -42.77
CA LEU E 103 -10.79 3.70 -41.85
C LEU E 103 -10.52 2.83 -40.63
N TYR E 104 -9.92 1.65 -40.85
CA TYR E 104 -9.61 0.78 -39.72
C TYR E 104 -8.65 1.45 -38.75
N THR E 105 -7.62 2.10 -39.27
CA THR E 105 -6.64 2.75 -38.39
C THR E 105 -7.25 3.94 -37.67
N ILE E 106 -8.12 4.69 -38.35
CA ILE E 106 -8.79 5.82 -37.70
C ILE E 106 -9.68 5.32 -36.57
N ASP E 107 -10.42 4.25 -36.80
CA ASP E 107 -11.27 3.68 -35.75
C ASP E 107 -10.43 3.12 -34.61
N HIS E 108 -9.35 2.41 -34.93
CA HIS E 108 -8.51 1.80 -33.90
C HIS E 108 -7.83 2.83 -33.02
N ALA E 109 -7.31 3.90 -33.62
CA ALA E 109 -6.62 4.93 -32.86
C ALA E 109 -7.57 5.82 -32.07
N GLU E 110 -8.82 5.96 -32.52
CA GLU E 110 -9.81 6.81 -31.87
C GLU E 110 -9.36 8.27 -31.85
N ASP E 111 -9.23 8.84 -33.04
CA ASP E 111 -8.84 10.24 -33.18
C ASP E 111 -9.99 11.17 -32.81
N ASP E 112 -9.67 12.38 -32.41
CA ASP E 112 -10.67 13.36 -32.06
C ASP E 112 -10.70 14.44 -33.12
N ILE E 113 -9.54 14.96 -33.52
CA ILE E 113 -9.47 15.92 -34.60
C ILE E 113 -8.77 15.26 -35.79
N ILE E 114 -9.09 15.73 -36.99
CA ILE E 114 -8.43 15.25 -38.20
C ILE E 114 -8.04 16.47 -39.03
N LEU E 115 -6.75 16.58 -39.36
CA LEU E 115 -6.24 17.59 -40.26
C LEU E 115 -5.97 16.89 -41.60
N ILE E 116 -6.80 17.16 -42.60
CA ILE E 116 -6.73 16.46 -43.87
C ILE E 116 -6.53 17.47 -44.98
N HIS E 117 -5.58 17.19 -45.87
CA HIS E 117 -5.36 18.05 -47.01
C HIS E 117 -6.55 18.00 -47.95
N GLU E 118 -6.70 19.07 -48.73
CA GLU E 118 -7.82 19.16 -49.67
C GLU E 118 -7.78 18.03 -50.68
N GLU E 119 -6.59 17.72 -51.20
CA GLU E 119 -6.45 16.70 -52.24
C GLU E 119 -6.84 15.31 -51.77
N PHE E 120 -6.79 15.05 -50.46
CA PHE E 120 -7.20 13.77 -49.91
C PHE E 120 -8.66 13.74 -49.50
N LEU E 121 -9.41 14.79 -49.83
CA LEU E 121 -10.84 14.80 -49.49
C LEU E 121 -11.62 13.69 -50.18
N PRO E 122 -11.41 13.37 -51.47
CA PRO E 122 -12.16 12.25 -52.06
C PRO E 122 -12.02 10.95 -51.30
N ILE E 123 -10.83 10.63 -50.79
CA ILE E 123 -10.65 9.43 -49.98
C ILE E 123 -11.61 9.47 -48.79
N LEU E 124 -11.62 10.58 -48.06
CA LEU E 124 -12.52 10.77 -46.94
C LEU E 124 -13.98 10.63 -47.35
N ASP E 125 -14.32 10.88 -48.61
CA ASP E 125 -15.71 10.78 -49.02
C ASP E 125 -16.21 9.35 -49.05
N GLN E 126 -15.31 8.37 -49.07
CA GLN E 126 -15.73 6.98 -49.03
C GLN E 126 -15.76 6.41 -47.62
N ILE E 127 -15.31 7.18 -46.63
CA ILE E 127 -14.99 6.66 -45.31
C ILE E 127 -15.77 7.41 -44.24
N LYS E 128 -16.16 8.66 -44.57
CA LYS E 128 -16.66 9.57 -43.55
C LYS E 128 -17.92 9.06 -42.87
N GLY E 129 -18.74 8.28 -43.57
CA GLY E 129 -19.98 7.79 -42.98
C GLY E 129 -19.79 6.71 -41.94
N ARG E 130 -18.56 6.21 -41.78
CA ARG E 130 -18.27 5.15 -40.83
C ARG E 130 -17.30 5.58 -39.75
N ILE E 131 -17.20 6.89 -39.50
CA ILE E 131 -16.32 7.44 -38.48
C ILE E 131 -17.18 8.02 -37.37
N ASP E 132 -16.89 7.67 -36.13
CA ASP E 132 -17.65 8.10 -34.97
C ASP E 132 -16.88 9.02 -34.04
N THR E 133 -15.58 8.79 -33.86
CA THR E 133 -14.81 9.49 -32.85
C THR E 133 -14.47 10.92 -33.24
N VAL E 134 -14.32 11.20 -34.54
CA VAL E 134 -13.80 12.49 -34.96
C VAL E 134 -14.89 13.54 -34.86
N THR E 135 -14.56 14.66 -34.21
CA THR E 135 -15.50 15.76 -34.04
C THR E 135 -15.18 16.99 -34.88
N ARG E 136 -13.94 17.14 -35.36
CA ARG E 136 -13.57 18.26 -36.19
C ARG E 136 -12.72 17.78 -37.36
N TYR E 137 -13.00 18.35 -38.55
CA TYR E 137 -12.18 18.15 -39.74
C TYR E 137 -11.60 19.51 -40.12
N VAL E 138 -10.28 19.59 -40.20
CA VAL E 138 -9.58 20.81 -40.57
C VAL E 138 -8.97 20.61 -41.95
N VAL E 139 -9.46 21.37 -42.92
CA VAL E 139 -9.08 21.16 -44.31
C VAL E 139 -7.87 22.03 -44.62
N LEU E 140 -6.77 21.38 -45.01
CA LEU E 140 -5.52 22.07 -45.33
C LEU E 140 -5.48 22.39 -46.81
N ARG E 141 -5.15 23.64 -47.12
CA ARG E 141 -4.99 24.10 -48.49
C ARG E 141 -3.66 24.83 -48.59
N ASP E 142 -3.27 25.17 -49.82
CA ASP E 142 -1.96 25.75 -50.07
C ASP E 142 -1.99 27.24 -50.35
N ASP E 143 -3.10 27.81 -50.79
CA ASP E 143 -3.06 29.19 -51.31
C ASP E 143 -3.43 30.24 -50.28
N GLU E 144 -4.72 30.34 -49.96
CA GLU E 144 -5.19 31.36 -49.01
C GLU E 144 -6.30 30.92 -48.09
N GLU E 145 -7.01 29.83 -48.39
CA GLU E 145 -8.22 29.46 -47.67
C GLU E 145 -7.99 28.32 -46.71
N CYS E 146 -6.73 28.06 -46.34
CA CYS E 146 -6.43 27.01 -45.38
C CYS E 146 -7.12 27.31 -44.06
N GLU E 147 -7.79 26.31 -43.50
CA GLU E 147 -8.41 26.47 -42.19
C GLU E 147 -7.37 26.43 -41.09
N TYR E 148 -6.25 25.74 -41.33
CA TYR E 148 -5.14 25.75 -40.38
C TYR E 148 -4.57 27.15 -40.23
N GLU E 149 -4.37 27.86 -41.34
CA GLU E 149 -3.87 29.23 -41.26
C GLU E 149 -4.87 30.15 -40.56
N ARG E 150 -6.16 29.97 -40.85
CA ARG E 150 -7.18 30.79 -40.20
C ARG E 150 -7.24 30.53 -38.69
N LEU E 151 -7.10 29.26 -38.30
CA LEU E 151 -7.07 28.92 -36.88
C LEU E 151 -5.85 29.53 -36.21
N LEU E 152 -4.70 29.50 -36.88
CA LEU E 152 -3.50 30.11 -36.32
C LEU E 152 -3.68 31.61 -36.15
N GLU E 153 -4.26 32.28 -37.15
CA GLU E 153 -4.24 33.73 -37.21
C GLU E 153 -4.94 34.37 -36.02
N GLN E 154 -5.89 33.67 -35.39
CA GLN E 154 -6.68 34.24 -34.31
C GLN E 154 -6.21 33.79 -32.94
N GLU E 155 -4.96 33.38 -32.81
CA GLU E 155 -4.42 32.90 -31.55
C GLU E 155 -3.13 33.64 -31.22
N SER E 156 -2.83 33.75 -29.94
CA SER E 156 -1.65 34.47 -29.49
C SER E 156 -0.41 33.61 -29.58
N THR E 157 0.74 34.27 -29.73
CA THR E 157 2.03 33.61 -29.85
C THR E 157 2.69 33.34 -28.51
N GLU E 158 1.91 33.26 -27.43
CA GLU E 158 2.42 32.98 -26.11
C GLU E 158 1.76 31.71 -25.58
N TYR E 159 2.57 30.80 -25.07
CA TYR E 159 2.05 29.56 -24.50
C TYR E 159 3.10 28.97 -23.57
N ASN E 160 2.65 28.51 -22.40
CA ASN E 160 3.51 27.87 -21.41
C ASN E 160 3.30 26.37 -21.54
N PHE E 161 4.28 25.69 -22.12
CA PHE E 161 4.12 24.27 -22.39
C PHE E 161 4.26 23.46 -21.12
N PRO E 162 3.38 22.50 -20.88
CA PRO E 162 3.39 21.76 -19.62
C PRO E 162 4.60 20.84 -19.49
N ASP E 163 4.90 20.50 -18.26
CA ASP E 163 5.94 19.53 -17.93
C ASP E 163 5.27 18.26 -17.44
N PHE E 164 5.46 17.16 -18.16
CA PHE E 164 4.89 15.88 -17.75
C PHE E 164 5.96 14.79 -17.74
N ASP E 165 5.54 13.55 -17.51
CA ASP E 165 6.47 12.45 -17.52
C ASP E 165 7.03 12.21 -18.92
N GLU E 166 8.31 11.85 -18.98
CA GLU E 166 8.96 11.59 -20.25
C GLU E 166 8.49 10.31 -20.91
N ASN E 167 7.69 9.50 -20.21
CA ASN E 167 7.20 8.24 -20.74
C ASN E 167 5.81 8.34 -21.33
N THR E 168 5.29 9.56 -21.49
CA THR E 168 4.00 9.73 -22.14
C THR E 168 4.15 9.54 -23.65
N VAL E 169 3.19 8.83 -24.24
CA VAL E 169 3.24 8.51 -25.66
C VAL E 169 3.11 9.77 -26.49
N ALA E 170 3.86 9.84 -27.58
CA ALA E 170 3.92 11.00 -28.46
C ALA E 170 3.41 10.75 -29.87
N THR E 171 3.69 9.59 -30.46
CA THR E 171 3.36 9.34 -31.86
C THR E 171 2.95 7.89 -32.06
N THR E 172 2.07 7.68 -33.05
CA THR E 172 1.63 6.36 -33.51
C THR E 172 1.44 6.42 -35.02
N PHE E 173 1.77 5.34 -35.74
CA PHE E 173 1.54 5.40 -37.19
C PHE E 173 1.11 4.11 -37.89
N TYR E 174 0.89 2.99 -37.22
CA TYR E 174 0.20 1.85 -37.85
C TYR E 174 0.88 1.25 -39.08
N THR E 175 2.01 0.58 -38.90
CA THR E 175 2.63 -0.18 -39.99
C THR E 175 1.73 -1.32 -40.46
N THR E 176 1.83 -1.66 -41.75
CA THR E 176 1.08 -2.77 -42.34
C THR E 176 2.09 -3.81 -42.83
N GLY E 177 2.01 -5.02 -42.28
CA GLY E 177 2.93 -6.08 -42.65
C GLY E 177 2.29 -7.27 -43.31
N THR E 178 2.12 -8.35 -42.54
CA THR E 178 1.51 -9.58 -43.02
C THR E 178 0.34 -10.05 -42.17
N THR E 179 0.01 -9.33 -41.09
CA THR E 179 -0.95 -9.82 -40.12
C THR E 179 -2.36 -9.95 -40.69
N GLY E 180 -2.75 -9.07 -41.60
CA GLY E 180 -4.12 -9.08 -42.09
C GLY E 180 -4.82 -7.78 -41.77
N PHE E 181 -4.48 -7.20 -40.62
CA PHE E 181 -4.86 -5.86 -40.23
C PHE E 181 -3.60 -5.08 -39.86
N PRO E 182 -3.58 -3.78 -40.09
CA PRO E 182 -2.40 -2.99 -39.72
C PRO E 182 -2.16 -3.00 -38.22
N LYS E 183 -0.89 -2.95 -37.84
CA LYS E 183 -0.46 -3.00 -36.45
C LYS E 183 0.05 -1.64 -36.02
N GLY E 184 -0.42 -1.15 -34.88
CA GLY E 184 -0.05 0.17 -34.41
C GLY E 184 1.16 0.18 -33.50
N VAL E 185 2.19 0.94 -33.89
CA VAL E 185 3.40 1.10 -33.10
C VAL E 185 3.44 2.53 -32.57
N PHE E 186 4.02 2.69 -31.38
CA PHE E 186 4.00 3.98 -30.70
C PHE E 186 5.32 4.20 -29.99
N PHE E 187 5.64 5.48 -29.78
CA PHE E 187 6.88 5.90 -29.14
C PHE E 187 6.57 6.99 -28.13
N THR E 188 7.51 7.23 -27.23
CA THR E 188 7.35 8.23 -26.19
C THR E 188 8.30 9.40 -26.43
N HIS E 189 8.16 10.44 -25.60
CA HIS E 189 9.04 11.60 -25.69
C HIS E 189 10.49 11.21 -25.46
N ARG E 190 10.73 10.38 -24.44
CA ARG E 190 12.08 9.95 -24.12
C ARG E 190 12.72 9.22 -25.28
N GLN E 191 11.96 8.34 -25.94
CA GLN E 191 12.50 7.55 -27.03
C GLN E 191 12.88 8.42 -28.22
N LEU E 192 12.03 9.40 -28.57
CA LEU E 192 12.35 10.27 -29.70
C LEU E 192 13.55 11.16 -29.39
N VAL E 193 13.62 11.69 -28.17
CA VAL E 193 14.78 12.50 -27.78
C VAL E 193 16.05 11.68 -27.83
N LEU E 194 16.00 10.45 -27.32
CA LEU E 194 17.18 9.60 -27.35
C LEU E 194 17.55 9.22 -28.78
N HIS E 195 16.55 9.02 -29.65
CA HIS E 195 16.85 8.68 -31.03
C HIS E 195 17.58 9.81 -31.74
N THR E 196 17.19 11.04 -31.48
CA THR E 196 17.78 12.22 -32.12
C THR E 196 19.14 12.50 -31.73
N MET E 197 19.48 12.20 -30.51
CA MET E 197 20.78 12.42 -29.98
C MET E 197 21.66 11.29 -30.21
N GLY E 198 21.19 10.02 -30.17
CA GLY E 198 22.02 8.92 -30.59
C GLY E 198 22.43 8.97 -32.04
N ILE E 199 21.50 9.27 -32.94
CA ILE E 199 21.90 9.33 -34.34
C ILE E 199 22.79 10.55 -34.61
N LEU E 200 22.48 11.72 -34.03
CA LEU E 200 23.36 12.87 -34.23
C LEU E 200 24.76 12.57 -33.75
N SER E 201 24.89 11.90 -32.60
CA SER E 201 26.22 11.56 -32.10
C SER E 201 26.91 10.51 -32.95
N THR E 202 26.17 9.54 -33.51
CA THR E 202 26.83 8.50 -34.27
C THR E 202 27.27 8.94 -35.67
N ILE E 203 26.50 9.77 -36.37
CA ILE E 203 26.83 10.09 -37.75
C ILE E 203 27.23 11.55 -37.94
N GLY E 204 26.91 12.43 -36.98
CA GLY E 204 27.50 13.76 -37.01
C GLY E 204 28.98 13.79 -36.67
N THR E 205 29.48 12.77 -35.98
CA THR E 205 30.88 12.68 -35.59
C THR E 205 31.72 11.94 -36.60
N ASN E 206 31.18 11.63 -37.77
CA ASN E 206 31.97 10.97 -38.80
C ASN E 206 33.15 11.84 -39.20
N ALA E 207 34.23 11.19 -39.62
CA ALA E 207 35.45 11.91 -39.95
C ALA E 207 35.22 12.90 -41.08
N SER E 208 34.93 12.41 -42.29
CA SER E 208 34.72 13.32 -43.40
C SER E 208 33.56 13.00 -44.33
N GLN E 209 33.11 11.75 -44.45
CA GLN E 209 32.26 11.40 -45.59
C GLN E 209 30.78 11.69 -45.39
N GLY E 210 30.10 10.88 -44.58
CA GLY E 210 28.65 10.95 -44.51
C GLY E 210 28.09 11.71 -43.34
N ARG E 211 28.47 12.96 -43.14
CA ARG E 211 28.15 13.64 -41.89
C ARG E 211 27.13 14.74 -42.11
N LEU E 212 26.18 14.83 -41.20
CA LEU E 212 25.22 15.94 -41.14
C LEU E 212 25.72 16.93 -40.11
N HIS E 213 25.97 18.16 -40.54
CA HIS E 213 26.48 19.17 -39.68
C HIS E 213 25.62 20.39 -39.67
N GLN E 214 26.06 21.45 -39.00
CA GLN E 214 25.30 22.65 -38.89
C GLN E 214 25.37 23.59 -40.07
N GLY E 215 25.98 23.18 -41.17
CA GLY E 215 25.98 24.02 -42.34
C GLY E 215 25.26 23.39 -43.49
N ASP E 216 24.52 22.33 -43.22
CA ASP E 216 23.78 21.63 -44.25
C ASP E 216 22.43 22.29 -44.51
N ILE E 217 21.85 21.95 -45.65
CA ILE E 217 20.49 22.36 -45.99
C ILE E 217 19.69 21.09 -46.25
N TYR E 218 18.64 20.89 -45.46
CA TYR E 218 17.91 19.64 -45.41
C TYR E 218 16.68 19.70 -46.29
N MET E 219 16.34 18.58 -46.92
CA MET E 219 15.09 18.48 -47.66
C MET E 219 14.64 17.03 -47.74
N PRO E 220 13.54 16.66 -47.10
CA PRO E 220 13.12 15.26 -47.10
C PRO E 220 12.55 14.84 -48.45
N ILE E 221 12.87 13.61 -48.83
CA ILE E 221 12.19 12.94 -49.94
C ILE E 221 11.56 11.62 -49.49
N THR E 222 11.22 11.53 -48.21
CA THR E 222 10.50 10.43 -47.60
C THR E 222 9.14 10.91 -47.13
N PRO E 223 8.09 10.09 -47.29
CA PRO E 223 6.71 10.58 -47.12
C PRO E 223 6.41 11.29 -45.81
N MET E 224 7.24 11.15 -44.77
CA MET E 224 7.15 11.96 -43.55
C MET E 224 5.94 11.56 -42.70
N PHE E 225 5.09 10.68 -43.21
CA PHE E 225 4.13 9.99 -42.35
C PHE E 225 4.55 8.57 -42.05
N HIS E 226 5.59 8.07 -42.72
CA HIS E 226 6.02 6.69 -42.51
C HIS E 226 6.58 6.43 -41.12
N VAL E 227 7.77 6.97 -40.83
CA VAL E 227 8.50 6.62 -39.61
C VAL E 227 9.06 7.83 -38.90
N HIS E 228 8.32 8.95 -38.95
CA HIS E 228 8.81 10.29 -38.58
C HIS E 228 9.82 10.81 -39.59
N ALA E 229 9.70 10.39 -40.85
CA ALA E 229 10.68 10.73 -41.88
C ALA E 229 12.09 10.36 -41.41
N TRP E 230 12.21 9.17 -40.81
CA TRP E 230 13.45 8.62 -40.30
C TRP E 230 14.02 9.43 -39.16
N GLY E 231 13.17 10.22 -38.49
CA GLY E 231 13.60 11.08 -37.40
C GLY E 231 14.38 12.30 -37.80
N LEU E 232 14.45 12.59 -39.10
CA LEU E 232 15.32 13.59 -39.67
C LEU E 232 14.83 15.03 -39.45
N PRO E 233 13.53 15.31 -39.53
CA PRO E 233 13.08 16.67 -39.17
C PRO E 233 13.47 17.08 -37.77
N TYR E 234 13.38 16.16 -36.79
CA TYR E 234 13.81 16.48 -35.43
C TYR E 234 15.29 16.80 -35.38
N MET E 235 16.11 16.00 -36.04
CA MET E 235 17.56 16.23 -36.03
C MET E 235 17.90 17.53 -36.73
N ALA E 236 17.21 17.84 -37.82
CA ALA E 236 17.50 19.04 -38.58
C ALA E 236 17.07 20.30 -37.83
N THR E 237 15.94 20.24 -37.13
CA THR E 237 15.52 21.41 -36.37
C THR E 237 16.35 21.58 -35.09
N MET E 238 16.94 20.51 -34.57
CA MET E 238 17.81 20.59 -33.41
C MET E 238 19.11 21.26 -33.81
N LEU E 239 19.60 20.95 -34.99
CA LEU E 239 20.82 21.59 -35.47
C LEU E 239 20.57 23.01 -35.95
N GLY E 240 19.32 23.42 -36.14
CA GLY E 240 19.00 24.77 -36.59
C GLY E 240 19.42 25.07 -38.01
N VAL E 241 19.31 24.09 -38.90
CA VAL E 241 19.70 24.26 -40.28
C VAL E 241 18.51 24.70 -41.11
N LYS E 242 18.80 25.20 -42.31
CA LYS E 242 17.75 25.54 -43.26
C LYS E 242 17.07 24.28 -43.76
N GLN E 243 15.74 24.32 -43.84
CA GLN E 243 14.93 23.18 -44.24
C GLN E 243 14.03 23.57 -45.40
N VAL E 244 13.96 22.68 -46.39
CA VAL E 244 13.13 22.88 -47.57
C VAL E 244 12.15 21.72 -47.66
N TYR E 245 10.87 22.05 -47.86
CA TYR E 245 9.83 21.03 -47.94
C TYR E 245 9.20 21.08 -49.32
N PRO E 246 9.18 19.97 -50.06
CA PRO E 246 8.77 20.02 -51.47
C PRO E 246 7.27 19.81 -51.69
N GLY E 247 6.58 19.29 -50.69
CA GLY E 247 5.16 18.98 -50.85
C GLY E 247 4.92 17.66 -51.56
N LYS E 248 4.29 17.72 -52.73
CA LYS E 248 4.06 16.53 -53.54
C LYS E 248 5.27 16.27 -54.41
N TYR E 249 5.83 15.07 -54.30
CA TYR E 249 7.08 14.74 -54.98
C TYR E 249 6.86 14.69 -56.48
N VAL E 250 7.58 15.54 -57.20
CA VAL E 250 7.64 15.51 -58.66
C VAL E 250 9.10 15.53 -59.05
N PRO E 251 9.56 14.65 -59.98
CA PRO E 251 11.00 14.67 -60.20
C PRO E 251 11.63 15.92 -60.67
N ASP E 252 10.94 16.77 -61.35
CA ASP E 252 11.54 17.94 -61.90
C ASP E 252 11.29 19.15 -61.06
N VAL E 253 10.53 19.03 -59.98
CA VAL E 253 10.37 20.13 -59.06
C VAL E 253 11.37 19.93 -57.97
N LEU E 254 11.69 18.71 -57.63
CA LEU E 254 12.73 18.41 -56.66
C LEU E 254 14.10 18.84 -57.17
N LEU E 255 14.34 18.62 -58.47
CA LEU E 255 15.61 19.05 -59.06
C LEU E 255 15.75 20.56 -59.03
N ASN E 256 14.67 21.29 -59.31
CA ASN E 256 14.70 22.74 -59.21
C ASN E 256 14.97 23.19 -57.79
N LEU E 257 14.35 22.53 -56.81
CA LEU E 257 14.60 22.87 -55.41
C LEU E 257 16.04 22.62 -55.03
N ILE E 258 16.61 21.51 -55.48
CA ILE E 258 18.01 21.21 -55.17
C ILE E 258 18.92 22.27 -55.78
N GLU E 259 18.68 22.63 -57.03
CA GLU E 259 19.52 23.63 -57.69
C GLU E 259 19.38 25.00 -57.05
N GLN E 260 18.18 25.43 -56.72
CA GLN E 260 17.98 26.78 -56.24
C GLN E 260 18.16 27.02 -54.75
N GLU E 261 17.70 26.10 -53.93
CA GLU E 261 17.89 26.25 -52.50
C GLU E 261 19.20 25.66 -52.01
N LYS E 262 19.98 25.03 -52.91
CA LYS E 262 21.30 24.49 -52.58
C LYS E 262 21.22 23.42 -51.49
N VAL E 263 20.32 22.46 -51.68
CA VAL E 263 20.17 21.37 -50.72
C VAL E 263 21.41 20.50 -50.73
N THR E 264 21.88 20.12 -49.54
CA THR E 264 23.03 19.25 -49.41
C THR E 264 22.74 17.90 -48.78
N PHE E 265 21.67 17.77 -48.00
CA PHE E 265 21.37 16.54 -47.30
C PHE E 265 19.91 16.17 -47.52
N SER E 266 19.65 14.90 -47.84
CA SER E 266 18.29 14.44 -48.09
C SER E 266 18.26 12.93 -47.90
N HIS E 267 17.07 12.35 -48.10
CA HIS E 267 16.90 10.91 -47.95
C HIS E 267 15.68 10.47 -48.72
N CYS E 268 15.82 9.36 -49.44
CA CYS E 268 14.74 8.80 -50.23
C CYS E 268 14.79 7.31 -50.33
N VAL E 269 14.05 6.75 -51.27
CA VAL E 269 14.03 5.32 -51.54
C VAL E 269 14.59 5.11 -52.94
N PRO E 270 15.05 3.91 -53.32
CA PRO E 270 15.74 3.75 -54.61
C PRO E 270 14.92 4.18 -55.82
N THR E 271 13.59 4.05 -55.77
CA THR E 271 12.77 4.40 -56.92
C THR E 271 12.84 5.90 -57.20
N ILE E 272 12.76 6.73 -56.17
CA ILE E 272 12.81 8.17 -56.37
C ILE E 272 14.19 8.59 -56.87
N LEU E 273 15.25 7.97 -56.33
CA LEU E 273 16.59 8.29 -56.80
C LEU E 273 16.78 7.92 -58.26
N HIS E 274 16.26 6.77 -58.67
CA HIS E 274 16.29 6.38 -60.08
C HIS E 274 15.52 7.38 -60.93
N LEU E 275 14.36 7.83 -60.46
CA LEU E 275 13.57 8.78 -61.23
C LEU E 275 14.30 10.11 -61.37
N LEU E 276 15.01 10.53 -60.32
CA LEU E 276 15.73 11.80 -60.37
C LEU E 276 16.93 11.72 -61.30
N LEU E 277 17.74 10.65 -61.17
CA LEU E 277 18.95 10.54 -61.97
C LEU E 277 18.66 10.36 -63.46
N SER E 278 17.46 9.91 -63.81
CA SER E 278 17.09 9.72 -65.20
C SER E 278 16.39 10.93 -65.81
N SER E 279 16.03 11.92 -65.00
CA SER E 279 15.29 13.06 -65.51
C SER E 279 16.15 13.87 -66.48
N PRO E 280 15.55 14.43 -67.54
CA PRO E 280 16.36 15.15 -68.54
C PRO E 280 17.11 16.34 -67.98
N LYS E 281 16.54 17.05 -67.00
CA LYS E 281 17.21 18.22 -66.45
C LYS E 281 18.36 17.86 -65.53
N SER E 282 18.40 16.63 -65.02
CA SER E 282 19.45 16.24 -64.08
C SER E 282 20.82 16.25 -64.75
N LYS E 283 20.87 15.91 -66.03
CA LYS E 283 22.15 15.82 -66.71
C LYS E 283 22.94 17.09 -66.74
N ALA E 284 22.27 18.22 -66.70
CA ALA E 284 22.91 19.53 -66.73
C ALA E 284 22.91 20.21 -65.37
N MET E 285 23.10 19.41 -64.32
CA MET E 285 23.06 19.94 -62.96
C MET E 285 24.28 19.54 -62.17
N ASP E 286 24.65 20.37 -61.21
CA ASP E 286 25.78 20.09 -60.34
C ASP E 286 25.29 19.32 -59.12
N PHE E 287 25.76 18.08 -58.96
CA PHE E 287 25.34 17.21 -57.88
C PHE E 287 26.40 16.99 -56.81
N SER E 288 27.59 17.57 -56.97
CA SER E 288 28.69 17.22 -56.09
C SER E 288 28.69 18.05 -54.81
N GLY E 289 27.55 18.15 -54.16
CA GLY E 289 27.47 18.69 -52.81
C GLY E 289 26.38 18.00 -52.01
N TRP E 290 25.82 16.96 -52.59
CA TRP E 290 24.58 16.34 -52.15
C TRP E 290 24.86 14.99 -51.51
N LYS E 291 24.16 14.68 -50.42
CA LYS E 291 24.42 13.51 -49.57
C LYS E 291 23.13 12.74 -49.30
N VAL E 292 22.44 12.33 -50.35
CA VAL E 292 21.23 11.53 -50.17
C VAL E 292 21.52 10.24 -49.40
N VAL E 293 20.57 9.84 -48.56
CA VAL E 293 20.63 8.60 -47.79
C VAL E 293 19.54 7.67 -48.31
N ILE E 294 19.94 6.53 -48.83
CA ILE E 294 19.00 5.59 -49.47
C ILE E 294 18.75 4.47 -48.48
N GLY E 295 17.72 4.62 -47.65
CA GLY E 295 17.43 3.61 -46.66
C GLY E 295 16.05 3.00 -46.77
N GLY E 296 15.41 3.15 -47.92
CA GLY E 296 14.09 2.60 -48.11
C GLY E 296 14.07 1.08 -48.11
N ALA E 297 14.65 0.46 -49.14
CA ALA E 297 14.75 -0.98 -49.19
C ALA E 297 15.84 -1.38 -50.19
N ALA E 298 16.97 -1.85 -49.68
CA ALA E 298 17.95 -2.62 -50.46
C ALA E 298 18.44 -1.84 -51.69
N LEU E 299 19.22 -0.79 -51.41
CA LEU E 299 19.91 -0.02 -52.43
C LEU E 299 20.65 -0.92 -53.42
N PRO E 300 20.24 -0.96 -54.68
CA PRO E 300 20.95 -1.77 -55.67
C PRO E 300 22.35 -1.23 -55.95
N LYS E 301 23.23 -2.14 -56.36
CA LYS E 301 24.62 -1.76 -56.63
C LYS E 301 24.78 -0.99 -57.92
N ALA E 302 23.94 -1.27 -58.94
CA ALA E 302 24.05 -0.55 -60.20
C ALA E 302 23.54 0.88 -60.07
N LEU E 303 22.45 1.07 -59.34
CA LEU E 303 21.98 2.44 -59.06
C LEU E 303 22.99 3.20 -58.24
N CYS E 304 23.62 2.53 -57.26
CA CYS E 304 24.67 3.17 -56.48
C CYS E 304 25.85 3.57 -57.37
N LYS E 305 26.23 2.70 -58.30
CA LYS E 305 27.33 3.02 -59.21
C LYS E 305 26.98 4.19 -60.10
N SER E 306 25.74 4.26 -60.59
CA SER E 306 25.34 5.38 -61.44
C SER E 306 25.28 6.68 -60.66
N ALA E 307 24.88 6.62 -59.39
CA ALA E 307 24.84 7.81 -58.57
C ALA E 307 26.23 8.25 -58.13
N LEU E 308 27.18 7.32 -58.07
CA LEU E 308 28.54 7.68 -57.66
C LEU E 308 29.28 8.40 -58.78
N GLU E 309 28.90 8.16 -60.04
CA GLU E 309 29.59 8.81 -61.15
C GLU E 309 29.22 10.28 -61.29
N ARG E 310 28.12 10.70 -60.68
CA ARG E 310 27.73 12.11 -60.61
C ARG E 310 28.29 12.78 -59.36
N ASP E 311 29.10 12.06 -58.58
CA ASP E 311 29.73 12.59 -57.38
C ASP E 311 28.70 12.92 -56.30
N ILE E 312 27.84 11.95 -56.02
CA ILE E 312 26.84 12.06 -54.97
C ILE E 312 27.25 11.12 -53.84
N ASP E 313 27.25 11.64 -52.61
CA ASP E 313 27.54 10.84 -51.42
C ASP E 313 26.31 10.00 -51.12
N VAL E 314 26.30 8.78 -51.65
CA VAL E 314 25.21 7.83 -51.46
C VAL E 314 25.63 6.82 -50.40
N PHE E 315 24.72 6.55 -49.45
CA PHE E 315 24.94 5.48 -48.49
C PHE E 315 23.58 4.98 -48.02
N ALA E 316 23.59 3.78 -47.46
CA ALA E 316 22.37 3.08 -47.10
C ALA E 316 22.20 3.04 -45.59
N GLY E 317 20.94 2.85 -45.16
CA GLY E 317 20.62 2.70 -43.77
C GLY E 317 19.54 1.66 -43.59
N TYR E 318 19.34 1.21 -42.37
CA TYR E 318 18.37 0.18 -42.10
C TYR E 318 17.46 0.55 -40.96
N GLY E 319 16.17 0.37 -41.15
CA GLY E 319 15.21 0.71 -40.13
C GLY E 319 14.03 -0.17 -40.39
N MET E 320 13.05 -0.18 -39.50
CA MET E 320 11.95 -1.11 -39.66
C MET E 320 10.58 -0.64 -39.28
N SER E 321 10.37 0.55 -38.75
CA SER E 321 9.10 1.16 -38.35
C SER E 321 8.61 0.64 -37.00
N GLU E 322 9.26 -0.38 -36.48
CA GLU E 322 9.10 -0.76 -35.08
C GLU E 322 10.30 -0.35 -34.25
N THR E 323 11.30 0.27 -34.89
CA THR E 323 12.64 0.37 -34.32
C THR E 323 13.16 1.81 -34.27
N GLY E 324 12.30 2.80 -34.48
CA GLY E 324 12.73 4.17 -34.30
C GLY E 324 12.69 5.12 -35.50
N PRO E 325 13.14 4.69 -36.70
CA PRO E 325 13.52 3.36 -37.19
C PRO E 325 15.02 3.04 -37.24
N ILE E 326 15.92 4.02 -37.15
CA ILE E 326 17.30 3.81 -37.58
C ILE E 326 17.98 2.81 -36.66
N LEU E 327 18.58 1.79 -37.26
CA LEU E 327 19.36 0.77 -36.55
C LEU E 327 20.79 0.68 -37.02
N SER E 328 21.04 0.81 -38.31
CA SER E 328 22.38 0.69 -38.85
C SER E 328 22.56 1.68 -39.99
N ILE E 329 23.80 2.14 -40.17
CA ILE E 329 24.16 3.10 -41.20
C ILE E 329 25.51 2.72 -41.77
N VAL E 330 25.65 2.87 -43.08
CA VAL E 330 26.93 2.66 -43.76
C VAL E 330 27.83 3.86 -43.49
N GLN E 331 29.00 3.61 -42.91
CA GLN E 331 29.99 4.64 -42.65
C GLN E 331 31.34 4.13 -43.13
N LEU E 332 31.99 4.91 -44.00
CA LEU E 332 33.22 4.49 -44.65
C LEU E 332 34.43 5.11 -43.96
N THR E 333 35.42 4.28 -43.66
CA THR E 333 36.69 4.77 -43.14
C THR E 333 37.51 5.40 -44.27
N PRO E 334 38.44 6.30 -43.95
CA PRO E 334 39.25 6.92 -45.00
C PRO E 334 40.06 5.93 -45.81
N GLU E 335 40.36 4.76 -45.26
CA GLU E 335 40.99 3.70 -46.05
C GLU E 335 40.06 3.22 -47.16
N GLN E 336 38.76 3.15 -46.89
CA GLN E 336 37.77 2.71 -47.85
C GLN E 336 37.33 3.82 -48.82
N LEU E 337 37.60 5.08 -48.51
CA LEU E 337 37.27 6.19 -49.38
C LEU E 337 38.30 6.39 -50.48
N GLU E 338 39.17 5.41 -50.71
CA GLU E 338 40.16 5.47 -51.77
C GLU E 338 39.93 4.45 -52.86
N LEU E 339 39.08 3.44 -52.64
CA LEU E 339 38.83 2.44 -53.65
C LEU E 339 38.11 3.05 -54.84
N ASP E 340 38.09 2.31 -55.94
CA ASP E 340 37.39 2.79 -57.14
C ASP E 340 35.88 2.71 -56.92
N VAL E 341 35.13 3.04 -57.97
CA VAL E 341 33.67 3.10 -57.89
C VAL E 341 33.08 1.75 -57.53
N ASP E 342 33.57 0.67 -58.16
CA ASP E 342 32.95 -0.64 -57.99
C ASP E 342 33.02 -1.11 -56.55
N GLN E 343 34.22 -1.08 -55.96
CA GLN E 343 34.37 -1.52 -54.57
C GLN E 343 33.62 -0.58 -53.63
N GLN E 344 33.67 0.72 -53.92
CA GLN E 344 32.88 1.68 -53.14
C GLN E 344 31.39 1.42 -53.30
N ALA E 345 30.95 1.08 -54.51
CA ALA E 345 29.54 0.76 -54.72
C ALA E 345 29.14 -0.45 -53.89
N GLU E 346 29.99 -1.44 -53.77
CA GLU E 346 29.69 -2.62 -52.99
C GLU E 346 29.69 -2.32 -51.50
N TYR E 347 30.54 -1.38 -51.07
CA TYR E 347 30.55 -1.02 -49.66
C TYR E 347 29.34 -0.16 -49.29
N ARG E 348 28.97 0.78 -50.15
CA ARG E 348 27.92 1.74 -49.83
C ARG E 348 26.53 1.14 -49.89
N SER E 349 26.35 0.02 -50.57
CA SER E 349 25.05 -0.61 -50.72
C SER E 349 24.78 -1.68 -49.67
N LYS E 350 25.66 -1.83 -48.69
CA LYS E 350 25.43 -2.77 -47.62
C LYS E 350 24.43 -2.20 -46.62
N THR E 351 23.96 -3.07 -45.72
CA THR E 351 23.05 -2.62 -44.67
C THR E 351 23.76 -1.72 -43.67
N GLY E 352 25.04 -1.97 -43.41
CA GLY E 352 25.86 -1.10 -42.62
C GLY E 352 26.08 -1.59 -41.20
N LYS E 353 26.91 -0.85 -40.48
CA LYS E 353 27.21 -1.16 -39.09
C LYS E 353 26.17 -0.54 -38.16
N LYS E 354 25.97 -1.17 -37.01
CA LYS E 354 24.99 -0.67 -36.06
C LYS E 354 25.43 0.65 -35.44
N VAL E 355 24.45 1.49 -35.14
CA VAL E 355 24.66 2.81 -34.56
C VAL E 355 24.85 2.71 -33.05
N ALA E 356 25.19 3.83 -32.42
CA ALA E 356 25.39 3.85 -30.98
C ALA E 356 24.17 3.34 -30.23
N LEU E 357 24.43 2.50 -29.21
CA LEU E 357 23.45 1.98 -28.27
C LEU E 357 22.54 0.90 -28.86
N VAL E 358 23.02 0.17 -29.86
CA VAL E 358 22.26 -0.90 -30.50
C VAL E 358 23.06 -2.18 -30.38
N GLU E 359 22.35 -3.31 -30.14
CA GLU E 359 23.01 -4.57 -29.82
C GLU E 359 23.16 -5.49 -31.04
N ALA E 360 22.04 -5.79 -31.72
CA ALA E 360 22.07 -6.36 -33.07
C ALA E 360 22.81 -7.70 -33.14
N TYR E 361 22.19 -8.72 -32.54
CA TYR E 361 22.64 -10.10 -32.73
C TYR E 361 21.90 -10.76 -33.88
N ILE E 362 22.43 -11.89 -34.35
CA ILE E 362 21.72 -12.76 -35.29
C ILE E 362 21.61 -14.13 -34.64
N VAL E 363 20.38 -14.66 -34.61
CA VAL E 363 20.07 -15.90 -33.93
C VAL E 363 19.44 -16.86 -34.92
N ASP E 364 19.22 -18.09 -34.47
CA ASP E 364 18.48 -19.10 -35.21
C ASP E 364 17.07 -19.18 -34.64
N GLU E 365 16.33 -20.21 -35.08
CA GLU E 365 14.94 -20.37 -34.66
C GLU E 365 14.82 -20.65 -33.16
N ASP E 366 15.91 -21.02 -32.49
CA ASP E 366 15.91 -21.30 -31.07
C ASP E 366 16.62 -20.23 -30.26
N MET E 367 16.95 -19.08 -30.86
CA MET E 367 17.62 -17.98 -30.19
C MET E 367 18.98 -18.40 -29.62
N ASN E 368 19.89 -18.78 -30.52
CA ASN E 368 21.17 -19.34 -30.13
C ASN E 368 22.36 -18.45 -30.44
N LYS E 369 22.16 -17.28 -31.05
CA LYS E 369 23.20 -16.26 -31.22
C LYS E 369 24.40 -16.83 -32.02
N LEU E 370 24.12 -17.09 -33.29
CA LEU E 370 25.07 -17.56 -34.28
C LEU E 370 26.32 -16.68 -34.35
N PRO E 371 27.45 -17.22 -34.82
CA PRO E 371 28.68 -16.42 -34.88
C PRO E 371 28.64 -15.42 -36.03
N HIS E 372 29.54 -14.43 -35.93
CA HIS E 372 29.69 -13.40 -36.95
C HIS E 372 30.92 -13.73 -37.79
N ASP E 373 30.73 -14.63 -38.76
CA ASP E 373 31.80 -15.08 -39.62
C ASP E 373 31.69 -14.57 -41.05
N GLY E 374 30.60 -13.89 -41.39
CA GLY E 374 30.39 -13.41 -42.74
C GLY E 374 29.69 -14.37 -43.67
N GLU E 375 29.35 -15.58 -43.22
CA GLU E 375 28.68 -16.53 -44.08
C GLU E 375 27.37 -17.03 -43.47
N THR E 376 27.37 -17.31 -42.17
CA THR E 376 26.21 -17.91 -41.53
C THR E 376 25.08 -16.89 -41.38
N ALA E 377 23.89 -17.27 -41.84
CA ALA E 377 22.74 -16.38 -41.82
C ALA E 377 21.78 -16.76 -40.71
N GLY E 378 21.04 -15.77 -40.25
CA GLY E 378 20.06 -15.94 -39.19
C GLY E 378 19.25 -14.68 -39.08
N GLU E 379 18.28 -14.70 -38.17
CA GLU E 379 17.39 -13.55 -38.03
C GLU E 379 17.98 -12.54 -37.04
N ILE E 380 17.86 -11.27 -37.38
CA ILE E 380 18.42 -10.20 -36.57
C ILE E 380 17.47 -9.89 -35.42
N VAL E 381 18.02 -9.86 -34.21
CA VAL E 381 17.29 -9.46 -33.00
C VAL E 381 18.08 -8.36 -32.33
N VAL E 382 17.38 -7.30 -31.90
CA VAL E 382 18.03 -6.06 -31.49
C VAL E 382 17.49 -5.59 -30.14
N ARG E 383 18.30 -4.80 -29.47
CA ARG E 383 17.90 -4.02 -28.30
C ARG E 383 18.40 -2.60 -28.49
N ALA E 384 17.53 -1.63 -28.25
CA ALA E 384 17.86 -0.24 -28.49
C ALA E 384 17.00 0.62 -27.58
N PRO E 385 17.39 1.88 -27.34
CA PRO E 385 16.59 2.74 -26.47
C PRO E 385 15.30 3.24 -27.09
N TRP E 386 15.00 2.92 -28.35
CA TRP E 386 13.89 3.54 -29.06
C TRP E 386 13.07 2.51 -29.82
N LEU E 387 12.71 1.41 -29.17
CA LEU E 387 11.88 0.37 -29.76
C LEU E 387 10.51 0.36 -29.11
N THR E 388 9.50 0.02 -29.90
CA THR E 388 8.14 -0.08 -29.36
C THR E 388 8.06 -1.27 -28.40
N PRO E 389 7.50 -1.09 -27.20
CA PRO E 389 7.36 -2.22 -26.29
C PRO E 389 6.44 -3.32 -26.83
N ASN E 390 5.44 -2.96 -27.62
CA ASN E 390 4.46 -3.92 -28.11
C ASN E 390 3.69 -3.26 -29.25
N TYR E 391 2.72 -3.98 -29.78
CA TYR E 391 1.74 -3.41 -30.69
C TYR E 391 0.57 -2.87 -29.89
N TYR E 392 -0.05 -1.81 -30.39
CA TYR E 392 -1.16 -1.19 -29.69
C TYR E 392 -2.37 -2.10 -29.71
N LYS E 393 -2.94 -2.35 -28.53
CA LYS E 393 -4.15 -3.19 -28.37
C LYS E 393 -3.93 -4.58 -28.94
N ASP E 394 -2.74 -5.13 -28.76
CA ASP E 394 -2.44 -6.46 -29.26
C ASP E 394 -1.69 -7.24 -28.18
N ASN E 395 -1.96 -8.54 -28.11
CA ASN E 395 -1.35 -9.40 -27.11
C ASN E 395 -0.49 -10.50 -27.70
N LYS E 396 -1.03 -11.31 -28.61
CA LYS E 396 -0.28 -12.43 -29.15
C LYS E 396 0.79 -11.98 -30.15
N ASN E 397 0.47 -11.02 -31.00
CA ASN E 397 1.49 -10.46 -31.90
C ASN E 397 2.57 -9.73 -31.10
N SER E 398 2.18 -9.05 -30.02
CA SER E 398 3.15 -8.38 -29.18
C SER E 398 4.10 -9.38 -28.54
N LYS E 399 3.58 -10.53 -28.12
CA LYS E 399 4.44 -11.57 -27.55
C LYS E 399 5.34 -12.19 -28.61
N ALA E 400 4.83 -12.37 -29.83
CA ALA E 400 5.68 -12.91 -30.89
C ALA E 400 6.76 -11.92 -31.30
N LEU E 401 6.52 -10.62 -31.10
CA LEU E 401 7.49 -9.61 -31.49
C LEU E 401 8.70 -9.60 -30.55
N TRP E 402 8.46 -9.65 -29.24
CA TRP E 402 9.52 -9.53 -28.25
C TRP E 402 9.89 -10.89 -27.66
N ARG E 403 9.82 -11.95 -28.46
CA ARG E 403 10.09 -13.29 -27.98
C ARG E 403 11.55 -13.44 -27.57
N GLY E 404 11.77 -14.03 -26.40
CA GLY E 404 13.12 -14.29 -25.95
C GLY E 404 13.88 -13.08 -25.47
N GLY E 405 13.21 -11.99 -25.14
CA GLY E 405 13.88 -10.82 -24.61
C GLY E 405 14.53 -9.93 -25.65
N TYR E 406 14.26 -10.17 -26.93
CA TYR E 406 14.81 -9.36 -28.00
C TYR E 406 13.70 -9.01 -28.98
N LEU E 407 13.85 -7.89 -29.67
CA LEU E 407 12.90 -7.52 -30.69
C LEU E 407 13.24 -8.23 -32.00
N HIS E 408 12.31 -8.96 -32.57
CA HIS E 408 12.59 -9.72 -33.76
C HIS E 408 12.29 -8.91 -34.92
N THR E 409 13.24 -8.72 -35.80
CA THR E 409 13.06 -7.86 -36.94
C THR E 409 12.33 -8.48 -38.06
N GLY E 410 12.59 -9.73 -38.30
CA GLY E 410 11.97 -10.41 -39.43
C GLY E 410 12.85 -10.52 -40.66
N ASP E 411 14.11 -10.12 -40.58
CA ASP E 411 15.04 -10.17 -41.69
C ASP E 411 16.13 -11.20 -41.41
N VAL E 412 16.61 -11.85 -42.46
CA VAL E 412 17.69 -12.82 -42.37
C VAL E 412 18.92 -12.21 -43.03
N ALA E 413 20.01 -12.14 -42.27
CA ALA E 413 21.24 -11.46 -42.67
C ALA E 413 22.42 -12.22 -42.09
N HIS E 414 23.62 -11.86 -42.56
CA HIS E 414 24.87 -12.31 -41.97
C HIS E 414 25.72 -11.09 -41.66
N ILE E 415 26.58 -11.23 -40.65
CA ILE E 415 27.39 -10.13 -40.14
C ILE E 415 28.86 -10.49 -40.27
N ASP E 416 29.64 -9.58 -40.83
CA ASP E 416 31.08 -9.77 -40.94
C ASP E 416 31.76 -9.62 -39.58
N ASP E 417 33.01 -10.06 -39.53
CA ASP E 417 33.83 -9.79 -38.34
C ASP E 417 34.04 -8.30 -38.15
N GLU E 418 34.18 -7.55 -39.24
CA GLU E 418 34.34 -6.10 -39.15
C GLU E 418 33.10 -5.45 -38.53
N GLY E 419 31.92 -5.92 -38.90
CA GLY E 419 30.70 -5.41 -38.31
C GLY E 419 29.64 -5.08 -39.35
N PHE E 420 30.00 -5.20 -40.62
CA PHE E 420 29.06 -4.89 -41.70
C PHE E 420 27.97 -5.95 -41.77
N ILE E 421 26.73 -5.49 -41.86
CA ILE E 421 25.57 -6.36 -41.98
C ILE E 421 25.14 -6.37 -43.44
N LYS E 422 24.66 -7.52 -43.90
CA LYS E 422 24.09 -7.64 -45.24
C LYS E 422 22.83 -8.50 -45.13
N ILE E 423 21.67 -7.88 -45.32
CA ILE E 423 20.42 -8.61 -45.25
C ILE E 423 20.27 -9.46 -46.52
N THR E 424 20.04 -10.76 -46.33
CA THR E 424 19.88 -11.66 -47.46
C THR E 424 18.42 -11.84 -47.85
N ASP E 425 17.52 -11.99 -46.89
CA ASP E 425 16.13 -12.27 -47.24
C ASP E 425 15.22 -11.90 -46.07
N ARG E 426 13.95 -12.29 -46.17
CA ARG E 426 13.00 -12.20 -45.09
C ARG E 426 12.81 -13.57 -44.44
N VAL E 427 12.40 -13.55 -43.17
CA VAL E 427 12.23 -14.80 -42.43
C VAL E 427 11.12 -15.64 -43.06
N LYS E 428 10.01 -15.00 -43.43
CA LYS E 428 8.87 -15.72 -44.00
C LYS E 428 9.10 -16.18 -45.43
N ASP E 429 10.09 -15.64 -46.13
CA ASP E 429 10.35 -15.99 -47.51
C ASP E 429 11.46 -17.03 -47.68
N MET E 430 11.90 -17.63 -46.58
CA MET E 430 12.97 -18.63 -46.67
C MET E 430 12.44 -19.92 -47.26
N ILE E 431 13.16 -20.53 -48.17
CA ILE E 431 12.73 -21.85 -48.67
C ILE E 431 13.25 -22.96 -47.75
N LYS E 432 12.31 -23.68 -47.13
CA LYS E 432 12.58 -24.77 -46.17
C LYS E 432 12.80 -26.10 -46.87
N ILE E 433 13.61 -26.05 -47.94
CA ILE E 433 13.90 -27.27 -48.68
C ILE E 433 14.52 -28.22 -47.72
N SER E 434 13.86 -29.33 -47.51
CA SER E 434 14.36 -30.37 -46.62
C SER E 434 14.86 -29.81 -45.30
N GLY E 435 16.15 -29.97 -45.02
CA GLY E 435 16.73 -29.56 -43.76
C GLY E 435 17.61 -28.32 -43.79
N GLU E 436 17.59 -27.53 -44.86
CA GLU E 436 18.38 -26.32 -44.94
C GLU E 436 17.49 -25.15 -45.35
N TRP E 437 17.98 -23.94 -45.06
CA TRP E 437 17.27 -22.72 -45.39
C TRP E 437 17.99 -22.02 -46.52
N VAL E 438 17.25 -21.64 -47.56
CA VAL E 438 17.80 -20.97 -48.74
C VAL E 438 17.04 -19.68 -48.95
N SER E 439 17.77 -18.60 -49.25
CA SER E 439 17.15 -17.33 -49.55
C SER E 439 16.53 -17.36 -50.95
N SER E 440 15.30 -16.86 -51.06
CA SER E 440 14.64 -16.74 -52.35
C SER E 440 14.99 -15.45 -53.07
N LEU E 441 15.64 -14.49 -52.39
CA LEU E 441 15.99 -13.24 -53.03
C LEU E 441 17.13 -13.41 -54.03
N GLU E 442 18.14 -14.20 -53.67
CA GLU E 442 19.30 -14.38 -54.55
C GLU E 442 18.92 -15.07 -55.86
N LEU E 443 17.82 -15.82 -55.88
CA LEU E 443 17.38 -16.45 -57.13
C LEU E 443 16.70 -15.45 -58.05
N GLU E 444 15.93 -14.51 -57.49
CA GLU E 444 15.13 -13.61 -58.30
C GLU E 444 15.99 -12.74 -59.22
N ASP E 445 17.09 -12.20 -58.69
CA ASP E 445 17.93 -11.31 -59.49
C ASP E 445 18.64 -12.06 -60.60
N ILE E 446 18.94 -13.35 -60.38
CA ILE E 446 19.56 -14.15 -61.43
C ILE E 446 18.64 -14.28 -62.63
N LEU E 447 17.35 -14.55 -62.38
CA LEU E 447 16.37 -14.55 -63.44
C LEU E 447 16.17 -13.15 -64.02
N HIS E 448 16.29 -12.13 -63.17
CA HIS E 448 16.15 -10.75 -63.65
C HIS E 448 17.22 -10.39 -64.65
N GLN E 449 18.38 -11.05 -64.59
CA GLN E 449 19.46 -10.77 -65.52
C GLN E 449 19.14 -11.16 -66.95
N HIS E 450 18.09 -11.96 -67.16
CA HIS E 450 17.69 -12.33 -68.50
C HIS E 450 17.18 -11.13 -69.28
N GLN E 451 17.33 -11.19 -70.59
CA GLN E 451 16.96 -10.09 -71.48
C GLN E 451 15.47 -10.04 -71.79
N SER E 452 14.71 -11.08 -71.44
CA SER E 452 13.30 -11.17 -71.82
C SER E 452 12.39 -11.35 -70.60
N VAL E 453 12.82 -10.90 -69.43
CA VAL E 453 12.04 -10.98 -68.21
C VAL E 453 11.91 -9.59 -67.62
N SER E 454 10.70 -9.25 -67.15
CA SER E 454 10.42 -7.93 -66.58
C SER E 454 10.41 -7.94 -65.07
N GLU E 455 9.86 -8.98 -64.44
CA GLU E 455 9.78 -9.05 -62.99
C GLU E 455 9.64 -10.51 -62.57
N VAL E 456 10.35 -10.90 -61.52
CA VAL E 456 10.37 -12.27 -61.03
C VAL E 456 9.94 -12.28 -59.57
N ALA E 457 9.03 -13.18 -59.23
CA ALA E 457 8.64 -13.46 -57.86
C ALA E 457 8.81 -14.95 -57.60
N VAL E 458 9.49 -15.29 -56.51
CA VAL E 458 9.81 -16.67 -56.18
C VAL E 458 9.13 -17.02 -54.87
N ILE E 459 8.33 -18.08 -54.89
CA ILE E 459 7.65 -18.61 -53.72
C ILE E 459 7.99 -20.10 -53.60
N GLY E 460 7.44 -20.74 -52.58
CA GLY E 460 7.76 -22.13 -52.32
C GLY E 460 6.57 -23.05 -52.21
N MET E 461 6.54 -24.10 -53.03
CA MET E 461 5.48 -25.09 -53.00
C MET E 461 5.89 -26.30 -52.18
N PRO E 462 4.99 -26.83 -51.36
CA PRO E 462 5.33 -28.03 -50.58
C PRO E 462 5.61 -29.23 -51.48
N HIS E 463 6.56 -30.04 -51.03
CA HIS E 463 7.00 -31.23 -51.76
C HIS E 463 7.45 -32.26 -50.74
N ASN E 464 6.94 -33.48 -50.85
CA ASN E 464 6.97 -34.43 -49.75
C ASN E 464 8.34 -34.69 -49.14
N LYS E 465 9.36 -34.90 -49.96
CA LYS E 465 10.64 -35.37 -49.42
C LYS E 465 11.59 -34.22 -49.09
N TRP E 466 11.67 -33.21 -49.95
CA TRP E 466 12.49 -32.04 -49.59
C TRP E 466 11.67 -30.87 -49.08
N GLY E 467 10.48 -31.09 -48.54
CA GLY E 467 9.71 -29.97 -48.01
C GLY E 467 9.35 -28.98 -49.10
N GLU E 468 9.20 -27.71 -48.72
CA GLU E 468 8.88 -26.65 -49.67
C GLU E 468 10.07 -26.38 -50.57
N VAL E 469 9.81 -26.28 -51.87
CA VAL E 469 10.86 -26.18 -52.88
C VAL E 469 10.71 -24.89 -53.67
N PRO E 470 11.72 -24.49 -54.46
CA PRO E 470 11.63 -23.23 -55.18
C PRO E 470 10.59 -23.27 -56.30
N LEU E 471 10.08 -22.08 -56.62
CA LEU E 471 9.14 -21.90 -57.72
C LEU E 471 9.16 -20.45 -58.14
N ALA E 472 9.43 -20.20 -59.42
CA ALA E 472 9.64 -18.85 -59.93
C ALA E 472 8.49 -18.45 -60.85
N LEU E 473 7.93 -17.27 -60.61
CA LEU E 473 6.89 -16.70 -61.45
C LEU E 473 7.46 -15.46 -62.14
N VAL E 474 7.43 -15.46 -63.47
CA VAL E 474 8.10 -14.44 -64.26
C VAL E 474 7.09 -13.82 -65.23
N THR E 475 7.23 -12.52 -65.45
CA THR E 475 6.47 -11.79 -66.46
C THR E 475 7.44 -11.32 -67.55
N LEU E 476 7.14 -11.67 -68.79
CA LEU E 476 8.03 -11.36 -69.89
C LEU E 476 7.86 -9.92 -70.36
N LYS E 477 8.81 -9.47 -71.17
CA LYS E 477 8.84 -8.08 -71.64
C LYS E 477 7.90 -7.92 -72.84
N GLU E 478 7.90 -6.73 -73.43
CA GLU E 478 7.10 -6.45 -74.62
C GLU E 478 7.74 -7.12 -75.82
N ASP E 479 6.92 -7.83 -76.60
CA ASP E 479 7.36 -8.49 -77.84
C ASP E 479 8.49 -9.48 -77.59
N ALA E 480 8.50 -10.12 -76.42
CA ALA E 480 9.45 -11.18 -76.09
C ALA E 480 8.67 -12.41 -75.67
N GLN E 481 9.00 -13.55 -76.28
CA GLN E 481 8.28 -14.80 -76.02
C GLN E 481 9.29 -15.95 -76.00
N VAL E 482 9.73 -16.32 -74.81
CA VAL E 482 10.59 -17.49 -74.61
C VAL E 482 9.87 -18.43 -73.66
N THR E 483 9.83 -19.71 -74.02
CA THR E 483 9.13 -20.70 -73.20
C THR E 483 9.88 -20.92 -71.89
N GLU E 484 9.19 -21.56 -70.94
CA GLU E 484 9.78 -21.82 -69.64
C GLU E 484 10.99 -22.73 -69.72
N LYS E 485 11.10 -23.54 -70.79
CA LYS E 485 12.26 -24.41 -70.94
C LYS E 485 13.56 -23.61 -71.09
N GLU E 486 13.52 -22.53 -71.88
CA GLU E 486 14.71 -21.69 -72.03
C GLU E 486 15.06 -21.01 -70.72
N LEU E 487 14.06 -20.51 -69.99
CA LEU E 487 14.33 -19.84 -68.73
C LEU E 487 14.94 -20.80 -67.70
N LEU E 488 14.48 -22.06 -67.70
CA LEU E 488 15.07 -23.05 -66.81
C LEU E 488 16.56 -23.24 -67.10
N GLY E 489 16.94 -23.24 -68.38
CA GLY E 489 18.33 -23.38 -68.74
C GLY E 489 19.15 -22.12 -68.55
N PHE E 490 18.49 -20.95 -68.49
CA PHE E 490 19.23 -19.71 -68.28
C PHE E 490 19.86 -19.67 -66.89
N ALA E 491 19.11 -20.07 -65.87
CA ALA E 491 19.65 -20.09 -64.51
C ALA E 491 20.59 -21.27 -64.28
N LYS E 492 20.40 -22.36 -65.00
CA LYS E 492 21.27 -23.53 -64.84
C LYS E 492 22.70 -23.24 -65.24
N ASP E 493 22.94 -22.16 -65.99
CA ASP E 493 24.29 -21.84 -66.45
C ASP E 493 25.20 -21.48 -65.28
N PHE E 494 24.66 -20.97 -64.19
CA PHE E 494 25.49 -20.61 -63.05
C PHE E 494 25.89 -21.85 -62.26
N ILE E 495 26.73 -21.64 -61.24
CA ILE E 495 27.26 -22.72 -60.43
C ILE E 495 27.24 -22.31 -58.96
N ASN E 496 27.85 -23.13 -58.10
CA ASN E 496 28.10 -22.81 -56.70
C ASN E 496 26.80 -22.62 -55.92
N LYS E 497 26.02 -23.70 -55.87
CA LYS E 497 24.85 -23.76 -55.01
C LYS E 497 24.82 -25.11 -54.31
N GLY E 498 24.10 -25.18 -53.19
CA GLY E 498 24.04 -26.37 -52.39
C GLY E 498 23.08 -27.40 -52.94
N ILE E 499 22.65 -28.31 -52.05
CA ILE E 499 21.69 -29.38 -52.30
C ILE E 499 22.01 -30.10 -53.61
N LEU E 500 21.01 -30.36 -54.45
CA LEU E 500 21.17 -31.21 -55.64
C LEU E 500 21.88 -30.42 -56.72
N ALA E 501 23.17 -30.69 -56.89
CA ALA E 501 24.01 -30.00 -57.86
C ALA E 501 23.98 -28.50 -57.65
N ARG E 502 23.15 -27.80 -58.43
CA ARG E 502 22.94 -26.37 -58.30
C ARG E 502 21.47 -26.02 -58.10
N GLU E 503 20.67 -26.97 -57.59
CA GLU E 503 19.20 -26.78 -57.45
C GLU E 503 18.60 -26.59 -58.84
N ALA E 504 18.60 -27.65 -59.66
CA ALA E 504 18.12 -27.50 -61.05
C ALA E 504 16.72 -28.04 -61.38
N LEU E 505 16.46 -29.31 -61.07
CA LEU E 505 15.18 -29.95 -61.39
C LEU E 505 13.92 -29.52 -60.61
N LEU E 506 14.04 -28.58 -59.70
CA LEU E 506 12.88 -28.20 -58.86
C LEU E 506 12.36 -26.78 -59.08
N LEU E 507 12.98 -25.99 -59.97
CA LEU E 507 12.61 -24.63 -60.30
C LEU E 507 11.16 -24.53 -60.75
N LYS E 508 10.76 -25.29 -61.77
CA LYS E 508 9.38 -25.32 -62.25
C LYS E 508 8.86 -23.93 -62.58
N VAL E 509 9.68 -23.15 -63.31
CA VAL E 509 9.33 -21.77 -63.57
C VAL E 509 8.02 -21.69 -64.36
N LYS E 510 7.22 -20.68 -64.04
CA LYS E 510 5.95 -20.44 -64.69
C LYS E 510 5.87 -19.00 -65.18
N ILE E 511 5.11 -18.79 -66.25
CA ILE E 511 4.94 -17.47 -66.85
C ILE E 511 3.59 -16.92 -66.42
N VAL E 512 3.60 -15.69 -65.89
CA VAL E 512 2.40 -15.05 -65.34
C VAL E 512 2.16 -13.75 -66.10
N ASP E 513 0.90 -13.54 -66.50
CA ASP E 513 0.54 -12.31 -67.20
C ASP E 513 0.66 -11.09 -66.29
N GLU E 514 0.15 -11.19 -65.06
CA GLU E 514 0.22 -10.07 -64.12
C GLU E 514 0.41 -10.63 -62.72
N ILE E 515 1.20 -9.92 -61.92
CA ILE E 515 1.58 -10.35 -60.58
C ILE E 515 0.87 -9.46 -59.56
N ALA E 516 0.27 -10.09 -58.56
CA ALA E 516 -0.46 -9.35 -57.54
C ALA E 516 0.50 -8.48 -56.73
N LYS E 517 0.11 -7.23 -56.51
CA LYS E 517 0.89 -6.28 -55.74
C LYS E 517 0.04 -5.72 -54.61
N THR E 518 0.70 -5.31 -53.53
CA THR E 518 0.01 -4.73 -52.40
C THR E 518 -0.44 -3.30 -52.73
N SER E 519 -1.05 -2.64 -51.75
CA SER E 519 -1.53 -1.28 -51.97
C SER E 519 -0.39 -0.31 -52.24
N VAL E 520 0.70 -0.39 -51.48
CA VAL E 520 1.82 0.52 -51.68
C VAL E 520 2.56 0.22 -52.98
N GLY E 521 2.71 -1.05 -53.35
CA GLY E 521 3.39 -1.41 -54.56
C GLY E 521 4.40 -2.52 -54.37
N LYS E 522 4.39 -3.13 -53.17
CA LYS E 522 5.27 -4.22 -52.84
C LYS E 522 4.63 -5.54 -53.25
N VAL E 523 5.44 -6.43 -53.83
CA VAL E 523 4.92 -7.69 -54.37
C VAL E 523 4.31 -8.50 -53.23
N ASP E 524 3.12 -9.04 -53.47
CA ASP E 524 2.34 -9.71 -52.43
C ASP E 524 2.58 -11.21 -52.55
N LYS E 525 3.58 -11.70 -51.82
CA LYS E 525 3.94 -13.11 -51.89
C LYS E 525 3.01 -14.01 -51.10
N LYS E 526 2.07 -13.45 -50.33
CA LYS E 526 1.13 -14.28 -49.59
C LYS E 526 -0.04 -14.71 -50.49
N GLU E 527 -0.67 -13.76 -51.17
CA GLU E 527 -1.75 -14.11 -52.09
C GLU E 527 -1.22 -14.82 -53.33
N LEU E 528 0.06 -14.59 -53.69
CA LEU E 528 0.67 -15.36 -54.76
C LEU E 528 0.70 -16.84 -54.40
N ARG E 529 0.98 -17.15 -53.13
CA ARG E 529 0.89 -18.54 -52.68
C ARG E 529 -0.55 -19.04 -52.73
N LYS E 530 -1.51 -18.18 -52.38
CA LYS E 530 -2.91 -18.59 -52.36
C LYS E 530 -3.40 -18.99 -53.75
N LEU E 531 -3.07 -18.21 -54.77
CA LEU E 531 -3.57 -18.47 -56.12
C LEU E 531 -2.73 -19.49 -56.88
N HIS E 532 -1.58 -19.87 -56.36
CA HIS E 532 -0.73 -20.83 -57.07
C HIS E 532 -0.74 -22.19 -56.41
N LEU E 533 -0.70 -22.20 -55.09
CA LEU E 533 -1.24 -23.32 -54.32
C LEU E 533 -2.76 -23.25 -54.35
N ASN F 6 13.62 -7.26 -14.22
CA ASN F 6 13.88 -6.30 -15.27
C ASN F 6 13.11 -6.64 -16.55
N ASP F 7 12.56 -5.62 -17.19
CA ASP F 7 11.86 -5.80 -18.45
C ASP F 7 12.82 -5.57 -19.60
N PRO F 8 13.08 -6.58 -20.44
CA PRO F 8 14.02 -6.37 -21.56
C PRO F 8 13.60 -5.28 -22.51
N SER F 9 12.29 -5.04 -22.67
CA SER F 9 11.81 -3.95 -23.50
C SER F 9 12.02 -2.59 -22.86
N ASN F 10 12.35 -2.53 -21.59
CA ASN F 10 12.62 -1.29 -20.88
C ASN F 10 14.12 -1.06 -20.85
N TYR F 11 14.59 -0.08 -21.60
CA TYR F 11 16.01 0.18 -21.74
C TYR F 11 16.50 1.06 -20.60
N GLN F 12 17.61 0.66 -19.98
CA GLN F 12 18.30 1.45 -18.97
C GLN F 12 19.57 2.00 -19.57
N LEU F 13 19.85 3.28 -19.31
CA LEU F 13 21.04 3.95 -19.82
C LEU F 13 22.20 3.69 -18.87
N LEU F 14 23.04 2.73 -19.21
CA LEU F 14 24.13 2.31 -18.34
C LEU F 14 25.47 2.61 -19.00
N ILE F 15 26.52 2.65 -18.17
CA ILE F 15 27.86 2.95 -18.67
C ILE F 15 28.40 1.81 -19.52
N LYS F 16 27.99 0.57 -19.24
CA LYS F 16 28.46 -0.56 -20.05
C LYS F 16 28.04 -0.44 -21.50
N ASN F 17 26.95 0.29 -21.79
CA ASN F 17 26.52 0.49 -23.16
C ASN F 17 27.42 1.47 -23.91
N LEU F 18 28.14 2.34 -23.20
CA LEU F 18 29.11 3.18 -23.89
C LEU F 18 30.32 2.38 -24.36
N LEU F 19 30.68 1.32 -23.62
CA LEU F 19 31.84 0.52 -23.95
C LEU F 19 31.52 -0.59 -24.94
N PHE F 20 30.37 -1.24 -24.79
CA PHE F 20 30.03 -2.38 -25.63
C PHE F 20 29.08 -2.03 -26.77
N SER F 21 28.47 -0.86 -26.74
CA SER F 21 27.65 -0.36 -27.85
C SER F 21 28.12 1.05 -28.20
N PRO F 22 29.35 1.19 -28.69
CA PRO F 22 29.89 2.52 -28.96
C PRO F 22 29.54 3.02 -30.35
N VAL F 23 29.91 4.25 -30.67
CA VAL F 23 29.72 4.76 -32.02
C VAL F 23 30.57 3.97 -33.01
N ALA F 24 31.84 3.76 -32.67
CA ALA F 24 32.75 2.98 -33.48
C ALA F 24 33.65 2.16 -32.57
N PHE F 25 34.06 0.99 -33.06
CA PHE F 25 34.95 0.11 -32.31
C PHE F 25 35.90 -0.58 -33.27
N ASN F 26 37.18 -0.25 -33.17
CA ASN F 26 38.22 -0.96 -33.91
C ASN F 26 39.05 -1.75 -32.91
N PRO F 27 39.09 -3.08 -33.01
CA PRO F 27 39.87 -3.87 -32.05
C PRO F 27 41.37 -3.60 -32.09
N GLU F 28 41.89 -3.05 -33.17
CA GLU F 28 43.31 -2.78 -33.29
C GLU F 28 43.67 -1.31 -33.04
N GLN F 29 42.71 -0.51 -32.60
CA GLN F 29 43.03 0.83 -32.14
C GLN F 29 43.78 0.75 -30.81
N GLU F 30 44.64 1.74 -30.57
CA GLU F 30 45.63 1.67 -29.50
C GLU F 30 45.26 2.52 -28.30
N ILE F 31 45.64 2.03 -27.13
CA ILE F 31 45.70 2.80 -25.89
C ILE F 31 47.15 2.87 -25.48
N VAL F 32 47.66 4.09 -25.29
CA VAL F 32 49.06 4.34 -25.02
C VAL F 32 49.19 5.00 -23.65
N TYR F 33 49.96 4.37 -22.76
CA TYR F 33 50.43 4.99 -21.54
C TYR F 33 51.86 5.43 -21.79
N ALA F 34 52.10 6.74 -21.68
CA ALA F 34 53.27 7.41 -22.24
C ALA F 34 54.58 6.71 -21.91
N ASN F 35 55.22 6.19 -22.95
CA ASN F 35 56.54 5.57 -22.89
C ASN F 35 56.61 4.39 -21.93
N HIS F 36 55.47 3.93 -21.41
CA HIS F 36 55.40 2.80 -20.51
C HIS F 36 54.75 1.59 -21.15
N ARG F 37 53.58 1.76 -21.75
CA ARG F 37 52.78 0.62 -22.18
C ARG F 37 51.94 1.00 -23.38
N ARG F 38 51.65 0.02 -24.22
CA ARG F 38 50.69 0.17 -25.31
C ARG F 38 49.91 -1.13 -25.42
N HIS F 39 48.60 -1.02 -25.57
CA HIS F 39 47.80 -2.20 -25.92
C HIS F 39 46.70 -1.74 -26.86
N SER F 40 45.79 -2.65 -27.19
CA SER F 40 44.72 -2.35 -28.13
C SER F 40 43.39 -2.30 -27.40
N TYR F 41 42.32 -2.00 -28.16
CA TYR F 41 41.00 -1.93 -27.57
C TYR F 41 40.50 -3.30 -27.14
N LYS F 42 40.91 -4.36 -27.86
CA LYS F 42 40.55 -5.72 -27.45
C LYS F 42 41.20 -6.06 -26.11
N THR F 43 42.49 -5.75 -25.96
CA THR F 43 43.15 -5.94 -24.68
C THR F 43 42.52 -5.07 -23.60
N PHE F 44 42.10 -3.86 -23.96
CA PHE F 44 41.48 -2.98 -22.98
C PHE F 44 40.16 -3.56 -22.47
N HIS F 45 39.35 -4.12 -23.36
CA HIS F 45 38.12 -4.78 -22.93
C HIS F 45 38.42 -5.99 -22.06
N ASP F 46 39.42 -6.78 -22.45
CA ASP F 46 39.81 -7.93 -21.64
C ASP F 46 40.23 -7.50 -20.24
N ARG F 47 41.00 -6.41 -20.15
CA ARG F 47 41.47 -5.93 -18.87
C ARG F 47 40.33 -5.37 -18.02
N VAL F 48 39.32 -4.76 -18.65
CA VAL F 48 38.16 -4.31 -17.90
C VAL F 48 37.43 -5.50 -17.28
N ARG F 49 37.26 -6.58 -18.05
CA ARG F 49 36.62 -7.77 -17.50
C ARG F 49 37.47 -8.40 -16.41
N GLN F 50 38.79 -8.44 -16.59
CA GLN F 50 39.69 -8.96 -15.57
C GLN F 50 39.59 -8.15 -14.28
N PHE F 51 39.52 -6.82 -14.39
CA PHE F 51 39.40 -5.97 -13.23
C PHE F 51 38.07 -6.16 -12.53
N ALA F 52 37.00 -6.38 -13.30
CA ALA F 52 35.71 -6.71 -12.69
C ALA F 52 35.81 -7.99 -11.89
N ASN F 53 36.47 -9.01 -12.45
CA ASN F 53 36.66 -10.26 -11.71
C ASN F 53 37.47 -10.06 -10.45
N ALA F 54 38.56 -9.29 -10.53
CA ALA F 54 39.41 -9.05 -9.38
C ALA F 54 38.66 -8.30 -8.27
N LEU F 55 37.84 -7.31 -8.66
CA LEU F 55 37.04 -6.59 -7.68
C LEU F 55 36.01 -7.50 -7.03
N THR F 56 35.39 -8.38 -7.82
CA THR F 56 34.40 -9.29 -7.25
C THR F 56 35.06 -10.23 -6.25
N LYS F 57 36.27 -10.70 -6.54
CA LYS F 57 36.97 -11.57 -5.59
C LYS F 57 37.27 -10.85 -4.28
N MET F 58 37.61 -9.56 -4.34
CA MET F 58 37.93 -8.81 -3.14
C MET F 58 36.72 -8.55 -2.26
N GLY F 59 35.51 -8.84 -2.72
CA GLY F 59 34.32 -8.61 -1.93
C GLY F 59 33.66 -7.27 -2.15
N VAL F 60 33.87 -6.64 -3.30
CA VAL F 60 33.22 -5.38 -3.62
C VAL F 60 31.82 -5.68 -4.15
N LYS F 61 30.80 -5.28 -3.39
CA LYS F 61 29.41 -5.53 -3.75
C LYS F 61 28.85 -4.34 -4.52
N LYS F 62 27.53 -4.32 -4.67
CA LYS F 62 26.89 -3.27 -5.46
C LYS F 62 27.00 -1.90 -4.80
N GLY F 63 26.79 -1.83 -3.49
CA GLY F 63 26.79 -0.52 -2.87
C GLY F 63 28.14 0.03 -2.48
N ASP F 64 29.22 -0.70 -2.70
CA ASP F 64 30.52 -0.33 -2.15
C ASP F 64 31.11 0.87 -2.87
N THR F 65 32.12 1.47 -2.23
CA THR F 65 32.85 2.61 -2.76
C THR F 65 34.32 2.24 -2.88
N VAL F 66 34.91 2.53 -4.04
CA VAL F 66 36.33 2.30 -4.30
C VAL F 66 36.96 3.65 -4.62
N ALA F 67 38.02 3.98 -3.89
CA ALA F 67 38.68 5.27 -4.01
C ALA F 67 39.98 5.12 -4.80
N VAL F 68 40.19 6.02 -5.77
CA VAL F 68 41.34 5.94 -6.66
C VAL F 68 42.21 7.17 -6.46
N MET F 69 43.52 6.97 -6.43
CA MET F 69 44.51 8.03 -6.18
C MET F 69 45.75 7.77 -7.03
N ASP F 70 45.78 8.34 -8.23
CA ASP F 70 46.97 8.26 -9.08
C ASP F 70 46.89 9.34 -10.16
N TYR F 71 47.76 9.22 -11.16
CA TYR F 71 47.85 10.16 -12.26
C TYR F 71 46.95 9.73 -13.41
N ASP F 72 47.12 10.35 -14.57
CA ASP F 72 46.39 9.96 -15.77
C ASP F 72 47.09 8.76 -16.42
N SER F 73 46.38 7.64 -16.51
CA SER F 73 46.98 6.42 -17.03
C SER F 73 45.87 5.52 -17.56
N HIS F 74 46.29 4.38 -18.11
CA HIS F 74 45.33 3.36 -18.53
C HIS F 74 44.59 2.78 -17.33
N ARG F 75 45.22 2.74 -16.16
CA ARG F 75 44.57 2.22 -14.96
C ARG F 75 43.38 3.09 -14.57
N TYR F 76 43.53 4.41 -14.63
CA TYR F 76 42.42 5.29 -14.33
C TYR F 76 41.30 5.13 -15.36
N LEU F 77 41.64 4.95 -16.63
CA LEU F 77 40.63 4.70 -17.65
C LEU F 77 39.90 3.39 -17.42
N GLU F 78 40.59 2.36 -16.93
CA GLU F 78 39.93 1.10 -16.61
C GLU F 78 39.06 1.23 -15.37
N CYS F 79 39.46 2.07 -14.41
CA CYS F 79 38.63 2.31 -13.23
C CYS F 79 37.38 3.11 -13.58
N TYR F 80 37.49 3.99 -14.58
CA TYR F 80 36.33 4.77 -15.03
C TYR F 80 35.21 3.88 -15.54
N PHE F 81 35.51 2.63 -15.88
CA PHE F 81 34.53 1.71 -16.42
C PHE F 81 34.25 0.54 -15.50
N ALA F 82 35.28 -0.20 -15.06
CA ALA F 82 35.04 -1.43 -14.33
C ALA F 82 34.27 -1.21 -13.05
N ILE F 83 34.62 -0.18 -12.29
CA ILE F 83 33.95 0.05 -11.00
C ILE F 83 32.47 0.39 -11.17
N PRO F 84 32.07 1.35 -12.01
CA PRO F 84 30.62 1.60 -12.17
C PRO F 84 29.83 0.42 -12.73
N MET F 85 30.41 -0.36 -13.67
CA MET F 85 29.66 -1.47 -14.25
C MET F 85 29.32 -2.53 -13.21
N ILE F 86 30.25 -2.79 -12.29
CA ILE F 86 30.00 -3.74 -11.21
C ILE F 86 28.83 -3.28 -10.35
N GLY F 87 28.55 -1.98 -10.37
CA GLY F 87 27.54 -1.39 -9.52
C GLY F 87 28.11 -0.55 -8.41
N ALA F 88 29.41 -0.63 -8.16
CA ALA F 88 30.04 0.10 -7.08
C ALA F 88 30.13 1.58 -7.42
N LYS F 89 30.60 2.35 -6.45
CA LYS F 89 30.82 3.79 -6.60
C LYS F 89 32.30 4.06 -6.79
N LEU F 90 32.60 5.00 -7.68
CA LEU F 90 33.97 5.40 -7.95
C LEU F 90 34.21 6.75 -7.29
N HIS F 91 35.16 6.80 -6.36
CA HIS F 91 35.49 8.02 -5.63
C HIS F 91 36.86 8.49 -6.09
N MET F 92 36.89 9.58 -6.83
CA MET F 92 38.14 10.18 -7.29
C MET F 92 38.65 11.14 -6.22
N ILE F 93 39.90 10.96 -5.83
CA ILE F 93 40.49 11.70 -4.71
C ILE F 93 41.36 12.82 -5.29
N ASN F 94 41.06 14.05 -4.91
CA ASN F 94 41.85 15.20 -5.32
C ASN F 94 43.18 15.15 -4.58
N VAL F 95 44.22 14.67 -5.27
CA VAL F 95 45.53 14.49 -4.65
C VAL F 95 46.23 15.80 -4.34
N ARG F 96 45.63 16.94 -4.69
CA ARG F 96 46.23 18.23 -4.45
C ARG F 96 45.68 18.93 -3.21
N LEU F 97 44.68 18.36 -2.56
CA LEU F 97 44.20 18.88 -1.29
C LEU F 97 45.19 18.58 -0.18
N SER F 98 45.02 19.26 0.95
CA SER F 98 45.83 18.96 2.12
C SER F 98 45.44 17.59 2.67
N PRO F 99 46.38 16.89 3.32
CA PRO F 99 46.06 15.55 3.84
C PRO F 99 44.91 15.54 4.84
N GLU F 100 44.68 16.63 5.56
CA GLU F 100 43.51 16.71 6.44
C GLU F 100 42.22 16.64 5.64
N GLN F 101 42.13 17.38 4.53
CA GLN F 101 40.94 17.36 3.70
C GLN F 101 40.78 16.01 3.00
N ILE F 102 41.90 15.41 2.59
CA ILE F 102 41.84 14.08 1.98
C ILE F 102 41.30 13.07 2.98
N LEU F 103 41.78 13.14 4.22
CA LEU F 103 41.27 12.26 5.27
C LEU F 103 39.78 12.50 5.50
N TYR F 104 39.36 13.76 5.51
CA TYR F 104 37.95 14.06 5.70
C TYR F 104 37.10 13.45 4.60
N THR F 105 37.54 13.56 3.35
CA THR F 105 36.75 13.02 2.25
C THR F 105 36.74 11.50 2.27
N ILE F 106 37.86 10.88 2.65
CA ILE F 106 37.89 9.43 2.77
C ILE F 106 36.93 8.95 3.85
N ASP F 107 36.92 9.63 5.00
CA ASP F 107 36.00 9.27 6.06
C ASP F 107 34.55 9.50 5.65
N HIS F 108 34.27 10.64 5.01
CA HIS F 108 32.91 10.98 4.62
C HIS F 108 32.36 10.01 3.59
N ALA F 109 33.16 9.64 2.59
CA ALA F 109 32.70 8.72 1.56
C ALA F 109 32.59 7.28 2.04
N GLU F 110 33.37 6.89 3.04
CA GLU F 110 33.39 5.53 3.57
C GLU F 110 33.82 4.53 2.49
N ASP F 111 35.05 4.69 2.05
CA ASP F 111 35.61 3.78 1.04
C ASP F 111 35.95 2.44 1.65
N ASP F 112 35.97 1.40 0.83
CA ASP F 112 36.31 0.06 1.28
C ASP F 112 37.67 -0.32 0.74
N ILE F 113 37.92 -0.09 -0.55
CA ILE F 113 39.23 -0.34 -1.13
C ILE F 113 39.83 1.01 -1.50
N ILE F 114 41.16 1.07 -1.52
CA ILE F 114 41.87 2.25 -1.95
C ILE F 114 42.97 1.83 -2.90
N LEU F 115 42.97 2.38 -4.11
CA LEU F 115 44.03 2.19 -5.09
C LEU F 115 44.86 3.47 -5.09
N ILE F 116 46.07 3.40 -4.55
CA ILE F 116 46.91 4.58 -4.35
C ILE F 116 48.23 4.36 -5.08
N HIS F 117 48.65 5.36 -5.84
CA HIS F 117 49.94 5.29 -6.50
C HIS F 117 51.07 5.30 -5.47
N GLU F 118 52.21 4.76 -5.88
CA GLU F 118 53.36 4.69 -5.00
C GLU F 118 53.82 6.08 -4.57
N GLU F 119 53.84 7.02 -5.51
CA GLU F 119 54.33 8.36 -5.23
C GLU F 119 53.48 9.11 -4.21
N PHE F 120 52.21 8.73 -4.06
CA PHE F 120 51.34 9.34 -3.07
C PHE F 120 51.35 8.61 -1.74
N LEU F 121 52.23 7.62 -1.58
CA LEU F 121 52.32 6.92 -0.30
C LEU F 121 52.71 7.82 0.87
N PRO F 122 53.67 8.76 0.75
CA PRO F 122 53.96 9.63 1.90
C PRO F 122 52.75 10.39 2.42
N ILE F 123 51.86 10.85 1.54
CA ILE F 123 50.64 11.50 2.00
C ILE F 123 49.85 10.54 2.89
N LEU F 124 49.64 9.32 2.42
CA LEU F 124 48.96 8.31 3.21
C LEU F 124 49.65 8.04 4.55
N ASP F 125 50.95 8.30 4.64
CA ASP F 125 51.64 8.03 5.89
C ASP F 125 51.24 8.99 7.00
N GLN F 126 50.65 10.13 6.65
CA GLN F 126 50.19 11.06 7.67
C GLN F 126 48.73 10.85 8.04
N ILE F 127 48.03 9.95 7.36
CA ILE F 127 46.57 9.87 7.39
C ILE F 127 46.13 8.48 7.80
N LYS F 128 46.99 7.49 7.55
CA LYS F 128 46.58 6.10 7.63
C LYS F 128 46.11 5.70 9.03
N GLY F 129 46.65 6.33 10.06
CA GLY F 129 46.26 5.97 11.42
C GLY F 129 44.89 6.43 11.82
N ARG F 130 44.22 7.22 10.98
CA ARG F 130 42.89 7.75 11.27
C ARG F 130 41.85 7.27 10.26
N ILE F 131 42.11 6.15 9.60
CA ILE F 131 41.19 5.58 8.63
C ILE F 131 40.66 4.27 9.19
N ASP F 132 39.34 4.10 9.16
CA ASP F 132 38.68 2.92 9.71
C ASP F 132 38.01 2.05 8.67
N THR F 133 37.43 2.65 7.63
CA THR F 133 36.60 1.92 6.69
C THR F 133 37.41 1.10 5.70
N VAL F 134 38.63 1.53 5.36
CA VAL F 134 39.37 0.89 4.27
C VAL F 134 39.97 -0.42 4.76
N THR F 135 39.74 -1.48 3.99
CA THR F 135 40.26 -2.80 4.32
C THR F 135 41.39 -3.27 3.41
N ARG F 136 41.54 -2.69 2.23
CA ARG F 136 42.61 -3.05 1.33
C ARG F 136 43.25 -1.80 0.72
N TYR F 137 44.58 -1.82 0.63
CA TYR F 137 45.34 -0.79 -0.08
C TYR F 137 46.05 -1.46 -1.23
N VAL F 138 45.81 -0.98 -2.45
CA VAL F 138 46.41 -1.53 -3.65
C VAL F 138 47.40 -0.49 -4.17
N VAL F 139 48.68 -0.83 -4.16
CA VAL F 139 49.73 0.12 -4.49
C VAL F 139 50.02 0.04 -5.98
N LEU F 140 49.83 1.16 -6.67
CA LEU F 140 50.05 1.24 -8.11
C LEU F 140 51.46 1.68 -8.39
N ARG F 141 52.14 0.96 -9.28
CA ARG F 141 53.48 1.29 -9.73
C ARG F 141 53.51 1.27 -11.25
N ASP F 142 54.62 1.71 -11.81
CA ASP F 142 54.73 1.87 -13.26
C ASP F 142 55.55 0.80 -13.95
N ASP F 143 56.46 0.12 -13.25
CA ASP F 143 57.44 -0.72 -13.96
C ASP F 143 57.03 -2.19 -14.05
N GLU F 144 57.13 -2.91 -12.93
CA GLU F 144 56.80 -4.34 -12.95
C GLU F 144 56.10 -4.85 -11.69
N GLU F 145 56.14 -4.12 -10.58
CA GLU F 145 55.68 -4.62 -9.29
C GLU F 145 54.32 -4.06 -8.91
N CYS F 146 53.57 -3.54 -9.89
CA CYS F 146 52.24 -3.03 -9.60
C CYS F 146 51.36 -4.15 -9.05
N GLU F 147 50.67 -3.86 -7.96
CA GLU F 147 49.73 -4.84 -7.41
C GLU F 147 48.46 -4.91 -8.24
N TYR F 148 48.12 -3.83 -8.92
CA TYR F 148 46.99 -3.83 -9.85
C TYR F 148 47.23 -4.80 -11.00
N GLU F 149 48.44 -4.79 -11.57
CA GLU F 149 48.77 -5.73 -12.64
C GLU F 149 48.77 -7.16 -12.14
N ARG F 150 49.29 -7.39 -10.94
CA ARG F 150 49.30 -8.74 -10.37
C ARG F 150 47.89 -9.24 -10.10
N LEU F 151 47.02 -8.35 -9.61
CA LEU F 151 45.62 -8.73 -9.40
C LEU F 151 44.94 -9.06 -10.72
N LEU F 152 45.23 -8.28 -11.76
CA LEU F 152 44.64 -8.56 -13.07
C LEU F 152 45.12 -9.91 -13.60
N GLU F 153 46.42 -10.20 -13.46
CA GLU F 153 47.03 -11.33 -14.15
C GLU F 153 46.40 -12.65 -13.76
N GLN F 154 45.84 -12.76 -12.56
CA GLN F 154 45.31 -14.02 -12.05
C GLN F 154 43.80 -14.12 -12.18
N GLU F 155 43.19 -13.36 -13.08
CA GLU F 155 41.75 -13.36 -13.26
C GLU F 155 41.41 -13.60 -14.73
N SER F 156 40.23 -14.16 -14.96
CA SER F 156 39.80 -14.50 -16.30
C SER F 156 39.22 -13.28 -17.02
N THR F 157 39.30 -13.30 -18.34
CA THR F 157 38.83 -12.21 -19.18
C THR F 157 37.36 -12.38 -19.57
N GLU F 158 36.58 -13.11 -18.77
CA GLU F 158 35.16 -13.29 -19.01
C GLU F 158 34.39 -12.79 -17.81
N TYR F 159 33.36 -11.98 -18.07
CA TYR F 159 32.52 -11.45 -17.00
C TYR F 159 31.20 -11.02 -17.60
N ASN F 160 30.11 -11.37 -16.92
CA ASN F 160 28.75 -10.97 -17.32
C ASN F 160 28.35 -9.79 -16.45
N PHE F 161 28.34 -8.60 -17.04
CA PHE F 161 28.08 -7.40 -16.27
C PHE F 161 26.59 -7.30 -15.93
N PRO F 162 26.24 -6.98 -14.69
CA PRO F 162 24.84 -6.98 -14.28
C PRO F 162 24.07 -5.84 -14.92
N ASP F 163 22.75 -6.01 -14.95
CA ASP F 163 21.83 -4.98 -15.39
C ASP F 163 21.07 -4.46 -14.18
N PHE F 164 21.24 -3.18 -13.88
CA PHE F 164 20.53 -2.57 -12.77
C PHE F 164 19.82 -1.30 -13.21
N ASP F 165 19.26 -0.57 -12.26
CA ASP F 165 18.58 0.68 -12.55
C ASP F 165 19.58 1.73 -13.03
N GLU F 166 19.16 2.54 -14.00
CA GLU F 166 20.01 3.58 -14.54
C GLU F 166 20.23 4.72 -13.57
N ASN F 167 19.51 4.75 -12.44
CA ASN F 167 19.62 5.82 -11.46
C ASN F 167 20.55 5.47 -10.31
N THR F 168 21.29 4.36 -10.42
CA THR F 168 22.28 4.03 -9.40
C THR F 168 23.49 4.94 -9.53
N VAL F 169 23.99 5.41 -8.40
CA VAL F 169 25.12 6.35 -8.38
C VAL F 169 26.37 5.66 -8.90
N ALA F 170 27.17 6.42 -9.65
CA ALA F 170 28.38 5.91 -10.31
C ALA F 170 29.66 6.56 -9.83
N THR F 171 29.66 7.87 -9.58
CA THR F 171 30.88 8.59 -9.25
C THR F 171 30.62 9.68 -8.22
N THR F 172 31.64 9.97 -7.41
CA THR F 172 31.66 11.07 -6.44
C THR F 172 33.06 11.65 -6.39
N PHE F 173 33.20 12.97 -6.23
CA PHE F 173 34.56 13.50 -6.14
C PHE F 173 34.80 14.69 -5.22
N TYR F 174 33.83 15.19 -4.45
CA TYR F 174 34.12 16.13 -3.36
C TYR F 174 34.81 17.44 -3.75
N THR F 175 34.09 18.33 -4.43
CA THR F 175 34.61 19.68 -4.69
C THR F 175 34.82 20.45 -3.40
N THR F 176 35.79 21.35 -3.40
CA THR F 176 36.08 22.24 -2.27
C THR F 176 35.87 23.68 -2.70
N GLY F 177 34.93 24.36 -2.05
CA GLY F 177 34.59 25.72 -2.40
C GLY F 177 34.89 26.74 -1.31
N THR F 178 33.85 27.17 -0.62
CA THR F 178 33.95 28.15 0.47
C THR F 178 33.32 27.68 1.76
N THR F 179 32.74 26.49 1.79
CA THR F 179 31.94 26.05 2.93
C THR F 179 32.76 25.86 4.20
N GLY F 180 34.02 25.44 4.08
CA GLY F 180 34.81 25.14 5.27
C GLY F 180 35.20 23.68 5.30
N PHE F 181 34.31 22.82 4.80
CA PHE F 181 34.59 21.43 4.54
C PHE F 181 34.22 21.12 3.10
N PRO F 182 34.93 20.19 2.45
CA PRO F 182 34.60 19.86 1.07
C PRO F 182 33.21 19.25 0.95
N LYS F 183 32.56 19.53 -0.17
CA LYS F 183 31.19 19.09 -0.44
C LYS F 183 31.21 18.00 -1.50
N GLY F 184 30.51 16.90 -1.24
CA GLY F 184 30.50 15.78 -2.15
C GLY F 184 29.38 15.82 -3.17
N VAL F 185 29.76 15.78 -4.44
CA VAL F 185 28.81 15.75 -5.54
C VAL F 185 28.87 14.39 -6.21
N PHE F 186 27.73 13.94 -6.72
CA PHE F 186 27.63 12.59 -7.27
C PHE F 186 26.74 12.58 -8.49
N PHE F 187 26.96 11.59 -9.35
CA PHE F 187 26.23 11.45 -10.60
C PHE F 187 25.84 9.99 -10.77
N THR F 188 24.88 9.74 -11.66
CA THR F 188 24.40 8.39 -11.92
C THR F 188 24.81 7.94 -13.32
N HIS F 189 24.51 6.67 -13.62
CA HIS F 189 24.81 6.13 -14.94
C HIS F 189 24.07 6.90 -16.03
N ARG F 190 22.79 7.18 -15.79
CA ARG F 190 21.98 7.89 -16.77
C ARG F 190 22.57 9.26 -17.06
N GLN F 191 23.00 9.97 -16.03
CA GLN F 191 23.52 11.32 -16.21
C GLN F 191 24.82 11.32 -17.01
N LEU F 192 25.71 10.37 -16.75
CA LEU F 192 26.96 10.32 -17.49
C LEU F 192 26.73 9.93 -18.95
N VAL F 193 25.83 8.98 -19.19
CA VAL F 193 25.50 8.58 -20.56
C VAL F 193 24.89 9.76 -21.32
N LEU F 194 23.98 10.49 -20.66
CA LEU F 194 23.37 11.64 -21.32
C LEU F 194 24.38 12.74 -21.55
N HIS F 195 25.34 12.91 -20.63
CA HIS F 195 26.35 13.95 -20.82
C HIS F 195 27.21 13.65 -22.03
N THR F 196 27.58 12.39 -22.25
CA THR F 196 28.44 11.97 -23.35
C THR F 196 27.84 12.11 -24.66
N MET F 197 26.56 11.91 -24.74
CA MET F 197 25.83 11.98 -25.97
C MET F 197 25.37 13.35 -26.23
N GLY F 198 24.97 14.14 -25.22
CA GLY F 198 24.69 15.53 -25.48
C GLY F 198 25.89 16.32 -25.95
N ILE F 199 27.05 16.15 -25.33
CA ILE F 199 28.20 16.89 -25.80
C ILE F 199 28.67 16.39 -27.16
N LEU F 200 28.70 15.08 -27.39
CA LEU F 200 29.08 14.59 -28.71
C LEU F 200 28.17 15.15 -29.79
N SER F 201 26.86 15.19 -29.52
CA SER F 201 25.94 15.75 -30.52
C SER F 201 26.11 17.26 -30.69
N THR F 202 26.43 17.99 -29.62
CA THR F 202 26.52 19.44 -29.77
C THR F 202 27.81 19.91 -30.43
N ILE F 203 28.96 19.27 -30.19
CA ILE F 203 30.21 19.78 -30.72
C ILE F 203 30.83 18.85 -31.75
N GLY F 204 30.41 17.59 -31.83
CA GLY F 204 30.79 16.76 -32.96
C GLY F 204 30.12 17.16 -34.25
N THR F 205 28.98 17.85 -34.18
CA THR F 205 28.24 18.28 -35.36
C THR F 205 28.62 19.66 -35.83
N ASN F 206 29.69 20.24 -35.28
CA ASN F 206 30.14 21.54 -35.73
C ASN F 206 30.50 21.49 -37.20
N ALA F 207 30.35 22.63 -37.88
CA ALA F 207 30.59 22.67 -39.31
C ALA F 207 32.04 22.31 -39.64
N SER F 208 32.98 23.15 -39.22
CA SER F 208 34.38 22.86 -39.53
C SER F 208 35.38 23.09 -38.41
N GLN F 209 35.12 23.98 -37.45
CA GLN F 209 36.21 24.45 -36.60
C GLN F 209 36.55 23.56 -35.41
N GLY F 210 35.70 23.57 -34.39
CA GLY F 210 36.04 22.93 -33.14
C GLY F 210 35.44 21.56 -32.91
N ARG F 211 35.66 20.61 -33.82
CA ARG F 211 34.89 19.36 -33.78
C ARG F 211 35.79 18.19 -33.40
N LEU F 212 35.26 17.33 -32.54
CA LEU F 212 35.88 16.06 -32.20
C LEU F 212 35.22 14.98 -33.04
N HIS F 213 36.02 14.29 -33.86
CA HIS F 213 35.51 13.29 -34.74
C HIS F 213 36.20 11.99 -34.53
N GLN F 214 35.91 11.00 -35.36
CA GLN F 214 36.47 9.70 -35.25
C GLN F 214 37.86 9.51 -35.82
N GLY F 215 38.50 10.58 -36.22
CA GLY F 215 39.85 10.45 -36.70
C GLY F 215 40.83 11.22 -35.84
N ASP F 216 40.38 11.64 -34.67
CA ASP F 216 41.21 12.39 -33.76
C ASP F 216 42.05 11.46 -32.89
N ILE F 217 43.08 12.04 -32.28
CA ILE F 217 43.90 11.35 -31.29
C ILE F 217 43.85 12.18 -30.01
N TYR F 218 43.35 11.56 -28.95
CA TYR F 218 43.01 12.26 -27.72
C TYR F 218 44.15 12.14 -26.71
N MET F 219 44.36 13.20 -25.93
CA MET F 219 45.30 13.13 -24.82
C MET F 219 44.92 14.16 -23.76
N PRO F 220 44.51 13.72 -22.58
CA PRO F 220 44.09 14.68 -21.56
C PRO F 220 45.26 15.42 -20.95
N ILE F 221 45.04 16.71 -20.67
CA ILE F 221 45.94 17.49 -19.83
C ILE F 221 45.20 18.09 -18.64
N THR F 222 44.12 17.45 -18.22
CA THR F 222 43.35 17.78 -17.03
C THR F 222 43.48 16.64 -16.01
N PRO F 223 43.59 16.96 -14.72
CA PRO F 223 43.98 15.96 -13.72
C PRO F 223 43.18 14.67 -13.71
N MET F 224 41.99 14.63 -14.31
CA MET F 224 41.25 13.38 -14.53
C MET F 224 40.66 12.83 -13.23
N PHE F 225 40.98 13.44 -12.10
CA PHE F 225 40.21 13.23 -10.88
C PHE F 225 39.29 14.40 -10.57
N HIS F 226 39.41 15.50 -11.30
CA HIS F 226 38.59 16.67 -11.03
C HIS F 226 37.11 16.44 -11.32
N VAL F 227 36.75 16.34 -12.60
CA VAL F 227 35.34 16.34 -13.00
C VAL F 227 35.04 15.25 -14.02
N HIS F 228 35.71 14.10 -13.89
CA HIS F 228 35.76 13.05 -14.91
C HIS F 228 36.59 13.49 -16.12
N ALA F 229 37.58 14.36 -15.89
CA ALA F 229 38.35 14.95 -16.98
C ALA F 229 37.43 15.58 -18.02
N TRP F 230 36.42 16.29 -17.53
CA TRP F 230 35.42 16.98 -18.36
C TRP F 230 34.57 16.00 -19.17
N GLY F 231 34.52 14.74 -18.75
CA GLY F 231 33.76 13.73 -19.45
C GLY F 231 34.39 13.24 -20.73
N LEU F 232 35.63 13.64 -21.00
CA LEU F 232 36.29 13.43 -22.28
C LEU F 232 36.77 12.00 -22.49
N PRO F 233 37.29 11.30 -21.47
CA PRO F 233 37.63 9.88 -21.68
C PRO F 233 36.43 9.05 -22.13
N TYR F 234 35.25 9.31 -21.58
CA TYR F 234 34.06 8.59 -22.02
C TYR F 234 33.74 8.86 -23.48
N MET F 235 33.80 10.13 -23.88
CA MET F 235 33.51 10.51 -25.25
C MET F 235 34.53 9.92 -26.21
N ALA F 236 35.80 9.91 -25.79
CA ALA F 236 36.86 9.41 -26.66
C ALA F 236 36.80 7.90 -26.81
N THR F 237 36.44 7.19 -25.75
CA THR F 237 36.32 5.74 -25.87
C THR F 237 35.06 5.34 -26.60
N MET F 238 34.03 6.17 -26.59
CA MET F 238 32.79 5.91 -27.34
C MET F 238 33.07 6.06 -28.81
N LEU F 239 33.87 7.05 -29.18
CA LEU F 239 34.21 7.23 -30.58
C LEU F 239 35.25 6.22 -31.05
N GLY F 240 35.90 5.50 -30.15
CA GLY F 240 36.90 4.51 -30.51
C GLY F 240 38.17 5.09 -31.11
N VAL F 241 38.60 6.23 -30.61
CA VAL F 241 39.78 6.90 -31.12
C VAL F 241 41.01 6.46 -30.33
N LYS F 242 42.19 6.73 -30.89
CA LYS F 242 43.43 6.50 -30.17
C LYS F 242 43.56 7.47 -29.01
N GLN F 243 44.01 6.96 -27.86
CA GLN F 243 44.13 7.75 -26.65
C GLN F 243 45.54 7.63 -26.10
N VAL F 244 46.10 8.76 -25.68
CA VAL F 244 47.44 8.83 -25.12
C VAL F 244 47.33 9.41 -23.72
N TYR F 245 47.95 8.76 -22.76
CA TYR F 245 47.92 9.20 -21.38
C TYR F 245 49.33 9.56 -20.92
N PRO F 246 49.56 10.78 -20.44
CA PRO F 246 50.93 11.23 -20.18
C PRO F 246 51.43 10.92 -18.77
N GLY F 247 50.53 10.62 -17.85
CA GLY F 247 50.93 10.38 -16.48
C GLY F 247 51.11 11.67 -15.70
N LYS F 248 52.34 11.92 -15.23
CA LYS F 248 52.64 13.15 -14.53
C LYS F 248 53.00 14.23 -15.53
N TYR F 249 52.29 15.37 -15.46
CA TYR F 249 52.44 16.42 -16.45
C TYR F 249 53.80 17.07 -16.33
N VAL F 250 54.58 17.00 -17.41
CA VAL F 250 55.85 17.72 -17.52
C VAL F 250 55.81 18.45 -18.86
N PRO F 251 56.18 19.77 -18.91
CA PRO F 251 56.00 20.40 -20.21
C PRO F 251 56.72 19.86 -21.37
N ASP F 252 57.84 19.24 -21.20
CA ASP F 252 58.61 18.78 -22.30
C ASP F 252 58.41 17.34 -22.59
N VAL F 253 57.61 16.64 -21.81
CA VAL F 253 57.26 15.27 -22.12
C VAL F 253 55.95 15.31 -22.84
N LEU F 254 55.10 16.25 -22.53
CA LEU F 254 53.85 16.45 -23.25
C LEU F 254 54.12 16.87 -24.68
N LEU F 255 55.12 17.74 -24.89
CA LEU F 255 55.47 18.15 -26.24
C LEU F 255 55.98 16.99 -27.07
N ASN F 256 56.79 16.12 -26.46
CA ASN F 256 57.27 14.93 -27.15
C ASN F 256 56.11 14.03 -27.51
N LEU F 257 55.15 13.85 -26.59
CA LEU F 257 53.99 13.03 -26.89
C LEU F 257 53.16 13.61 -28.04
N ILE F 258 52.99 14.93 -28.05
CA ILE F 258 52.23 15.57 -29.12
C ILE F 258 52.94 15.35 -30.46
N GLU F 259 54.25 15.54 -30.49
CA GLU F 259 54.99 15.38 -31.74
C GLU F 259 54.98 13.94 -32.22
N GLN F 260 55.18 12.98 -31.33
CA GLN F 260 55.32 11.60 -31.74
C GLN F 260 54.05 10.79 -31.92
N GLU F 261 53.09 10.96 -31.04
CA GLU F 261 51.84 10.26 -31.19
C GLU F 261 50.84 11.01 -32.05
N LYS F 262 51.18 12.22 -32.51
CA LYS F 262 50.34 13.02 -33.39
C LYS F 262 48.98 13.33 -32.76
N VAL F 263 49.01 13.84 -31.54
CA VAL F 263 47.79 14.20 -30.84
C VAL F 263 47.13 15.39 -31.54
N THR F 264 45.80 15.33 -31.70
CA THR F 264 45.05 16.40 -32.31
C THR F 264 44.05 17.07 -31.38
N PHE F 265 43.60 16.40 -30.34
CA PHE F 265 42.58 16.95 -29.45
C PHE F 265 43.01 16.77 -28.00
N SER F 266 42.88 17.83 -27.21
CA SER F 266 43.28 17.79 -25.81
C SER F 266 42.54 18.90 -25.07
N HIS F 267 42.80 19.01 -23.77
CA HIS F 267 42.16 20.01 -22.94
C HIS F 267 43.00 20.25 -21.70
N CYS F 268 43.16 21.52 -21.34
CA CYS F 268 43.93 21.92 -20.19
C CYS F 268 43.43 23.17 -19.55
N VAL F 269 44.25 23.77 -18.69
CA VAL F 269 43.93 25.04 -18.03
C VAL F 269 44.95 26.06 -18.51
N PRO F 270 44.69 27.37 -18.39
CA PRO F 270 45.60 28.36 -19.00
C PRO F 270 47.05 28.26 -18.55
N THR F 271 47.30 27.83 -17.31
CA THR F 271 48.67 27.76 -16.82
C THR F 271 49.48 26.73 -17.59
N ILE F 272 48.91 25.55 -17.84
CA ILE F 272 49.63 24.51 -18.57
C ILE F 272 49.87 24.94 -20.01
N LEU F 273 48.88 25.60 -20.62
CA LEU F 273 49.06 26.08 -21.99
C LEU F 273 50.16 27.12 -22.07
N HIS F 274 50.21 28.03 -21.10
CA HIS F 274 51.30 29.00 -21.04
C HIS F 274 52.65 28.31 -20.88
N LEU F 275 52.70 27.28 -20.03
CA LEU F 275 53.96 26.57 -19.82
C LEU F 275 54.40 25.84 -21.08
N LEU F 276 53.45 25.31 -21.84
CA LEU F 276 53.80 24.60 -23.07
C LEU F 276 54.27 25.56 -24.16
N LEU F 277 53.54 26.66 -24.37
CA LEU F 277 53.89 27.59 -25.44
C LEU F 277 55.20 28.31 -25.18
N SER F 278 55.65 28.37 -23.94
CA SER F 278 56.92 29.02 -23.60
C SER F 278 58.10 28.07 -23.59
N SER F 279 57.86 26.76 -23.68
CA SER F 279 58.95 25.80 -23.58
C SER F 279 59.89 25.93 -24.78
N PRO F 280 61.20 25.75 -24.57
CA PRO F 280 62.14 25.95 -25.68
C PRO F 280 61.92 25.02 -26.86
N LYS F 281 61.48 23.79 -26.63
CA LYS F 281 61.26 22.86 -27.73
C LYS F 281 60.00 23.16 -28.52
N SER F 282 59.07 23.92 -27.96
CA SER F 282 57.82 24.21 -28.64
C SER F 282 58.05 25.04 -29.89
N LYS F 283 59.03 25.92 -29.87
CA LYS F 283 59.27 26.81 -30.99
C LYS F 283 59.57 26.10 -32.29
N ALA F 284 60.15 24.92 -32.21
CA ALA F 284 60.52 24.14 -33.39
C ALA F 284 59.57 22.97 -33.62
N MET F 285 58.28 23.19 -33.36
CA MET F 285 57.30 22.13 -33.48
C MET F 285 56.13 22.55 -34.32
N ASP F 286 55.50 21.59 -34.97
CA ASP F 286 54.32 21.84 -35.79
C ASP F 286 53.08 21.70 -34.93
N PHE F 287 52.34 22.81 -34.77
CA PHE F 287 51.16 22.83 -33.92
C PHE F 287 49.85 22.92 -34.69
N SER F 288 49.89 23.00 -36.02
CA SER F 288 48.70 23.29 -36.79
C SER F 288 47.88 22.05 -37.08
N GLY F 289 47.64 21.21 -36.08
CA GLY F 289 46.68 20.13 -36.17
C GLY F 289 46.00 19.89 -34.85
N TRP F 290 46.25 20.78 -33.90
CA TRP F 290 45.94 20.58 -32.49
C TRP F 290 44.78 21.49 -32.09
N LYS F 291 43.89 20.95 -31.25
CA LYS F 291 42.62 21.58 -30.89
C LYS F 291 42.42 21.57 -29.38
N VAL F 292 43.37 22.13 -28.63
CA VAL F 292 43.23 22.21 -27.19
C VAL F 292 41.97 23.01 -26.80
N VAL F 293 41.32 22.57 -25.72
CA VAL F 293 40.14 23.22 -25.16
C VAL F 293 40.54 23.78 -23.79
N ILE F 294 40.46 25.09 -23.65
CA ILE F 294 40.91 25.77 -22.43
C ILE F 294 39.65 26.12 -21.63
N GLY F 295 39.26 25.21 -20.73
CA GLY F 295 38.07 25.44 -19.95
C GLY F 295 38.29 25.45 -18.45
N GLY F 296 39.54 25.62 -18.02
CA GLY F 296 39.83 25.64 -16.61
C GLY F 296 39.26 26.84 -15.89
N ALA F 297 39.78 28.03 -16.19
CA ALA F 297 39.24 29.26 -15.61
C ALA F 297 39.68 30.44 -16.45
N ALA F 298 38.75 31.03 -17.20
CA ALA F 298 38.90 32.38 -17.75
C ALA F 298 40.15 32.51 -18.63
N LEU F 299 40.10 31.84 -19.78
CA LEU F 299 41.12 31.97 -20.81
C LEU F 299 41.45 33.44 -21.10
N PRO F 300 42.67 33.89 -20.80
CA PRO F 300 43.04 35.27 -21.12
C PRO F 300 43.12 35.51 -22.61
N LYS F 301 42.91 36.76 -23.00
CA LYS F 301 42.92 37.12 -24.42
C LYS F 301 44.33 37.17 -25.00
N ALA F 302 45.33 37.53 -24.19
CA ALA F 302 46.70 37.58 -24.71
C ALA F 302 47.27 36.19 -24.91
N LEU F 303 46.98 35.27 -23.99
CA LEU F 303 47.38 33.88 -24.19
C LEU F 303 46.68 33.28 -25.39
N CYS F 304 45.40 33.60 -25.57
CA CYS F 304 44.68 33.13 -26.75
C CYS F 304 45.30 33.68 -28.02
N LYS F 305 45.70 34.95 -28.01
CA LYS F 305 46.33 35.54 -29.19
C LYS F 305 47.67 34.89 -29.48
N SER F 306 48.45 34.58 -28.45
CA SER F 306 49.74 33.93 -28.67
C SER F 306 49.57 32.50 -29.17
N ALA F 307 48.52 31.81 -28.69
CA ALA F 307 48.27 30.46 -29.17
C ALA F 307 47.69 30.44 -30.58
N LEU F 308 47.02 31.54 -30.98
CA LEU F 308 46.45 31.59 -32.32
C LEU F 308 47.51 31.82 -33.38
N GLU F 309 48.63 32.43 -33.02
CA GLU F 309 49.69 32.69 -33.99
C GLU F 309 50.47 31.44 -34.35
N ARG F 310 50.40 30.40 -33.54
CA ARG F 310 50.97 29.10 -33.85
C ARG F 310 49.98 28.19 -34.56
N ASP F 311 48.80 28.72 -34.90
CA ASP F 311 47.77 27.99 -35.64
C ASP F 311 47.22 26.82 -34.82
N ILE F 312 46.82 27.13 -33.59
CA ILE F 312 46.19 26.17 -32.68
C ILE F 312 44.73 26.56 -32.55
N ASP F 313 43.84 25.58 -32.71
CA ASP F 313 42.41 25.78 -32.52
C ASP F 313 42.13 25.85 -31.03
N VAL F 314 42.14 27.06 -30.49
CA VAL F 314 41.89 27.30 -29.08
C VAL F 314 40.45 27.77 -28.91
N PHE F 315 39.75 27.21 -27.93
CA PHE F 315 38.44 27.70 -27.57
C PHE F 315 38.18 27.35 -26.11
N ALA F 316 37.22 28.06 -25.52
CA ALA F 316 36.95 27.98 -24.09
C ALA F 316 35.65 27.25 -23.83
N GLY F 317 35.53 26.71 -22.61
CA GLY F 317 34.31 26.07 -22.17
C GLY F 317 34.04 26.40 -20.72
N TYR F 318 32.84 26.12 -20.26
CA TYR F 318 32.46 26.43 -18.90
C TYR F 318 31.84 25.25 -18.20
N GLY F 319 32.27 24.99 -16.99
CA GLY F 319 31.75 23.89 -16.23
C GLY F 319 31.96 24.25 -14.80
N MET F 320 31.43 23.47 -13.88
CA MET F 320 31.49 23.86 -12.48
C MET F 320 31.70 22.79 -11.46
N SER F 321 31.75 21.51 -11.80
CA SER F 321 31.97 20.35 -10.93
C SER F 321 30.71 19.94 -10.17
N GLU F 322 29.67 20.77 -10.25
CA GLU F 322 28.33 20.37 -9.85
C GLU F 322 27.44 20.12 -11.05
N THR F 323 27.98 20.30 -12.26
CA THR F 323 27.17 20.47 -13.45
C THR F 323 27.54 19.50 -14.57
N GLY F 324 28.34 18.47 -14.30
CA GLY F 324 28.59 17.46 -15.30
C GLY F 324 30.02 17.25 -15.77
N PRO F 325 30.80 18.31 -16.04
CA PRO F 325 30.62 19.75 -15.80
C PRO F 325 30.15 20.61 -16.98
N ILE F 326 30.22 20.14 -18.22
CA ILE F 326 30.15 21.04 -19.37
C ILE F 326 28.77 21.68 -19.45
N LEU F 327 28.74 23.00 -19.54
CA LEU F 327 27.52 23.78 -19.71
C LEU F 327 27.52 24.62 -20.97
N SER F 328 28.66 25.21 -21.33
CA SER F 328 28.74 26.07 -22.50
C SER F 328 30.08 25.88 -23.19
N ILE F 329 30.08 26.07 -24.51
CA ILE F 329 31.28 25.92 -25.33
C ILE F 329 31.27 27.02 -26.39
N VAL F 330 32.46 27.55 -26.65
CA VAL F 330 32.64 28.52 -27.73
C VAL F 330 32.62 27.79 -29.05
N GLN F 331 31.70 28.18 -29.94
CA GLN F 331 31.61 27.62 -31.29
C GLN F 331 31.49 28.76 -32.27
N LEU F 332 32.38 28.80 -33.25
CA LEU F 332 32.48 29.91 -34.19
C LEU F 332 31.79 29.57 -35.50
N THR F 333 30.95 30.47 -35.99
CA THR F 333 30.34 30.31 -37.30
C THR F 333 31.36 30.66 -38.38
N PRO F 334 31.18 30.16 -39.60
CA PRO F 334 32.14 30.46 -40.67
C PRO F 334 32.26 31.93 -40.98
N GLU F 335 31.24 32.74 -40.67
CA GLU F 335 31.37 34.18 -40.78
C GLU F 335 32.40 34.73 -39.82
N GLN F 336 32.49 34.14 -38.61
CA GLN F 336 33.44 34.56 -37.59
C GLN F 336 34.82 33.96 -37.76
N LEU F 337 34.96 32.92 -38.57
CA LEU F 337 36.25 32.31 -38.85
C LEU F 337 37.03 33.04 -39.92
N GLU F 338 36.62 34.27 -40.25
CA GLU F 338 37.33 35.09 -41.22
C GLU F 338 37.96 36.34 -40.61
N LEU F 339 37.59 36.69 -39.39
CA LEU F 339 38.16 37.88 -38.76
C LEU F 339 39.64 37.66 -38.47
N ASP F 340 40.35 38.75 -38.17
CA ASP F 340 41.76 38.65 -37.85
C ASP F 340 41.94 38.02 -36.47
N VAL F 341 43.19 37.98 -36.01
CA VAL F 341 43.53 37.31 -34.76
C VAL F 341 42.83 38.00 -33.58
N ASP F 342 42.86 39.33 -33.56
CA ASP F 342 42.37 40.07 -32.40
C ASP F 342 40.89 39.80 -32.15
N GLN F 343 40.06 39.98 -33.18
CA GLN F 343 38.63 39.73 -33.03
C GLN F 343 38.36 38.26 -32.75
N GLN F 344 39.10 37.37 -33.41
CA GLN F 344 38.99 35.95 -33.11
C GLN F 344 39.43 35.65 -31.68
N ALA F 345 40.48 36.32 -31.21
CA ALA F 345 40.91 36.13 -29.82
C ALA F 345 39.82 36.55 -28.85
N GLU F 346 39.10 37.61 -29.15
CA GLU F 346 38.03 38.07 -28.28
C GLU F 346 36.84 37.15 -28.34
N TYR F 347 36.60 36.53 -29.49
CA TYR F 347 35.49 35.59 -29.59
C TYR F 347 35.80 34.27 -28.90
N ARG F 348 37.03 33.78 -29.05
CA ARG F 348 37.39 32.46 -28.54
C ARG F 348 37.58 32.41 -27.04
N SER F 349 37.80 33.56 -26.41
CA SER F 349 38.03 33.63 -24.97
C SER F 349 36.76 33.89 -24.18
N LYS F 350 35.60 33.90 -24.82
CA LYS F 350 34.35 34.07 -24.11
C LYS F 350 33.94 32.77 -23.44
N THR F 351 32.94 32.87 -22.57
CA THR F 351 32.43 31.68 -21.91
C THR F 351 31.71 30.76 -22.89
N GLY F 352 31.03 31.34 -23.88
CA GLY F 352 30.46 30.58 -24.98
C GLY F 352 28.96 30.40 -24.85
N LYS F 353 28.38 29.81 -25.88
CA LYS F 353 26.96 29.52 -25.92
C LYS F 353 26.66 28.20 -25.23
N LYS F 354 25.45 28.08 -24.69
CA LYS F 354 25.06 26.87 -23.99
C LYS F 354 24.90 25.71 -24.97
N VAL F 355 25.22 24.52 -24.47
CA VAL F 355 25.16 23.27 -25.23
C VAL F 355 23.74 22.74 -25.25
N ALA F 356 23.52 21.68 -26.03
CA ALA F 356 22.20 21.07 -26.14
C ALA F 356 21.66 20.67 -24.77
N LEU F 357 20.37 20.95 -24.56
CA LEU F 357 19.59 20.56 -23.39
C LEU F 357 19.93 21.34 -22.12
N VAL F 358 20.42 22.58 -22.27
CA VAL F 358 20.77 23.43 -21.14
C VAL F 358 19.95 24.71 -21.24
N GLU F 359 19.49 25.21 -20.09
CA GLU F 359 18.55 26.34 -20.07
C GLU F 359 19.24 27.68 -19.84
N ALA F 360 20.01 27.82 -18.76
CA ALA F 360 20.99 28.90 -18.60
C ALA F 360 20.34 30.30 -18.64
N TYR F 361 19.58 30.60 -17.58
CA TYR F 361 19.09 31.95 -17.35
C TYR F 361 20.05 32.72 -16.45
N ILE F 362 19.89 34.05 -16.44
CA ILE F 362 20.57 34.91 -15.47
C ILE F 362 19.50 35.65 -14.69
N VAL F 363 19.59 35.58 -13.36
CA VAL F 363 18.59 36.15 -12.47
C VAL F 363 19.27 37.13 -11.53
N ASP F 364 18.45 37.81 -10.74
CA ASP F 364 18.91 38.67 -9.67
C ASP F 364 18.74 37.94 -8.34
N GLU F 365 18.93 38.67 -7.24
CA GLU F 365 18.86 38.06 -5.91
C GLU F 365 17.46 37.55 -5.58
N ASP F 366 16.44 37.96 -6.33
CA ASP F 366 15.07 37.52 -6.11
C ASP F 366 14.58 36.56 -7.19
N MET F 367 15.47 36.07 -8.05
CA MET F 367 15.13 35.12 -9.11
C MET F 367 14.11 35.73 -10.08
N ASN F 368 14.51 36.79 -10.76
CA ASN F 368 13.61 37.56 -11.61
C ASN F 368 13.91 37.45 -13.11
N LYS F 369 14.96 36.71 -13.50
CA LYS F 369 15.23 36.39 -14.90
C LYS F 369 15.40 37.66 -15.74
N LEU F 370 16.50 38.35 -15.46
CA LEU F 370 16.95 39.57 -16.14
C LEU F 370 17.02 39.38 -17.65
N PRO F 371 16.93 40.45 -18.44
CA PRO F 371 16.97 40.32 -19.89
C PRO F 371 18.38 40.04 -20.40
N HIS F 372 18.44 39.56 -21.65
CA HIS F 372 19.71 39.26 -22.32
C HIS F 372 19.98 40.39 -23.30
N ASP F 373 20.55 41.47 -22.77
CA ASP F 373 20.85 42.66 -23.57
C ASP F 373 22.34 42.87 -23.79
N GLY F 374 23.19 42.07 -23.16
CA GLY F 374 24.63 42.21 -23.28
C GLY F 374 25.27 43.14 -22.28
N GLU F 375 24.49 43.76 -21.40
CA GLU F 375 25.05 44.67 -20.41
C GLU F 375 24.67 44.28 -18.98
N THR F 376 23.42 43.90 -18.78
CA THR F 376 22.92 43.64 -17.43
C THR F 376 23.49 42.33 -16.90
N ALA F 377 24.06 42.37 -15.71
CA ALA F 377 24.69 41.22 -15.09
C ALA F 377 23.80 40.63 -14.00
N GLY F 378 23.97 39.33 -13.77
CA GLY F 378 23.23 38.61 -12.76
C GLY F 378 23.83 37.23 -12.62
N GLU F 379 23.28 36.46 -11.70
CA GLU F 379 23.83 35.13 -11.44
C GLU F 379 23.19 34.11 -12.36
N ILE F 380 24.01 33.19 -12.87
CA ILE F 380 23.56 32.18 -13.81
C ILE F 380 22.91 31.04 -13.05
N VAL F 381 21.71 30.67 -13.47
CA VAL F 381 20.98 29.51 -12.93
C VAL F 381 20.61 28.61 -14.10
N VAL F 382 20.82 27.31 -13.94
CA VAL F 382 20.77 26.37 -15.06
C VAL F 382 19.89 25.17 -14.72
N ARG F 383 19.39 24.54 -15.77
CA ARG F 383 18.76 23.22 -15.71
C ARG F 383 19.34 22.37 -16.81
N ALA F 384 19.74 21.15 -16.49
CA ALA F 384 20.41 20.27 -17.44
C ALA F 384 20.16 18.84 -17.01
N PRO F 385 20.32 17.88 -17.93
CA PRO F 385 20.09 16.47 -17.57
C PRO F 385 21.18 15.87 -16.69
N TRP F 386 22.25 16.59 -16.37
CA TRP F 386 23.41 15.99 -15.71
C TRP F 386 23.91 16.86 -14.55
N LEU F 387 22.99 17.29 -13.68
CA LEU F 387 23.33 18.07 -12.50
C LEU F 387 23.11 17.26 -11.25
N THR F 388 23.96 17.49 -10.24
CA THR F 388 23.79 16.81 -8.96
C THR F 388 22.52 17.27 -8.28
N PRO F 389 21.66 16.36 -7.80
CA PRO F 389 20.46 16.80 -7.09
C PRO F 389 20.74 17.56 -5.81
N ASN F 390 21.85 17.25 -5.13
CA ASN F 390 22.17 17.86 -3.86
C ASN F 390 23.64 17.57 -3.55
N TYR F 391 24.08 18.01 -2.39
CA TYR F 391 25.37 17.61 -1.84
C TYR F 391 25.17 16.35 -1.01
N TYR F 392 26.19 15.51 -0.98
CA TYR F 392 26.09 14.25 -0.25
C TYR F 392 26.08 14.52 1.25
N LYS F 393 25.09 13.94 1.95
CA LYS F 393 24.95 14.08 3.40
C LYS F 393 24.85 15.54 3.83
N ASP F 394 24.18 16.36 3.03
CA ASP F 394 24.02 17.77 3.35
C ASP F 394 22.58 18.18 3.12
N ASN F 395 22.08 19.08 3.96
CA ASN F 395 20.70 19.53 3.88
C ASN F 395 20.56 21.02 3.60
N LYS F 396 21.21 21.88 4.38
CA LYS F 396 21.06 23.32 4.21
C LYS F 396 21.82 23.83 2.99
N ASN F 397 23.04 23.33 2.78
CA ASN F 397 23.77 23.69 1.57
C ASN F 397 23.08 23.15 0.33
N SER F 398 22.48 21.97 0.42
CA SER F 398 21.73 21.41 -0.69
C SER F 398 20.53 22.29 -1.04
N LYS F 399 19.86 22.81 -0.01
CA LYS F 399 18.74 23.71 -0.26
C LYS F 399 19.19 25.04 -0.84
N ALA F 400 20.34 25.54 -0.38
CA ALA F 400 20.85 26.79 -0.94
C ALA F 400 21.31 26.61 -2.37
N LEU F 401 21.70 25.39 -2.76
CA LEU F 401 22.17 25.15 -4.11
C LEU F 401 21.02 25.17 -5.12
N TRP F 402 19.91 24.50 -4.81
CA TRP F 402 18.79 24.37 -5.74
C TRP F 402 17.66 25.32 -5.41
N ARG F 403 17.98 26.50 -4.90
CA ARG F 403 16.96 27.45 -4.49
C ARG F 403 16.16 27.94 -5.68
N GLY F 404 14.84 27.96 -5.53
CA GLY F 404 13.99 28.49 -6.58
C GLY F 404 13.82 27.60 -7.79
N GLY F 405 14.13 26.31 -7.67
CA GLY F 405 13.93 25.39 -8.78
C GLY F 405 15.03 25.41 -9.83
N TYR F 406 16.14 26.09 -9.56
CA TYR F 406 17.25 26.15 -10.48
C TYR F 406 18.54 25.89 -9.72
N LEU F 407 19.55 25.39 -10.43
CA LEU F 407 20.85 25.20 -9.81
C LEU F 407 21.64 26.49 -9.86
N HIS F 408 22.11 26.99 -8.74
CA HIS F 408 22.79 28.24 -8.70
C HIS F 408 24.21 28.02 -8.89
N THR F 409 24.81 28.65 -9.87
CA THR F 409 26.19 28.41 -10.18
C THR F 409 27.13 29.14 -9.32
N GLY F 410 26.81 30.37 -8.97
CA GLY F 410 27.71 31.18 -8.19
C GLY F 410 28.51 32.17 -8.98
N ASP F 411 28.27 32.30 -10.28
CA ASP F 411 28.99 33.23 -11.15
C ASP F 411 28.05 34.32 -11.62
N VAL F 412 28.61 35.52 -11.81
CA VAL F 412 27.88 36.67 -12.30
C VAL F 412 28.37 36.96 -13.72
N ALA F 413 27.43 36.99 -14.66
CA ALA F 413 27.72 37.11 -16.09
C ALA F 413 26.60 37.89 -16.76
N HIS F 414 26.85 38.29 -18.01
CA HIS F 414 25.82 38.86 -18.86
C HIS F 414 25.79 38.07 -20.17
N ILE F 415 24.61 38.04 -20.80
CA ILE F 415 24.38 37.23 -21.99
C ILE F 415 23.97 38.16 -23.13
N ASP F 416 24.61 37.98 -24.28
CA ASP F 416 24.26 38.75 -25.47
C ASP F 416 22.94 38.26 -26.05
N ASP F 417 22.39 39.06 -26.96
CA ASP F 417 21.24 38.62 -27.73
C ASP F 417 21.58 37.41 -28.60
N GLU F 418 22.80 37.38 -29.14
CA GLU F 418 23.23 36.24 -29.94
C GLU F 418 23.26 34.97 -29.11
N GLY F 419 23.72 35.05 -27.87
CA GLY F 419 23.73 33.90 -26.99
C GLY F 419 25.04 33.70 -26.27
N PHE F 420 26.03 34.54 -26.61
CA PHE F 420 27.34 34.43 -25.99
C PHE F 420 27.29 34.87 -24.55
N ILE F 421 27.87 34.07 -23.66
CA ILE F 421 27.94 34.38 -22.24
C ILE F 421 29.35 34.89 -21.94
N LYS F 422 29.43 35.84 -21.01
CA LYS F 422 30.73 36.34 -20.54
C LYS F 422 30.63 36.49 -19.03
N ILE F 423 31.34 35.63 -18.29
CA ILE F 423 31.33 35.71 -16.84
C ILE F 423 32.15 36.91 -16.39
N THR F 424 31.55 37.77 -15.58
CA THR F 424 32.23 38.95 -15.09
C THR F 424 32.90 38.71 -13.75
N ASP F 425 32.23 38.03 -12.82
CA ASP F 425 32.80 37.88 -11.48
C ASP F 425 32.14 36.71 -10.78
N ARG F 426 32.41 36.57 -9.48
CA ARG F 426 31.74 35.63 -8.60
C ARG F 426 30.69 36.34 -7.77
N VAL F 427 29.69 35.59 -7.34
CA VAL F 427 28.60 36.18 -6.57
C VAL F 427 29.11 36.71 -5.24
N LYS F 428 29.99 35.95 -4.57
CA LYS F 428 30.50 36.34 -3.27
C LYS F 428 31.54 37.45 -3.34
N ASP F 429 32.10 37.74 -4.51
CA ASP F 429 33.14 38.75 -4.66
C ASP F 429 32.58 40.08 -5.17
N MET F 430 31.26 40.23 -5.22
CA MET F 430 30.67 41.47 -5.70
C MET F 430 30.83 42.58 -4.67
N ILE F 431 31.22 43.78 -5.10
CA ILE F 431 31.26 44.88 -4.13
C ILE F 431 29.88 45.55 -4.02
N LYS F 432 29.31 45.47 -2.81
CA LYS F 432 27.97 45.99 -2.48
C LYS F 432 28.02 47.47 -2.11
N ILE F 433 28.77 48.23 -2.91
CA ILE F 433 28.88 49.66 -2.65
C ILE F 433 27.50 50.21 -2.70
N SER F 434 27.05 50.75 -1.59
CA SER F 434 25.74 51.37 -1.49
C SER F 434 24.65 50.49 -2.12
N GLY F 435 24.01 50.99 -3.17
CA GLY F 435 22.91 50.31 -3.80
C GLY F 435 23.17 49.67 -5.15
N GLU F 436 24.43 49.53 -5.56
CA GLU F 436 24.75 48.90 -6.83
C GLU F 436 25.80 47.81 -6.60
N TRP F 437 25.89 46.90 -7.57
CA TRP F 437 26.83 45.80 -7.55
C TRP F 437 27.92 46.05 -8.57
N VAL F 438 29.17 45.95 -8.14
CA VAL F 438 30.33 46.17 -9.01
C VAL F 438 31.22 44.94 -8.95
N SER F 439 31.70 44.51 -10.11
CA SER F 439 32.63 43.38 -10.17
C SER F 439 34.01 43.83 -9.70
N SER F 440 34.62 43.00 -8.85
CA SER F 440 35.98 43.24 -8.41
C SER F 440 37.03 42.68 -9.36
N LEU F 441 36.62 41.85 -10.34
CA LEU F 441 37.58 41.28 -11.26
C LEU F 441 38.10 42.32 -12.24
N GLU F 442 37.22 43.18 -12.76
CA GLU F 442 37.62 44.18 -13.74
C GLU F 442 38.61 45.18 -13.17
N LEU F 443 38.64 45.37 -11.86
CA LEU F 443 39.61 46.28 -11.25
C LEU F 443 40.99 45.65 -11.16
N GLU F 444 41.05 44.34 -10.89
CA GLU F 444 42.33 43.69 -10.64
C GLU F 444 43.25 43.75 -11.87
N ASP F 445 42.70 43.50 -13.06
CA ASP F 445 43.52 43.48 -14.26
C ASP F 445 44.03 44.87 -14.61
N ILE F 446 43.27 45.91 -14.27
CA ILE F 446 43.71 47.28 -14.51
C ILE F 446 44.98 47.58 -13.70
N LEU F 447 44.98 47.18 -12.43
CA LEU F 447 46.19 47.29 -11.63
C LEU F 447 47.28 46.37 -12.13
N HIS F 448 46.90 45.20 -12.66
CA HIS F 448 47.89 44.27 -13.20
C HIS F 448 48.64 44.86 -14.38
N GLN F 449 48.01 45.81 -15.09
CA GLN F 449 48.67 46.43 -16.25
C GLN F 449 49.87 47.27 -15.86
N HIS F 450 50.02 47.62 -14.58
CA HIS F 450 51.16 48.38 -14.13
C HIS F 450 52.44 47.58 -14.29
N GLN F 451 53.56 48.30 -14.47
CA GLN F 451 54.85 47.68 -14.71
C GLN F 451 55.55 47.22 -13.43
N SER F 452 55.04 47.60 -12.26
CA SER F 452 55.70 47.29 -10.99
C SER F 452 54.80 46.52 -10.03
N VAL F 453 53.82 45.78 -10.55
CA VAL F 453 52.91 44.98 -9.73
C VAL F 453 52.96 43.54 -10.23
N SER F 454 53.01 42.60 -9.30
CA SER F 454 53.08 41.18 -9.62
C SER F 454 51.74 40.47 -9.51
N GLU F 455 50.93 40.80 -8.50
CA GLU F 455 49.64 40.16 -8.32
C GLU F 455 48.74 41.07 -7.49
N VAL F 456 47.47 41.17 -7.87
CA VAL F 456 46.51 42.05 -7.23
C VAL F 456 45.32 41.21 -6.75
N ALA F 457 44.92 41.42 -5.51
CA ALA F 457 43.71 40.86 -4.96
C ALA F 457 42.86 42.00 -4.40
N VAL F 458 41.58 42.03 -4.78
CA VAL F 458 40.67 43.10 -4.40
C VAL F 458 39.55 42.51 -3.56
N ILE F 459 39.38 43.06 -2.36
CA ILE F 459 38.30 42.67 -1.45
C ILE F 459 37.54 43.93 -1.05
N GLY F 460 36.54 43.76 -0.19
CA GLY F 460 35.69 44.88 0.18
C GLY F 460 35.56 45.10 1.67
N MET F 461 35.89 46.31 2.12
CA MET F 461 35.75 46.68 3.53
C MET F 461 34.45 47.42 3.77
N PRO F 462 33.75 47.13 4.86
CA PRO F 462 32.52 47.84 5.17
C PRO F 462 32.77 49.32 5.42
N HIS F 463 31.81 50.13 4.98
CA HIS F 463 31.89 51.58 5.10
C HIS F 463 30.47 52.11 5.24
N ASN F 464 30.23 52.94 6.24
CA ASN F 464 28.88 53.20 6.73
C ASN F 464 27.88 53.65 5.67
N LYS F 465 28.26 54.59 4.81
CA LYS F 465 27.27 55.21 3.94
C LYS F 465 27.17 54.52 2.59
N TRP F 466 28.30 54.13 1.99
CA TRP F 466 28.22 53.35 0.74
C TRP F 466 28.42 51.86 0.97
N GLY F 467 28.18 51.33 2.15
CA GLY F 467 28.35 49.89 2.34
C GLY F 467 29.78 49.46 2.14
N GLU F 468 29.97 48.23 1.71
CA GLU F 468 31.31 47.69 1.45
C GLU F 468 31.91 48.36 0.21
N VAL F 469 33.16 48.77 0.31
CA VAL F 469 33.80 49.57 -0.73
C VAL F 469 35.05 48.85 -1.25
N PRO F 470 35.63 49.28 -2.36
CA PRO F 470 36.79 48.58 -2.91
C PRO F 470 38.03 48.72 -2.04
N LEU F 471 38.91 47.72 -2.15
CA LEU F 471 40.19 47.73 -1.47
C LEU F 471 41.12 46.77 -2.20
N ALA F 472 42.28 47.26 -2.63
CA ALA F 472 43.20 46.51 -3.46
C ALA F 472 44.47 46.17 -2.70
N LEU F 473 44.85 44.90 -2.72
CA LEU F 473 46.09 44.42 -2.12
C LEU F 473 47.02 43.98 -3.25
N VAL F 474 48.21 44.58 -3.30
CA VAL F 474 49.13 44.40 -4.41
C VAL F 474 50.48 43.96 -3.87
N THR F 475 51.15 43.09 -4.61
CA THR F 475 52.52 42.68 -4.34
C THR F 475 53.41 43.17 -5.47
N LEU F 476 54.46 43.90 -5.13
CA LEU F 476 55.31 44.52 -6.13
C LEU F 476 56.33 43.52 -6.67
N LYS F 477 56.97 43.90 -7.78
CA LYS F 477 57.91 43.02 -8.46
C LYS F 477 59.28 43.09 -7.78
N GLU F 478 60.25 42.40 -8.38
CA GLU F 478 61.63 42.43 -7.86
C GLU F 478 62.26 43.77 -8.20
N ASP F 479 62.90 44.38 -7.19
CA ASP F 479 63.63 45.64 -7.34
C ASP F 479 62.72 46.76 -7.87
N ALA F 480 61.45 46.73 -7.51
CA ALA F 480 60.49 47.78 -7.84
C ALA F 480 59.85 48.28 -6.55
N GLN F 481 59.86 49.60 -6.36
CA GLN F 481 59.34 50.19 -5.13
C GLN F 481 58.62 51.49 -5.49
N VAL F 482 57.30 51.41 -5.63
CA VAL F 482 56.46 52.57 -5.83
C VAL F 482 55.43 52.61 -4.70
N THR F 483 55.27 53.78 -4.11
CA THR F 483 54.36 53.92 -2.99
C THR F 483 52.91 53.79 -3.45
N GLU F 484 52.01 53.59 -2.49
CA GLU F 484 50.60 53.42 -2.81
C GLU F 484 50.00 54.66 -3.47
N LYS F 485 50.60 55.84 -3.26
CA LYS F 485 50.09 57.05 -3.89
C LYS F 485 50.20 56.97 -5.41
N GLU F 486 51.32 56.47 -5.92
CA GLU F 486 51.47 56.32 -7.37
C GLU F 486 50.47 55.32 -7.93
N LEU F 487 50.28 54.19 -7.23
CA LEU F 487 49.35 53.18 -7.70
C LEU F 487 47.93 53.71 -7.74
N LEU F 488 47.56 54.52 -6.75
CA LEU F 488 46.23 55.14 -6.75
C LEU F 488 46.02 56.00 -8.00
N GLY F 489 47.05 56.74 -8.40
CA GLY F 489 46.96 57.56 -9.60
C GLY F 489 47.06 56.78 -10.90
N PHE F 490 47.63 55.56 -10.85
CA PHE F 490 47.72 54.75 -12.06
C PHE F 490 46.34 54.32 -12.55
N ALA F 491 45.48 53.89 -11.65
CA ALA F 491 44.13 53.48 -12.03
C ALA F 491 43.23 54.66 -12.30
N LYS F 492 43.49 55.81 -11.68
CA LYS F 492 42.67 57.00 -11.89
C LYS F 492 42.77 57.51 -13.31
N ASP F 493 43.77 57.09 -14.07
CA ASP F 493 43.95 57.57 -15.43
C ASP F 493 42.82 57.09 -16.35
N PHE F 494 42.19 55.97 -16.03
CA PHE F 494 41.10 55.47 -16.86
C PHE F 494 39.82 56.25 -16.59
N ILE F 495 38.79 55.94 -17.37
CA ILE F 495 37.51 56.62 -17.29
C ILE F 495 36.37 55.61 -17.38
N ASN F 496 35.13 56.10 -17.48
CA ASN F 496 33.95 55.30 -17.77
C ASN F 496 33.69 54.28 -16.65
N LYS F 497 33.42 54.81 -15.46
CA LYS F 497 32.95 54.01 -14.34
C LYS F 497 31.81 54.76 -13.66
N GLY F 498 30.99 54.02 -12.92
CA GLY F 498 29.84 54.57 -12.26
C GLY F 498 30.17 55.27 -10.96
N ILE F 499 29.15 55.43 -10.12
CA ILE F 499 29.21 56.03 -8.78
C ILE F 499 30.00 57.34 -8.81
N LEU F 500 30.92 57.55 -7.85
CA LEU F 500 31.60 58.83 -7.67
C LEU F 500 32.67 58.97 -8.75
N ALA F 501 32.38 59.77 -9.77
CA ALA F 501 33.29 60.00 -10.90
C ALA F 501 33.69 58.69 -11.55
N ARG F 502 34.87 58.17 -11.18
CA ARG F 502 35.34 56.89 -11.65
C ARG F 502 35.69 55.95 -10.50
N GLU F 503 35.08 56.16 -9.32
CA GLU F 503 35.43 55.38 -8.11
C GLU F 503 36.89 55.64 -7.74
N ALA F 504 37.21 56.87 -7.30
CA ALA F 504 38.62 57.20 -7.04
C ALA F 504 39.07 57.25 -5.57
N LEU F 505 38.37 58.01 -4.73
CA LEU F 505 38.75 58.18 -3.32
C LEU F 505 38.56 57.00 -2.36
N LEU F 506 38.07 55.86 -2.84
CA LEU F 506 37.78 54.72 -1.95
C LEU F 506 38.67 53.49 -2.15
N LEU F 507 39.59 53.51 -3.12
CA LEU F 507 40.51 52.44 -3.45
C LEU F 507 41.33 51.99 -2.24
N LYS F 508 42.04 52.93 -1.60
CA LYS F 508 42.81 52.65 -0.39
C LYS F 508 43.79 51.49 -0.59
N VAL F 509 44.50 51.52 -1.72
CA VAL F 509 45.37 50.40 -2.07
C VAL F 509 46.43 50.20 -0.99
N LYS F 510 46.76 48.93 -0.73
CA LYS F 510 47.76 48.56 0.25
C LYS F 510 48.77 47.60 -0.39
N ILE F 511 49.99 47.63 0.12
CA ILE F 511 51.08 46.79 -0.38
C ILE F 511 51.27 45.62 0.58
N VAL F 512 51.26 44.41 0.04
CA VAL F 512 51.35 43.19 0.83
C VAL F 512 52.58 42.41 0.41
N ASP F 513 53.35 41.93 1.39
CA ASP F 513 54.54 41.13 1.10
C ASP F 513 54.18 39.80 0.48
N GLU F 514 53.18 39.11 1.05
CA GLU F 514 52.76 37.81 0.55
C GLU F 514 51.26 37.67 0.72
N ILE F 515 50.62 37.04 -0.27
CA ILE F 515 49.17 36.92 -0.32
C ILE F 515 48.80 35.47 -0.04
N ALA F 516 47.82 35.26 0.85
CA ALA F 516 47.39 33.93 1.21
C ALA F 516 46.76 33.22 0.01
N LYS F 517 47.15 31.97 -0.22
CA LYS F 517 46.63 31.16 -1.30
C LYS F 517 46.07 29.86 -0.74
N THR F 518 45.11 29.29 -1.45
CA THR F 518 44.51 28.03 -1.03
C THR F 518 45.47 26.87 -1.32
N SER F 519 45.01 25.66 -1.03
CA SER F 519 45.87 24.49 -1.24
C SER F 519 46.18 24.28 -2.72
N VAL F 520 45.18 24.41 -3.59
CA VAL F 520 45.42 24.21 -5.02
C VAL F 520 46.27 25.34 -5.61
N GLY F 521 46.05 26.58 -5.17
CA GLY F 521 46.81 27.70 -5.69
C GLY F 521 45.94 28.87 -6.05
N LYS F 522 44.66 28.80 -5.69
CA LYS F 522 43.70 29.86 -5.94
C LYS F 522 43.73 30.86 -4.80
N VAL F 523 43.69 32.16 -5.13
CA VAL F 523 43.82 33.20 -4.13
C VAL F 523 42.66 33.09 -3.14
N ASP F 524 42.98 33.17 -1.85
CA ASP F 524 42.01 32.92 -0.79
C ASP F 524 41.47 34.27 -0.32
N LYS F 525 40.37 34.71 -0.93
CA LYS F 525 39.79 36.01 -0.59
C LYS F 525 38.99 36.00 0.70
N LYS F 526 38.77 34.83 1.31
CA LYS F 526 38.06 34.78 2.57
C LYS F 526 38.98 35.09 3.75
N GLU F 527 40.12 34.41 3.82
CA GLU F 527 41.08 34.70 4.89
C GLU F 527 41.77 36.05 4.66
N LEU F 528 41.83 36.51 3.41
CA LEU F 528 42.32 37.87 3.16
C LEU F 528 41.43 38.89 3.84
N ARG F 529 40.12 38.66 3.82
CA ARG F 529 39.20 39.52 4.56
C ARG F 529 39.43 39.39 6.07
N LYS F 530 39.72 38.17 6.54
CA LYS F 530 39.91 37.95 7.97
C LYS F 530 41.10 38.73 8.50
N LEU F 531 42.22 38.70 7.78
CA LEU F 531 43.44 39.34 8.27
C LEU F 531 43.50 40.83 7.96
N HIS F 532 42.59 41.35 7.14
CA HIS F 532 42.63 42.76 6.79
C HIS F 532 41.51 43.54 7.46
N LEU F 533 40.33 42.95 7.52
CA LEU F 533 39.36 43.27 8.56
C LEU F 533 39.82 42.65 9.87
C1 OLA G . -37.42 -21.35 13.09
O1 OLA G . -36.86 -20.23 13.00
O2 OLA G . -38.61 -21.41 13.50
C2 OLA G . -36.68 -22.63 12.73
C3 OLA G . -35.99 -22.54 11.37
C4 OLA G . -36.67 -23.49 10.39
C5 OLA G . -37.86 -22.80 9.75
C6 OLA G . -37.67 -22.78 8.24
C7 OLA G . -38.29 -24.04 7.68
C8 OLA G . -38.03 -24.00 6.18
C9 OLA G . -39.17 -24.72 5.48
C10 OLA G . -40.34 -23.83 5.12
C11 OLA G . -39.93 -22.55 4.39
C12 OLA G . -41.09 -22.05 3.55
C13 OLA G . -40.97 -22.60 2.14
C14 OLA G . -40.94 -21.45 1.13
C15 OLA G . -42.37 -21.10 0.73
C16 OLA G . -42.34 -19.93 -0.23
C17 OLA G . -41.91 -20.43 -1.61
C18 OLA G . -43.09 -20.41 -2.56
H21 OLA G . -37.39 -23.45 12.71
H22 OLA G . -35.92 -22.83 13.48
H31 OLA G . -34.95 -22.82 11.47
H32 OLA G . -36.05 -21.52 10.99
H41 OLA G . -37.00 -24.39 10.90
H42 OLA G . -35.96 -23.77 9.62
H51 OLA G . -37.91 -21.78 10.12
H52 OLA G . -38.76 -23.33 10.00
H61 OLA G . -36.62 -22.74 7.98
H62 OLA G . -38.17 -21.92 7.82
H71 OLA G . -39.36 -24.03 7.87
H72 OLA G . -37.83 -24.91 8.11
H81 OLA G . -37.10 -24.50 5.97
H82 OLA G . -37.95 -22.96 5.87
H9 OLA G . -39.53 -25.52 6.13
H10 OLA G . -41.04 -24.37 4.50
H111 OLA G . -39.06 -22.76 3.77
H112 OLA G . -39.65 -21.79 5.12
H121 OLA G . -41.08 -20.96 3.53
H122 OLA G . -42.02 -22.39 3.99
H131 OLA G . -41.84 -23.22 1.92
H132 OLA G . -40.08 -23.19 2.04
H141 OLA G . -40.38 -21.76 0.26
H142 OLA G . -40.46 -20.58 1.58
H151 OLA G . -42.92 -20.82 1.63
H152 OLA G . -42.83 -21.96 0.26
H161 OLA G . -41.63 -19.19 0.12
H162 OLA G . -43.32 -19.48 -0.30
H171 OLA G . -41.54 -21.45 -1.51
H172 OLA G . -41.12 -19.79 -1.99
H181 OLA G . -44.00 -20.61 -2.01
H182 OLA G . -43.14 -19.43 -3.01
H183 OLA G . -42.96 -21.16 -3.33
C1 OLA H . -9.96 -3.46 43.78
O1 OLA H . -9.60 -4.09 42.76
O2 OLA H . -10.04 -4.05 44.89
C2 OLA H . -10.33 -1.98 43.69
C3 OLA H . -9.27 -1.16 42.96
C4 OLA H . -8.60 -0.20 43.94
C5 OLA H . -7.46 -0.92 44.63
C6 OLA H . -6.16 -0.17 44.37
C7 OLA H . -5.98 0.86 45.46
C8 OLA H . -4.72 1.62 45.12
C9 OLA H . -4.08 2.08 46.42
C10 OLA H . -3.10 1.07 47.02
C11 OLA H . -2.08 0.56 46.02
C12 OLA H . -0.83 0.10 46.77
C13 OLA H . 0.18 1.24 46.83
C14 OLA H . 1.49 0.80 46.21
C15 OLA H . 2.36 0.15 47.28
C16 OLA H . 3.66 -0.32 46.65
C17 OLA H . 4.56 0.88 46.42
C18 OLA H . 5.73 0.85 47.40
H21 OLA H . -10.44 -1.59 44.70
H22 OLA H . -11.27 -1.88 43.17
H31 OLA H . -9.75 -0.58 42.17
H32 OLA H . -8.53 -1.82 42.52
H41 OLA H . -9.31 0.15 44.68
H42 OLA H . -8.20 0.64 43.40
H51 OLA H . -7.37 -1.92 44.23
H52 OLA H . -7.64 -0.96 45.69
H61 OLA H . -6.19 0.33 43.40
H62 OLA H . -5.33 -0.85 44.39
H71 OLA H . -5.87 0.36 46.42
H72 OLA H . -6.82 1.53 45.48
H81 OLA H . -4.97 2.48 44.53
H82 OLA H . -4.06 0.97 44.55
H9 OLA H . -4.86 2.28 47.14
H10 OLA H . -2.58 1.54 47.85
H111 OLA H . -1.82 1.35 45.32
H112 OLA H . -2.50 -0.28 45.47
H121 OLA H . -0.40 -0.76 46.26
H122 OLA H . -1.11 -0.19 47.77
H131 OLA H . 0.35 1.50 47.87
H132 OLA H . -0.20 2.10 46.30
H141 OLA H . 2.01 1.67 45.80
H142 OLA H . 1.32 0.09 45.41
H151 OLA H . 1.83 -0.70 47.70
H152 OLA H . 2.57 0.88 48.06
H161 OLA H . 3.44 -0.80 45.70
H162 OLA H . 4.15 -1.02 47.32
H171 OLA H . 4.00 1.79 46.57
H172 OLA H . 4.95 0.85 45.41
H181 OLA H . 5.40 0.40 48.33
H182 OLA H . 6.53 0.26 46.97
H183 OLA H . 6.09 1.86 47.58
C1 OLA I . 31.26 10.90 30.51
O1 OLA I . 30.39 11.35 29.74
O2 OLA I . 31.87 11.69 31.28
C2 OLA I . 31.62 9.42 30.52
C3 OLA I . 30.37 8.53 30.62
C4 OLA I . 30.36 7.81 31.96
C5 OLA I . 29.72 8.70 33.00
C6 OLA I . 28.52 7.98 33.61
C7 OLA I . 28.99 7.18 34.80
C8 OLA I . 27.78 6.45 35.31
C9 OLA I . 27.95 6.26 36.82
C10 OLA I . 27.38 7.40 37.64
C11 OLA I . 25.95 7.78 37.26
C12 OLA I . 25.27 8.43 38.44
C13 OLA I . 24.50 7.38 39.24
C14 OLA I . 23.03 7.77 39.33
C15 OLA I . 22.83 8.65 40.56
C16 OLA I . 21.36 9.07 40.63
C17 OLA I . 20.54 7.89 41.13
C18 OLA I . 20.06 8.16 42.56
H21 OLA I . 32.26 9.22 31.37
H22 OLA I . 32.14 9.17 29.60
H31 OLA I . 30.39 7.80 29.82
H32 OLA I . 29.48 9.14 30.51
H41 OLA I . 31.37 7.56 32.26
H42 OLA I . 29.79 6.90 31.87
H51 OLA I . 29.39 9.62 32.53
H52 OLA I . 30.43 8.93 33.79
H61 OLA I . 28.07 7.32 32.87
H62 OLA I . 27.78 8.69 33.93
H71 OLA I . 29.37 7.86 35.56
H72 OLA I . 29.75 6.48 34.48
H81 OLA I . 27.73 5.47 34.85
H82 OLA I . 26.88 7.00 35.07
H9 OLA I . 29.00 6.15 37.04
H10 OLA I . 27.39 7.13 38.69
H111 OLA I . 25.41 6.89 36.95
H112 OLA I . 25.98 8.48 36.43
H121 OLA I . 24.58 9.20 38.09
H122 OLA I . 26.01 8.89 39.08
H131 OLA I . 24.91 7.33 40.24
H132 OLA I . 24.59 6.42 38.76
H141 OLA I . 22.43 6.87 39.42
H142 OLA I . 22.73 8.31 38.45
H151 OLA I . 23.46 9.53 40.48
H152 OLA I . 23.10 8.09 41.45
H161 OLA I . 21.03 9.35 39.65
H162 OLA I . 21.27 9.91 41.32
H171 OLA I . 21.15 6.99 41.14
H172 OLA I . 19.68 7.75 40.50
H181 OLA I . 20.81 8.75 43.08
H182 OLA I . 19.13 8.70 42.51
H183 OLA I . 19.91 7.23 43.08
C1 OLA J . -31.01 -10.77 -30.83
O1 OLA J . -29.92 -11.11 -30.31
O2 OLA J . -31.55 -11.51 -31.68
C2 OLA J . -31.68 -9.45 -30.45
C3 OLA J . -31.78 -9.27 -28.93
C4 OLA J . -33.24 -9.32 -28.51
C5 OLA J . -33.65 -10.76 -28.28
C6 OLA J . -34.14 -10.93 -26.86
C7 OLA J . -35.63 -10.66 -26.83
C8 OLA J . -36.05 -10.78 -25.39
C9 OLA J . -37.50 -11.26 -25.35
C10 OLA J . -37.64 -12.78 -25.33
C11 OLA J . -36.77 -13.45 -24.27
C12 OLA J . -37.38 -14.79 -23.89
C13 OLA J . -38.30 -14.62 -22.68
C14 OLA J . -37.84 -15.53 -21.55
C15 OLA J . -38.54 -16.87 -21.71
C16 OLA J . -38.06 -17.81 -20.60
C17 OLA J . -38.74 -17.41 -19.30
C18 OLA J . -39.76 -18.47 -18.91
H21 OLA J . -32.68 -9.43 -30.87
H22 OLA J . -31.11 -8.63 -30.85
H31 OLA J . -31.37 -8.30 -28.65
H32 OLA J . -31.22 -10.05 -28.42
H41 OLA J . -33.88 -8.87 -29.26
H42 OLA J . -33.37 -8.77 -27.58
H51 OLA J . -32.80 -11.40 -28.45
H52 OLA J . -34.45 -11.03 -28.97
H61 OLA J . -33.64 -10.24 -26.19
H62 OLA J . -33.96 -11.93 -26.51
H71 OLA J . -36.15 -11.40 -27.43
H72 OLA J . -35.83 -9.66 -27.20
H81 OLA J . -36.00 -9.80 -24.92
H82 OLA J . -35.38 -11.45 -24.87
H9 OLA J . -38.01 -10.88 -26.22
H10 OLA J . -38.67 -13.04 -25.15
H111 OLA J . -36.71 -12.81 -23.40
H112 OLA J . -35.77 -13.61 -24.67
H121 OLA J . -36.60 -15.50 -23.67
H122 OLA J . -37.97 -15.15 -24.72
H131 OLA J . -39.31 -14.87 -22.95
H132 OLA J . -38.27 -13.58 -22.34
H141 OLA J . -38.11 -15.08 -20.61
H142 OLA J . -36.77 -15.67 -21.59
H151 OLA J . -38.29 -17.30 -22.67
H152 OLA J . -39.61 -16.75 -21.62
H161 OLA J . -36.99 -17.71 -20.49
H162 OLA J . -38.31 -18.83 -20.86
H171 OLA J . -39.24 -16.47 -19.42
H172 OLA J . -38.00 -17.35 -18.51
H181 OLA J . -40.20 -18.90 -19.81
H182 OLA J . -39.26 -19.24 -18.34
H183 OLA J . -40.54 -18.03 -18.31
C1 OLA K . 9.59 3.28 -43.87
O1 OLA K . 8.91 3.77 -42.93
O2 OLA K . 9.56 3.83 -45.00
C2 OLA K . 10.43 2.02 -43.67
C3 OLA K . 11.32 2.11 -42.42
C4 OLA K . 12.78 2.16 -42.86
C5 OLA K . 13.16 3.60 -43.15
C6 OLA K . 14.32 4.00 -42.25
C7 OLA K . 15.61 3.67 -42.96
C8 OLA K . 16.73 4.03 -42.01
C9 OLA K . 17.94 4.44 -42.82
C10 OLA K . 17.99 5.91 -43.15
C11 OLA K . 17.78 6.81 -41.95
C12 OLA K . 18.43 8.17 -42.19
C13 OLA K . 19.86 8.16 -41.64
C14 OLA K . 20.01 9.29 -40.63
C15 OLA K . 20.45 10.55 -41.37
C16 OLA K . 20.57 11.70 -40.37
C17 OLA K . 21.86 11.52 -39.58
C18 OLA K . 22.87 12.57 -39.99
H21 OLA K . 11.06 1.88 -44.54
H22 OLA K . 9.77 1.17 -43.55
H31 OLA K . 11.15 1.25 -41.81
H32 OLA K . 11.07 3.01 -41.86
H41 OLA K . 12.94 1.55 -43.74
H42 OLA K . 13.40 1.80 -42.04
H51 OLA K . 12.32 4.25 -42.95
H52 OLA K . 13.47 3.70 -44.18
H61 OLA K . 14.28 3.47 -41.31
H62 OLA K . 14.30 5.06 -42.06
H71 OLA K . 15.70 4.26 -43.86
H72 OLA K . 15.65 2.61 -43.19
H81 OLA K . 16.98 3.16 -41.40
H82 OLA K . 16.40 4.82 -41.35
H9 OLA K . 17.95 3.86 -43.74
H10 OLA K . 18.95 6.15 -43.60
H111 OLA K . 18.22 6.34 -41.07
H112 OLA K . 16.72 6.95 -41.78
H121 OLA K . 17.85 8.94 -41.72
H122 OLA K . 18.48 8.34 -43.26
H131 OLA K . 20.55 8.31 -42.45
H132 OLA K . 20.06 7.22 -41.15
H141 OLA K . 20.76 9.02 -39.90
H142 OLA K . 19.07 9.48 -40.13
H151 OLA K . 19.71 10.80 -42.12
H152 OLA K . 21.41 10.39 -41.84
H161 OLA K . 19.71 11.68 -39.70
H162 OLA K . 20.60 12.64 -40.90
H171 OLA K . 22.27 10.53 -39.77
H172 OLA K . 21.64 11.63 -38.51
H181 OLA K . 22.74 12.80 -41.03
H182 OLA K . 22.71 13.46 -39.39
H183 OLA K . 23.88 12.20 -39.82
C1 OLA L . 37.54 21.39 -12.70
O1 OLA L . 37.07 20.31 -12.26
O2 OLA L . 38.76 21.47 -12.98
C2 OLA L . 36.65 22.62 -12.83
C3 OLA L . 35.36 22.32 -13.59
C4 OLA L . 35.37 23.04 -14.93
C5 OLA L . 36.08 22.18 -15.95
C6 OLA L . 35.14 21.90 -17.11
C7 OLA L . 35.29 22.99 -18.14
C8 OLA L . 34.29 22.70 -19.24
C9 OLA L . 34.86 23.21 -20.55
C10 OLA L . 35.71 22.21 -21.30
C11 OLA L . 35.03 20.85 -21.45
C12 OLA L . 35.61 20.14 -22.67
C13 OLA L . 34.74 20.42 -23.89
C14 OLA L . 34.25 19.12 -24.49
C15 OLA L . 35.27 18.61 -25.50
C16 OLA L . 34.80 17.29 -26.08
C17 OLA L . 33.68 17.56 -27.09
C18 OLA L . 34.19 17.30 -28.50
H21 OLA L . 37.20 23.39 -13.37
H22 OLA L . 36.39 22.99 -11.85
H31 OLA L . 34.51 22.67 -13.01
H32 OLA L . 35.26 21.25 -13.75
H41 OLA L . 35.87 24.00 -14.85
H42 OLA L . 34.35 23.21 -15.25
H51 OLA L . 36.37 21.25 -15.49
H52 OLA L . 36.95 22.70 -16.33
H61 OLA L . 34.10 21.86 -16.77
H62 OLA L . 35.38 20.95 -17.57
H71 OLA L . 36.30 22.97 -18.55
H72 OLA L . 35.09 23.95 -17.69
H81 OLA L . 33.36 23.21 -19.02
H82 OLA L . 34.11 21.63 -19.26
H9 OLA L . 35.46 24.09 -20.35
H10 OLA L . 35.95 22.59 -22.29
H111 OLA L . 33.96 20.98 -21.56
H112 OLA L . 35.23 20.25 -20.57
H121 OLA L . 35.65 19.07 -22.48
H122 OLA L . 36.61 20.50 -22.86
H131 OLA L . 35.33 20.94 -24.63
H132 OLA L . 33.89 21.04 -23.61
H141 OLA L . 33.29 19.29 -24.98
H142 OLA L . 34.11 18.37 -23.72
H151 OLA L . 36.23 18.48 -25.01
H152 OLA L . 35.37 19.35 -26.30
H161 OLA L . 34.42 16.67 -25.28
H162 OLA L . 35.63 16.80 -26.58
H171 OLA L . 33.37 18.59 -27.01
H172 OLA L . 32.84 16.91 -26.88
H181 OLA L . 35.24 17.55 -28.56
H182 OLA L . 34.05 16.25 -28.73
H183 OLA L . 33.63 17.90 -29.21
#